data_2HPC
#
_entry.id   2HPC
#
_cell.length_a   81.677
_cell.length_b   46.069
_cell.length_c   429.901
_cell.angle_alpha   90.00
_cell.angle_beta   89.99
_cell.angle_gamma   90.00
#
_symmetry.space_group_name_H-M   'P 1 2 1'
#
loop_
_entity.id
_entity.type
_entity.pdbx_description
1 polymer 'Fibrinogen alpha chain'
2 polymer 'Fibrinogen beta chain'
3 polymer 'Fibrinogen, gamma polypeptide'
4 polymer 'Gly-Pro-Arg-Pro-amide peptide ligand'
5 non-polymer 2-acetamido-2-deoxy-beta-D-glucopyranose
6 non-polymer 'CALCIUM ION'
#
loop_
_entity_poly.entity_id
_entity_poly.type
_entity_poly.pdbx_seq_one_letter_code
_entity_poly.pdbx_strand_id
1 'polypeptide(L)'
;VSEDLRSRIEVLKRKVIEKVQHIQLLQKNVRAQLVDMKRLEVDIDIKIRSCRGSCSRALAREVDLKDYEDQQKQLEQVIA
KDLLPSR
;
A,D,G,J
2 'polypeptide(L)'
;DNENVVNEYSSELEKHQLYIDETVNSNIPTNLRVLRSILENLRSKIQKLESDVSAQMEYCRTPCTVSCNIPVVSGKECEE
IIRKGGETSEMYLIQPDSSVKPYRVYCDMNTENGGWTVIQNRQDGSVDFGRKWDPYKQGFGNVATNTDGKNYCGLPGEYW
LGNDKISQLTRMGPTELLIEMEDWKGDKVKAHYGGFTVQNEANKYQISVNKYRGTAGNALMDGASQLMGENRTMTIHNGM
FFSTYDRDNDGWLTSDPRKQCSKEDGGGWWYNRCHAANPNGRYYWGGQYTWDMAKHGTDDGVVWMNWKGSWYSMRKMSMK
IRPFFPQQ
;
B,E,H,K
3 'polypeptide(L)'
;MLEEIMKYEASILTHDSSIRYLQEIYNSNNQKIVNLKEKVAQLEAQCQEPCKDTVQIHDITGKDCQDIANKGAKQSGLYF
IKPLKANQQFLVYCEIDGSGNGWTVFQKRLDGSVDFKKNWIQYKEGFGHLSPTGTTEFWLGNEKIHLISTQSAIPYALRV
ELEDWNGRTSTADYAMFKVGPEADKYRLTYAYFAGGDAGDAFDGFDFGDDPSDKFFTSHNGMQFSTWDNDNDKFEGNCAE
QDGSGWWMNKCHAGHLNGVYYQGGTYSKASTPNGYDNGIIWATWKTRWYSMKKTTMKIIPFNRLTIGEGQQHHLGGAKQA
GDV
;
C,F,I,L
4 'polypeptide(L)' GPRP(NH2) M,N,O,P,Q,R,S,T
#
loop_
_chem_comp.id
_chem_comp.type
_chem_comp.name
_chem_comp.formula
CA non-polymer 'CALCIUM ION' 'Ca 2'
NAG D-saccharide, beta linking 2-acetamido-2-deoxy-beta-D-glucopyranose 'C8 H15 N O6'
NH2 non-polymer 'AMINO GROUP' 'H2 N'
#
# COMPACT_ATOMS: atom_id res chain seq x y z
N ILE A 9 -160.43 26.39 17.14
CA ILE A 9 -159.15 25.81 16.63
C ILE A 9 -158.28 26.85 15.95
N GLU A 10 -157.03 26.95 16.37
CA GLU A 10 -156.10 27.92 15.80
C GLU A 10 -155.37 27.46 14.56
N VAL A 11 -155.29 28.38 13.60
CA VAL A 11 -154.56 28.17 12.36
C VAL A 11 -153.19 28.70 12.77
N LEU A 12 -152.37 27.83 13.39
CA LEU A 12 -151.05 28.23 13.88
C LEU A 12 -149.91 28.35 12.85
N LYS A 13 -149.41 29.58 12.71
CA LYS A 13 -148.32 29.92 11.82
C LYS A 13 -147.07 29.80 12.69
N ARG A 14 -147.26 29.25 13.88
CA ARG A 14 -146.20 29.05 14.85
C ARG A 14 -145.29 27.92 14.41
N LYS A 15 -145.86 26.73 14.27
CA LYS A 15 -145.06 25.58 13.85
C LYS A 15 -144.57 25.76 12.42
N VAL A 16 -144.47 27.01 11.99
CA VAL A 16 -143.97 27.31 10.66
C VAL A 16 -142.83 28.28 10.88
N ILE A 17 -143.15 29.52 11.18
CA ILE A 17 -142.13 30.54 11.44
C ILE A 17 -140.97 29.90 12.21
N GLU A 18 -141.31 28.93 13.06
CA GLU A 18 -140.33 28.20 13.86
C GLU A 18 -139.71 27.10 13.03
N LYS A 19 -140.51 26.13 12.61
CA LYS A 19 -139.99 25.05 11.79
C LYS A 19 -139.65 25.58 10.40
N VAL A 20 -138.91 26.68 10.39
CA VAL A 20 -138.45 27.33 9.17
C VAL A 20 -137.30 28.25 9.61
N GLN A 21 -137.30 28.62 10.87
CA GLN A 21 -136.24 29.44 11.41
C GLN A 21 -135.10 28.47 11.66
N HIS A 22 -135.45 27.19 11.64
CA HIS A 22 -134.47 26.11 11.84
C HIS A 22 -133.65 26.01 10.57
N ILE A 23 -134.32 25.99 9.44
CA ILE A 23 -133.61 25.93 8.17
C ILE A 23 -132.46 26.93 8.27
N GLN A 24 -132.77 28.15 8.71
CA GLN A 24 -131.80 29.23 8.85
C GLN A 24 -130.64 28.84 9.77
N LEU A 25 -130.92 27.97 10.73
CA LEU A 25 -129.90 27.52 11.67
C LEU A 25 -128.97 26.56 10.93
N LEU A 26 -129.51 25.39 10.59
CA LEU A 26 -128.75 24.39 9.87
C LEU A 26 -128.69 24.86 8.42
N GLN A 27 -128.04 25.99 8.23
CA GLN A 27 -127.87 26.63 6.93
C GLN A 27 -126.61 27.45 7.13
N LYS A 28 -126.46 27.95 8.35
CA LYS A 28 -125.30 28.73 8.76
C LYS A 28 -124.36 27.65 9.29
N ASN A 29 -124.94 26.69 10.00
CA ASN A 29 -124.18 25.59 10.54
C ASN A 29 -123.42 24.89 9.42
N VAL A 30 -124.15 24.47 8.39
CA VAL A 30 -123.52 23.78 7.29
C VAL A 30 -122.50 24.66 6.58
N ARG A 31 -122.83 25.92 6.35
CA ARG A 31 -121.88 26.78 5.64
C ARG A 31 -120.50 26.57 6.25
N ALA A 32 -120.46 26.25 7.55
CA ALA A 32 -119.20 26.00 8.24
C ALA A 32 -118.75 24.61 7.82
N GLN A 33 -119.72 23.71 7.71
CA GLN A 33 -119.47 22.33 7.30
C GLN A 33 -118.73 22.37 5.98
N LEU A 34 -119.40 22.90 4.96
CA LEU A 34 -118.85 23.01 3.62
C LEU A 34 -117.58 23.85 3.55
N VAL A 35 -117.14 24.35 4.71
CA VAL A 35 -115.92 25.15 4.77
C VAL A 35 -114.93 24.53 5.74
N ASP A 36 -115.39 23.58 6.54
CA ASP A 36 -114.53 22.86 7.48
C ASP A 36 -113.86 21.78 6.66
N MET A 37 -114.52 21.37 5.59
CA MET A 37 -114.00 20.34 4.70
C MET A 37 -113.39 20.97 3.46
N LYS A 38 -113.43 22.29 3.38
CA LYS A 38 -112.84 22.99 2.24
C LYS A 38 -111.44 23.33 2.75
N ARG A 39 -111.21 23.01 4.01
CA ARG A 39 -109.93 23.25 4.63
C ARG A 39 -109.38 21.92 5.09
N LEU A 40 -110.25 21.09 5.67
CA LEU A 40 -109.78 19.79 6.10
C LEU A 40 -109.28 19.14 4.83
N GLU A 41 -109.89 19.50 3.71
CA GLU A 41 -109.47 18.99 2.41
C GLU A 41 -108.03 19.43 2.27
N VAL A 42 -107.88 20.71 1.90
CA VAL A 42 -106.60 21.38 1.69
C VAL A 42 -105.51 21.00 2.68
N ASP A 43 -105.88 20.89 3.95
CA ASP A 43 -104.92 20.51 4.99
C ASP A 43 -104.55 19.05 4.84
N ILE A 44 -105.54 18.23 4.53
CA ILE A 44 -105.31 16.80 4.37
C ILE A 44 -104.44 16.54 3.14
N ASP A 45 -104.80 17.16 2.03
CA ASP A 45 -104.09 17.00 0.77
C ASP A 45 -102.64 17.45 0.82
N ILE A 46 -102.38 18.57 1.50
CA ILE A 46 -101.04 19.12 1.62
C ILE A 46 -100.22 18.29 2.59
N LYS A 47 -100.88 17.78 3.62
CA LYS A 47 -100.22 16.97 4.62
C LYS A 47 -99.92 15.58 4.04
N ILE A 48 -100.53 15.26 2.90
CA ILE A 48 -100.27 13.97 2.30
C ILE A 48 -98.96 14.06 1.54
N ARG A 49 -98.80 15.14 0.80
CA ARG A 49 -97.58 15.38 0.06
C ARG A 49 -96.49 15.39 1.14
N SER A 50 -96.89 15.68 2.37
CA SER A 50 -95.97 15.76 3.49
C SER A 50 -95.37 14.40 3.87
N CYS A 51 -95.30 13.49 2.91
CA CYS A 51 -94.76 12.15 3.16
C CYS A 51 -93.84 11.61 2.07
N ARG A 52 -93.98 12.15 0.86
CA ARG A 52 -93.17 11.73 -0.27
C ARG A 52 -91.68 11.96 -0.01
N GLY A 53 -91.25 11.69 1.23
CA GLY A 53 -89.86 11.86 1.60
C GLY A 53 -89.61 11.37 3.01
N SER A 54 -90.67 10.88 3.65
CA SER A 54 -90.58 10.35 5.01
C SER A 54 -91.29 9.00 4.93
N CYS A 55 -91.92 8.78 3.79
CA CYS A 55 -92.65 7.57 3.48
C CYS A 55 -92.19 7.18 2.08
N SER A 56 -92.44 5.92 1.71
CA SER A 56 -92.07 5.45 0.38
C SER A 56 -92.91 6.18 -0.65
N ARG A 57 -93.87 5.44 -1.23
CA ARG A 57 -94.74 5.99 -2.25
C ARG A 57 -95.83 6.94 -1.72
N ALA A 58 -96.46 7.64 -2.65
CA ALA A 58 -97.53 8.60 -2.36
C ALA A 58 -98.49 8.56 -3.56
N LEU A 59 -99.77 8.85 -3.32
CA LEU A 59 -100.73 8.84 -4.42
C LEU A 59 -100.86 10.20 -5.05
N ALA A 60 -101.13 10.23 -6.36
CA ALA A 60 -101.28 11.47 -7.11
C ALA A 60 -102.74 11.82 -7.34
N ARG A 61 -103.40 12.35 -6.30
CA ARG A 61 -104.81 12.72 -6.38
C ARG A 61 -105.06 14.19 -6.67
N GLU A 62 -106.33 14.58 -6.58
CA GLU A 62 -106.74 15.96 -6.82
C GLU A 62 -107.65 16.41 -5.67
N VAL A 63 -108.45 17.45 -5.91
CA VAL A 63 -109.35 17.96 -4.87
C VAL A 63 -110.57 18.71 -5.44
N ASP A 64 -110.30 19.54 -6.44
CA ASP A 64 -111.32 20.34 -7.11
C ASP A 64 -111.96 21.34 -6.16
N LEU A 65 -111.69 22.61 -6.43
CA LEU A 65 -112.21 23.71 -5.63
C LEU A 65 -113.16 24.48 -6.54
N LYS A 66 -113.57 23.82 -7.61
CA LYS A 66 -114.51 24.36 -8.60
C LYS A 66 -115.83 23.70 -8.27
N ASP A 67 -115.75 22.69 -7.41
CA ASP A 67 -116.89 21.92 -6.95
C ASP A 67 -117.11 22.21 -5.48
N TYR A 68 -116.03 22.09 -4.70
CA TYR A 68 -116.08 22.36 -3.26
C TYR A 68 -116.50 23.82 -3.10
N GLU A 69 -115.91 24.66 -3.95
CA GLU A 69 -116.19 26.08 -3.97
C GLU A 69 -117.19 26.28 -5.09
N ASP A 70 -118.21 25.42 -5.09
CA ASP A 70 -119.29 25.46 -6.07
C ASP A 70 -120.55 25.16 -5.29
N GLN A 71 -120.46 24.13 -4.46
CA GLN A 71 -121.58 23.75 -3.62
C GLN A 71 -121.87 25.02 -2.81
N GLN A 72 -120.82 25.80 -2.55
CA GLN A 72 -120.93 27.04 -1.79
C GLN A 72 -121.77 28.10 -2.49
N LYS A 73 -121.68 28.16 -3.81
CA LYS A 73 -122.43 29.14 -4.58
C LYS A 73 -123.95 29.00 -4.38
N GLN A 74 -124.44 27.76 -4.35
CA GLN A 74 -125.87 27.57 -4.16
C GLN A 74 -126.21 27.85 -2.71
N LEU A 75 -125.46 27.24 -1.79
CA LEU A 75 -125.70 27.42 -0.37
C LEU A 75 -125.48 28.88 -0.01
N GLU A 76 -125.51 29.73 -1.04
CA GLU A 76 -125.36 31.16 -0.83
C GLU A 76 -126.35 31.93 -1.70
N GLN A 77 -127.46 31.26 -2.01
CA GLN A 77 -128.56 31.83 -2.77
C GLN A 77 -129.74 31.52 -1.87
N VAL A 78 -129.71 30.31 -1.32
CA VAL A 78 -130.75 29.83 -0.43
C VAL A 78 -130.82 30.64 0.86
N ILE A 79 -130.93 31.95 0.68
CA ILE A 79 -131.02 32.90 1.78
C ILE A 79 -132.22 33.86 1.51
N ALA A 80 -133.16 33.91 2.46
CA ALA A 80 -134.36 34.78 2.43
C ALA A 80 -135.71 34.03 2.53
N LYS A 81 -136.27 33.95 3.73
CA LYS A 81 -137.55 33.24 3.89
C LYS A 81 -138.44 33.76 5.02
N ASP A 82 -138.86 35.02 4.97
CA ASP A 82 -139.73 35.59 6.01
C ASP A 82 -140.65 36.72 5.54
N LEU B 18 -150.79 37.03 4.67
CA LEU B 18 -151.67 35.82 4.68
C LEU B 18 -150.92 34.65 4.06
N TYR B 19 -150.76 34.75 2.74
CA TYR B 19 -150.09 33.79 1.84
C TYR B 19 -148.82 33.04 2.30
N ILE B 20 -147.97 33.69 3.09
CA ILE B 20 -146.73 33.08 3.58
C ILE B 20 -146.85 31.57 3.76
N ASP B 21 -148.05 31.09 4.08
CA ASP B 21 -148.26 29.67 4.27
C ASP B 21 -148.13 28.94 2.94
N GLU B 22 -147.19 29.42 2.13
CA GLU B 22 -146.88 28.85 0.83
C GLU B 22 -145.36 28.56 0.83
N THR B 23 -144.67 28.99 1.89
CA THR B 23 -143.24 28.73 2.00
C THR B 23 -143.16 27.23 2.15
N VAL B 24 -144.32 26.65 2.43
CA VAL B 24 -144.46 25.22 2.56
C VAL B 24 -144.84 24.71 1.17
N ASN B 25 -143.89 24.06 0.51
CA ASN B 25 -144.06 23.50 -0.84
C ASN B 25 -143.54 24.43 -1.94
N SER B 26 -142.85 25.50 -1.54
CA SER B 26 -142.27 26.45 -2.50
C SER B 26 -140.97 27.04 -1.96
N ASN B 27 -141.10 27.92 -0.96
CA ASN B 27 -139.92 28.54 -0.36
C ASN B 27 -139.06 27.46 0.28
N ILE B 28 -139.67 26.56 1.06
CA ILE B 28 -138.90 25.49 1.67
C ILE B 28 -138.32 24.59 0.57
N PRO B 29 -139.16 24.11 -0.37
CA PRO B 29 -138.69 23.25 -1.47
C PRO B 29 -137.56 23.85 -2.33
N THR B 30 -136.52 24.32 -1.64
CA THR B 30 -135.35 24.90 -2.26
C THR B 30 -134.31 24.92 -1.14
N ASN B 31 -134.51 24.05 -0.14
CA ASN B 31 -133.61 23.95 1.00
C ASN B 31 -133.19 22.50 1.22
N LEU B 32 -134.00 21.75 1.95
CA LEU B 32 -133.74 20.33 2.23
C LEU B 32 -133.18 19.64 0.99
N ARG B 33 -133.78 19.98 -0.16
CA ARG B 33 -133.39 19.44 -1.45
C ARG B 33 -131.97 19.90 -1.79
N VAL B 34 -131.67 21.14 -1.42
CA VAL B 34 -130.36 21.73 -1.63
C VAL B 34 -129.73 21.94 -0.25
N LEU B 35 -129.87 20.93 0.58
CA LEU B 35 -129.33 20.93 1.94
C LEU B 35 -128.88 19.50 2.17
N ARG B 36 -129.84 18.58 2.07
CA ARG B 36 -129.55 17.17 2.23
C ARG B 36 -128.59 16.85 1.09
N SER B 37 -128.71 17.64 0.02
CA SER B 37 -127.88 17.49 -1.17
C SER B 37 -126.39 17.70 -0.88
N ILE B 38 -125.99 18.95 -0.66
CA ILE B 38 -124.59 19.25 -0.40
C ILE B 38 -124.10 18.70 0.95
N LEU B 39 -125.00 18.49 1.89
CA LEU B 39 -124.61 17.91 3.18
C LEU B 39 -124.22 16.48 2.79
N GLU B 40 -124.61 16.08 1.58
CA GLU B 40 -124.36 14.75 1.04
C GLU B 40 -123.23 14.76 -0.01
N ASN B 41 -123.31 15.67 -0.98
CA ASN B 41 -122.28 15.78 -2.02
C ASN B 41 -120.97 16.18 -1.38
N LEU B 42 -121.03 16.36 -0.07
CA LEU B 42 -119.89 16.74 0.76
C LEU B 42 -119.69 15.52 1.63
N ARG B 43 -120.76 14.73 1.77
CA ARG B 43 -120.73 13.50 2.55
C ARG B 43 -119.77 12.59 1.81
N SER B 44 -119.94 12.52 0.49
CA SER B 44 -119.08 11.71 -0.35
C SER B 44 -117.72 12.38 -0.55
N LYS B 45 -117.34 13.15 0.46
CA LYS B 45 -116.06 13.87 0.48
C LYS B 45 -115.47 13.41 1.78
N ILE B 46 -116.31 13.38 2.79
CA ILE B 46 -115.90 12.94 4.11
C ILE B 46 -115.48 11.49 3.96
N GLN B 47 -115.54 11.02 2.71
CA GLN B 47 -115.18 9.66 2.32
C GLN B 47 -113.79 9.65 1.71
N LYS B 48 -113.67 10.23 0.51
CA LYS B 48 -112.38 10.30 -0.16
C LYS B 48 -111.38 10.78 0.87
N LEU B 49 -111.60 12.00 1.36
CA LEU B 49 -110.73 12.61 2.37
C LEU B 49 -110.88 11.89 3.70
N GLU B 50 -111.13 10.58 3.62
CA GLU B 50 -111.32 9.73 4.78
C GLU B 50 -110.43 8.49 4.66
N SER B 51 -110.40 7.92 3.46
CA SER B 51 -109.60 6.72 3.16
C SER B 51 -108.18 7.13 2.76
N ASP B 52 -108.09 8.01 1.76
CA ASP B 52 -106.80 8.48 1.29
C ASP B 52 -105.88 8.70 2.47
N VAL B 53 -106.46 9.07 3.60
CA VAL B 53 -105.69 9.32 4.81
C VAL B 53 -105.20 7.98 5.40
N SER B 54 -105.22 6.96 4.56
CA SER B 54 -104.78 5.62 4.93
C SER B 54 -104.28 5.02 3.64
N ALA B 55 -104.79 5.55 2.53
CA ALA B 55 -104.40 5.10 1.21
C ALA B 55 -103.04 5.75 0.93
N GLN B 56 -102.47 6.36 1.97
CA GLN B 56 -101.18 7.01 1.85
C GLN B 56 -100.55 7.00 3.23
N MET B 57 -101.34 6.55 4.21
CA MET B 57 -100.88 6.41 5.57
C MET B 57 -100.32 5.01 5.60
N GLU B 58 -100.94 4.17 4.76
CA GLU B 58 -100.59 2.76 4.56
C GLU B 58 -99.24 2.69 3.88
N TYR B 59 -99.20 3.20 2.65
CA TYR B 59 -97.98 3.22 1.87
C TYR B 59 -96.94 4.13 2.52
N CYS B 60 -97.01 4.16 3.85
CA CYS B 60 -96.11 4.93 4.68
C CYS B 60 -95.48 3.92 5.61
N ARG B 61 -96.20 2.82 5.84
CA ARG B 61 -95.74 1.74 6.69
C ARG B 61 -94.28 1.50 6.38
N THR B 62 -93.95 1.57 5.09
CA THR B 62 -92.59 1.38 4.60
C THR B 62 -91.96 2.70 4.14
N PRO B 63 -90.89 3.13 4.81
CA PRO B 63 -90.17 4.38 4.50
C PRO B 63 -89.60 4.39 3.09
N CYS B 64 -88.85 5.44 2.78
CA CYS B 64 -88.17 5.54 1.49
C CYS B 64 -86.70 5.44 1.83
N THR B 65 -85.94 4.73 1.02
CA THR B 65 -84.51 4.58 1.27
C THR B 65 -83.77 5.29 0.16
N VAL B 66 -82.44 5.31 0.25
CA VAL B 66 -81.60 5.94 -0.76
C VAL B 66 -80.16 5.44 -0.62
N SER B 67 -79.25 6.12 -1.30
CA SER B 67 -77.85 5.75 -1.23
C SER B 67 -77.02 6.87 -1.84
N CYS B 68 -76.66 7.86 -1.03
CA CYS B 68 -75.85 8.98 -1.53
C CYS B 68 -74.36 8.67 -1.44
N ASN B 69 -73.83 8.07 -2.51
CA ASN B 69 -72.43 7.73 -2.55
C ASN B 69 -71.57 8.98 -2.43
N ILE B 70 -71.22 9.30 -1.19
CA ILE B 70 -70.40 10.46 -0.86
C ILE B 70 -69.18 10.60 -1.77
N PRO B 71 -69.24 11.51 -2.76
CA PRO B 71 -68.09 11.68 -3.64
C PRO B 71 -66.76 11.86 -2.93
N VAL B 72 -65.69 11.64 -3.68
CA VAL B 72 -64.34 11.76 -3.18
C VAL B 72 -64.03 13.16 -2.63
N VAL B 73 -64.32 14.18 -3.44
CA VAL B 73 -64.03 15.57 -3.07
C VAL B 73 -64.93 16.21 -2.03
N SER B 74 -64.30 16.62 -0.94
CA SER B 74 -64.97 17.27 0.16
C SER B 74 -64.32 18.65 0.22
N GLY B 75 -64.64 19.41 1.25
CA GLY B 75 -64.07 20.73 1.40
C GLY B 75 -64.55 21.29 2.72
N LYS B 76 -64.40 22.58 2.93
CA LYS B 76 -64.83 23.18 4.18
C LYS B 76 -66.28 23.52 3.95
N GLU B 77 -66.61 23.69 2.67
CA GLU B 77 -67.95 24.04 2.25
C GLU B 77 -67.95 24.20 0.72
N CYS B 78 -69.12 24.09 0.13
CA CYS B 78 -69.27 24.16 -1.32
C CYS B 78 -68.40 25.15 -2.09
N GLU B 79 -67.87 26.16 -1.41
CA GLU B 79 -67.03 27.16 -2.07
C GLU B 79 -65.65 26.58 -2.31
N GLU B 80 -65.03 26.09 -1.24
CA GLU B 80 -63.70 25.50 -1.36
C GLU B 80 -63.71 24.31 -2.31
N ILE B 81 -64.85 23.61 -2.36
CA ILE B 81 -64.99 22.44 -3.23
C ILE B 81 -65.04 22.78 -4.72
N ILE B 82 -65.77 23.82 -5.11
CA ILE B 82 -65.82 24.19 -6.53
C ILE B 82 -64.39 24.63 -6.89
N ARG B 83 -63.59 24.85 -5.85
CA ARG B 83 -62.20 25.26 -6.01
C ARG B 83 -61.30 24.01 -5.95
N LYS B 84 -61.92 22.84 -5.79
CA LYS B 84 -61.16 21.59 -5.76
C LYS B 84 -61.67 20.65 -6.85
N GLY B 85 -62.12 21.23 -7.95
CA GLY B 85 -62.60 20.42 -9.05
C GLY B 85 -64.06 20.02 -8.94
N GLY B 86 -64.72 20.43 -7.86
CA GLY B 86 -66.13 20.12 -7.67
C GLY B 86 -66.97 20.95 -8.61
N GLU B 87 -67.28 20.40 -9.79
CA GLU B 87 -68.03 21.12 -10.79
C GLU B 87 -69.47 20.69 -11.04
N THR B 88 -69.76 19.39 -10.87
CA THR B 88 -71.13 18.91 -11.06
C THR B 88 -71.87 19.17 -9.76
N SER B 89 -73.02 19.82 -9.86
CA SER B 89 -73.81 20.15 -8.67
C SER B 89 -74.52 18.91 -8.12
N GLU B 90 -74.32 18.65 -6.84
CA GLU B 90 -74.94 17.50 -6.20
C GLU B 90 -74.59 17.35 -4.71
N MET B 91 -74.93 16.19 -4.16
CA MET B 91 -74.70 15.85 -2.76
C MET B 91 -73.20 15.82 -2.43
N TYR B 92 -72.77 16.74 -1.56
CA TYR B 92 -71.38 16.83 -1.12
C TYR B 92 -71.27 16.64 0.39
N LEU B 93 -70.05 16.75 0.93
CA LEU B 93 -69.84 16.51 2.34
C LEU B 93 -69.24 17.64 3.18
N ILE B 94 -69.06 18.81 2.58
CA ILE B 94 -68.51 19.99 3.26
C ILE B 94 -68.28 19.87 4.78
N GLN B 95 -67.14 20.36 5.24
CA GLN B 95 -66.80 20.27 6.65
C GLN B 95 -66.32 21.58 7.25
N PRO B 96 -67.24 22.49 7.58
CA PRO B 96 -66.81 23.76 8.17
C PRO B 96 -66.04 23.45 9.44
N ASP B 97 -65.28 24.43 9.93
CA ASP B 97 -64.44 24.28 11.14
C ASP B 97 -64.41 22.84 11.67
N SER B 98 -63.28 22.15 11.46
CA SER B 98 -63.14 20.76 11.91
C SER B 98 -63.29 20.59 13.42
N SER B 99 -64.14 21.40 14.01
CA SER B 99 -64.43 21.36 15.44
C SER B 99 -65.92 21.02 15.58
N VAL B 100 -66.46 20.38 14.53
CA VAL B 100 -67.86 19.96 14.46
C VAL B 100 -68.01 18.84 13.43
N LYS B 101 -68.76 17.80 13.79
CA LYS B 101 -68.99 16.65 12.93
C LYS B 101 -69.45 16.99 11.50
N PRO B 102 -68.78 16.40 10.49
CA PRO B 102 -69.11 16.64 9.08
C PRO B 102 -70.61 16.39 8.82
N TYR B 103 -71.04 16.60 7.60
CA TYR B 103 -72.44 16.39 7.26
C TYR B 103 -72.74 16.62 5.79
N ARG B 104 -73.64 15.84 5.24
CA ARG B 104 -74.00 15.99 3.83
C ARG B 104 -74.70 17.33 3.57
N VAL B 105 -74.78 17.70 2.30
CA VAL B 105 -75.38 18.94 1.84
C VAL B 105 -75.45 18.93 0.31
N TYR B 106 -76.14 19.91 -0.26
CA TYR B 106 -76.25 20.02 -1.70
C TYR B 106 -75.61 21.30 -2.14
N CYS B 107 -74.74 21.22 -3.13
CA CYS B 107 -74.03 22.39 -3.66
C CYS B 107 -74.62 22.79 -4.97
N ASP B 108 -74.52 24.08 -5.27
CA ASP B 108 -74.97 24.62 -6.54
C ASP B 108 -73.66 25.04 -7.17
N MET B 109 -73.29 24.40 -8.27
CA MET B 109 -72.03 24.72 -8.92
C MET B 109 -72.22 24.99 -10.40
N ASN B 110 -73.20 25.83 -10.73
CA ASN B 110 -73.48 26.17 -12.12
C ASN B 110 -74.12 27.56 -12.15
N THR B 111 -75.16 27.68 -11.34
CA THR B 111 -75.90 28.93 -11.23
C THR B 111 -75.14 29.94 -10.41
N GLU B 112 -74.60 30.94 -11.10
CA GLU B 112 -73.88 32.04 -10.49
C GLU B 112 -72.58 31.66 -9.78
N ASN B 113 -71.52 31.52 -10.55
CA ASN B 113 -70.19 31.18 -10.03
C ASN B 113 -70.13 29.85 -9.30
N GLY B 114 -71.29 29.19 -9.16
CA GLY B 114 -71.35 27.92 -8.48
C GLY B 114 -70.78 27.97 -7.06
N GLY B 115 -70.93 26.87 -6.35
CA GLY B 115 -70.40 26.81 -5.00
C GLY B 115 -71.39 27.31 -3.96
N TRP B 116 -72.67 27.23 -4.28
CA TRP B 116 -73.65 27.70 -3.32
C TRP B 116 -74.08 26.51 -2.49
N THR B 117 -73.93 26.62 -1.18
CA THR B 117 -74.33 25.55 -0.29
C THR B 117 -75.82 25.71 0.02
N VAL B 118 -76.64 24.86 -0.58
CA VAL B 118 -78.07 24.95 -0.33
C VAL B 118 -78.32 24.94 1.18
N ILE B 119 -79.31 25.70 1.63
CA ILE B 119 -79.61 25.77 3.05
C ILE B 119 -81.05 25.34 3.31
N GLN B 120 -81.90 25.51 2.31
CA GLN B 120 -83.33 25.17 2.38
C GLN B 120 -83.79 25.01 0.95
N ASN B 121 -84.75 24.13 0.70
CA ASN B 121 -85.18 23.96 -0.68
C ASN B 121 -86.63 23.53 -0.79
N ARG B 122 -87.30 24.04 -1.82
CA ARG B 122 -88.72 23.74 -2.06
C ARG B 122 -88.95 23.35 -3.52
N GLN B 123 -89.80 22.34 -3.72
CA GLN B 123 -90.11 21.86 -5.07
C GLN B 123 -91.21 20.79 -5.03
N ASP B 124 -91.80 20.61 -3.86
CA ASP B 124 -92.86 19.63 -3.64
C ASP B 124 -93.27 19.59 -2.17
N GLY B 125 -94.16 18.67 -1.80
CA GLY B 125 -94.56 18.57 -0.41
C GLY B 125 -93.44 17.84 0.31
N SER B 126 -93.50 16.51 0.29
CA SER B 126 -92.51 15.61 0.87
C SER B 126 -92.04 15.87 2.30
N VAL B 127 -91.62 17.10 2.58
CA VAL B 127 -91.10 17.49 3.90
C VAL B 127 -91.95 18.59 4.54
N ASP B 128 -92.68 18.27 5.60
CA ASP B 128 -93.46 19.30 6.26
C ASP B 128 -92.49 20.15 7.05
N PHE B 129 -92.66 21.47 7.03
CA PHE B 129 -91.78 22.35 7.75
C PHE B 129 -92.34 22.75 9.09
N GLY B 130 -93.63 22.47 9.27
CA GLY B 130 -94.25 22.80 10.53
C GLY B 130 -93.78 21.90 11.65
N ARG B 131 -92.57 22.15 12.13
CA ARG B 131 -92.03 21.35 13.24
C ARG B 131 -91.72 22.20 14.45
N LYS B 132 -91.06 21.60 15.43
CA LYS B 132 -90.71 22.33 16.64
C LYS B 132 -89.30 22.89 16.60
N TRP B 133 -88.81 23.21 17.78
CA TRP B 133 -87.47 23.75 17.96
C TRP B 133 -86.48 22.90 17.19
N ASP B 134 -85.90 21.93 17.91
CA ASP B 134 -84.92 21.00 17.38
C ASP B 134 -84.92 20.73 15.88
N PRO B 135 -85.95 20.02 15.37
CA PRO B 135 -85.97 19.74 13.92
C PRO B 135 -85.44 20.89 13.09
N TYR B 136 -85.75 22.12 13.53
CA TYR B 136 -85.28 23.31 12.85
C TYR B 136 -83.81 23.56 13.18
N LYS B 137 -83.46 23.44 14.45
CA LYS B 137 -82.08 23.60 14.91
C LYS B 137 -81.15 22.49 14.31
N GLN B 138 -81.49 21.22 14.53
CA GLN B 138 -80.71 20.08 14.02
C GLN B 138 -80.73 20.04 12.50
N GLY B 139 -81.91 19.79 11.95
CA GLY B 139 -82.05 19.71 10.50
C GLY B 139 -83.02 18.60 10.13
N PHE B 140 -83.84 18.85 9.12
CA PHE B 140 -84.80 17.85 8.69
C PHE B 140 -84.92 17.84 7.18
N GLY B 141 -85.49 16.76 6.65
CA GLY B 141 -85.68 16.67 5.21
C GLY B 141 -84.73 15.73 4.49
N ASN B 142 -84.76 15.79 3.17
CA ASN B 142 -83.90 14.94 2.37
C ASN B 142 -82.95 15.85 1.64
N VAL B 143 -81.67 15.74 1.98
CA VAL B 143 -80.65 16.57 1.36
C VAL B 143 -80.26 16.04 0.00
N ALA B 144 -81.26 15.80 -0.83
CA ALA B 144 -81.11 15.27 -2.20
C ALA B 144 -81.26 13.75 -2.23
N THR B 145 -81.53 13.22 -3.42
CA THR B 145 -81.70 11.78 -3.61
C THR B 145 -81.16 11.24 -4.93
N ASN B 146 -80.62 10.03 -4.85
CA ASN B 146 -80.04 9.29 -5.97
C ASN B 146 -80.79 9.61 -7.26
N THR B 147 -80.01 9.95 -8.29
CA THR B 147 -80.56 10.34 -9.58
C THR B 147 -80.90 9.19 -10.52
N ASP B 148 -81.82 8.33 -10.10
CA ASP B 148 -82.28 7.19 -10.91
C ASP B 148 -81.35 6.76 -12.05
N GLY B 149 -80.21 6.18 -11.69
CA GLY B 149 -79.25 5.72 -12.68
C GLY B 149 -77.82 5.91 -12.19
N LYS B 150 -77.44 7.16 -11.94
CA LYS B 150 -76.12 7.46 -11.45
C LYS B 150 -76.12 7.19 -9.94
N ASN B 151 -75.16 6.40 -9.51
CA ASN B 151 -75.05 6.01 -8.11
C ASN B 151 -74.94 7.13 -7.10
N TYR B 152 -75.04 8.38 -7.54
CA TYR B 152 -74.95 9.50 -6.59
C TYR B 152 -76.17 10.43 -6.58
N CYS B 153 -76.31 11.18 -5.48
CA CYS B 153 -77.42 12.10 -5.29
C CYS B 153 -77.19 13.48 -5.93
N GLY B 154 -77.37 13.56 -7.24
CA GLY B 154 -77.16 14.79 -7.98
C GLY B 154 -78.32 15.73 -8.09
N LEU B 155 -79.47 15.35 -7.54
CA LEU B 155 -80.66 16.20 -7.57
C LEU B 155 -81.10 16.54 -6.16
N PRO B 156 -81.33 17.84 -5.89
CA PRO B 156 -81.77 18.32 -4.58
C PRO B 156 -83.18 17.89 -4.20
N GLY B 157 -83.39 17.74 -2.89
CA GLY B 157 -84.69 17.36 -2.39
C GLY B 157 -84.98 18.29 -1.24
N GLU B 158 -86.24 18.70 -1.10
CA GLU B 158 -86.62 19.60 -0.04
C GLU B 158 -86.04 19.24 1.32
N TYR B 159 -85.53 20.26 2.00
CA TYR B 159 -84.98 20.10 3.33
C TYR B 159 -84.61 21.45 3.91
N TRP B 160 -84.20 21.41 5.16
CA TRP B 160 -83.77 22.60 5.84
C TRP B 160 -82.54 22.17 6.61
N LEU B 161 -81.39 22.32 5.97
CA LEU B 161 -80.11 21.98 6.55
C LEU B 161 -80.13 22.64 7.93
N GLY B 162 -80.06 21.86 8.99
CA GLY B 162 -80.08 22.43 10.34
C GLY B 162 -79.78 23.91 10.51
N ASN B 163 -80.30 24.50 11.58
CA ASN B 163 -80.07 25.92 11.88
C ASN B 163 -78.64 26.13 12.32
N ASP B 164 -78.22 25.43 13.37
CA ASP B 164 -76.86 25.52 13.90
C ASP B 164 -75.88 25.52 12.74
N LYS B 165 -75.99 24.51 11.91
CA LYS B 165 -75.11 24.39 10.77
C LYS B 165 -75.06 25.70 10.00
N ILE B 166 -76.20 26.38 9.91
CA ILE B 166 -76.30 27.66 9.20
C ILE B 166 -75.69 28.76 10.04
N SER B 167 -76.25 28.94 11.23
CA SER B 167 -75.77 29.94 12.14
C SER B 167 -74.27 29.86 12.23
N GLN B 168 -73.73 28.72 11.78
CA GLN B 168 -72.30 28.46 11.80
C GLN B 168 -71.62 28.72 10.45
N LEU B 169 -72.14 28.16 9.36
CA LEU B 169 -71.51 28.42 8.07
C LEU B 169 -71.53 29.92 7.73
N THR B 170 -72.43 30.68 8.36
CA THR B 170 -72.50 32.11 8.08
C THR B 170 -71.45 32.81 8.92
N ARG B 171 -70.99 32.12 9.95
CA ARG B 171 -69.98 32.64 10.86
C ARG B 171 -68.59 32.65 10.24
N MET B 172 -68.42 32.00 9.09
CA MET B 172 -67.13 31.97 8.42
C MET B 172 -66.90 33.33 7.77
N GLY B 173 -66.99 34.39 8.58
CA GLY B 173 -66.80 35.75 8.11
C GLY B 173 -68.06 36.23 7.41
N PRO B 174 -67.96 37.28 6.58
CA PRO B 174 -69.13 37.79 5.86
C PRO B 174 -69.64 36.72 4.88
N THR B 175 -70.91 36.34 5.01
CA THR B 175 -71.46 35.31 4.16
C THR B 175 -72.61 35.78 3.29
N GLU B 176 -72.48 35.56 1.99
CA GLU B 176 -73.50 35.93 1.02
C GLU B 176 -74.70 34.99 1.19
N LEU B 177 -75.78 35.27 0.47
CA LEU B 177 -77.00 34.47 0.56
C LEU B 177 -77.87 34.71 -0.66
N LEU B 178 -78.15 33.64 -1.41
CA LEU B 178 -78.97 33.75 -2.60
C LEU B 178 -80.31 33.05 -2.53
N ILE B 179 -81.36 33.80 -2.20
CA ILE B 179 -82.70 33.26 -2.13
C ILE B 179 -83.29 33.47 -3.50
N GLU B 180 -83.49 32.37 -4.22
CA GLU B 180 -84.03 32.45 -5.56
C GLU B 180 -85.38 31.77 -5.60
N MET B 181 -86.04 31.83 -6.74
CA MET B 181 -87.35 31.22 -6.87
C MET B 181 -87.95 31.42 -8.26
N GLU B 182 -88.84 30.50 -8.62
CA GLU B 182 -89.54 30.56 -9.90
C GLU B 182 -90.98 30.20 -9.58
N ASP B 183 -91.92 30.86 -10.26
CA ASP B 183 -93.33 30.60 -10.02
C ASP B 183 -93.90 29.73 -11.14
N TRP B 184 -94.94 28.98 -10.79
CA TRP B 184 -95.62 28.05 -11.67
C TRP B 184 -95.76 28.44 -13.14
N LYS B 185 -95.93 29.73 -13.43
CA LYS B 185 -96.06 30.13 -14.83
C LYS B 185 -94.68 30.35 -15.46
N GLY B 186 -93.67 29.71 -14.87
CA GLY B 186 -92.32 29.81 -15.41
C GLY B 186 -91.41 30.91 -14.85
N ASP B 187 -91.88 32.16 -14.92
CA ASP B 187 -91.11 33.32 -14.45
C ASP B 187 -90.27 33.01 -13.21
N LYS B 188 -89.22 33.80 -13.01
CA LYS B 188 -88.36 33.59 -11.86
C LYS B 188 -87.52 34.83 -11.51
N VAL B 189 -87.20 34.98 -10.23
CA VAL B 189 -86.38 36.09 -9.73
C VAL B 189 -85.68 35.62 -8.46
N LYS B 190 -84.75 36.43 -7.98
CA LYS B 190 -84.00 36.09 -6.78
C LYS B 190 -83.80 37.33 -5.91
N ALA B 191 -83.12 37.15 -4.78
CA ALA B 191 -82.87 38.25 -3.86
C ALA B 191 -81.58 38.00 -3.09
N HIS B 192 -80.47 38.54 -3.58
CA HIS B 192 -79.20 38.34 -2.90
C HIS B 192 -78.96 39.32 -1.75
N TYR B 193 -78.40 38.79 -0.66
CA TYR B 193 -78.10 39.57 0.54
C TYR B 193 -76.62 39.41 0.87
N GLY B 194 -75.77 40.13 0.14
CA GLY B 194 -74.33 40.06 0.36
C GLY B 194 -73.93 40.09 1.81
N GLY B 195 -74.88 40.45 2.68
CA GLY B 195 -74.64 40.51 4.10
C GLY B 195 -75.70 39.69 4.83
N PHE B 196 -75.37 38.46 5.15
CA PHE B 196 -76.31 37.56 5.82
C PHE B 196 -75.63 36.81 6.94
N THR B 197 -76.27 36.79 8.10
CA THR B 197 -75.72 36.10 9.25
C THR B 197 -76.82 35.60 10.17
N VAL B 198 -76.78 34.30 10.47
CA VAL B 198 -77.75 33.70 11.36
C VAL B 198 -77.03 33.51 12.69
N GLN B 199 -77.36 34.34 13.66
CA GLN B 199 -76.71 34.27 14.97
C GLN B 199 -76.76 32.91 15.62
N ASN B 200 -75.99 32.76 16.69
CA ASN B 200 -75.92 31.52 17.43
C ASN B 200 -77.26 31.23 18.08
N GLU B 201 -77.50 29.95 18.32
CA GLU B 201 -78.74 29.49 18.95
C GLU B 201 -78.89 30.11 20.32
N ALA B 202 -77.99 31.03 20.65
CA ALA B 202 -78.07 31.71 21.93
C ALA B 202 -78.92 32.98 21.76
N ASN B 203 -78.70 33.70 20.65
CA ASN B 203 -79.47 34.91 20.36
C ASN B 203 -80.72 34.48 19.62
N LYS B 204 -81.27 33.33 20.00
CA LYS B 204 -82.46 32.82 19.32
C LYS B 204 -82.20 33.05 17.84
N TYR B 205 -81.20 32.36 17.32
CA TYR B 205 -80.81 32.43 15.91
C TYR B 205 -80.94 33.75 15.16
N GLN B 206 -81.05 34.88 15.87
CA GLN B 206 -81.22 36.19 15.23
C GLN B 206 -80.75 36.28 13.78
N ILE B 207 -81.51 37.00 12.95
CA ILE B 207 -81.15 37.11 11.54
C ILE B 207 -80.80 38.53 11.11
N SER B 208 -79.56 38.68 10.66
CA SER B 208 -79.06 39.95 10.19
C SER B 208 -78.82 39.81 8.70
N VAL B 209 -79.34 40.73 7.92
CA VAL B 209 -79.12 40.66 6.48
C VAL B 209 -78.95 42.05 5.90
N ASN B 210 -78.05 42.18 4.92
CA ASN B 210 -77.78 43.46 4.28
C ASN B 210 -77.25 43.30 2.86
N LYS B 211 -77.01 44.43 2.20
CA LYS B 211 -76.51 44.46 0.84
C LYS B 211 -77.44 43.73 -0.12
N TYR B 212 -78.73 43.88 0.09
CA TYR B 212 -79.73 43.25 -0.77
C TYR B 212 -79.67 43.74 -2.19
N ARG B 213 -79.37 42.85 -3.11
CA ARG B 213 -79.37 43.18 -4.52
C ARG B 213 -80.60 42.37 -4.91
N GLY B 214 -80.85 42.13 -6.18
CA GLY B 214 -82.00 41.31 -6.52
C GLY B 214 -83.24 41.88 -7.18
N THR B 215 -83.98 40.99 -7.83
CA THR B 215 -85.18 41.34 -8.55
C THR B 215 -86.45 40.83 -7.91
N ALA B 216 -86.33 39.99 -6.90
CA ALA B 216 -87.50 39.43 -6.25
C ALA B 216 -88.19 40.44 -5.32
N GLY B 217 -87.46 41.49 -4.98
CA GLY B 217 -88.00 42.50 -4.07
C GLY B 217 -87.54 42.21 -2.66
N ASN B 218 -86.72 43.09 -2.12
CA ASN B 218 -86.18 42.97 -0.77
C ASN B 218 -87.27 42.83 0.28
N ALA B 219 -87.87 41.64 0.34
CA ALA B 219 -88.94 41.36 1.27
C ALA B 219 -88.46 40.99 2.67
N LEU B 220 -87.15 40.82 2.82
CA LEU B 220 -86.61 40.47 4.13
C LEU B 220 -86.18 41.74 4.86
N MET B 221 -85.56 42.65 4.13
CA MET B 221 -85.12 43.93 4.68
C MET B 221 -86.18 45.00 4.52
N ASP B 222 -86.29 45.49 3.29
CA ASP B 222 -87.23 46.54 2.93
C ASP B 222 -88.66 46.25 3.40
N GLY B 223 -88.91 45.07 3.96
CA GLY B 223 -90.25 44.74 4.44
C GLY B 223 -91.20 44.59 3.26
N ALA B 224 -92.46 44.24 3.49
CA ALA B 224 -93.41 44.08 2.38
C ALA B 224 -93.78 45.44 1.76
N SER B 225 -93.58 45.56 0.45
CA SER B 225 -93.82 46.80 -0.31
C SER B 225 -95.23 47.38 -0.48
N GLN B 226 -96.13 46.61 -1.08
CA GLN B 226 -97.50 47.08 -1.33
C GLN B 226 -98.31 47.31 -0.05
N LEU B 227 -97.63 47.80 0.99
CA LEU B 227 -98.30 48.07 2.25
C LEU B 227 -97.92 49.46 2.78
N MET B 228 -97.93 49.63 4.10
CA MET B 228 -97.59 50.91 4.69
C MET B 228 -97.24 50.90 6.18
N GLY B 229 -96.28 51.74 6.54
CA GLY B 229 -95.83 51.87 7.92
C GLY B 229 -96.14 50.72 8.86
N GLU B 230 -96.81 51.03 9.97
CA GLU B 230 -97.14 50.02 10.97
C GLU B 230 -97.50 48.71 10.31
N ASN B 231 -98.13 48.78 9.15
CA ASN B 231 -98.48 47.56 8.45
C ASN B 231 -97.25 46.96 7.76
N ARG B 232 -96.47 47.79 7.05
CA ARG B 232 -95.28 47.26 6.40
C ARG B 232 -94.33 46.73 7.47
N THR B 233 -93.52 47.63 8.00
CA THR B 233 -92.51 47.33 9.03
C THR B 233 -92.75 46.10 9.92
N MET B 234 -94.00 45.73 10.18
CA MET B 234 -94.18 44.56 10.99
C MET B 234 -94.15 43.31 10.09
N THR B 235 -93.50 43.47 8.93
CA THR B 235 -93.31 42.39 7.97
C THR B 235 -91.82 42.44 7.64
N ILE B 236 -91.06 42.90 8.64
CA ILE B 236 -89.62 43.02 8.55
C ILE B 236 -89.00 41.74 9.09
N HIS B 237 -88.24 41.04 8.27
CA HIS B 237 -87.60 39.80 8.70
C HIS B 237 -86.23 40.03 9.28
N ASN B 238 -85.58 41.11 8.85
CA ASN B 238 -84.27 41.45 9.37
C ASN B 238 -84.45 41.70 10.87
N GLY B 239 -83.35 41.69 11.62
CA GLY B 239 -83.46 41.92 13.05
C GLY B 239 -84.35 40.93 13.78
N MET B 240 -84.90 39.99 13.02
CA MET B 240 -85.80 39.00 13.60
C MET B 240 -85.22 37.72 14.18
N PHE B 241 -85.92 37.23 15.19
CA PHE B 241 -85.57 36.00 15.87
C PHE B 241 -86.17 34.87 15.05
N PHE B 242 -85.70 33.65 15.27
CA PHE B 242 -86.26 32.52 14.56
C PHE B 242 -87.36 32.07 15.50
N SER B 243 -88.49 31.64 14.97
CA SER B 243 -89.59 31.21 15.82
C SER B 243 -90.24 29.92 15.30
N THR B 244 -90.80 29.14 16.20
CA THR B 244 -91.46 27.90 15.82
C THR B 244 -92.78 27.85 16.56
N TYR B 245 -93.50 26.74 16.45
CA TYR B 245 -94.76 26.66 17.14
C TYR B 245 -94.62 26.17 18.57
N ASP B 246 -93.41 26.29 19.09
CA ASP B 246 -93.10 25.91 20.47
C ASP B 246 -91.96 26.81 20.93
N ARG B 247 -91.52 27.67 20.03
CA ARG B 247 -90.45 28.63 20.29
C ARG B 247 -90.96 29.98 19.79
N ASP B 248 -91.69 30.67 20.67
CA ASP B 248 -92.29 31.97 20.37
C ASP B 248 -91.36 33.18 20.53
N ASN B 249 -90.90 33.74 19.42
CA ASN B 249 -90.04 34.90 19.43
C ASN B 249 -90.54 35.82 18.34
N ASP B 250 -91.82 35.68 18.00
CA ASP B 250 -92.46 36.48 16.96
C ASP B 250 -92.48 37.96 17.29
N GLY B 251 -92.60 38.77 16.24
CA GLY B 251 -92.66 40.21 16.43
C GLY B 251 -94.04 40.57 16.92
N TRP B 252 -94.95 39.62 16.79
CA TRP B 252 -96.33 39.77 17.23
C TRP B 252 -96.29 39.44 18.71
N LEU B 253 -96.83 40.32 19.54
CA LEU B 253 -96.79 40.13 20.97
C LEU B 253 -98.19 40.05 21.57
N THR B 254 -98.83 38.91 21.39
CA THR B 254 -100.18 38.74 21.93
C THR B 254 -100.14 37.84 23.15
N SER B 255 -100.75 38.31 24.22
CA SER B 255 -100.77 37.57 25.47
C SER B 255 -101.64 36.33 25.33
N ASP B 256 -101.86 35.89 24.09
CA ASP B 256 -102.66 34.70 23.82
C ASP B 256 -101.88 33.62 23.08
N PRO B 257 -101.86 32.40 23.62
CA PRO B 257 -101.16 31.25 23.05
C PRO B 257 -101.70 30.65 21.75
N ARG B 258 -102.95 30.93 21.40
CA ARG B 258 -103.50 30.40 20.15
C ARG B 258 -103.07 31.28 18.99
N LYS B 259 -102.58 32.47 19.30
CA LYS B 259 -102.15 33.43 18.29
C LYS B 259 -100.64 33.56 18.28
N GLN B 260 -100.01 33.01 17.25
CA GLN B 260 -98.56 33.07 17.10
C GLN B 260 -98.12 32.90 15.65
N CYS B 261 -97.28 33.82 15.17
CA CYS B 261 -96.80 33.82 13.80
C CYS B 261 -96.21 32.52 13.25
N SER B 262 -96.17 31.48 14.06
CA SER B 262 -95.65 30.20 13.58
C SER B 262 -96.71 29.13 13.72
N LYS B 263 -97.52 29.21 14.76
CA LYS B 263 -98.59 28.24 14.93
C LYS B 263 -99.46 28.41 13.69
N GLU B 264 -99.50 29.66 13.21
CA GLU B 264 -100.22 30.04 11.99
C GLU B 264 -99.06 30.21 11.02
N ASP B 265 -99.29 30.51 9.75
CA ASP B 265 -98.16 30.61 8.84
C ASP B 265 -97.31 29.34 9.07
N GLY B 266 -97.86 28.19 8.69
CA GLY B 266 -97.23 26.89 8.88
C GLY B 266 -95.75 26.62 8.64
N GLY B 267 -94.95 26.67 9.71
CA GLY B 267 -93.53 26.42 9.56
C GLY B 267 -92.63 27.50 10.12
N GLY B 268 -91.62 27.09 10.89
CA GLY B 268 -90.69 28.01 11.49
C GLY B 268 -90.06 28.95 10.50
N TRP B 269 -89.65 30.12 11.00
CA TRP B 269 -89.04 31.14 10.16
C TRP B 269 -88.91 32.39 11.04
N TRP B 270 -88.12 33.36 10.59
CA TRP B 270 -87.89 34.59 11.34
C TRP B 270 -89.12 35.51 11.29
N TYR B 271 -90.01 35.31 12.26
CA TYR B 271 -91.25 36.05 12.31
C TYR B 271 -91.30 37.34 13.11
N ASN B 272 -91.70 38.39 12.41
CA ASN B 272 -91.86 39.72 12.96
C ASN B 272 -93.29 40.17 12.75
N ARG B 273 -94.21 39.61 13.53
CA ARG B 273 -95.64 39.97 13.45
C ARG B 273 -96.17 40.26 12.05
N CYS B 274 -96.13 39.38 11.05
CA CYS B 274 -95.61 38.03 10.99
C CYS B 274 -94.64 38.07 9.84
N HIS B 275 -95.12 37.89 8.62
CA HIS B 275 -94.20 37.89 7.48
C HIS B 275 -94.49 38.69 6.23
N ALA B 276 -93.44 38.81 5.43
CA ALA B 276 -93.46 39.49 4.14
C ALA B 276 -92.97 38.42 3.18
N ALA B 277 -92.27 37.43 3.75
CA ALA B 277 -91.70 36.32 3.01
C ALA B 277 -91.90 35.11 3.88
N ASN B 278 -92.47 34.06 3.33
CA ASN B 278 -92.70 32.89 4.16
C ASN B 278 -92.15 31.63 3.59
N PRO B 279 -90.82 31.48 3.67
CA PRO B 279 -90.18 30.27 3.16
C PRO B 279 -90.66 29.22 4.15
N ASN B 280 -90.29 27.98 3.96
CA ASN B 280 -90.72 26.97 4.91
C ASN B 280 -92.21 27.06 5.26
N GLY B 281 -93.03 27.56 4.35
CA GLY B 281 -94.44 27.64 4.64
C GLY B 281 -95.11 26.35 4.22
N ARG B 282 -96.44 26.32 4.28
CA ARG B 282 -97.18 25.15 3.86
C ARG B 282 -96.91 25.09 2.37
N TYR B 283 -97.08 23.93 1.74
CA TYR B 283 -96.81 23.85 0.30
C TYR B 283 -98.07 23.90 -0.55
N TYR B 284 -98.36 25.06 -1.16
CA TYR B 284 -99.57 25.24 -1.98
C TYR B 284 -99.43 25.00 -3.48
N TRP B 285 -100.21 24.04 -3.98
CA TRP B 285 -100.16 23.66 -5.40
C TRP B 285 -100.88 24.56 -6.39
N GLY B 286 -100.09 25.14 -7.30
CA GLY B 286 -100.61 26.01 -8.31
C GLY B 286 -100.15 27.45 -8.10
N GLY B 287 -99.76 27.76 -6.87
CA GLY B 287 -99.33 29.11 -6.57
C GLY B 287 -100.41 29.80 -5.77
N GLN B 288 -101.45 30.27 -6.46
CA GLN B 288 -102.57 30.96 -5.81
C GLN B 288 -103.36 30.05 -4.86
N TYR B 289 -103.76 30.62 -3.73
CA TYR B 289 -104.54 29.92 -2.72
C TYR B 289 -105.28 31.02 -1.97
N THR B 290 -106.23 30.64 -1.11
CA THR B 290 -106.98 31.66 -0.38
C THR B 290 -107.40 31.24 1.04
N TRP B 291 -107.42 32.23 1.93
CA TRP B 291 -107.79 32.06 3.34
C TRP B 291 -108.81 30.94 3.64
N ASP B 292 -109.76 30.77 2.73
CA ASP B 292 -110.78 29.75 2.90
C ASP B 292 -110.18 28.44 2.43
N MET B 293 -109.01 28.13 2.96
CA MET B 293 -108.27 26.92 2.63
C MET B 293 -107.36 26.55 3.81
N ALA B 294 -106.63 27.56 4.27
CA ALA B 294 -105.66 27.46 5.36
C ALA B 294 -106.11 27.05 6.75
N LYS B 295 -105.28 26.24 7.40
CA LYS B 295 -105.57 25.75 8.72
C LYS B 295 -106.09 26.90 9.58
N HIS B 296 -105.54 28.10 9.39
CA HIS B 296 -105.94 29.28 10.16
C HIS B 296 -106.33 30.53 9.37
N GLY B 297 -106.54 30.40 8.07
CA GLY B 297 -106.94 31.55 7.26
C GLY B 297 -105.88 32.61 7.01
N THR B 298 -104.71 32.45 7.63
CA THR B 298 -103.64 33.43 7.41
C THR B 298 -102.95 32.99 6.13
N ASP B 299 -102.16 33.87 5.56
CA ASP B 299 -101.47 33.55 4.33
C ASP B 299 -100.21 32.73 4.62
N ASP B 300 -100.42 31.51 5.10
CA ASP B 300 -99.32 30.59 5.42
C ASP B 300 -98.95 29.72 4.24
N GLY B 301 -97.83 30.04 3.60
CA GLY B 301 -97.38 29.30 2.45
C GLY B 301 -96.08 29.83 1.88
N VAL B 302 -95.48 29.06 0.98
CA VAL B 302 -94.22 29.44 0.34
C VAL B 302 -94.48 30.77 -0.34
N VAL B 303 -94.56 31.82 0.46
CA VAL B 303 -94.87 33.14 -0.08
C VAL B 303 -93.78 34.17 0.01
N TRP B 304 -93.73 34.98 -1.04
CA TRP B 304 -92.78 36.06 -1.13
C TRP B 304 -93.66 37.23 -1.48
N MET B 305 -94.30 37.83 -0.49
CA MET B 305 -95.20 38.95 -0.72
C MET B 305 -94.68 40.00 -1.67
N ASN B 306 -93.56 40.62 -1.33
CA ASN B 306 -93.01 41.69 -2.15
C ASN B 306 -92.91 41.43 -3.64
N TRP B 307 -93.15 40.21 -4.08
CA TRP B 307 -93.09 39.93 -5.50
C TRP B 307 -94.40 39.48 -6.13
N LYS B 308 -94.91 38.34 -5.68
CA LYS B 308 -96.14 37.80 -6.22
C LYS B 308 -97.37 38.05 -5.38
N GLY B 309 -97.18 38.45 -4.14
CA GLY B 309 -98.33 38.72 -3.29
C GLY B 309 -98.66 37.65 -2.28
N SER B 310 -99.11 38.11 -1.13
CA SER B 310 -99.51 37.28 0.00
C SER B 310 -100.43 36.10 -0.36
N TRP B 311 -100.76 35.93 -1.63
CA TRP B 311 -101.65 34.83 -1.98
C TRP B 311 -101.18 33.96 -3.13
N TYR B 312 -99.89 34.03 -3.39
CA TYR B 312 -99.25 33.25 -4.44
C TYR B 312 -98.13 32.46 -3.77
N SER B 313 -98.32 31.14 -3.68
CA SER B 313 -97.34 30.27 -3.04
C SER B 313 -96.54 29.49 -4.07
N MET B 314 -95.54 30.16 -4.65
CA MET B 314 -94.68 29.58 -5.67
C MET B 314 -94.32 28.10 -5.55
N ARG B 315 -93.73 27.62 -6.64
CA ARG B 315 -93.34 26.24 -6.78
C ARG B 315 -92.08 25.88 -5.99
N LYS B 316 -90.96 26.47 -6.39
CA LYS B 316 -89.70 26.19 -5.71
C LYS B 316 -89.07 27.45 -5.14
N MET B 317 -88.50 27.32 -3.95
CA MET B 317 -87.83 28.46 -3.32
C MET B 317 -86.73 27.97 -2.40
N SER B 318 -85.51 28.14 -2.85
CA SER B 318 -84.35 27.70 -2.11
C SER B 318 -83.50 28.86 -1.59
N MET B 319 -82.79 28.61 -0.50
CA MET B 319 -81.91 29.59 0.09
C MET B 319 -80.50 28.98 0.09
N LYS B 320 -79.69 29.31 -0.92
CA LYS B 320 -78.33 28.79 -1.00
C LYS B 320 -77.31 29.91 -0.78
N ILE B 321 -76.42 29.71 0.18
CA ILE B 321 -75.41 30.74 0.49
C ILE B 321 -73.97 30.45 0.08
N ARG B 322 -73.09 31.39 0.40
CA ARG B 322 -71.67 31.32 0.05
C ARG B 322 -70.85 32.32 0.88
N PRO B 323 -69.56 32.00 1.11
CA PRO B 323 -68.69 32.88 1.90
C PRO B 323 -68.30 34.18 1.20
N PHE B 324 -67.28 34.84 1.75
CA PHE B 324 -66.74 36.11 1.24
C PHE B 324 -67.50 37.35 1.67
N GLU C 4 -161.00 25.86 6.55
CA GLU C 4 -161.94 24.70 6.56
C GLU C 4 -161.20 23.37 6.41
N ILE C 5 -160.93 23.02 5.15
CA ILE C 5 -160.22 21.77 4.84
C ILE C 5 -158.72 22.01 4.95
N MET C 6 -158.26 23.15 4.43
CA MET C 6 -156.85 23.51 4.45
C MET C 6 -156.30 23.54 5.86
N LYS C 7 -157.15 23.27 6.85
CA LYS C 7 -156.70 23.24 8.25
C LYS C 7 -155.85 21.99 8.37
N TYR C 8 -155.69 21.29 7.25
CA TYR C 8 -154.90 20.07 7.20
C TYR C 8 -153.40 20.37 7.14
N GLU C 9 -153.04 21.64 7.01
CA GLU C 9 -151.63 21.99 6.93
C GLU C 9 -150.80 21.12 7.86
N ALA C 10 -151.39 20.70 8.98
CA ALA C 10 -150.69 19.83 9.92
C ALA C 10 -150.56 18.46 9.25
N SER C 11 -150.44 18.49 7.92
CA SER C 11 -150.30 17.31 7.07
C SER C 11 -149.20 17.59 6.05
N ILE C 12 -149.31 18.72 5.34
CA ILE C 12 -148.31 19.12 4.37
C ILE C 12 -147.15 19.70 5.18
N LEU C 13 -147.21 19.46 6.50
CA LEU C 13 -146.18 19.88 7.43
C LEU C 13 -145.49 18.58 7.82
N THR C 14 -144.70 18.08 6.88
CA THR C 14 -143.96 16.83 7.02
C THR C 14 -142.49 17.11 7.29
N HIS C 15 -142.06 18.31 6.92
CA HIS C 15 -140.68 18.74 7.10
C HIS C 15 -140.30 18.60 8.57
N ASP C 16 -141.32 18.53 9.42
CA ASP C 16 -141.11 18.38 10.86
C ASP C 16 -139.93 17.48 11.19
N SER C 17 -139.67 16.52 10.31
CA SER C 17 -138.57 15.58 10.49
C SER C 17 -137.90 15.28 9.14
N SER C 18 -138.48 15.84 8.08
CA SER C 18 -137.93 15.70 6.73
C SER C 18 -136.69 16.58 6.77
N ILE C 19 -136.51 17.21 7.93
CA ILE C 19 -135.41 18.11 8.21
C ILE C 19 -134.59 17.53 9.37
N ARG C 20 -135.27 17.02 10.39
CA ARG C 20 -134.63 16.44 11.56
C ARG C 20 -133.61 15.37 11.17
N TYR C 21 -133.81 14.77 10.00
CA TYR C 21 -132.91 13.73 9.53
C TYR C 21 -131.67 14.36 8.89
N LEU C 22 -131.51 15.65 9.14
CA LEU C 22 -130.36 16.40 8.64
C LEU C 22 -129.67 16.93 9.89
N GLN C 23 -130.48 17.44 10.81
CA GLN C 23 -129.99 17.94 12.09
C GLN C 23 -129.50 16.69 12.81
N GLU C 24 -129.33 15.61 12.04
CA GLU C 24 -128.88 14.31 12.52
C GLU C 24 -127.62 13.88 11.76
N ILE C 25 -127.76 13.72 10.45
CA ILE C 25 -126.65 13.32 9.61
C ILE C 25 -125.58 14.39 9.68
N TYR C 26 -126.01 15.62 9.98
CA TYR C 26 -125.10 16.74 10.13
C TYR C 26 -124.33 16.47 11.42
N ASN C 27 -125.05 16.50 12.54
CA ASN C 27 -124.49 16.25 13.88
C ASN C 27 -123.50 15.08 13.91
N SER C 28 -123.44 14.29 12.85
CA SER C 28 -122.52 13.15 12.82
C SER C 28 -121.19 13.57 12.21
N ASN C 29 -121.24 14.11 10.99
CA ASN C 29 -120.03 14.58 10.30
C ASN C 29 -119.06 15.31 11.21
N ASN C 30 -119.44 16.51 11.64
CA ASN C 30 -118.59 17.28 12.55
C ASN C 30 -118.11 16.34 13.64
N GLN C 31 -119.05 15.69 14.33
CA GLN C 31 -118.69 14.74 15.39
C GLN C 31 -117.67 13.74 14.85
N LYS C 32 -117.92 13.25 13.64
CA LYS C 32 -117.02 12.29 12.99
C LYS C 32 -115.63 12.90 12.84
N ILE C 33 -115.60 14.20 12.56
CA ILE C 33 -114.35 14.93 12.36
C ILE C 33 -113.45 14.94 13.60
N VAL C 34 -114.04 14.89 14.79
CA VAL C 34 -113.23 14.88 16.00
C VAL C 34 -112.40 13.60 15.99
N ASN C 35 -112.84 12.64 15.17
CA ASN C 35 -112.16 11.36 15.02
C ASN C 35 -111.15 11.51 13.88
N LEU C 36 -111.61 12.07 12.76
CA LEU C 36 -110.76 12.27 11.59
C LEU C 36 -109.71 13.35 11.86
N LYS C 37 -109.70 13.87 13.08
CA LYS C 37 -108.73 14.89 13.45
C LYS C 37 -107.79 14.29 14.49
N GLU C 38 -107.43 13.04 14.21
CA GLU C 38 -106.52 12.20 14.98
C GLU C 38 -106.00 11.31 13.86
N LYS C 39 -106.93 10.99 12.95
CA LYS C 39 -106.66 10.16 11.79
C LYS C 39 -105.80 10.98 10.84
N VAL C 40 -105.09 11.94 11.41
CA VAL C 40 -104.19 12.80 10.65
C VAL C 40 -103.08 13.22 11.61
N ALA C 41 -103.48 13.69 12.78
CA ALA C 41 -102.55 14.12 13.83
C ALA C 41 -101.48 13.07 14.01
N GLN C 42 -101.82 11.82 13.68
CA GLN C 42 -100.91 10.71 13.82
C GLN C 42 -100.15 10.42 12.54
N LEU C 43 -100.76 10.65 11.39
CA LEU C 43 -100.08 10.40 10.13
C LEU C 43 -98.92 11.38 9.92
N GLU C 44 -99.16 12.65 10.23
CA GLU C 44 -98.12 13.66 10.06
C GLU C 44 -96.87 13.23 10.81
N ALA C 45 -97.06 12.67 12.00
CA ALA C 45 -95.97 12.21 12.84
C ALA C 45 -95.33 10.96 12.25
N GLN C 46 -96.05 10.30 11.35
CA GLN C 46 -95.53 9.09 10.72
C GLN C 46 -94.67 9.54 9.55
N CYS C 47 -94.83 10.80 9.17
CA CYS C 47 -94.08 11.39 8.07
C CYS C 47 -93.20 12.51 8.62
N GLN C 48 -92.47 12.22 9.69
CA GLN C 48 -91.59 13.21 10.31
C GLN C 48 -90.11 12.87 10.17
N GLU C 49 -89.81 11.85 9.38
CA GLU C 49 -88.43 11.43 9.21
C GLU C 49 -88.02 11.50 7.74
N PRO C 50 -86.72 11.34 7.47
CA PRO C 50 -86.18 11.39 6.10
C PRO C 50 -86.15 10.02 5.41
N CYS C 51 -85.78 10.00 4.14
CA CYS C 51 -85.67 8.72 3.48
C CYS C 51 -84.50 8.07 4.22
N LYS C 52 -84.45 6.75 4.26
CA LYS C 52 -83.35 6.05 4.91
C LYS C 52 -82.23 5.93 3.90
N ASP C 53 -81.01 6.20 4.37
CA ASP C 53 -79.82 6.16 3.52
C ASP C 53 -78.91 4.99 3.89
N THR C 54 -78.41 4.31 2.85
CA THR C 54 -77.52 3.15 3.02
C THR C 54 -76.13 3.53 3.55
N VAL C 55 -75.44 4.38 2.81
CA VAL C 55 -74.10 4.84 3.17
C VAL C 55 -74.02 5.40 4.61
N GLN C 56 -72.95 5.07 5.33
CA GLN C 56 -72.79 5.56 6.70
C GLN C 56 -71.34 5.55 7.20
N ILE C 57 -71.01 6.58 7.94
CA ILE C 57 -69.69 6.78 8.50
C ILE C 57 -69.58 6.16 9.90
N HIS C 58 -68.55 5.34 10.13
CA HIS C 58 -68.35 4.68 11.41
C HIS C 58 -67.72 5.60 12.44
N ASP C 59 -67.82 5.23 13.71
CA ASP C 59 -67.32 6.04 14.82
C ASP C 59 -65.81 6.15 15.04
N ILE C 60 -65.12 5.01 15.11
CA ILE C 60 -63.67 4.98 15.32
C ILE C 60 -62.85 5.55 14.17
N THR C 61 -61.74 6.21 14.52
CA THR C 61 -60.83 6.80 13.53
C THR C 61 -59.41 6.87 14.11
N GLY C 62 -58.40 6.82 13.24
CA GLY C 62 -57.03 6.89 13.71
C GLY C 62 -56.04 7.21 12.59
N LYS C 63 -54.85 6.62 12.69
CA LYS C 63 -53.80 6.85 11.69
C LYS C 63 -54.32 6.63 10.27
N ASP C 64 -54.42 5.37 9.86
CA ASP C 64 -54.92 5.04 8.53
C ASP C 64 -55.92 3.91 8.70
N CYS C 65 -56.50 3.43 7.59
CA CYS C 65 -57.47 2.35 7.68
C CYS C 65 -56.94 1.21 8.52
N GLN C 66 -55.64 0.98 8.46
CA GLN C 66 -55.01 -0.10 9.22
C GLN C 66 -54.97 0.19 10.71
N ASP C 67 -54.89 1.46 11.08
CA ASP C 67 -54.85 1.80 12.49
C ASP C 67 -56.21 1.50 13.08
N ILE C 68 -57.24 2.10 12.50
CA ILE C 68 -58.61 1.91 12.94
C ILE C 68 -58.99 0.43 12.85
N ALA C 69 -58.63 -0.20 11.73
CA ALA C 69 -58.94 -1.62 11.53
C ALA C 69 -58.28 -2.49 12.60
N ASN C 70 -57.68 -1.84 13.61
CA ASN C 70 -57.03 -2.54 14.70
C ASN C 70 -57.34 -1.83 16.03
N LYS C 71 -58.47 -1.13 16.07
CA LYS C 71 -58.92 -0.42 17.27
C LYS C 71 -60.29 -1.02 17.57
N GLY C 72 -60.79 -1.73 16.57
CA GLY C 72 -62.08 -2.40 16.63
C GLY C 72 -62.27 -2.84 15.20
N ALA C 73 -63.22 -2.21 14.53
CA ALA C 73 -63.47 -2.48 13.11
C ALA C 73 -63.62 -3.93 12.68
N LYS C 74 -64.01 -4.08 11.41
CA LYS C 74 -64.20 -5.37 10.78
C LYS C 74 -65.10 -5.19 9.57
N GLN C 75 -65.59 -3.97 9.38
CA GLN C 75 -66.47 -3.69 8.26
C GLN C 75 -65.87 -2.80 7.18
N SER C 76 -65.40 -3.43 6.10
CA SER C 76 -64.81 -2.68 4.99
C SER C 76 -65.73 -1.52 4.62
N GLY C 77 -65.56 -0.39 5.31
CA GLY C 77 -66.40 0.77 5.06
C GLY C 77 -65.67 2.10 4.99
N LEU C 78 -66.38 3.19 5.23
CA LEU C 78 -65.79 4.53 5.15
C LEU C 78 -65.60 5.15 6.52
N TYR C 79 -64.38 5.60 6.82
CA TYR C 79 -64.10 6.21 8.11
C TYR C 79 -63.25 7.46 7.92
N PHE C 80 -63.48 8.46 8.75
CA PHE C 80 -62.70 9.69 8.67
C PHE C 80 -61.34 9.36 9.25
N ILE C 81 -60.30 9.51 8.43
CA ILE C 81 -58.93 9.24 8.88
C ILE C 81 -58.15 10.54 8.79
N LYS C 82 -57.25 10.76 9.74
CA LYS C 82 -56.45 11.97 9.75
C LYS C 82 -54.98 11.58 9.97
N PRO C 83 -54.30 11.15 8.89
CA PRO C 83 -52.90 10.71 8.87
C PRO C 83 -51.99 11.45 9.83
N LEU C 84 -51.02 10.72 10.38
CA LEU C 84 -50.05 11.26 11.33
C LEU C 84 -49.79 12.75 11.10
N LYS C 85 -49.10 13.05 10.01
CA LYS C 85 -48.78 14.41 9.64
C LYS C 85 -49.82 14.79 8.60
N ALA C 86 -51.09 14.71 8.97
CA ALA C 86 -52.17 15.04 8.03
C ALA C 86 -53.03 16.22 8.44
N ASN C 87 -54.11 16.40 7.68
CA ASN C 87 -55.03 17.49 7.92
C ASN C 87 -56.48 17.02 7.97
N GLN C 88 -57.37 17.79 7.35
CA GLN C 88 -58.80 17.44 7.32
C GLN C 88 -58.95 15.92 7.25
N GLN C 89 -59.71 15.35 8.17
CA GLN C 89 -59.91 13.90 8.18
C GLN C 89 -60.78 13.48 7.01
N PHE C 90 -60.27 13.62 5.79
CA PHE C 90 -61.08 13.26 4.64
C PHE C 90 -61.59 11.83 4.76
N LEU C 91 -62.44 11.43 3.82
CA LEU C 91 -63.04 10.11 3.88
C LEU C 91 -62.38 9.09 2.96
N VAL C 92 -62.06 7.95 3.56
CA VAL C 92 -61.40 6.84 2.88
C VAL C 92 -62.31 5.61 2.79
N TYR C 93 -62.17 4.83 1.72
CA TYR C 93 -62.96 3.61 1.54
C TYR C 93 -62.09 2.42 1.91
N CYS C 94 -62.09 2.06 3.19
CA CYS C 94 -61.31 0.93 3.71
C CYS C 94 -61.72 -0.44 3.15
N GLU C 95 -60.99 -1.45 3.62
CA GLU C 95 -61.23 -2.83 3.24
C GLU C 95 -60.50 -3.71 4.24
N ILE C 96 -61.22 -4.15 5.27
CA ILE C 96 -60.61 -5.02 6.27
C ILE C 96 -60.88 -6.48 5.95
N ASP C 97 -59.97 -7.33 6.42
CA ASP C 97 -60.02 -8.77 6.20
C ASP C 97 -60.50 -9.44 7.48
N GLY C 98 -60.08 -10.70 7.65
CA GLY C 98 -60.44 -11.43 8.84
C GLY C 98 -59.21 -11.50 9.73
N SER C 99 -58.05 -11.26 9.12
CA SER C 99 -56.79 -11.32 9.84
C SER C 99 -56.65 -10.19 10.86
N GLY C 100 -56.63 -8.96 10.38
CA GLY C 100 -56.49 -7.82 11.27
C GLY C 100 -55.73 -6.69 10.59
N ASN C 101 -55.81 -6.68 9.26
CA ASN C 101 -55.12 -5.68 8.46
C ASN C 101 -56.09 -4.80 7.67
N GLY C 102 -55.98 -3.48 7.85
CA GLY C 102 -56.86 -2.55 7.15
C GLY C 102 -56.25 -1.88 5.93
N TRP C 103 -56.74 -2.25 4.74
CA TRP C 103 -56.25 -1.68 3.48
C TRP C 103 -56.93 -0.33 3.25
N THR C 104 -56.82 0.13 2.01
CA THR C 104 -57.43 1.37 1.55
C THR C 104 -57.11 1.53 0.08
N VAL C 105 -58.14 1.59 -0.75
CA VAL C 105 -57.92 1.77 -2.18
C VAL C 105 -57.33 3.18 -2.36
N PHE C 106 -57.28 3.63 -3.60
CA PHE C 106 -56.82 4.98 -3.93
C PHE C 106 -57.21 5.20 -5.37
N GLN C 107 -57.78 4.15 -5.96
CA GLN C 107 -58.24 4.20 -7.33
C GLN C 107 -58.95 2.89 -7.64
N LYS C 108 -60.12 2.96 -8.27
CA LYS C 108 -60.85 1.75 -8.62
C LYS C 108 -61.62 1.97 -9.91
N ARG C 109 -61.90 0.89 -10.62
CA ARG C 109 -62.63 0.99 -11.88
C ARG C 109 -63.51 -0.24 -12.02
N LEU C 110 -64.72 -0.05 -12.51
CA LEU C 110 -65.63 -1.18 -12.66
C LEU C 110 -66.66 -1.11 -13.77
N ASP C 111 -66.97 0.10 -14.25
CA ASP C 111 -68.00 0.24 -15.28
C ASP C 111 -67.84 1.33 -16.36
N GLY C 112 -67.18 2.42 -16.01
CA GLY C 112 -67.02 3.53 -16.94
C GLY C 112 -68.00 4.62 -16.50
N SER C 113 -68.09 4.80 -15.18
CA SER C 113 -69.01 5.76 -14.57
C SER C 113 -68.34 7.00 -13.97
N VAL C 114 -67.06 7.22 -14.26
CA VAL C 114 -66.39 8.37 -13.68
C VAL C 114 -65.35 8.96 -14.62
N ASP C 115 -65.63 8.91 -15.93
CA ASP C 115 -64.72 9.43 -16.95
C ASP C 115 -63.39 9.98 -16.40
N PHE C 116 -62.50 9.08 -16.00
CA PHE C 116 -61.19 9.49 -15.48
C PHE C 116 -60.45 10.20 -16.61
N LYS C 117 -60.44 11.52 -16.56
CA LYS C 117 -59.80 12.33 -17.57
C LYS C 117 -59.91 13.72 -17.00
N LYS C 118 -59.75 13.81 -15.69
CA LYS C 118 -59.88 15.08 -15.00
C LYS C 118 -58.57 15.86 -14.97
N ASN C 119 -58.68 17.18 -14.90
CA ASN C 119 -57.50 18.03 -14.88
C ASN C 119 -56.75 17.95 -13.56
N TRP C 120 -55.48 18.29 -13.62
CA TRP C 120 -54.58 18.25 -12.48
C TRP C 120 -55.26 18.42 -11.13
N ILE C 121 -55.67 19.65 -10.81
CA ILE C 121 -56.30 19.96 -9.53
C ILE C 121 -57.45 19.01 -9.15
N GLN C 122 -57.81 18.12 -10.06
CA GLN C 122 -58.86 17.15 -9.80
C GLN C 122 -58.24 15.79 -9.43
N TYR C 123 -57.09 15.48 -10.03
CA TYR C 123 -56.37 14.24 -9.75
C TYR C 123 -55.64 14.39 -8.42
N LYS C 124 -55.45 15.63 -7.99
CA LYS C 124 -54.78 15.87 -6.73
C LYS C 124 -55.76 15.69 -5.59
N GLU C 125 -56.84 16.47 -5.62
CA GLU C 125 -57.88 16.43 -4.60
C GLU C 125 -58.77 15.22 -4.82
N GLY C 126 -58.51 14.50 -5.90
CA GLY C 126 -59.28 13.32 -6.21
C GLY C 126 -60.62 13.74 -6.79
N PHE C 127 -61.28 12.82 -7.47
CA PHE C 127 -62.56 13.11 -8.08
C PHE C 127 -63.43 11.86 -8.06
N GLY C 128 -64.62 11.96 -8.64
CA GLY C 128 -65.52 10.81 -8.68
C GLY C 128 -66.39 10.72 -7.44
N HIS C 129 -66.35 9.56 -6.79
CA HIS C 129 -67.15 9.35 -5.59
C HIS C 129 -66.85 8.02 -4.90
N LEU C 130 -66.75 8.07 -3.58
CA LEU C 130 -66.50 6.88 -2.79
C LEU C 130 -67.76 6.05 -2.87
N SER C 131 -68.26 5.61 -1.71
CA SER C 131 -69.47 4.79 -1.59
C SER C 131 -69.30 3.92 -0.37
N PRO C 132 -70.36 3.21 0.05
CA PRO C 132 -70.28 2.32 1.22
C PRO C 132 -69.58 0.98 0.92
N THR C 133 -70.24 0.14 0.12
CA THR C 133 -69.72 -1.17 -0.25
C THR C 133 -68.36 -1.05 -0.91
N GLY C 134 -68.35 -0.93 -2.23
CA GLY C 134 -67.11 -0.82 -2.98
C GLY C 134 -67.28 -0.42 -4.43
N THR C 135 -68.13 -1.14 -5.17
CA THR C 135 -68.35 -0.84 -6.59
C THR C 135 -68.61 0.63 -6.82
N THR C 136 -67.58 1.33 -7.33
CA THR C 136 -67.67 2.76 -7.60
C THR C 136 -66.32 3.35 -7.99
N GLU C 137 -66.05 3.40 -9.29
CA GLU C 137 -64.81 3.99 -9.79
C GLU C 137 -64.51 5.28 -9.04
N PHE C 138 -63.31 5.39 -8.50
CA PHE C 138 -62.95 6.61 -7.80
C PHE C 138 -61.45 6.81 -7.75
N TRP C 139 -61.04 8.07 -7.68
CA TRP C 139 -59.64 8.42 -7.60
C TRP C 139 -59.50 9.24 -6.32
N LEU C 140 -59.16 8.61 -5.20
CA LEU C 140 -59.03 9.37 -3.96
C LEU C 140 -58.20 10.64 -4.18
N GLY C 141 -57.37 10.63 -5.22
CA GLY C 141 -56.55 11.78 -5.53
C GLY C 141 -55.19 11.86 -4.90
N ASN C 142 -54.17 11.90 -5.76
CA ASN C 142 -52.77 11.99 -5.34
C ASN C 142 -52.54 12.81 -4.08
N GLU C 143 -53.22 13.94 -3.95
CA GLU C 143 -53.02 14.74 -2.76
C GLU C 143 -53.18 13.84 -1.56
N LYS C 144 -54.40 13.39 -1.34
CA LYS C 144 -54.71 12.52 -0.22
C LYS C 144 -53.83 11.27 -0.25
N ILE C 145 -53.51 10.78 -1.44
CA ILE C 145 -52.66 9.61 -1.54
C ILE C 145 -51.25 9.87 -0.99
N HIS C 146 -50.86 11.14 -0.89
CA HIS C 146 -49.55 11.49 -0.35
C HIS C 146 -49.52 11.34 1.18
N LEU C 147 -50.21 12.22 1.87
CA LEU C 147 -50.22 12.20 3.32
C LEU C 147 -50.56 10.83 3.87
N ILE C 148 -51.12 9.98 3.03
CA ILE C 148 -51.48 8.64 3.47
C ILE C 148 -50.54 7.63 2.83
N SER C 149 -49.29 8.05 2.66
CA SER C 149 -48.27 7.21 2.06
C SER C 149 -46.93 7.63 2.66
N THR C 150 -46.95 8.62 3.55
CA THR C 150 -45.73 9.12 4.16
C THR C 150 -45.89 9.60 5.60
N GLN C 151 -46.87 9.05 6.31
CA GLN C 151 -47.07 9.46 7.69
C GLN C 151 -45.92 8.89 8.52
N SER C 152 -44.99 9.75 8.93
CA SER C 152 -43.82 9.34 9.72
C SER C 152 -42.93 8.35 8.96
N ALA C 153 -43.37 8.01 7.74
CA ALA C 153 -42.65 7.09 6.85
C ALA C 153 -42.43 5.66 7.37
N ILE C 154 -43.47 4.84 7.24
CA ILE C 154 -43.40 3.43 7.60
C ILE C 154 -43.90 2.76 6.32
N PRO C 155 -43.14 1.81 5.79
CA PRO C 155 -43.39 1.03 4.57
C PRO C 155 -44.82 0.73 4.13
N TYR C 156 -45.27 1.40 3.08
CA TYR C 156 -46.61 1.13 2.55
C TYR C 156 -46.46 0.26 1.33
N ALA C 157 -47.54 0.03 0.60
CA ALA C 157 -47.43 -0.82 -0.58
C ALA C 157 -48.69 -0.84 -1.39
N LEU C 158 -48.53 -0.91 -2.70
CA LEU C 158 -49.67 -0.96 -3.60
C LEU C 158 -49.92 -2.39 -4.01
N ARG C 159 -51.18 -2.74 -4.18
CA ARG C 159 -51.52 -4.08 -4.61
C ARG C 159 -52.43 -3.97 -5.80
N VAL C 160 -51.86 -3.66 -6.97
CA VAL C 160 -52.66 -3.52 -8.17
C VAL C 160 -53.49 -4.77 -8.39
N GLU C 161 -54.66 -4.79 -7.78
CA GLU C 161 -55.58 -5.91 -7.89
C GLU C 161 -56.21 -5.69 -9.26
N LEU C 162 -56.60 -6.77 -9.93
CA LEU C 162 -57.21 -6.60 -11.24
C LEU C 162 -58.22 -7.69 -11.56
N GLU C 163 -58.49 -7.87 -12.85
CA GLU C 163 -59.41 -8.88 -13.39
C GLU C 163 -59.60 -8.64 -14.88
N ASP C 164 -59.59 -9.71 -15.64
CA ASP C 164 -59.77 -9.60 -17.09
C ASP C 164 -61.24 -9.63 -17.46
N TRP C 165 -61.53 -9.39 -18.72
CA TRP C 165 -62.90 -9.42 -19.19
C TRP C 165 -63.27 -10.88 -19.38
N ASN C 166 -62.81 -11.72 -18.45
CA ASN C 166 -63.08 -13.16 -18.52
C ASN C 166 -62.86 -13.93 -17.19
N GLY C 167 -63.03 -13.24 -16.07
CA GLY C 167 -62.87 -13.92 -14.80
C GLY C 167 -61.57 -13.75 -14.01
N ARG C 168 -60.52 -14.44 -14.45
CA ARG C 168 -59.23 -14.40 -13.75
C ARG C 168 -58.65 -13.03 -13.41
N THR C 169 -58.49 -12.81 -12.11
CA THR C 169 -57.95 -11.57 -11.58
C THR C 169 -56.49 -11.81 -11.22
N SER C 170 -55.72 -10.73 -11.16
CA SER C 170 -54.31 -10.82 -10.82
C SER C 170 -54.00 -10.18 -9.47
N THR C 171 -53.05 -9.26 -9.48
CA THR C 171 -52.59 -8.51 -8.31
C THR C 171 -51.10 -8.29 -8.51
N ALA C 172 -50.59 -7.20 -7.97
CA ALA C 172 -49.19 -6.87 -8.10
C ALA C 172 -48.82 -5.95 -6.96
N ASP C 173 -47.75 -6.27 -6.24
CA ASP C 173 -47.33 -5.48 -5.09
C ASP C 173 -46.11 -4.60 -5.36
N TYR C 174 -45.72 -3.84 -4.34
CA TYR C 174 -44.57 -2.94 -4.45
C TYR C 174 -44.03 -2.53 -3.06
N ALA C 175 -42.80 -2.04 -3.01
CA ALA C 175 -42.21 -1.68 -1.72
C ALA C 175 -42.28 -0.23 -1.28
N MET C 176 -42.51 -0.07 0.02
CA MET C 176 -42.61 1.23 0.67
C MET C 176 -43.31 2.23 -0.23
N PHE C 177 -44.27 1.73 -1.01
CA PHE C 177 -45.05 2.55 -1.94
C PHE C 177 -45.10 3.95 -1.37
N LYS C 178 -45.02 4.94 -2.23
CA LYS C 178 -45.06 6.29 -1.76
C LYS C 178 -45.22 7.24 -2.94
N VAL C 179 -46.20 8.13 -2.87
CA VAL C 179 -46.39 9.10 -3.93
C VAL C 179 -45.80 10.39 -3.41
N GLY C 180 -44.81 10.92 -4.13
CA GLY C 180 -44.14 12.14 -3.72
C GLY C 180 -45.04 13.36 -3.63
N PRO C 181 -44.72 14.33 -2.74
CA PRO C 181 -45.53 15.54 -2.59
C PRO C 181 -45.64 16.35 -3.87
N GLU C 182 -46.80 16.95 -4.10
CA GLU C 182 -47.04 17.76 -5.30
C GLU C 182 -45.78 18.52 -5.69
N ALA C 183 -45.01 18.92 -4.68
CA ALA C 183 -43.76 19.61 -4.91
C ALA C 183 -43.06 18.86 -6.02
N ASP C 184 -42.28 17.85 -5.65
CA ASP C 184 -41.56 17.03 -6.63
C ASP C 184 -42.52 16.64 -7.76
N LYS C 185 -43.81 16.69 -7.45
CA LYS C 185 -44.95 16.34 -8.32
C LYS C 185 -45.66 15.17 -7.66
N TYR C 186 -45.99 14.14 -8.43
CA TYR C 186 -46.63 12.97 -7.85
C TYR C 186 -45.90 11.69 -8.20
N ARG C 187 -44.65 11.89 -8.61
CA ARG C 187 -43.72 10.83 -8.97
C ARG C 187 -43.81 9.71 -7.93
N LEU C 188 -44.26 8.54 -8.34
CA LEU C 188 -44.41 7.39 -7.44
C LEU C 188 -43.07 6.70 -7.20
N THR C 189 -42.79 6.40 -5.93
CA THR C 189 -41.51 5.77 -5.59
C THR C 189 -41.59 4.42 -4.88
N TYR C 190 -41.58 3.34 -5.65
CA TYR C 190 -41.59 2.00 -5.06
C TYR C 190 -40.16 1.45 -5.17
N ALA C 191 -39.74 0.65 -4.19
CA ALA C 191 -38.40 0.08 -4.20
C ALA C 191 -38.29 -1.06 -5.19
N TYR C 192 -39.03 -2.13 -4.93
CA TYR C 192 -38.98 -3.29 -5.83
C TYR C 192 -40.34 -3.91 -6.09
N PHE C 193 -40.37 -4.82 -7.04
CA PHE C 193 -41.58 -5.54 -7.39
C PHE C 193 -41.68 -6.69 -6.40
N ALA C 194 -42.90 -7.08 -6.03
CA ALA C 194 -43.02 -8.16 -5.05
C ALA C 194 -44.09 -9.19 -5.34
N GLY C 195 -43.96 -9.85 -6.48
CA GLY C 195 -44.91 -10.90 -6.82
C GLY C 195 -46.04 -10.55 -7.76
N GLY C 196 -47.17 -11.23 -7.55
CA GLY C 196 -48.33 -11.02 -8.40
C GLY C 196 -48.06 -11.42 -9.85
N ASP C 197 -48.92 -12.27 -10.40
CA ASP C 197 -48.76 -12.69 -11.78
C ASP C 197 -49.39 -11.65 -12.69
N ALA C 198 -49.70 -10.49 -12.10
CA ALA C 198 -50.29 -9.38 -12.84
C ALA C 198 -49.33 -8.89 -13.94
N GLY C 199 -48.03 -9.10 -13.71
CA GLY C 199 -47.00 -8.70 -14.64
C GLY C 199 -46.45 -7.32 -14.27
N ASP C 200 -45.14 -7.18 -14.10
CA ASP C 200 -44.59 -5.88 -13.73
C ASP C 200 -44.43 -4.93 -14.91
N ALA C 201 -45.45 -4.10 -15.14
CA ALA C 201 -45.46 -3.13 -16.24
C ALA C 201 -44.98 -1.74 -15.78
N PHE C 202 -44.51 -1.65 -14.55
CA PHE C 202 -43.98 -0.39 -14.04
C PHE C 202 -42.47 -0.45 -14.26
N ASP C 203 -42.00 -1.64 -14.63
CA ASP C 203 -40.59 -1.92 -14.89
C ASP C 203 -40.35 -1.86 -16.40
N GLY C 204 -41.18 -1.10 -17.10
CA GLY C 204 -41.04 -0.99 -18.54
C GLY C 204 -41.43 -2.26 -19.27
N PHE C 205 -41.51 -2.19 -20.61
CA PHE C 205 -41.86 -3.35 -21.44
C PHE C 205 -41.52 -3.07 -22.91
N ASP C 206 -40.71 -3.93 -23.53
CA ASP C 206 -40.32 -3.69 -24.92
C ASP C 206 -41.38 -4.07 -25.95
N PHE C 207 -41.93 -3.07 -26.61
CA PHE C 207 -42.98 -3.25 -27.63
C PHE C 207 -42.46 -3.47 -29.04
N GLY C 208 -41.15 -3.64 -29.18
CA GLY C 208 -40.58 -3.86 -30.51
C GLY C 208 -40.29 -2.61 -31.31
N ASP C 209 -41.30 -1.76 -31.47
CA ASP C 209 -41.19 -0.49 -32.22
C ASP C 209 -39.74 0.05 -32.20
N ASP C 210 -39.10 -0.03 -31.04
CA ASP C 210 -37.74 0.42 -30.82
C ASP C 210 -37.26 -0.14 -29.48
N PRO C 211 -35.99 -0.58 -29.41
CA PRO C 211 -35.41 -1.14 -28.19
C PRO C 211 -35.75 -0.33 -26.94
N SER C 212 -36.10 0.94 -27.15
CA SER C 212 -36.43 1.84 -26.04
C SER C 212 -37.92 1.88 -25.71
N ASP C 213 -38.67 0.99 -26.33
CA ASP C 213 -40.09 0.91 -26.06
C ASP C 213 -40.19 0.56 -24.58
N LYS C 214 -39.21 -0.18 -24.10
CA LYS C 214 -39.19 -0.61 -22.71
C LYS C 214 -38.70 0.47 -21.74
N PHE C 215 -37.74 1.28 -22.14
CA PHE C 215 -37.24 2.31 -21.24
C PHE C 215 -38.16 3.53 -21.21
N PHE C 216 -38.87 3.74 -22.32
CA PHE C 216 -39.80 4.85 -22.44
C PHE C 216 -41.17 4.55 -21.89
N THR C 217 -41.49 3.27 -21.70
CA THR C 217 -42.78 2.89 -21.14
C THR C 217 -42.63 2.27 -19.75
N SER C 218 -41.66 2.77 -18.98
CA SER C 218 -41.42 2.30 -17.62
C SER C 218 -42.05 3.35 -16.75
N HIS C 219 -42.81 2.94 -15.75
CA HIS C 219 -43.50 3.91 -14.90
C HIS C 219 -42.89 4.18 -13.54
N ASN C 220 -42.12 3.25 -13.01
CA ASN C 220 -41.49 3.46 -11.70
C ASN C 220 -40.80 4.82 -11.73
N GLY C 221 -40.99 5.60 -10.68
CA GLY C 221 -40.36 6.90 -10.61
C GLY C 221 -40.59 7.76 -11.84
N MET C 222 -41.86 8.02 -12.12
CA MET C 222 -42.27 8.84 -13.25
C MET C 222 -43.32 9.80 -12.74
N GLN C 223 -42.98 11.08 -12.71
CA GLN C 223 -43.88 12.12 -12.23
C GLN C 223 -45.26 11.98 -12.87
N PHE C 224 -46.27 12.45 -12.15
CA PHE C 224 -47.66 12.37 -12.60
C PHE C 224 -48.03 13.45 -13.60
N SER C 225 -48.49 13.01 -14.77
CA SER C 225 -48.91 13.90 -15.84
C SER C 225 -50.44 13.94 -16.00
N THR C 226 -50.95 15.13 -16.23
CA THR C 226 -52.37 15.34 -16.44
C THR C 226 -52.44 15.76 -17.89
N TRP C 227 -53.64 15.90 -18.45
CA TRP C 227 -53.76 16.30 -19.85
C TRP C 227 -53.17 17.71 -20.03
N ASP C 228 -53.09 18.47 -18.94
CA ASP C 228 -52.54 19.83 -18.97
C ASP C 228 -51.63 20.24 -17.80
N ASN C 229 -50.65 19.38 -17.51
CA ASN C 229 -49.64 19.59 -16.47
C ASN C 229 -48.82 18.31 -16.38
N ASP C 230 -48.01 18.07 -17.40
CA ASP C 230 -47.20 16.85 -17.49
C ASP C 230 -45.70 17.01 -17.24
N ASN C 231 -45.20 16.33 -16.22
CA ASN C 231 -43.79 16.37 -15.89
C ASN C 231 -43.07 15.09 -16.31
N ASP C 232 -43.64 14.43 -17.31
CA ASP C 232 -43.09 13.20 -17.83
C ASP C 232 -41.81 13.44 -18.64
N LYS C 233 -41.25 12.35 -19.16
CA LYS C 233 -40.05 12.40 -19.96
C LYS C 233 -40.49 12.20 -21.40
N PHE C 234 -41.19 13.19 -21.95
CA PHE C 234 -41.68 13.14 -23.31
C PHE C 234 -41.55 14.55 -23.91
N GLU C 235 -41.85 14.66 -25.19
CA GLU C 235 -41.78 15.94 -25.87
C GLU C 235 -43.23 16.41 -26.00
N GLY C 236 -43.97 16.27 -24.90
CA GLY C 236 -45.36 16.67 -24.89
C GLY C 236 -46.09 15.98 -23.77
N ASN C 237 -47.41 15.95 -23.86
CA ASN C 237 -48.21 15.32 -22.81
C ASN C 237 -48.81 14.01 -23.27
N CYS C 238 -48.24 12.89 -22.82
CA CYS C 238 -48.79 11.60 -23.17
C CYS C 238 -50.23 11.59 -22.68
N ALA C 239 -50.40 12.02 -21.43
CA ALA C 239 -51.72 12.06 -20.84
C ALA C 239 -52.73 12.55 -21.89
N GLU C 240 -52.56 13.78 -22.34
CA GLU C 240 -53.47 14.35 -23.33
C GLU C 240 -53.46 13.55 -24.62
N GLN C 241 -52.27 13.28 -25.14
CA GLN C 241 -52.11 12.52 -26.38
C GLN C 241 -53.03 11.31 -26.41
N ASP C 242 -53.32 10.79 -25.21
CA ASP C 242 -54.18 9.63 -25.04
C ASP C 242 -55.41 10.05 -24.25
N GLY C 243 -55.39 11.28 -23.76
CA GLY C 243 -56.49 11.78 -22.98
C GLY C 243 -56.59 10.99 -21.69
N SER C 244 -56.00 11.52 -20.62
CA SER C 244 -56.02 10.86 -19.32
C SER C 244 -55.13 11.57 -18.31
N GLY C 245 -54.85 10.87 -17.21
CA GLY C 245 -53.99 11.42 -16.18
C GLY C 245 -53.33 10.29 -15.41
N TRP C 246 -52.36 9.62 -16.05
CA TRP C 246 -51.62 8.51 -15.46
C TRP C 246 -50.25 9.02 -15.05
N TRP C 247 -49.30 8.12 -14.84
CA TRP C 247 -47.93 8.50 -14.49
C TRP C 247 -47.10 8.32 -15.75
N MET C 248 -47.37 9.14 -16.75
CA MET C 248 -46.69 9.07 -18.05
C MET C 248 -45.18 9.18 -18.10
N ASN C 249 -44.66 8.66 -19.21
CA ASN C 249 -43.24 8.62 -19.55
C ASN C 249 -43.35 8.97 -21.03
N LYS C 250 -42.77 8.16 -21.90
CA LYS C 250 -42.86 8.41 -23.33
C LYS C 250 -43.38 7.14 -24.04
N CYS C 251 -44.59 6.63 -23.81
CA CYS C 251 -45.67 7.09 -22.95
C CYS C 251 -45.98 6.11 -21.82
N HIS C 252 -46.58 4.97 -22.16
CA HIS C 252 -46.96 3.99 -21.15
C HIS C 252 -47.11 2.54 -21.56
N ALA C 253 -47.56 1.78 -20.57
CA ALA C 253 -47.83 0.35 -20.64
C ALA C 253 -48.34 0.07 -19.23
N GLY C 254 -49.66 0.04 -19.08
CA GLY C 254 -50.25 -0.19 -17.78
C GLY C 254 -51.09 1.03 -17.47
N HIS C 255 -51.99 1.35 -18.40
CA HIS C 255 -52.87 2.51 -18.30
C HIS C 255 -54.19 2.22 -17.59
N LEU C 256 -54.26 2.57 -16.30
CA LEU C 256 -55.47 2.34 -15.51
C LEU C 256 -56.43 3.53 -15.45
N ASN C 257 -55.89 4.71 -15.13
CA ASN C 257 -56.72 5.91 -15.08
C ASN C 257 -57.20 6.19 -16.50
N GLY C 258 -56.85 5.30 -17.44
CA GLY C 258 -57.21 5.47 -18.84
C GLY C 258 -58.62 5.26 -19.35
N VAL C 259 -58.74 5.20 -20.68
CA VAL C 259 -60.02 5.03 -21.36
C VAL C 259 -60.71 3.72 -20.98
N TYR C 260 -61.78 3.81 -20.20
CA TYR C 260 -62.53 2.62 -19.80
C TYR C 260 -63.28 2.14 -21.05
N TYR C 261 -63.09 0.88 -21.41
CA TYR C 261 -63.74 0.31 -22.60
C TYR C 261 -64.77 -0.78 -22.33
N GLN C 262 -65.91 -0.66 -23.02
CA GLN C 262 -66.99 -1.65 -22.91
C GLN C 262 -66.57 -2.90 -23.68
N GLY C 263 -66.11 -3.91 -22.95
CA GLY C 263 -65.67 -5.14 -23.58
C GLY C 263 -64.19 -5.31 -23.42
N GLY C 264 -63.45 -4.21 -23.54
CA GLY C 264 -62.00 -4.25 -23.40
C GLY C 264 -61.19 -4.05 -24.67
N THR C 265 -60.94 -5.16 -25.38
CA THR C 265 -60.17 -5.12 -26.61
C THR C 265 -60.66 -4.05 -27.58
N TYR C 266 -59.85 -3.02 -27.79
CA TYR C 266 -60.23 -1.95 -28.71
C TYR C 266 -59.29 -1.88 -29.91
N SER C 267 -59.52 -0.88 -30.77
CA SER C 267 -58.71 -0.73 -31.98
C SER C 267 -58.10 0.66 -32.22
N LYS C 268 -57.23 0.71 -33.23
CA LYS C 268 -56.54 1.93 -33.64
C LYS C 268 -57.52 2.84 -34.39
N ALA C 269 -58.81 2.61 -34.16
CA ALA C 269 -59.88 3.40 -34.77
C ALA C 269 -60.49 4.35 -33.74
N SER C 270 -60.75 3.81 -32.55
CA SER C 270 -61.31 4.63 -31.48
C SER C 270 -60.20 5.51 -30.93
N THR C 271 -58.96 5.03 -31.05
CA THR C 271 -57.80 5.78 -30.58
C THR C 271 -57.90 7.21 -31.10
N PRO C 272 -58.29 8.14 -30.21
CA PRO C 272 -58.43 9.55 -30.54
C PRO C 272 -57.38 10.02 -31.52
N ASN C 273 -56.15 10.07 -31.03
CA ASN C 273 -55.04 10.51 -31.84
C ASN C 273 -54.35 9.36 -32.57
N GLY C 274 -54.67 8.13 -32.19
CA GLY C 274 -54.08 6.99 -32.86
C GLY C 274 -53.41 5.91 -32.03
N TYR C 275 -52.56 6.33 -31.09
CA TYR C 275 -51.83 5.40 -30.24
C TYR C 275 -52.75 4.73 -29.21
N ASP C 276 -52.16 3.95 -28.31
CA ASP C 276 -52.91 3.24 -27.27
C ASP C 276 -53.21 4.16 -26.08
N ASN C 277 -54.40 4.02 -25.50
CA ASN C 277 -54.79 4.87 -24.38
C ASN C 277 -55.78 4.17 -23.45
N GLY C 278 -56.17 2.96 -23.80
CA GLY C 278 -57.10 2.21 -22.99
C GLY C 278 -56.57 1.74 -21.64
N ILE C 279 -57.21 0.68 -21.12
CA ILE C 279 -56.83 0.08 -19.83
C ILE C 279 -55.89 -1.09 -20.10
N ILE C 280 -54.62 -0.77 -20.29
CA ILE C 280 -53.57 -1.74 -20.58
C ILE C 280 -52.66 -2.12 -19.43
N TRP C 281 -51.83 -3.13 -19.69
CA TRP C 281 -50.86 -3.64 -18.75
C TRP C 281 -50.06 -4.70 -19.50
N ALA C 282 -49.16 -4.23 -20.38
CA ALA C 282 -48.31 -5.07 -21.22
C ALA C 282 -47.77 -6.34 -20.58
N THR C 283 -47.69 -6.35 -19.27
CA THR C 283 -47.20 -7.50 -18.54
C THR C 283 -48.35 -8.37 -18.05
N TRP C 284 -49.34 -8.57 -18.92
CA TRP C 284 -50.51 -9.39 -18.63
C TRP C 284 -51.38 -9.44 -19.89
N LYS C 285 -51.70 -8.25 -20.40
CA LYS C 285 -52.49 -8.08 -21.62
C LYS C 285 -51.74 -7.07 -22.46
N THR C 286 -52.09 -6.94 -23.74
CA THR C 286 -51.41 -6.00 -24.61
C THR C 286 -51.92 -4.57 -24.44
N ARG C 287 -51.49 -3.70 -25.37
CA ARG C 287 -51.87 -2.29 -25.32
C ARG C 287 -53.26 -2.04 -25.88
N TRP C 288 -53.81 -3.00 -26.59
CA TRP C 288 -55.15 -2.87 -27.18
C TRP C 288 -56.28 -3.36 -26.27
N TYR C 289 -55.99 -4.40 -25.50
CA TYR C 289 -56.98 -4.97 -24.59
C TYR C 289 -57.08 -4.15 -23.29
N SER C 290 -58.26 -3.56 -23.06
CA SER C 290 -58.51 -2.77 -21.86
C SER C 290 -59.16 -3.67 -20.83
N MET C 291 -59.06 -3.33 -19.55
CA MET C 291 -59.66 -4.17 -18.51
C MET C 291 -61.07 -3.73 -18.13
N LYS C 292 -61.66 -4.44 -17.17
CA LYS C 292 -63.00 -4.13 -16.65
C LYS C 292 -62.80 -3.70 -15.20
N LYS C 293 -62.51 -4.68 -14.35
CA LYS C 293 -62.27 -4.43 -12.93
C LYS C 293 -60.85 -3.89 -12.92
N THR C 294 -60.55 -3.00 -11.98
CA THR C 294 -59.20 -2.44 -11.94
C THR C 294 -58.94 -1.57 -10.73
N THR C 295 -58.86 -2.19 -9.56
CA THR C 295 -58.59 -1.39 -8.38
C THR C 295 -57.09 -1.16 -8.26
N MET C 296 -56.70 -0.63 -7.11
CA MET C 296 -55.31 -0.30 -6.77
C MET C 296 -55.45 0.09 -5.31
N LYS C 297 -54.71 -0.54 -4.41
CA LYS C 297 -54.86 -0.17 -3.00
C LYS C 297 -53.61 -0.25 -2.14
N ILE C 298 -53.43 0.72 -1.25
CA ILE C 298 -52.26 0.72 -0.39
C ILE C 298 -52.57 -0.09 0.85
N ILE C 299 -51.61 -0.12 1.77
CA ILE C 299 -51.71 -0.87 3.04
C ILE C 299 -50.31 -0.95 3.63
N PRO C 300 -50.20 -1.09 4.96
CA PRO C 300 -48.86 -1.18 5.53
C PRO C 300 -48.21 -2.48 5.03
N PHE C 301 -46.89 -2.43 4.84
CA PHE C 301 -46.10 -3.55 4.32
C PHE C 301 -45.84 -4.65 5.36
N ASN C 302 -45.51 -4.25 6.59
CA ASN C 302 -45.21 -5.19 7.66
C ASN C 302 -46.44 -6.03 7.98
N ARG C 303 -47.24 -6.30 6.96
CA ARG C 303 -48.43 -7.10 7.15
C ARG C 303 -48.70 -7.87 5.86
N LEU C 304 -47.75 -7.80 4.93
CA LEU C 304 -47.84 -8.51 3.65
C LEU C 304 -47.85 -10.02 3.91
N THR C 305 -46.79 -10.51 4.55
CA THR C 305 -46.68 -11.92 4.93
C THR C 305 -46.56 -11.90 6.45
N ILE C 306 -47.69 -11.61 7.09
CA ILE C 306 -47.77 -11.48 8.55
C ILE C 306 -47.93 -12.80 9.31
N GLY C 307 -48.68 -13.74 8.75
CA GLY C 307 -48.90 -15.01 9.42
C GLY C 307 -49.71 -14.80 10.68
N GLU C 308 -49.35 -13.75 11.44
CA GLU C 308 -50.02 -13.39 12.69
C GLU C 308 -51.04 -12.27 12.55
N LEU D 12 62.29 -53.47 35.43
CA LEU D 12 62.02 -52.07 34.99
C LEU D 12 61.36 -52.05 33.63
N LYS D 13 62.04 -52.59 32.62
CA LYS D 13 61.50 -52.67 31.26
C LYS D 13 60.25 -53.52 31.39
N ARG D 14 60.42 -54.65 32.08
CA ARG D 14 59.36 -55.59 32.36
C ARG D 14 58.20 -54.90 33.12
N LYS D 15 58.24 -53.56 33.18
CA LYS D 15 57.22 -52.79 33.89
C LYS D 15 56.54 -51.68 33.10
N VAL D 16 57.32 -50.90 32.34
CA VAL D 16 56.69 -49.83 31.56
C VAL D 16 55.64 -50.49 30.70
N ILE D 17 55.93 -51.72 30.29
CA ILE D 17 55.00 -52.51 29.47
C ILE D 17 53.60 -52.04 29.79
N GLU D 18 53.28 -51.93 31.08
CA GLU D 18 51.98 -51.46 31.49
C GLU D 18 51.83 -50.00 31.09
N LYS D 19 52.65 -49.14 31.69
CA LYS D 19 52.61 -47.72 31.37
C LYS D 19 52.33 -47.51 29.88
N VAL D 20 53.10 -48.20 29.05
CA VAL D 20 52.93 -48.12 27.60
C VAL D 20 51.48 -48.39 27.22
N GLN D 21 51.02 -49.58 27.57
CA GLN D 21 49.68 -50.04 27.27
C GLN D 21 48.57 -49.22 27.91
N HIS D 22 48.65 -49.02 29.23
CA HIS D 22 47.64 -48.24 29.93
C HIS D 22 47.45 -46.93 29.17
N ILE D 23 48.52 -46.55 28.50
CA ILE D 23 48.53 -45.37 27.66
C ILE D 23 47.95 -45.79 26.31
N GLN D 24 48.43 -46.91 25.76
CA GLN D 24 47.93 -47.38 24.47
C GLN D 24 46.41 -47.54 24.54
N LEU D 25 45.89 -47.63 25.76
CA LEU D 25 44.47 -47.79 26.02
C LEU D 25 43.73 -46.44 26.13
N LEU D 26 44.46 -45.41 26.52
CA LEU D 26 43.90 -44.08 26.65
C LEU D 26 43.72 -43.47 25.27
N GLN D 27 44.78 -43.47 24.50
CA GLN D 27 44.74 -42.93 23.16
C GLN D 27 43.67 -43.63 22.32
N LYS D 28 43.17 -44.76 22.82
CA LYS D 28 42.15 -45.49 22.10
C LYS D 28 40.77 -45.10 22.66
N ASN D 29 40.74 -44.84 23.96
CA ASN D 29 39.53 -44.43 24.66
C ASN D 29 39.25 -42.94 24.48
N VAL D 30 40.28 -42.20 24.04
CA VAL D 30 40.16 -40.78 23.78
C VAL D 30 39.48 -40.59 22.45
N ARG D 31 39.97 -41.29 21.43
CA ARG D 31 39.43 -41.25 20.07
C ARG D 31 37.93 -41.36 20.13
N ALA D 32 37.45 -42.34 20.87
CA ALA D 32 36.02 -42.48 21.03
C ALA D 32 35.47 -41.10 21.36
N GLN D 33 35.88 -40.56 22.51
CA GLN D 33 35.45 -39.26 23.00
C GLN D 33 35.43 -38.10 22.00
N LEU D 34 36.41 -38.02 21.09
CA LEU D 34 36.35 -36.95 20.09
C LEU D 34 35.14 -37.26 19.23
N VAL D 35 35.12 -38.49 18.72
CA VAL D 35 34.04 -39.01 17.89
C VAL D 35 32.71 -38.80 18.58
N ASP D 36 32.65 -39.24 19.83
CA ASP D 36 31.46 -39.08 20.63
C ASP D 36 31.09 -37.60 20.77
N MET D 37 32.11 -36.77 20.95
CA MET D 37 31.95 -35.33 21.07
C MET D 37 31.41 -34.68 19.81
N LYS D 38 32.14 -34.84 18.70
CA LYS D 38 31.72 -34.28 17.42
C LYS D 38 30.22 -34.53 17.21
N ARG D 39 29.78 -35.76 17.42
CA ARG D 39 28.38 -36.04 17.23
C ARG D 39 27.62 -35.18 18.22
N LEU D 40 27.86 -35.39 19.50
CA LEU D 40 27.19 -34.61 20.54
C LEU D 40 27.18 -33.14 20.17
N GLU D 41 28.32 -32.67 19.67
CA GLU D 41 28.46 -31.31 19.22
C GLU D 41 27.31 -31.00 18.30
N VAL D 42 27.40 -31.48 17.05
CA VAL D 42 26.35 -31.23 16.06
C VAL D 42 24.95 -31.55 16.53
N ASP D 43 24.80 -32.62 17.31
CA ASP D 43 23.50 -33.01 17.78
C ASP D 43 22.89 -31.79 18.43
N ILE D 44 23.59 -31.21 19.40
CA ILE D 44 23.11 -30.02 20.11
C ILE D 44 22.86 -28.81 19.19
N ASP D 45 23.73 -28.58 18.21
CA ASP D 45 23.51 -27.48 17.31
C ASP D 45 22.11 -27.67 16.75
N ILE D 46 21.91 -28.81 16.08
CA ILE D 46 20.63 -29.19 15.49
C ILE D 46 19.43 -29.01 16.42
N LYS D 47 19.54 -29.52 17.66
CA LYS D 47 18.45 -29.43 18.63
C LYS D 47 18.19 -27.99 19.07
N ILE D 48 19.22 -27.26 19.43
CA ILE D 48 19.05 -25.87 19.83
C ILE D 48 18.33 -25.10 18.73
N ARG D 49 18.85 -25.20 17.51
CA ARG D 49 18.24 -24.48 16.42
C ARG D 49 16.81 -24.86 16.17
N SER D 50 16.34 -25.95 16.77
CA SER D 50 14.97 -26.41 16.53
C SER D 50 14.02 -25.84 17.55
N CYS D 51 14.52 -24.89 18.32
CA CYS D 51 13.70 -24.26 19.30
C CYS D 51 13.45 -22.83 18.82
N ARG D 52 14.25 -22.45 17.82
CA ARG D 52 14.18 -21.14 17.21
C ARG D 52 12.83 -20.97 16.55
N GLY D 53 11.84 -21.70 17.06
CA GLY D 53 10.50 -21.61 16.51
C GLY D 53 9.49 -22.07 17.53
N SER D 54 9.91 -22.08 18.79
CA SER D 54 9.09 -22.52 19.90
C SER D 54 9.55 -21.70 21.09
N CYS D 55 10.82 -21.91 21.47
CA CYS D 55 11.43 -21.18 22.55
C CYS D 55 11.23 -19.70 22.14
N SER D 56 11.36 -18.78 23.10
CA SER D 56 11.18 -17.35 22.86
C SER D 56 12.21 -16.69 21.95
N ARG D 57 13.44 -17.12 22.07
CA ARG D 57 14.50 -16.57 21.25
C ARG D 57 15.71 -17.47 21.41
N ALA D 58 15.93 -18.32 20.42
CA ALA D 58 17.05 -19.25 20.44
C ALA D 58 18.39 -18.53 20.41
N LEU D 59 19.41 -19.25 20.84
CA LEU D 59 20.77 -18.76 20.90
C LEU D 59 21.39 -18.92 19.53
N ALA D 60 22.34 -18.05 19.20
CA ALA D 60 23.03 -18.14 17.93
C ALA D 60 24.34 -18.79 18.31
N ARG D 61 25.01 -19.38 17.32
CA ARG D 61 26.29 -20.00 17.56
C ARG D 61 26.94 -20.51 16.31
N GLU D 62 28.14 -21.01 16.48
CA GLU D 62 28.89 -21.57 15.38
C GLU D 62 29.45 -22.85 15.97
N VAL D 63 29.96 -23.73 15.13
CA VAL D 63 30.55 -24.93 15.66
C VAL D 63 31.87 -25.05 14.94
N ASP D 64 32.96 -25.12 15.71
CA ASP D 64 34.28 -25.22 15.11
C ASP D 64 34.52 -26.70 14.80
N LEU D 65 33.79 -27.16 13.81
CA LEU D 65 33.85 -28.54 13.35
C LEU D 65 35.29 -28.90 13.01
N LYS D 66 35.99 -28.00 12.34
CA LYS D 66 37.37 -28.27 11.95
C LYS D 66 38.23 -28.67 13.12
N ASP D 67 38.32 -27.82 14.13
CA ASP D 67 39.14 -28.11 15.30
C ASP D 67 39.00 -29.53 15.82
N TYR D 68 37.84 -30.14 15.62
CA TYR D 68 37.65 -31.52 16.04
C TYR D 68 38.50 -32.42 15.13
N GLU D 69 38.41 -32.20 13.84
CA GLU D 69 39.19 -32.98 12.91
C GLU D 69 40.65 -32.83 13.34
N ASP D 70 41.16 -31.59 13.29
CA ASP D 70 42.53 -31.30 13.68
C ASP D 70 43.05 -32.14 14.83
N GLN D 71 42.33 -32.15 15.94
CA GLN D 71 42.75 -32.92 17.10
C GLN D 71 42.75 -34.42 16.78
N GLN D 72 41.76 -34.89 16.03
CA GLN D 72 41.67 -36.30 15.67
C GLN D 72 42.83 -36.72 14.79
N LYS D 73 43.12 -35.92 13.77
CA LYS D 73 44.23 -36.19 12.89
C LYS D 73 45.46 -36.21 13.81
N GLN D 74 45.49 -35.23 14.70
CA GLN D 74 46.58 -35.06 15.66
C GLN D 74 46.81 -36.30 16.52
N LEU D 75 45.80 -36.71 17.26
CA LEU D 75 45.89 -37.89 18.11
C LEU D 75 46.12 -39.16 17.30
N GLU D 76 46.01 -39.06 15.98
CA GLU D 76 46.23 -40.25 15.14
C GLU D 76 47.70 -40.51 14.85
N GLN D 77 48.56 -39.53 15.09
CA GLN D 77 49.98 -39.75 14.84
C GLN D 77 50.58 -40.61 15.93
N VAL D 78 50.48 -40.16 17.17
CA VAL D 78 51.03 -40.90 18.29
C VAL D 78 50.46 -42.33 18.42
N ILE D 79 49.26 -42.54 17.92
CA ILE D 79 48.65 -43.86 17.98
C ILE D 79 49.47 -44.79 17.10
N ALA D 80 50.08 -44.21 16.07
CA ALA D 80 50.90 -44.96 15.12
C ALA D 80 52.36 -45.03 15.54
N LYS D 81 52.60 -45.12 16.84
CA LYS D 81 53.95 -45.21 17.37
C LYS D 81 53.96 -46.38 18.34
N ASP D 82 55.00 -46.48 19.16
CA ASP D 82 55.07 -47.56 20.14
C ASP D 82 56.34 -47.56 20.97
N ASP E 21 63.26 -48.67 27.22
CA ASP E 21 64.41 -48.11 26.46
C ASP E 21 64.43 -46.61 26.75
N GLU E 22 64.87 -45.80 25.79
CA GLU E 22 64.87 -44.35 26.00
C GLU E 22 63.45 -43.90 26.35
N THR E 23 62.49 -44.38 25.55
CA THR E 23 61.07 -44.10 25.71
C THR E 23 60.79 -43.10 26.83
N VAL E 24 60.58 -43.62 28.03
CA VAL E 24 60.32 -42.84 29.24
C VAL E 24 61.01 -41.48 29.19
N ASN E 25 62.34 -41.50 29.33
CA ASN E 25 63.16 -40.30 29.33
C ASN E 25 62.67 -39.29 28.32
N SER E 26 62.21 -39.79 27.17
CA SER E 26 61.71 -38.94 26.09
C SER E 26 61.15 -39.72 24.90
N ASN E 27 59.81 -39.73 24.80
CA ASN E 27 59.06 -40.40 23.76
C ASN E 27 57.63 -40.43 24.23
N ILE E 28 57.37 -41.15 25.32
CA ILE E 28 56.01 -41.21 25.85
C ILE E 28 55.53 -39.79 26.09
N PRO E 29 56.31 -38.99 26.84
CA PRO E 29 55.90 -37.60 27.11
C PRO E 29 55.25 -36.99 25.87
N THR E 30 55.98 -37.01 24.77
CA THR E 30 55.45 -36.49 23.51
C THR E 30 54.61 -37.58 22.85
N ASN E 31 53.52 -37.94 23.53
CA ASN E 31 52.55 -38.94 23.10
C ASN E 31 51.63 -38.96 24.29
N LEU E 32 52.03 -38.14 25.27
CA LEU E 32 51.32 -37.98 26.52
C LEU E 32 51.11 -36.48 26.63
N ARG E 33 51.57 -35.78 25.61
CA ARG E 33 51.43 -34.34 25.58
C ARG E 33 50.08 -34.12 24.92
N VAL E 34 49.84 -34.79 23.80
CA VAL E 34 48.58 -34.63 23.13
C VAL E 34 47.46 -35.13 24.02
N LEU E 35 47.61 -36.33 24.57
CA LEU E 35 46.55 -36.83 25.42
C LEU E 35 46.18 -35.72 26.35
N ARG E 36 47.20 -35.05 26.87
CA ARG E 36 47.04 -33.92 27.80
C ARG E 36 46.12 -32.87 27.17
N SER E 37 46.52 -32.35 26.02
CA SER E 37 45.76 -31.34 25.30
C SER E 37 44.34 -31.80 24.94
N ILE E 38 44.25 -32.60 23.88
CA ILE E 38 42.97 -33.13 23.42
C ILE E 38 41.96 -33.26 24.56
N LEU E 39 42.37 -33.91 25.65
CA LEU E 39 41.49 -34.12 26.80
C LEU E 39 41.12 -32.85 27.55
N GLU E 40 41.98 -31.84 27.47
CA GLU E 40 41.70 -30.58 28.14
C GLU E 40 40.86 -29.75 27.17
N ASN E 41 40.92 -30.11 25.90
CA ASN E 41 40.16 -29.38 24.90
C ASN E 41 38.71 -29.89 24.97
N LEU E 42 38.56 -31.21 24.90
CA LEU E 42 37.27 -31.83 24.97
C LEU E 42 36.48 -31.41 26.19
N ARG E 43 37.17 -31.12 27.29
CA ARG E 43 36.48 -30.70 28.51
C ARG E 43 35.96 -29.29 28.32
N SER E 44 36.81 -28.45 27.74
CA SER E 44 36.47 -27.07 27.49
C SER E 44 35.66 -26.96 26.20
N LYS E 45 34.95 -28.03 25.90
CA LYS E 45 34.08 -28.11 24.74
C LYS E 45 32.78 -28.43 25.40
N ILE E 46 32.87 -29.31 26.40
CA ILE E 46 31.72 -29.77 27.15
C ILE E 46 31.16 -28.64 28.01
N GLN E 47 32.06 -27.92 28.66
CA GLN E 47 31.64 -26.80 29.49
C GLN E 47 30.86 -25.83 28.63
N LYS E 48 31.31 -25.61 27.39
CA LYS E 48 30.58 -24.71 26.52
C LYS E 48 29.28 -25.35 26.10
N LEU E 49 29.30 -26.62 25.73
CA LEU E 49 28.05 -27.26 25.35
C LEU E 49 27.07 -27.24 26.52
N GLU E 50 27.51 -27.63 27.72
CA GLU E 50 26.61 -27.65 28.88
C GLU E 50 26.00 -26.26 29.03
N SER E 51 26.79 -25.25 28.65
CA SER E 51 26.40 -23.85 28.71
C SER E 51 25.32 -23.47 27.70
N ASP E 52 25.67 -23.51 26.42
CA ASP E 52 24.70 -23.18 25.37
C ASP E 52 23.41 -23.94 25.59
N VAL E 53 23.50 -25.16 26.09
CA VAL E 53 22.30 -25.93 26.30
C VAL E 53 21.51 -25.44 27.49
N SER E 54 22.20 -24.92 28.48
CA SER E 54 21.52 -24.41 29.66
C SER E 54 20.98 -23.04 29.28
N ALA E 55 21.70 -22.40 28.37
CA ALA E 55 21.31 -21.09 27.90
C ALA E 55 19.97 -21.22 27.22
N GLN E 56 19.92 -22.06 26.19
CA GLN E 56 18.74 -22.28 25.42
C GLN E 56 17.55 -22.69 26.25
N MET E 57 17.82 -23.43 27.32
CA MET E 57 16.75 -23.87 28.20
C MET E 57 15.92 -22.67 28.66
N GLU E 58 16.57 -21.70 29.30
CA GLU E 58 15.89 -20.51 29.80
C GLU E 58 15.11 -19.82 28.67
N TYR E 59 15.75 -19.63 27.54
CA TYR E 59 15.10 -18.98 26.41
C TYR E 59 13.75 -19.61 26.05
N CYS E 60 13.39 -20.71 26.69
CA CYS E 60 12.13 -21.39 26.36
C CYS E 60 11.01 -21.27 27.39
N ARG E 61 11.18 -20.36 28.35
CA ARG E 61 10.15 -20.14 29.36
C ARG E 61 8.96 -19.64 28.57
N THR E 62 9.08 -18.41 28.08
CA THR E 62 8.03 -17.85 27.28
C THR E 62 8.22 -18.41 25.88
N PRO E 63 7.14 -18.64 25.14
CA PRO E 63 7.37 -19.17 23.81
C PRO E 63 7.38 -18.04 22.80
N CYS E 64 7.44 -18.39 21.52
CA CYS E 64 7.43 -17.40 20.47
C CYS E 64 5.99 -17.18 20.09
N THR E 65 5.66 -16.06 19.48
CA THR E 65 4.27 -15.83 19.15
C THR E 65 4.03 -15.44 17.72
N VAL E 66 2.76 -15.20 17.42
CA VAL E 66 2.35 -14.81 16.09
C VAL E 66 0.96 -14.20 16.14
N SER E 67 0.70 -13.33 15.18
CA SER E 67 -0.57 -12.67 15.06
C SER E 67 -1.02 -12.89 13.64
N CYS E 68 -1.60 -14.06 13.40
CA CYS E 68 -2.06 -14.43 12.08
C CYS E 68 -3.56 -14.24 11.91
N ASN E 69 -3.94 -12.99 11.67
CA ASN E 69 -5.33 -12.62 11.46
C ASN E 69 -5.91 -13.52 10.36
N ILE E 70 -7.10 -14.06 10.58
CA ILE E 70 -7.68 -14.95 9.61
C ILE E 70 -8.30 -14.31 8.39
N PRO E 71 -7.80 -14.70 7.21
CA PRO E 71 -8.27 -14.20 5.92
C PRO E 71 -9.67 -14.73 5.70
N VAL E 72 -10.67 -13.84 5.77
CA VAL E 72 -12.07 -14.23 5.55
C VAL E 72 -12.20 -15.42 4.62
N VAL E 73 -12.50 -15.15 3.36
CA VAL E 73 -12.64 -16.18 2.34
C VAL E 73 -12.05 -17.54 2.71
N SER E 74 -12.92 -18.51 2.91
CA SER E 74 -12.49 -19.84 3.28
C SER E 74 -13.00 -20.84 2.23
N GLY E 75 -12.71 -22.11 2.42
CA GLY E 75 -13.16 -23.10 1.45
C GLY E 75 -12.62 -24.50 1.74
N LYS E 76 -12.97 -25.46 0.89
CA LYS E 76 -12.52 -26.81 1.12
C LYS E 76 -11.01 -26.92 1.18
N GLU E 77 -10.32 -26.59 0.09
CA GLU E 77 -8.87 -26.64 0.09
C GLU E 77 -8.36 -25.36 -0.55
N CYS E 78 -7.06 -25.14 -0.46
CA CYS E 78 -6.47 -23.95 -1.03
C CYS E 78 -6.92 -23.79 -2.46
N GLU E 79 -7.10 -24.89 -3.17
CA GLU E 79 -7.56 -24.81 -4.56
C GLU E 79 -8.92 -24.11 -4.59
N GLU E 80 -9.93 -24.75 -4.00
CA GLU E 80 -11.27 -24.17 -3.97
C GLU E 80 -11.17 -22.72 -3.52
N ILE E 81 -10.26 -22.41 -2.62
CA ILE E 81 -10.15 -21.04 -2.19
C ILE E 81 -9.59 -20.19 -3.32
N ILE E 82 -8.55 -20.67 -3.99
CA ILE E 82 -7.97 -19.90 -5.07
C ILE E 82 -9.05 -19.51 -6.10
N ARG E 83 -9.91 -20.46 -6.46
CA ARG E 83 -10.99 -20.20 -7.41
C ARG E 83 -12.11 -19.36 -6.79
N LYS E 84 -12.04 -19.07 -5.50
CA LYS E 84 -13.07 -18.26 -4.86
C LYS E 84 -12.52 -16.86 -4.63
N GLY E 85 -11.48 -16.50 -5.36
CA GLY E 85 -10.91 -15.18 -5.22
C GLY E 85 -9.66 -15.17 -4.38
N GLY E 86 -9.23 -16.37 -3.99
CA GLY E 86 -8.04 -16.55 -3.18
C GLY E 86 -6.85 -16.54 -4.10
N GLU E 87 -6.34 -15.34 -4.38
CA GLU E 87 -5.22 -15.16 -5.29
C GLU E 87 -3.87 -14.96 -4.62
N THR E 88 -3.90 -14.60 -3.33
CA THR E 88 -2.66 -14.39 -2.59
C THR E 88 -2.22 -15.55 -1.67
N SER E 89 -0.90 -15.75 -1.56
CA SER E 89 -0.33 -16.81 -0.71
C SER E 89 -0.10 -16.31 0.72
N GLU E 90 -0.54 -17.12 1.67
CA GLU E 90 -0.40 -16.83 3.09
C GLU E 90 -1.27 -17.85 3.78
N MET E 91 -1.47 -17.68 5.08
CA MET E 91 -2.28 -18.62 5.85
C MET E 91 -3.77 -18.34 5.82
N TYR E 92 -4.51 -19.23 5.18
CA TYR E 92 -5.95 -19.13 5.10
C TYR E 92 -6.54 -19.93 6.25
N LEU E 93 -7.71 -20.53 5.99
CA LEU E 93 -8.42 -21.34 6.97
C LEU E 93 -9.35 -22.16 6.09
N ILE E 94 -9.09 -23.46 5.98
CA ILE E 94 -9.93 -24.32 5.14
C ILE E 94 -10.80 -25.23 5.96
N GLN E 95 -11.64 -26.01 5.29
CA GLN E 95 -12.56 -26.92 5.96
C GLN E 95 -13.20 -27.90 4.99
N PRO E 96 -12.50 -29.00 4.68
CA PRO E 96 -13.09 -29.97 3.75
C PRO E 96 -14.39 -30.53 4.31
N ASP E 97 -14.38 -31.81 4.67
CA ASP E 97 -15.56 -32.47 5.26
C ASP E 97 -16.04 -31.57 6.41
N SER E 98 -17.27 -31.08 6.34
CA SER E 98 -17.83 -30.20 7.38
C SER E 98 -18.10 -30.93 8.70
N SER E 99 -17.74 -32.22 8.70
CA SER E 99 -17.90 -33.03 9.88
C SER E 99 -16.57 -32.93 10.61
N VAL E 100 -16.19 -31.69 10.93
CA VAL E 100 -14.94 -31.37 11.63
C VAL E 100 -14.54 -29.90 11.55
N LYS E 101 -14.56 -29.21 12.68
CA LYS E 101 -14.20 -27.79 12.79
C LYS E 101 -12.92 -27.44 12.03
N PRO E 102 -12.91 -26.29 11.33
CA PRO E 102 -11.80 -25.77 10.53
C PRO E 102 -10.38 -25.87 11.13
N TYR E 103 -9.40 -25.46 10.32
CA TYR E 103 -8.01 -25.45 10.73
C TYR E 103 -7.14 -24.64 9.80
N ARG E 104 -6.15 -24.01 10.39
CA ARG E 104 -5.23 -23.17 9.66
C ARG E 104 -4.23 -23.99 8.80
N VAL E 105 -3.85 -23.42 7.67
CA VAL E 105 -2.91 -24.09 6.77
C VAL E 105 -2.30 -23.04 5.84
N TYR E 106 -1.20 -23.39 5.21
CA TYR E 106 -0.55 -22.46 4.29
C TYR E 106 -0.93 -22.72 2.84
N CYS E 107 -1.33 -21.66 2.16
CA CYS E 107 -1.73 -21.77 0.75
C CYS E 107 -0.69 -21.15 -0.18
N ASP E 108 -0.38 -21.85 -1.26
CA ASP E 108 0.57 -21.29 -2.22
C ASP E 108 -0.18 -21.02 -3.50
N MET E 109 -0.58 -19.76 -3.68
CA MET E 109 -1.35 -19.37 -4.83
C MET E 109 -0.51 -18.84 -5.98
N ASN E 110 0.74 -19.29 -6.09
CA ASN E 110 1.61 -18.86 -7.18
C ASN E 110 2.22 -20.04 -7.93
N THR E 111 3.10 -20.75 -7.24
CA THR E 111 3.75 -21.90 -7.82
C THR E 111 2.78 -22.67 -8.71
N GLU E 112 3.25 -22.95 -9.93
CA GLU E 112 2.48 -23.64 -10.95
C GLU E 112 0.96 -23.45 -10.87
N ASN E 113 0.54 -22.18 -10.93
CA ASN E 113 -0.86 -21.79 -10.90
C ASN E 113 -1.54 -21.73 -9.53
N GLY E 114 -0.73 -21.68 -8.49
CA GLY E 114 -1.27 -21.59 -7.15
C GLY E 114 -2.40 -22.53 -6.77
N GLY E 115 -3.00 -22.24 -5.63
CA GLY E 115 -4.09 -23.07 -5.15
C GLY E 115 -3.52 -24.37 -4.62
N TRP E 116 -2.35 -24.30 -3.98
CA TRP E 116 -1.70 -25.47 -3.39
C TRP E 116 -1.79 -25.34 -1.87
N THR E 117 -2.18 -26.42 -1.20
CA THR E 117 -2.28 -26.43 0.26
C THR E 117 -0.96 -26.99 0.73
N VAL E 118 -0.21 -26.24 1.54
CA VAL E 118 1.07 -26.78 1.98
C VAL E 118 0.99 -27.76 3.12
N ILE E 119 1.55 -28.94 2.86
CA ILE E 119 1.55 -30.06 3.78
C ILE E 119 2.74 -30.05 4.73
N GLN E 120 3.94 -30.02 4.17
CA GLN E 120 5.16 -30.00 4.95
C GLN E 120 6.04 -28.87 4.46
N ASN E 121 6.87 -28.32 5.35
CA ASN E 121 7.76 -27.23 4.99
C ASN E 121 8.97 -27.13 5.88
N ARG E 122 10.14 -27.03 5.24
CA ARG E 122 11.44 -26.89 5.89
C ARG E 122 12.16 -25.70 5.24
N GLN E 123 12.87 -24.90 6.04
CA GLN E 123 13.64 -23.74 5.52
C GLN E 123 14.64 -23.17 6.52
N ASP E 124 14.59 -23.69 7.72
CA ASP E 124 15.48 -23.34 8.82
C ASP E 124 15.31 -24.50 9.78
N GLY E 125 16.19 -24.68 10.74
CA GLY E 125 15.98 -25.79 11.64
C GLY E 125 14.96 -25.46 12.72
N SER E 126 14.19 -24.42 12.51
CA SER E 126 13.18 -23.95 13.46
C SER E 126 12.37 -25.00 14.20
N VAL E 127 12.02 -26.08 13.52
CA VAL E 127 11.22 -27.10 14.17
C VAL E 127 11.83 -28.49 14.19
N ASP E 128 11.68 -29.18 15.33
CA ASP E 128 12.15 -30.54 15.51
C ASP E 128 11.14 -31.38 14.77
N PHE E 129 11.63 -32.25 13.89
CA PHE E 129 10.76 -33.11 13.12
C PHE E 129 10.92 -34.54 13.61
N GLY E 130 11.76 -34.70 14.62
CA GLY E 130 11.99 -36.00 15.19
C GLY E 130 10.99 -36.29 16.29
N ARG E 131 9.70 -36.11 16.02
CA ARG E 131 8.66 -36.36 16.99
C ARG E 131 8.03 -37.72 16.87
N LYS E 132 7.30 -38.08 17.91
CA LYS E 132 6.59 -39.35 18.01
C LYS E 132 5.33 -39.35 17.19
N TRP E 133 4.75 -40.53 17.08
CA TRP E 133 3.54 -40.76 16.32
C TRP E 133 2.39 -39.79 16.57
N ASP E 134 2.08 -39.53 17.83
CA ASP E 134 0.97 -38.64 18.09
C ASP E 134 1.14 -37.29 17.41
N PRO E 135 2.32 -36.65 17.57
CA PRO E 135 2.54 -35.35 16.94
C PRO E 135 2.48 -35.39 15.43
N TYR E 136 3.11 -36.40 14.83
CA TYR E 136 3.08 -36.53 13.38
C TYR E 136 1.70 -36.82 12.87
N LYS E 137 0.84 -37.34 13.73
CA LYS E 137 -0.51 -37.65 13.34
C LYS E 137 -1.40 -36.45 13.44
N GLN E 138 -0.98 -35.45 14.22
CA GLN E 138 -1.82 -34.29 14.43
C GLN E 138 -1.28 -32.95 14.01
N GLY E 139 -0.08 -32.92 13.46
CA GLY E 139 0.48 -31.67 13.02
C GLY E 139 1.26 -30.93 14.10
N PHE E 140 2.42 -30.43 13.72
CA PHE E 140 3.25 -29.72 14.65
C PHE E 140 4.05 -28.63 13.96
N GLY E 141 4.55 -27.68 14.75
CA GLY E 141 5.30 -26.59 14.16
C GLY E 141 4.44 -25.37 13.86
N ASN E 142 4.89 -24.53 12.92
CA ASN E 142 4.18 -23.30 12.59
C ASN E 142 3.68 -23.21 11.16
N VAL E 143 2.37 -23.05 11.01
CA VAL E 143 1.74 -22.97 9.72
C VAL E 143 2.20 -21.71 8.99
N ALA E 144 2.50 -20.68 9.77
CA ALA E 144 2.94 -19.43 9.18
C ALA E 144 3.45 -18.40 10.19
N THR E 145 4.36 -17.56 9.71
CA THR E 145 4.93 -16.49 10.51
C THR E 145 4.55 -15.18 9.82
N ASN E 146 4.35 -14.13 10.61
CA ASN E 146 3.96 -12.85 10.04
C ASN E 146 5.13 -12.09 9.47
N THR E 147 5.04 -11.82 8.17
CA THR E 147 6.07 -11.05 7.49
C THR E 147 5.98 -9.66 8.08
N ASP E 148 6.77 -9.41 9.12
CA ASP E 148 6.76 -8.11 9.78
C ASP E 148 6.45 -7.00 8.77
N GLY E 149 5.62 -6.05 9.20
CA GLY E 149 5.23 -4.96 8.32
C GLY E 149 3.85 -5.22 7.75
N LYS E 150 3.25 -6.33 8.18
CA LYS E 150 1.91 -6.72 7.72
C LYS E 150 1.06 -7.08 8.92
N ASN E 151 -0.23 -7.22 8.69
CA ASN E 151 -1.16 -7.60 9.74
C ASN E 151 -1.51 -9.08 9.60
N TYR E 152 -0.94 -9.74 8.60
CA TYR E 152 -1.22 -11.15 8.38
C TYR E 152 0.04 -11.99 8.19
N CYS E 153 -0.14 -13.30 8.03
CA CYS E 153 0.97 -14.21 7.84
C CYS E 153 1.06 -14.80 6.44
N GLY E 154 1.99 -14.25 5.65
CA GLY E 154 2.19 -14.71 4.28
C GLY E 154 3.47 -15.50 4.19
N LEU E 155 4.05 -15.78 5.35
CA LEU E 155 5.28 -16.55 5.38
C LEU E 155 4.99 -17.92 5.97
N PRO E 156 5.17 -18.97 5.18
CA PRO E 156 4.91 -20.26 5.79
C PRO E 156 5.99 -20.50 6.83
N GLY E 157 5.76 -21.42 7.74
CA GLY E 157 6.76 -21.71 8.73
C GLY E 157 7.25 -23.09 8.40
N GLU E 158 7.65 -23.84 9.41
CA GLU E 158 8.06 -25.20 9.19
C GLU E 158 7.05 -26.03 9.90
N TYR E 159 6.35 -26.87 9.17
CA TYR E 159 5.39 -27.70 9.85
C TYR E 159 5.05 -28.94 9.07
N TRP E 160 4.23 -29.75 9.71
CA TRP E 160 3.73 -30.97 9.13
C TRP E 160 2.28 -30.95 9.49
N LEU E 161 1.42 -30.70 8.50
CA LEU E 161 -0.02 -30.69 8.73
C LEU E 161 -0.31 -32.09 9.25
N GLY E 162 -1.18 -32.22 10.24
CA GLY E 162 -1.41 -33.58 10.73
C GLY E 162 -1.61 -34.67 9.70
N ASN E 163 -1.12 -35.88 9.97
CA ASN E 163 -1.33 -37.03 9.08
C ASN E 163 -2.82 -37.23 8.85
N ASP E 164 -3.61 -37.13 9.92
CA ASP E 164 -5.04 -37.25 9.76
C ASP E 164 -5.39 -36.14 8.81
N LYS E 165 -5.14 -34.91 9.25
CA LYS E 165 -5.43 -33.72 8.45
C LYS E 165 -5.01 -33.89 7.01
N ILE E 166 -3.87 -34.53 6.80
CA ILE E 166 -3.37 -34.77 5.44
C ILE E 166 -4.19 -35.85 4.76
N SER E 167 -4.05 -37.09 5.21
CA SER E 167 -4.79 -38.22 4.63
C SER E 167 -6.22 -37.86 4.21
N GLN E 168 -6.98 -37.22 5.07
CA GLN E 168 -8.32 -36.83 4.68
C GLN E 168 -8.23 -36.17 3.31
N LEU E 169 -7.83 -34.90 3.28
CA LEU E 169 -7.68 -34.13 2.03
C LEU E 169 -7.39 -34.97 0.80
N THR E 170 -6.38 -35.83 0.91
CA THR E 170 -5.96 -36.66 -0.20
C THR E 170 -7.06 -37.59 -0.66
N ARG E 171 -7.70 -38.27 0.29
CA ARG E 171 -8.75 -39.22 -0.05
C ARG E 171 -10.01 -38.54 -0.53
N MET E 172 -10.12 -37.24 -0.27
CA MET E 172 -11.28 -36.45 -0.69
C MET E 172 -11.55 -36.52 -2.20
N GLY E 173 -10.70 -37.26 -2.92
CA GLY E 173 -10.81 -37.41 -4.36
C GLY E 173 -9.39 -37.30 -4.90
N PRO E 174 -9.14 -37.50 -6.22
CA PRO E 174 -7.79 -37.41 -6.77
C PRO E 174 -7.07 -36.07 -6.53
N THR E 175 -5.77 -36.15 -6.22
CA THR E 175 -4.95 -34.97 -5.96
C THR E 175 -3.51 -35.14 -6.43
N GLU E 176 -2.82 -34.02 -6.65
CA GLU E 176 -1.43 -34.04 -7.09
C GLU E 176 -0.49 -33.49 -6.00
N LEU E 177 0.74 -33.99 -5.99
CA LEU E 177 1.73 -33.57 -5.00
C LEU E 177 2.89 -32.90 -5.69
N LEU E 178 3.33 -31.81 -5.09
CA LEU E 178 4.44 -31.07 -5.62
C LEU E 178 5.44 -30.89 -4.51
N ILE E 179 6.51 -31.69 -4.53
CA ILE E 179 7.58 -31.56 -3.55
C ILE E 179 8.71 -30.77 -4.22
N GLU E 180 8.95 -29.56 -3.72
CA GLU E 180 10.00 -28.72 -4.28
C GLU E 180 11.12 -28.66 -3.27
N MET E 181 12.35 -28.49 -3.73
CA MET E 181 13.48 -28.38 -2.84
C MET E 181 14.52 -27.45 -3.43
N GLU E 182 15.48 -27.03 -2.62
CA GLU E 182 16.50 -26.11 -3.04
C GLU E 182 17.82 -26.29 -2.29
N ASP E 183 18.92 -26.22 -3.02
CA ASP E 183 20.26 -26.40 -2.43
C ASP E 183 20.82 -25.12 -1.81
N TRP E 184 21.95 -25.23 -1.12
CA TRP E 184 22.54 -24.06 -0.50
C TRP E 184 23.31 -23.20 -1.50
N LYS E 185 23.01 -23.37 -2.78
CA LYS E 185 23.66 -22.61 -3.84
C LYS E 185 22.55 -21.98 -4.66
N GLY E 186 21.34 -21.98 -4.10
CA GLY E 186 20.21 -21.37 -4.76
C GLY E 186 19.47 -22.08 -5.86
N ASP E 187 20.04 -23.17 -6.38
CA ASP E 187 19.42 -23.95 -7.46
C ASP E 187 18.21 -24.66 -6.91
N LYS E 188 17.20 -24.82 -7.76
CA LYS E 188 15.95 -25.45 -7.38
C LYS E 188 15.49 -26.53 -8.35
N VAL E 189 14.84 -27.56 -7.81
CA VAL E 189 14.31 -28.63 -8.64
C VAL E 189 13.07 -29.10 -7.94
N LYS E 190 12.15 -29.63 -8.71
CA LYS E 190 10.88 -30.13 -8.19
C LYS E 190 10.63 -31.56 -8.63
N ALA E 191 9.82 -32.24 -7.84
CA ALA E 191 9.40 -33.61 -8.12
C ALA E 191 7.89 -33.60 -7.99
N HIS E 192 7.23 -33.54 -9.13
CA HIS E 192 5.78 -33.51 -9.19
C HIS E 192 5.18 -34.90 -9.24
N TYR E 193 4.05 -35.05 -8.57
CA TYR E 193 3.36 -36.33 -8.52
C TYR E 193 1.92 -36.26 -8.99
N GLY E 194 1.68 -36.96 -10.09
CA GLY E 194 0.37 -37.00 -10.70
C GLY E 194 -0.72 -37.51 -9.78
N GLY E 195 -0.43 -38.59 -9.04
CA GLY E 195 -1.41 -39.13 -8.13
C GLY E 195 -0.82 -39.24 -6.75
N PHE E 196 -1.60 -38.94 -5.72
CA PHE E 196 -1.12 -38.98 -4.35
C PHE E 196 -2.17 -39.32 -3.29
N THR E 197 -1.89 -40.35 -2.50
CA THR E 197 -2.82 -40.77 -1.46
C THR E 197 -2.10 -41.25 -0.22
N VAL E 198 -2.74 -41.00 0.92
CA VAL E 198 -2.25 -41.41 2.22
C VAL E 198 -3.49 -42.00 2.88
N GLN E 199 -3.37 -43.22 3.38
CA GLN E 199 -4.51 -43.88 4.00
C GLN E 199 -4.87 -43.40 5.39
N ASN E 200 -5.93 -43.99 5.94
CA ASN E 200 -6.44 -43.67 7.27
C ASN E 200 -5.46 -44.10 8.35
N GLU E 201 -5.51 -43.42 9.49
CA GLU E 201 -4.61 -43.74 10.57
C GLU E 201 -4.55 -45.22 10.86
N ALA E 202 -5.69 -45.90 10.71
CA ALA E 202 -5.80 -47.33 10.96
C ALA E 202 -5.01 -48.09 9.89
N ASN E 203 -5.01 -47.56 8.68
CA ASN E 203 -4.29 -48.20 7.61
C ASN E 203 -2.82 -47.80 7.66
N LYS E 204 -2.46 -47.21 8.81
CA LYS E 204 -1.11 -46.77 9.11
C LYS E 204 -0.67 -45.66 8.17
N TYR E 205 -1.65 -44.98 7.56
CA TYR E 205 -1.37 -43.88 6.64
C TYR E 205 -0.59 -44.30 5.39
N GLN E 206 -0.71 -45.57 4.99
CA GLN E 206 -0.02 -46.09 3.82
C GLN E 206 -0.06 -45.04 2.69
N ILE E 207 1.10 -44.78 2.09
CA ILE E 207 1.21 -43.76 1.05
C ILE E 207 1.40 -44.30 -0.38
N SER E 208 0.77 -43.64 -1.34
CA SER E 208 0.88 -44.04 -2.73
C SER E 208 1.10 -42.81 -3.64
N VAL E 209 1.99 -42.93 -4.61
CA VAL E 209 2.28 -41.83 -5.52
C VAL E 209 2.54 -42.37 -6.92
N ASN E 210 1.83 -41.82 -7.89
CA ASN E 210 1.97 -42.23 -9.28
C ASN E 210 2.19 -40.98 -10.15
N LYS E 211 2.63 -41.21 -11.38
CA LYS E 211 2.87 -40.14 -12.34
C LYS E 211 3.89 -39.09 -11.87
N TYR E 212 5.15 -39.48 -11.87
CA TYR E 212 6.23 -38.58 -11.48
C TYR E 212 6.52 -37.66 -12.65
N ARG E 213 6.95 -36.45 -12.31
CA ARG E 213 7.26 -35.42 -13.29
C ARG E 213 8.17 -34.45 -12.56
N GLY E 214 9.29 -34.08 -13.16
CA GLY E 214 10.14 -33.15 -12.45
C GLY E 214 11.63 -33.16 -12.74
N THR E 215 12.38 -32.61 -11.79
CA THR E 215 13.81 -32.52 -11.95
C THR E 215 14.64 -33.06 -10.79
N ALA E 216 14.03 -33.16 -9.61
CA ALA E 216 14.74 -33.66 -8.45
C ALA E 216 15.17 -35.12 -8.56
N GLY E 217 14.38 -35.89 -9.32
CA GLY E 217 14.62 -37.30 -9.51
C GLY E 217 13.43 -37.96 -8.85
N ASN E 218 12.93 -39.05 -9.42
CA ASN E 218 11.78 -39.73 -8.81
C ASN E 218 12.26 -40.59 -7.64
N ALA E 219 12.45 -39.96 -6.50
CA ALA E 219 12.91 -40.66 -5.31
C ALA E 219 11.85 -41.55 -4.73
N LEU E 220 10.63 -41.02 -4.61
CA LEU E 220 9.55 -41.78 -4.01
C LEU E 220 9.23 -43.11 -4.68
N MET E 221 9.04 -43.08 -5.98
CA MET E 221 8.67 -44.26 -6.71
C MET E 221 9.77 -45.21 -7.15
N ASP E 222 11.01 -44.75 -7.27
CA ASP E 222 12.02 -45.69 -7.73
C ASP E 222 13.35 -45.78 -7.05
N GLY E 223 13.40 -45.24 -5.84
CA GLY E 223 14.61 -45.31 -5.03
C GLY E 223 15.77 -44.42 -5.46
N ALA E 224 16.95 -44.75 -4.96
CA ALA E 224 18.12 -43.95 -5.24
C ALA E 224 18.71 -44.34 -6.56
N SER E 225 18.62 -43.43 -7.53
CA SER E 225 19.14 -43.64 -8.86
C SER E 225 20.63 -43.98 -8.86
N GLN E 226 21.25 -43.98 -7.68
CA GLN E 226 22.67 -44.32 -7.60
C GLN E 226 22.86 -45.69 -6.95
N LEU E 227 21.76 -46.38 -6.67
CA LEU E 227 21.88 -47.67 -6.07
C LEU E 227 21.50 -48.81 -7.02
N MET E 228 22.25 -49.90 -6.90
CA MET E 228 22.08 -51.09 -7.72
C MET E 228 21.19 -52.18 -7.16
N GLY E 229 20.11 -52.45 -7.87
CA GLY E 229 19.19 -53.51 -7.48
C GLY E 229 18.64 -53.51 -6.08
N GLU E 230 19.05 -54.49 -5.30
CA GLU E 230 18.56 -54.66 -3.94
C GLU E 230 18.65 -53.37 -3.14
N ASN E 231 19.81 -52.72 -3.22
CA ASN E 231 20.05 -51.48 -2.53
C ASN E 231 19.05 -50.38 -2.95
N ARG E 232 18.87 -50.14 -4.25
CA ARG E 232 17.92 -49.12 -4.68
C ARG E 232 16.50 -49.38 -4.27
N THR E 233 16.02 -50.61 -4.43
CA THR E 233 14.62 -50.88 -4.12
C THR E 233 14.19 -50.80 -2.67
N MET E 234 15.09 -51.01 -1.73
CA MET E 234 14.64 -50.89 -0.35
C MET E 234 14.39 -49.42 -0.03
N THR E 235 15.14 -48.54 -0.69
CA THR E 235 15.01 -47.11 -0.49
C THR E 235 13.75 -46.54 -1.16
N ILE E 236 12.97 -47.41 -1.79
CA ILE E 236 11.74 -46.96 -2.45
C ILE E 236 10.70 -46.61 -1.38
N HIS E 237 9.91 -45.58 -1.66
CA HIS E 237 8.93 -45.12 -0.72
C HIS E 237 7.49 -45.48 -0.99
N ASN E 238 7.15 -45.70 -2.25
CA ASN E 238 5.77 -46.02 -2.59
C ASN E 238 5.28 -47.31 -1.93
N GLY E 239 4.10 -47.23 -1.31
CA GLY E 239 3.56 -48.40 -0.65
C GLY E 239 4.04 -48.63 0.78
N MET E 240 4.65 -47.61 1.37
CA MET E 240 5.14 -47.74 2.71
C MET E 240 4.23 -47.13 3.76
N PHE E 241 4.40 -47.55 5.02
CA PHE E 241 3.58 -47.01 6.09
C PHE E 241 4.28 -45.82 6.68
N PHE E 242 3.58 -45.10 7.55
CA PHE E 242 4.19 -43.97 8.19
C PHE E 242 4.65 -44.50 9.53
N SER E 243 5.86 -44.15 9.94
CA SER E 243 6.41 -44.59 11.22
C SER E 243 7.13 -43.43 11.92
N THR E 244 7.24 -43.52 13.23
CA THR E 244 7.91 -42.49 14.04
C THR E 244 8.85 -43.28 14.95
N TYR E 245 9.60 -42.62 15.83
CA TYR E 245 10.50 -43.43 16.64
C TYR E 245 9.79 -44.22 17.70
N ASP E 246 8.50 -43.95 17.88
CA ASP E 246 7.70 -44.63 18.89
C ASP E 246 6.60 -45.46 18.21
N ARG E 247 6.76 -45.71 16.92
CA ARG E 247 5.76 -46.46 16.17
C ARG E 247 6.35 -47.07 14.91
N ASP E 248 7.21 -48.08 15.08
CA ASP E 248 7.89 -48.75 13.96
C ASP E 248 6.95 -49.43 12.99
N ASN E 249 6.99 -48.96 11.75
CA ASN E 249 6.18 -49.54 10.69
C ASN E 249 7.03 -49.53 9.45
N ASP E 250 8.28 -49.10 9.59
CA ASP E 250 9.16 -49.06 8.44
C ASP E 250 9.27 -50.45 7.83
N GLY E 251 10.07 -50.58 6.78
CA GLY E 251 10.23 -51.86 6.11
C GLY E 251 11.54 -52.51 6.42
N TRP E 252 11.98 -52.29 7.65
CA TRP E 252 13.24 -52.85 8.11
C TRP E 252 12.92 -53.78 9.26
N LEU E 253 11.99 -54.71 9.00
CA LEU E 253 11.56 -55.66 10.01
C LEU E 253 12.76 -56.33 10.66
N THR E 254 12.86 -56.20 11.97
CA THR E 254 13.96 -56.82 12.73
C THR E 254 13.57 -57.05 14.17
N SER E 255 14.53 -57.58 14.91
CA SER E 255 14.37 -57.91 16.33
C SER E 255 14.72 -56.72 17.20
N ASP E 256 15.89 -56.15 16.96
CA ASP E 256 16.38 -55.01 17.73
C ASP E 256 15.55 -53.74 17.50
N PRO E 257 14.94 -53.20 18.57
CA PRO E 257 14.14 -51.98 18.49
C PRO E 257 15.08 -50.77 18.34
N ARG E 258 16.38 -51.04 18.54
CA ARG E 258 17.40 -50.03 18.39
C ARG E 258 17.40 -49.71 16.89
N LYS E 259 17.45 -50.75 16.08
CA LYS E 259 17.45 -50.60 14.62
C LYS E 259 16.09 -50.30 14.00
N GLN E 260 15.84 -49.01 13.82
CA GLN E 260 14.60 -48.52 13.23
C GLN E 260 14.96 -47.40 12.28
N CYS E 261 14.25 -47.30 11.16
CA CYS E 261 14.56 -46.24 10.23
C CYS E 261 14.25 -44.90 10.84
N SER E 262 13.18 -44.81 11.65
CA SER E 262 12.84 -43.54 12.27
C SER E 262 13.83 -43.08 13.34
N LYS E 263 14.37 -44.01 14.14
CA LYS E 263 15.36 -43.67 15.16
C LYS E 263 16.53 -43.00 14.45
N GLU E 264 17.14 -43.75 13.52
CA GLU E 264 18.27 -43.24 12.72
C GLU E 264 17.59 -42.44 11.63
N ASP E 265 18.34 -41.86 10.71
CA ASP E 265 17.69 -41.10 9.62
C ASP E 265 16.64 -40.10 10.13
N GLY E 266 16.53 -39.99 11.45
CA GLY E 266 15.62 -39.08 12.15
C GLY E 266 14.31 -38.63 11.55
N GLY E 267 13.32 -38.38 12.40
CA GLY E 267 12.02 -37.93 11.93
C GLY E 267 11.08 -38.98 11.32
N GLY E 268 9.80 -38.68 11.33
CA GLY E 268 8.77 -39.56 10.81
C GLY E 268 8.53 -39.46 9.32
N TRP E 269 8.37 -40.60 8.66
CA TRP E 269 8.20 -40.60 7.22
C TRP E 269 7.83 -42.00 6.77
N TRP E 270 7.55 -42.16 5.48
CA TRP E 270 7.21 -43.46 4.91
C TRP E 270 8.50 -44.17 4.58
N TYR E 271 9.19 -44.56 5.64
CA TYR E 271 10.46 -45.25 5.54
C TYR E 271 10.26 -46.63 4.94
N ASN E 272 11.39 -47.26 4.68
CA ASN E 272 11.43 -48.56 4.05
C ASN E 272 12.93 -48.77 3.91
N ARG E 273 13.52 -49.46 4.86
CA ARG E 273 14.95 -49.74 4.82
C ARG E 273 15.92 -48.83 4.01
N CYS E 274 15.92 -47.50 4.13
CA CYS E 274 15.14 -46.66 4.98
C CYS E 274 14.52 -45.57 4.15
N HIS E 275 15.33 -44.96 3.30
CA HIS E 275 14.78 -43.90 2.45
C HIS E 275 15.71 -43.57 1.33
N ALA E 276 15.18 -42.81 0.38
CA ALA E 276 15.94 -42.32 -0.77
C ALA E 276 15.66 -40.83 -0.69
N ALA E 277 14.59 -40.52 0.02
CA ALA E 277 14.15 -39.17 0.23
C ALA E 277 13.81 -39.01 1.68
N ASN E 278 14.55 -38.14 2.37
CA ASN E 278 14.29 -37.91 3.78
C ASN E 278 13.77 -36.55 4.08
N PRO E 279 12.62 -36.16 3.51
CA PRO E 279 12.17 -34.82 3.89
C PRO E 279 11.83 -35.14 5.35
N ASN E 280 11.79 -34.16 6.23
CA ASN E 280 11.48 -34.46 7.64
C ASN E 280 12.73 -34.96 8.35
N GLY E 281 13.82 -35.08 7.62
CA GLY E 281 15.05 -35.53 8.24
C GLY E 281 15.56 -34.51 9.24
N ARG E 282 16.87 -34.43 9.36
CA ARG E 282 17.47 -33.49 10.29
C ARG E 282 18.15 -32.37 9.52
N TYR E 283 17.69 -31.16 9.82
CA TYR E 283 18.18 -29.96 9.17
C TYR E 283 19.67 -29.65 9.45
N TYR E 284 20.54 -29.97 8.50
CA TYR E 284 21.96 -29.69 8.68
C TYR E 284 22.25 -28.36 8.01
N TRP E 285 22.87 -27.45 8.74
CA TRP E 285 23.18 -26.14 8.18
C TRP E 285 24.29 -26.23 7.15
N GLY E 286 24.11 -25.57 6.01
CA GLY E 286 25.16 -25.60 5.01
C GLY E 286 25.11 -26.67 3.93
N GLY E 287 24.15 -27.58 4.01
CA GLY E 287 24.05 -28.63 3.01
C GLY E 287 24.88 -29.85 3.30
N GLN E 288 26.17 -29.80 2.99
CA GLN E 288 27.02 -30.95 3.22
C GLN E 288 27.22 -31.30 4.68
N TYR E 289 27.12 -32.59 4.98
CA TYR E 289 27.39 -33.13 6.29
C TYR E 289 28.14 -34.44 6.09
N THR E 290 28.37 -35.21 7.15
CA THR E 290 29.12 -36.45 7.01
C THR E 290 28.74 -37.56 7.98
N TRP E 291 29.26 -38.76 7.72
CA TRP E 291 28.92 -39.91 8.56
C TRP E 291 29.21 -39.73 10.04
N ASP E 292 30.33 -39.08 10.37
CA ASP E 292 30.69 -38.86 11.77
C ASP E 292 29.95 -37.69 12.43
N MET E 293 29.15 -36.98 11.64
CA MET E 293 28.37 -35.87 12.16
C MET E 293 27.01 -36.35 12.62
N ALA E 294 26.51 -37.41 11.98
CA ALA E 294 25.20 -37.94 12.30
C ALA E 294 25.17 -38.72 13.58
N LYS E 295 24.10 -38.54 14.34
CA LYS E 295 23.93 -39.18 15.63
C LYS E 295 24.01 -40.69 15.57
N HIS E 296 23.48 -41.30 14.52
CA HIS E 296 23.50 -42.76 14.36
C HIS E 296 24.32 -43.18 13.16
N GLY E 297 25.34 -42.40 12.83
CA GLY E 297 26.19 -42.73 11.71
C GLY E 297 25.48 -42.92 10.37
N THR E 298 24.15 -42.76 10.35
CA THR E 298 23.40 -42.89 9.12
C THR E 298 23.08 -41.49 8.62
N ASP E 299 22.66 -41.40 7.37
CA ASP E 299 22.35 -40.13 6.73
C ASP E 299 20.96 -39.52 6.94
N ASP E 300 20.72 -39.04 8.16
CA ASP E 300 19.46 -38.35 8.47
C ASP E 300 19.68 -37.02 7.78
N GLY E 301 18.63 -36.24 7.58
CA GLY E 301 18.85 -35.00 6.91
C GLY E 301 17.89 -34.82 5.78
N VAL E 302 17.54 -33.57 5.53
CA VAL E 302 16.64 -33.23 4.45
C VAL E 302 17.36 -33.63 3.18
N VAL E 303 17.16 -34.89 2.80
CA VAL E 303 17.81 -35.40 1.60
C VAL E 303 16.91 -35.96 0.52
N TRP E 304 17.44 -35.91 -0.69
CA TRP E 304 16.75 -36.40 -1.87
C TRP E 304 17.91 -36.99 -2.66
N MET E 305 18.33 -38.19 -2.25
CA MET E 305 19.47 -38.86 -2.86
C MET E 305 19.59 -38.70 -4.34
N ASN E 306 18.45 -38.64 -5.01
CA ASN E 306 18.42 -38.51 -6.46
C ASN E 306 19.04 -37.26 -7.02
N TRP E 307 18.95 -36.15 -6.29
CA TRP E 307 19.53 -34.91 -6.76
C TRP E 307 20.92 -34.66 -6.21
N LYS E 308 21.04 -34.57 -4.88
CA LYS E 308 22.33 -34.28 -4.25
C LYS E 308 22.96 -35.36 -3.38
N GLY E 309 22.47 -36.59 -3.49
CA GLY E 309 23.02 -37.70 -2.71
C GLY E 309 22.61 -37.69 -1.25
N SER E 310 23.22 -38.61 -0.50
CA SER E 310 22.97 -38.78 0.93
C SER E 310 23.47 -37.68 1.89
N TRP E 311 24.76 -37.36 1.77
CA TRP E 311 25.39 -36.39 2.64
C TRP E 311 25.13 -34.95 2.29
N TYR E 312 23.89 -34.67 1.91
CA TYR E 312 23.51 -33.33 1.56
C TYR E 312 22.09 -33.04 2.02
N SER E 313 21.96 -32.11 2.97
CA SER E 313 20.68 -31.72 3.53
C SER E 313 20.20 -30.44 2.85
N MET E 314 19.00 -30.45 2.27
CA MET E 314 18.50 -29.27 1.60
C MET E 314 18.30 -28.10 2.56
N ARG E 315 18.18 -26.90 2.00
CA ARG E 315 17.98 -25.71 2.80
C ARG E 315 16.49 -25.47 2.80
N LYS E 316 15.82 -26.01 1.79
CA LYS E 316 14.38 -25.89 1.67
C LYS E 316 13.81 -27.13 0.98
N MET E 317 12.80 -27.69 1.62
CA MET E 317 12.10 -28.85 1.09
C MET E 317 10.70 -28.57 1.61
N SER E 318 9.71 -28.65 0.72
CA SER E 318 8.34 -28.42 1.09
C SER E 318 7.43 -29.30 0.25
N MET E 319 6.29 -29.67 0.84
CA MET E 319 5.31 -30.50 0.16
C MET E 319 3.97 -29.78 0.09
N LYS E 320 3.53 -29.47 -1.14
CA LYS E 320 2.25 -28.80 -1.33
C LYS E 320 1.34 -29.74 -2.11
N ILE E 321 0.04 -29.63 -1.85
CA ILE E 321 -0.94 -30.45 -2.53
C ILE E 321 -2.09 -29.67 -3.16
N ARG E 322 -2.57 -30.22 -4.28
CA ARG E 322 -3.68 -29.64 -5.04
C ARG E 322 -4.42 -30.81 -5.67
N PRO E 323 -5.75 -30.72 -5.76
CA PRO E 323 -6.56 -31.79 -6.35
C PRO E 323 -6.62 -31.68 -7.88
N PHE E 324 -6.34 -32.79 -8.58
CA PHE E 324 -6.35 -32.81 -10.05
C PHE E 324 -5.82 -31.46 -10.59
N GLU F 4 74.48 -45.68 35.62
CA GLU F 4 74.50 -46.72 36.68
C GLU F 4 73.62 -46.29 37.85
N ILE F 5 74.26 -45.98 38.98
CA ILE F 5 73.56 -45.52 40.18
C ILE F 5 72.45 -44.57 39.74
N MET F 6 72.75 -43.80 38.70
CA MET F 6 71.81 -42.86 38.10
C MET F 6 70.70 -43.71 37.50
N LYS F 7 69.90 -44.30 38.36
CA LYS F 7 68.80 -45.17 37.96
C LYS F 7 67.49 -44.40 37.84
N TYR F 8 67.57 -43.09 37.67
CA TYR F 8 66.35 -42.30 37.54
C TYR F 8 65.55 -42.60 36.26
N GLU F 9 66.17 -43.31 35.33
CA GLU F 9 65.45 -43.69 34.11
C GLU F 9 64.58 -44.86 34.55
N ALA F 10 64.09 -44.74 35.79
CA ALA F 10 63.25 -45.73 36.44
C ALA F 10 62.46 -44.99 37.51
N SER F 11 62.84 -43.74 37.75
CA SER F 11 62.18 -42.90 38.75
C SER F 11 60.92 -42.38 38.11
N ILE F 12 60.56 -42.97 36.99
CA ILE F 12 59.37 -42.54 36.28
C ILE F 12 58.10 -43.15 36.86
N LEU F 13 57.71 -42.58 38.00
CA LEU F 13 56.49 -42.97 38.69
C LEU F 13 55.61 -41.81 38.21
N THR F 14 56.29 -40.76 37.77
CA THR F 14 55.64 -39.58 37.25
C THR F 14 54.73 -40.09 36.17
N HIS F 15 55.30 -40.83 35.22
CA HIS F 15 54.50 -41.44 34.18
C HIS F 15 53.87 -42.62 34.89
N ASP F 16 52.66 -42.39 35.35
CA ASP F 16 51.88 -43.35 36.09
C ASP F 16 50.85 -42.39 36.65
N SER F 17 51.32 -41.46 37.47
CA SER F 17 50.43 -40.47 38.03
C SER F 17 49.88 -39.74 36.83
N SER F 18 50.78 -39.21 36.00
CA SER F 18 50.39 -38.49 34.80
C SER F 18 49.32 -39.24 34.04
N ILE F 19 49.56 -40.51 33.76
CA ILE F 19 48.57 -41.26 33.03
C ILE F 19 47.31 -41.44 33.89
N ARG F 20 47.47 -41.46 35.21
CA ARG F 20 46.30 -41.59 36.07
C ARG F 20 45.51 -40.29 36.09
N TYR F 21 46.23 -39.18 35.90
CA TYR F 21 45.61 -37.86 35.89
C TYR F 21 44.67 -37.77 34.71
N LEU F 22 45.17 -38.16 33.54
CA LEU F 22 44.39 -38.16 32.32
C LEU F 22 43.26 -39.18 32.46
N GLN F 23 43.59 -40.39 32.89
CA GLN F 23 42.57 -41.43 33.05
C GLN F 23 41.42 -40.84 33.85
N GLU F 24 41.76 -39.99 34.82
CA GLU F 24 40.73 -39.34 35.61
C GLU F 24 39.84 -38.48 34.69
N ILE F 25 40.46 -37.56 33.95
CA ILE F 25 39.77 -36.66 33.01
C ILE F 25 38.87 -37.41 32.03
N TYR F 26 39.45 -38.37 31.31
CA TYR F 26 38.69 -39.15 30.34
C TYR F 26 37.34 -39.50 30.94
N ASN F 27 37.39 -40.07 32.14
CA ASN F 27 36.18 -40.45 32.86
C ASN F 27 35.38 -39.17 33.11
N SER F 28 36.02 -38.17 33.69
CA SER F 28 35.37 -36.90 33.98
C SER F 28 34.56 -36.44 32.76
N ASN F 29 35.19 -36.42 31.61
CA ASN F 29 34.51 -36.03 30.40
C ASN F 29 33.36 -37.00 30.07
N ASN F 30 33.62 -38.29 30.16
CA ASN F 30 32.57 -39.26 29.86
C ASN F 30 31.32 -39.07 30.72
N GLN F 31 31.50 -38.75 32.00
CA GLN F 31 30.32 -38.57 32.84
C GLN F 31 29.68 -37.24 32.54
N LYS F 32 30.49 -36.18 32.53
CA LYS F 32 30.00 -34.84 32.22
C LYS F 32 29.21 -34.88 30.90
N ILE F 33 29.62 -35.75 29.99
CA ILE F 33 28.96 -35.92 28.70
C ILE F 33 27.62 -36.67 28.84
N VAL F 34 27.59 -37.66 29.73
CA VAL F 34 26.38 -38.43 29.96
C VAL F 34 25.26 -37.50 30.35
N ASN F 35 25.56 -36.60 31.28
CA ASN F 35 24.57 -35.66 31.78
C ASN F 35 24.15 -34.60 30.77
N LEU F 36 25.07 -34.16 29.91
CA LEU F 36 24.74 -33.17 28.89
C LEU F 36 23.64 -33.82 28.08
N LYS F 37 23.94 -35.03 27.61
CA LYS F 37 23.01 -35.80 26.80
C LYS F 37 21.66 -35.98 27.50
N GLU F 38 21.70 -36.29 28.78
CA GLU F 38 20.49 -36.47 29.57
C GLU F 38 19.80 -35.12 29.80
N LYS F 39 20.53 -34.04 29.55
CA LYS F 39 19.98 -32.72 29.71
C LYS F 39 19.43 -32.29 28.36
N VAL F 40 20.20 -32.52 27.30
CA VAL F 40 19.76 -32.15 25.97
C VAL F 40 18.40 -32.78 25.69
N ALA F 41 18.12 -33.90 26.34
CA ALA F 41 16.82 -34.56 26.17
C ALA F 41 15.77 -33.77 26.95
N GLN F 42 16.22 -33.06 27.97
CA GLN F 42 15.34 -32.23 28.80
C GLN F 42 14.96 -31.00 27.97
N LEU F 43 15.93 -30.46 27.23
CA LEU F 43 15.66 -29.30 26.39
C LEU F 43 14.55 -29.72 25.42
N GLU F 44 14.93 -30.53 24.44
CA GLU F 44 14.02 -31.07 23.42
C GLU F 44 12.56 -31.19 23.86
N ALA F 45 12.33 -31.67 25.08
CA ALA F 45 10.99 -31.83 25.59
C ALA F 45 10.30 -30.50 25.65
N GLN F 46 11.13 -29.47 25.80
CA GLN F 46 10.69 -28.09 25.89
C GLN F 46 10.71 -27.29 24.60
N CYS F 47 10.85 -27.96 23.46
CA CYS F 47 10.85 -27.29 22.17
C CYS F 47 9.78 -27.92 21.29
N GLN F 48 8.94 -28.72 21.94
CA GLN F 48 7.87 -29.45 21.28
C GLN F 48 6.59 -28.67 21.07
N GLU F 49 6.61 -27.39 21.39
CA GLU F 49 5.43 -26.57 21.22
C GLU F 49 5.66 -25.65 20.05
N PRO F 50 4.60 -24.99 19.58
CA PRO F 50 4.75 -24.07 18.46
C PRO F 50 4.69 -22.66 19.03
N CYS F 51 4.76 -21.64 18.18
CA CYS F 51 4.67 -20.28 18.67
C CYS F 51 3.19 -20.06 19.01
N LYS F 52 2.92 -19.31 20.07
CA LYS F 52 1.54 -19.05 20.48
C LYS F 52 0.82 -18.00 19.67
N ASP F 53 -0.11 -18.43 18.82
CA ASP F 53 -0.87 -17.49 18.00
C ASP F 53 -1.65 -16.56 18.94
N THR F 54 -1.70 -15.27 18.62
CA THR F 54 -2.42 -14.34 19.47
C THR F 54 -3.87 -14.24 19.07
N VAL F 55 -4.16 -14.72 17.86
CA VAL F 55 -5.53 -14.69 17.36
C VAL F 55 -6.25 -15.97 17.69
N GLN F 56 -6.93 -15.96 18.83
CA GLN F 56 -7.68 -17.11 19.29
C GLN F 56 -9.11 -16.99 18.78
N ILE F 57 -9.67 -18.11 18.32
CA ILE F 57 -11.05 -18.14 17.86
C ILE F 57 -11.86 -18.83 18.98
N HIS F 58 -12.71 -18.08 19.67
CA HIS F 58 -13.51 -18.63 20.76
C HIS F 58 -14.29 -19.89 20.41
N ASP F 59 -14.41 -20.78 21.39
CA ASP F 59 -15.10 -22.05 21.25
C ASP F 59 -16.62 -21.97 21.05
N ILE F 60 -17.25 -20.96 21.63
CA ILE F 60 -18.70 -20.78 21.53
C ILE F 60 -19.17 -20.40 20.13
N THR F 61 -20.33 -20.94 19.74
CA THR F 61 -20.93 -20.65 18.43
C THR F 61 -22.29 -19.93 18.47
N GLY F 62 -23.20 -20.32 17.58
CA GLY F 62 -24.50 -19.69 17.53
C GLY F 62 -25.11 -19.52 16.14
N LYS F 63 -26.22 -18.80 16.09
CA LYS F 63 -26.94 -18.55 14.83
C LYS F 63 -26.31 -17.30 14.23
N ASP F 64 -25.84 -16.43 15.13
CA ASP F 64 -25.24 -15.17 14.74
C ASP F 64 -24.63 -14.61 16.01
N CYS F 65 -23.95 -13.48 15.91
CA CYS F 65 -23.34 -12.91 17.10
C CYS F 65 -24.23 -12.74 18.33
N GLN F 66 -25.47 -12.27 18.15
CA GLN F 66 -26.37 -12.08 19.30
C GLN F 66 -26.78 -13.42 19.93
N ASP F 67 -26.97 -14.43 19.08
CA ASP F 67 -27.30 -15.77 19.55
C ASP F 67 -26.09 -16.31 20.29
N ILE F 68 -25.13 -15.43 20.60
CA ILE F 68 -23.91 -15.82 21.29
C ILE F 68 -23.81 -15.11 22.61
N ALA F 69 -24.01 -13.80 22.59
CA ALA F 69 -23.95 -13.02 23.82
C ALA F 69 -25.02 -13.62 24.73
N ASN F 70 -26.08 -14.10 24.08
CA ASN F 70 -27.23 -14.72 24.74
C ASN F 70 -27.06 -16.23 24.64
N LYS F 71 -25.91 -16.71 25.13
CA LYS F 71 -25.60 -18.13 25.08
C LYS F 71 -24.25 -18.20 25.79
N GLY F 72 -24.00 -17.17 26.60
CA GLY F 72 -22.73 -17.05 27.31
C GLY F 72 -21.95 -16.06 26.48
N ALA F 73 -20.62 -16.13 26.52
CA ALA F 73 -19.78 -15.22 25.72
C ALA F 73 -19.95 -13.75 26.06
N LYS F 74 -18.87 -13.12 26.49
CA LYS F 74 -18.91 -11.71 26.84
C LYS F 74 -17.74 -10.95 26.23
N GLN F 75 -16.78 -11.68 25.67
CA GLN F 75 -15.60 -11.06 25.05
C GLN F 75 -15.74 -10.81 23.55
N SER F 76 -15.46 -9.58 23.15
CA SER F 76 -15.55 -9.18 21.75
C SER F 76 -14.47 -9.97 21.02
N GLY F 77 -14.71 -10.29 19.75
CA GLY F 77 -13.71 -11.05 19.01
C GLY F 77 -14.21 -11.83 17.80
N LEU F 78 -13.44 -12.85 17.42
CA LEU F 78 -13.80 -13.67 16.27
C LEU F 78 -14.49 -14.94 16.72
N TYR F 79 -15.59 -15.29 16.04
CA TYR F 79 -16.37 -16.48 16.35
C TYR F 79 -16.82 -17.17 15.08
N PHE F 80 -17.19 -18.43 15.22
CA PHE F 80 -17.71 -19.19 14.10
C PHE F 80 -19.21 -19.11 14.30
N ILE F 81 -19.98 -19.29 13.25
CA ILE F 81 -21.44 -19.30 13.36
C ILE F 81 -21.97 -20.11 12.18
N LYS F 82 -23.18 -20.62 12.34
CA LYS F 82 -23.80 -21.40 11.28
C LYS F 82 -25.27 -21.02 11.23
N PRO F 83 -25.58 -19.92 10.53
CA PRO F 83 -26.94 -19.39 10.36
C PRO F 83 -27.96 -20.51 10.25
N LEU F 84 -29.17 -20.26 10.77
CA LEU F 84 -30.22 -21.26 10.76
C LEU F 84 -30.30 -22.11 9.50
N LYS F 85 -29.90 -21.58 8.34
CA LYS F 85 -30.00 -22.40 7.13
C LYS F 85 -28.77 -22.50 6.24
N ALA F 86 -27.59 -22.29 6.82
CA ALA F 86 -26.33 -22.36 6.07
C ALA F 86 -25.75 -23.78 6.02
N ASN F 87 -24.75 -24.00 5.18
CA ASN F 87 -24.14 -25.32 5.11
C ASN F 87 -23.11 -25.38 6.23
N GLN F 88 -21.82 -25.25 5.90
CA GLN F 88 -20.79 -25.29 6.94
C GLN F 88 -20.75 -23.92 7.59
N GLN F 89 -20.13 -23.84 8.76
CA GLN F 89 -20.05 -22.57 9.47
C GLN F 89 -18.99 -21.64 8.89
N PHE F 90 -18.83 -20.48 9.52
CA PHE F 90 -17.84 -19.51 9.08
C PHE F 90 -17.51 -18.46 10.12
N LEU F 91 -16.23 -18.09 10.17
CA LEU F 91 -15.73 -17.12 11.12
C LEU F 91 -16.17 -15.68 10.84
N VAL F 92 -16.60 -14.98 11.89
CA VAL F 92 -17.00 -13.57 11.80
C VAL F 92 -16.64 -12.83 13.08
N TYR F 93 -16.55 -11.50 12.99
CA TYR F 93 -16.19 -10.69 14.16
C TYR F 93 -17.43 -10.37 14.95
N CYS F 94 -17.40 -10.68 16.25
CA CYS F 94 -18.54 -10.38 17.08
C CYS F 94 -18.21 -9.25 18.03
N GLU F 95 -18.96 -8.17 17.92
CA GLU F 95 -18.78 -7.03 18.80
C GLU F 95 -19.74 -7.31 19.94
N ILE F 96 -19.18 -7.53 21.14
CA ILE F 96 -20.01 -7.82 22.30
C ILE F 96 -19.72 -6.81 23.40
N ASP F 97 -20.79 -6.28 24.00
CA ASP F 97 -20.66 -5.28 25.06
C ASP F 97 -21.14 -5.80 26.41
N GLY F 98 -21.04 -4.94 27.42
CA GLY F 98 -21.45 -5.32 28.76
C GLY F 98 -22.94 -5.09 28.92
N SER F 99 -23.72 -5.52 27.92
CA SER F 99 -25.17 -5.36 27.94
C SER F 99 -25.87 -6.51 27.20
N GLY F 100 -25.07 -7.38 26.59
CA GLY F 100 -25.65 -8.52 25.90
C GLY F 100 -26.09 -8.29 24.47
N ASN F 101 -25.29 -7.54 23.73
CA ASN F 101 -25.61 -7.28 22.35
C ASN F 101 -24.52 -7.91 21.50
N GLY F 102 -24.88 -8.98 20.81
CA GLY F 102 -23.91 -9.68 19.98
C GLY F 102 -23.90 -9.11 18.58
N TRP F 103 -23.20 -8.00 18.41
CA TRP F 103 -23.12 -7.36 17.12
C TRP F 103 -22.31 -8.20 16.14
N THR F 104 -22.91 -8.57 15.03
CA THR F 104 -22.23 -9.36 14.01
C THR F 104 -21.76 -8.45 12.88
N VAL F 105 -20.43 -8.33 12.75
CA VAL F 105 -19.82 -7.47 11.74
C VAL F 105 -19.49 -8.12 10.41
N PHE F 106 -20.01 -7.57 9.32
CA PHE F 106 -19.72 -8.11 7.99
C PHE F 106 -18.92 -7.18 7.08
N GLN F 107 -18.71 -5.96 7.53
CA GLN F 107 -17.93 -5.01 6.75
C GLN F 107 -17.29 -3.95 7.64
N LYS F 108 -16.01 -3.71 7.45
CA LYS F 108 -15.32 -2.67 8.22
C LYS F 108 -14.17 -2.08 7.42
N ARG F 109 -13.80 -0.84 7.77
CA ARG F 109 -12.73 -0.11 7.11
C ARG F 109 -12.07 0.80 8.13
N LEU F 110 -10.77 1.02 8.00
CA LEU F 110 -10.06 1.88 8.94
C LEU F 110 -8.68 2.35 8.49
N ASP F 111 -8.10 1.69 7.47
CA ASP F 111 -6.79 2.10 6.97
C ASP F 111 -6.62 2.02 5.46
N GLY F 112 -7.55 1.35 4.79
CA GLY F 112 -7.50 1.21 3.33
C GLY F 112 -6.48 0.22 2.79
N SER F 113 -6.14 -0.78 3.58
CA SER F 113 -5.14 -1.77 3.18
C SER F 113 -5.65 -2.79 2.20
N VAL F 114 -6.94 -2.77 1.90
CA VAL F 114 -7.49 -3.76 0.98
C VAL F 114 -8.29 -3.15 -0.15
N ASP F 115 -8.29 -3.85 -1.28
CA ASP F 115 -8.99 -3.35 -2.45
C ASP F 115 -10.38 -3.90 -2.62
N PHE F 116 -11.35 -2.99 -2.70
CA PHE F 116 -12.72 -3.41 -2.88
C PHE F 116 -13.05 -3.50 -4.37
N LYS F 117 -12.07 -3.17 -5.21
CA LYS F 117 -12.27 -3.26 -6.63
C LYS F 117 -12.25 -4.74 -6.94
N LYS F 118 -12.68 -5.54 -5.96
CA LYS F 118 -12.74 -6.98 -6.14
C LYS F 118 -13.97 -7.23 -7.01
N ASN F 119 -14.07 -8.40 -7.61
CA ASN F 119 -15.21 -8.67 -8.47
C ASN F 119 -16.42 -9.31 -7.79
N TRP F 120 -17.21 -10.00 -8.60
CA TRP F 120 -18.42 -10.68 -8.15
C TRP F 120 -18.18 -11.94 -7.36
N ILE F 121 -17.21 -12.74 -7.79
CA ILE F 121 -16.93 -13.98 -7.09
C ILE F 121 -16.30 -13.66 -5.76
N GLN F 122 -15.47 -12.63 -5.75
CA GLN F 122 -14.78 -12.21 -4.53
C GLN F 122 -15.77 -11.53 -3.60
N TYR F 123 -16.83 -10.95 -4.15
CA TYR F 123 -17.80 -10.30 -3.30
C TYR F 123 -18.77 -11.31 -2.65
N LYS F 124 -18.96 -12.46 -3.31
CA LYS F 124 -19.84 -13.53 -2.81
C LYS F 124 -19.16 -14.34 -1.71
N GLU F 125 -18.00 -14.92 -2.05
CA GLU F 125 -17.22 -15.72 -1.11
C GLU F 125 -16.59 -14.88 0.01
N GLY F 126 -16.57 -13.56 -0.19
CA GLY F 126 -16.00 -12.64 0.80
C GLY F 126 -14.51 -12.40 0.63
N PHE F 127 -14.00 -11.43 1.37
CA PHE F 127 -12.58 -11.13 1.29
C PHE F 127 -12.19 -10.16 2.38
N GLY F 128 -10.90 -10.01 2.59
CA GLY F 128 -10.46 -9.14 3.66
C GLY F 128 -9.95 -10.09 4.72
N HIS F 129 -9.80 -9.59 5.95
CA HIS F 129 -9.32 -10.43 7.03
C HIS F 129 -10.14 -10.18 8.29
N LEU F 130 -9.99 -11.04 9.28
CA LEU F 130 -10.70 -10.90 10.54
C LEU F 130 -9.68 -10.96 11.66
N SER F 131 -9.86 -10.12 12.67
CA SER F 131 -8.93 -10.08 13.80
C SER F 131 -9.68 -10.07 15.13
N PRO F 132 -8.97 -10.32 16.25
CA PRO F 132 -9.64 -10.32 17.56
C PRO F 132 -9.84 -8.94 18.13
N THR F 133 -9.42 -7.92 17.39
CA THR F 133 -9.56 -6.54 17.86
C THR F 133 -10.35 -5.71 16.86
N GLY F 134 -10.74 -6.33 15.76
CA GLY F 134 -11.49 -5.65 14.74
C GLY F 134 -10.65 -4.70 13.90
N THR F 135 -9.38 -5.04 13.71
CA THR F 135 -8.48 -4.19 12.93
C THR F 135 -8.24 -4.89 11.61
N THR F 136 -9.15 -4.70 10.66
CA THR F 136 -8.97 -5.40 9.41
C THR F 136 -10.13 -5.13 8.47
N GLU F 137 -9.89 -4.37 7.40
CA GLU F 137 -10.97 -4.12 6.46
C GLU F 137 -11.32 -5.49 5.87
N PHE F 138 -12.61 -5.69 5.63
CA PHE F 138 -13.06 -6.94 5.06
C PHE F 138 -14.47 -6.80 4.54
N TRP F 139 -14.90 -7.83 3.83
CA TRP F 139 -16.23 -7.88 3.30
C TRP F 139 -16.57 -9.31 3.62
N LEU F 140 -17.24 -9.49 4.75
CA LEU F 140 -17.61 -10.81 5.19
C LEU F 140 -18.20 -11.61 4.04
N GLY F 141 -18.75 -10.93 3.06
CA GLY F 141 -19.28 -11.69 1.94
C GLY F 141 -20.79 -11.68 1.81
N ASN F 142 -21.26 -11.49 0.59
CA ASN F 142 -22.69 -11.44 0.32
C ASN F 142 -23.37 -12.77 0.51
N GLU F 143 -22.97 -13.77 -0.28
CA GLU F 143 -23.57 -15.10 -0.16
C GLU F 143 -23.71 -15.48 1.30
N LYS F 144 -22.90 -14.85 2.15
CA LYS F 144 -22.91 -15.11 3.58
C LYS F 144 -23.98 -14.23 4.22
N ILE F 145 -23.77 -12.91 4.16
CA ILE F 145 -24.72 -11.95 4.73
C ILE F 145 -26.16 -12.35 4.41
N HIS F 146 -26.36 -13.00 3.27
CA HIS F 146 -27.68 -13.45 2.90
C HIS F 146 -28.12 -14.22 4.13
N LEU F 147 -27.64 -15.46 4.22
CA LEU F 147 -27.92 -16.39 5.31
C LEU F 147 -28.10 -15.76 6.69
N ILE F 148 -27.24 -14.80 7.05
CA ILE F 148 -27.37 -14.15 8.35
C ILE F 148 -28.59 -13.23 8.42
N SER F 149 -28.99 -12.64 7.29
CA SER F 149 -30.14 -11.73 7.27
C SER F 149 -31.46 -12.46 7.16
N THR F 150 -31.49 -13.50 6.33
CA THR F 150 -32.70 -14.25 6.12
C THR F 150 -32.69 -15.68 6.68
N GLN F 151 -32.66 -15.79 8.01
CA GLN F 151 -32.67 -17.09 8.69
C GLN F 151 -33.96 -17.19 9.51
N SER F 152 -34.79 -18.15 9.15
CA SER F 152 -36.09 -18.39 9.81
C SER F 152 -36.67 -17.14 10.49
N ALA F 153 -37.56 -16.46 9.77
CA ALA F 153 -38.26 -15.25 10.24
C ALA F 153 -37.71 -14.61 11.51
N ILE F 154 -36.95 -13.54 11.33
CA ILE F 154 -36.36 -12.81 12.45
C ILE F 154 -36.20 -11.33 12.11
N PRO F 155 -36.36 -10.46 13.10
CA PRO F 155 -36.21 -9.04 12.79
C PRO F 155 -34.75 -8.66 12.78
N TYR F 156 -34.12 -8.61 11.61
CA TYR F 156 -32.72 -8.22 11.57
C TYR F 156 -32.56 -6.78 11.20
N ALA F 157 -31.93 -6.02 12.09
CA ALA F 157 -31.71 -4.60 11.87
C ALA F 157 -30.28 -4.33 11.39
N LEU F 158 -30.15 -3.62 10.27
CA LEU F 158 -28.83 -3.28 9.75
C LEU F 158 -28.31 -2.11 10.58
N ARG F 159 -27.14 -1.59 10.21
CA ARG F 159 -26.57 -0.46 10.93
C ARG F 159 -25.25 -0.06 10.30
N VAL F 160 -24.90 1.21 10.45
CA VAL F 160 -23.68 1.70 9.87
C VAL F 160 -23.06 2.74 10.76
N GLU F 161 -21.74 2.68 10.89
CA GLU F 161 -21.00 3.64 11.69
C GLU F 161 -19.90 4.25 10.85
N LEU F 162 -20.11 5.49 10.40
CA LEU F 162 -19.11 6.17 9.61
C LEU F 162 -18.18 6.90 10.55
N GLU F 163 -16.90 6.95 10.19
CA GLU F 163 -15.91 7.62 11.02
C GLU F 163 -15.13 8.64 10.21
N ASP F 164 -15.26 9.90 10.63
CA ASP F 164 -14.60 11.03 9.99
C ASP F 164 -13.21 11.30 10.56
N TRP F 165 -12.36 11.94 9.76
CA TRP F 165 -11.01 12.30 10.18
C TRP F 165 -11.11 13.56 11.03
N ASN F 166 -12.21 13.65 11.80
CA ASN F 166 -12.45 14.78 12.67
C ASN F 166 -12.35 14.33 14.13
N GLY F 167 -13.03 13.24 14.44
CA GLY F 167 -13.01 12.72 15.80
C GLY F 167 -14.28 11.96 16.16
N ARG F 168 -15.37 12.69 16.42
CA ARG F 168 -16.65 12.07 16.76
C ARG F 168 -17.15 11.30 15.53
N THR F 169 -18.30 10.64 15.65
CA THR F 169 -18.83 9.90 14.52
C THR F 169 -20.35 9.93 14.35
N SER F 170 -20.84 9.15 13.41
CA SER F 170 -22.27 9.09 13.13
C SER F 170 -22.79 7.66 13.10
N THR F 171 -24.01 7.51 12.61
CA THR F 171 -24.63 6.19 12.49
C THR F 171 -25.91 6.25 11.70
N ALA F 172 -26.48 5.10 11.41
CA ALA F 172 -27.72 5.03 10.64
C ALA F 172 -28.17 3.58 10.62
N ASP F 173 -29.37 3.31 11.14
CA ASP F 173 -29.87 1.95 11.22
C ASP F 173 -30.86 1.63 10.15
N TYR F 174 -31.61 0.57 10.37
CA TYR F 174 -32.65 0.13 9.45
C TYR F 174 -33.49 -0.92 10.15
N ALA F 175 -34.36 -1.62 9.40
CA ALA F 175 -35.19 -2.66 9.97
C ALA F 175 -35.55 -3.62 8.89
N MET F 176 -35.75 -4.87 9.27
CA MET F 176 -36.06 -5.91 8.30
C MET F 176 -35.02 -5.90 7.17
N PHE F 177 -33.76 -5.68 7.55
CA PHE F 177 -32.65 -5.68 6.60
C PHE F 177 -32.41 -7.11 6.17
N LYS F 178 -32.49 -7.36 4.87
CA LYS F 178 -32.31 -8.70 4.35
C LYS F 178 -31.68 -8.63 2.97
N VAL F 179 -30.49 -9.21 2.83
CA VAL F 179 -29.82 -9.22 1.54
C VAL F 179 -30.37 -10.44 0.81
N GLY F 180 -30.81 -10.24 -0.43
CA GLY F 180 -31.37 -11.34 -1.22
C GLY F 180 -30.37 -12.37 -1.68
N PRO F 181 -30.83 -13.48 -2.27
CA PRO F 181 -29.94 -14.56 -2.75
C PRO F 181 -29.34 -14.34 -4.16
N GLU F 182 -28.15 -14.90 -4.39
CA GLU F 182 -27.45 -14.76 -5.67
C GLU F 182 -28.29 -14.79 -6.94
N ALA F 183 -29.37 -15.57 -6.94
CA ALA F 183 -30.24 -15.67 -8.11
C ALA F 183 -30.85 -14.31 -8.42
N ASP F 184 -31.29 -13.61 -7.38
CA ASP F 184 -31.87 -12.28 -7.51
C ASP F 184 -30.76 -11.38 -6.98
N LYS F 185 -29.53 -11.80 -7.28
CA LYS F 185 -28.31 -11.10 -6.87
C LYS F 185 -28.15 -11.11 -5.37
N TYR F 186 -28.02 -9.94 -4.79
CA TYR F 186 -27.90 -9.85 -3.36
C TYR F 186 -28.62 -8.56 -3.08
N ARG F 187 -29.74 -8.44 -3.79
CA ARG F 187 -30.63 -7.30 -3.72
C ARG F 187 -30.84 -6.92 -2.28
N LEU F 188 -30.29 -5.76 -1.94
CA LEU F 188 -30.44 -5.24 -0.61
C LEU F 188 -31.91 -4.85 -0.57
N THR F 189 -32.51 -4.90 0.62
CA THR F 189 -33.91 -4.51 0.86
C THR F 189 -34.00 -4.26 2.34
N TYR F 190 -34.98 -3.49 2.80
CA TYR F 190 -35.13 -3.23 4.23
C TYR F 190 -36.53 -2.66 4.52
N ALA F 191 -36.62 -1.56 5.27
CA ALA F 191 -37.93 -0.99 5.55
C ALA F 191 -37.97 0.46 6.00
N TYR F 192 -37.06 0.88 6.87
CA TYR F 192 -37.10 2.27 7.32
C TYR F 192 -35.99 2.83 8.19
N PHE F 193 -35.46 3.98 7.80
CA PHE F 193 -34.42 4.62 8.57
C PHE F 193 -34.93 4.43 9.99
N ALA F 194 -34.08 4.03 10.91
CA ALA F 194 -34.52 3.83 12.28
C ALA F 194 -33.80 4.78 13.20
N GLY F 195 -33.41 5.93 12.67
CA GLY F 195 -32.71 6.88 13.50
C GLY F 195 -31.20 6.72 13.44
N GLY F 196 -30.49 7.83 13.67
CA GLY F 196 -29.05 7.80 13.63
C GLY F 196 -28.56 9.17 13.22
N ASP F 197 -27.75 9.79 14.09
CA ASP F 197 -27.22 11.13 13.88
C ASP F 197 -26.39 11.35 12.61
N ALA F 198 -26.73 10.62 11.56
CA ALA F 198 -26.04 10.73 10.28
C ALA F 198 -27.07 11.04 9.20
N GLY F 199 -27.85 10.03 8.81
CA GLY F 199 -28.88 10.26 7.81
C GLY F 199 -29.21 9.12 6.88
N ASP F 200 -30.50 8.93 6.64
CA ASP F 200 -31.02 7.89 5.76
C ASP F 200 -30.60 8.17 4.31
N ALA F 201 -29.51 7.55 3.86
CA ALA F 201 -29.04 7.78 2.51
C ALA F 201 -29.41 6.69 1.53
N PHE F 202 -29.72 5.51 2.02
CA PHE F 202 -30.07 4.40 1.14
C PHE F 202 -31.33 4.62 0.33
N ASP F 203 -32.00 5.76 0.49
CA ASP F 203 -33.22 6.01 -0.28
C ASP F 203 -33.02 7.16 -1.28
N GLY F 204 -31.76 7.37 -1.67
CA GLY F 204 -31.44 8.41 -2.62
C GLY F 204 -31.10 9.73 -1.95
N PHE F 205 -30.54 10.65 -2.73
CA PHE F 205 -30.20 11.97 -2.21
C PHE F 205 -30.27 13.02 -3.30
N ASP F 206 -30.66 14.23 -2.91
CA ASP F 206 -30.78 15.34 -3.85
C ASP F 206 -29.60 16.29 -3.76
N PHE F 207 -28.52 15.96 -4.46
CA PHE F 207 -27.31 16.79 -4.47
C PHE F 207 -27.68 18.19 -4.98
N GLY F 208 -28.77 18.24 -5.74
CA GLY F 208 -29.24 19.49 -6.32
C GLY F 208 -28.96 19.48 -7.81
N ASP F 209 -28.22 18.47 -8.23
CA ASP F 209 -27.84 18.28 -9.64
C ASP F 209 -28.91 17.48 -10.37
N ASP F 210 -30.08 18.10 -10.57
CA ASP F 210 -31.25 17.50 -11.25
C ASP F 210 -32.25 16.86 -10.29
N PRO F 211 -33.54 17.26 -10.38
CA PRO F 211 -34.59 16.71 -9.51
C PRO F 211 -34.56 15.17 -9.49
N SER F 212 -34.39 14.59 -10.67
CA SER F 212 -34.35 13.14 -10.80
C SER F 212 -33.07 12.62 -10.15
N ASP F 213 -32.88 12.94 -8.87
CA ASP F 213 -31.69 12.51 -8.15
C ASP F 213 -31.94 11.60 -6.96
N LYS F 214 -32.91 11.93 -6.11
CA LYS F 214 -33.16 11.06 -4.98
C LYS F 214 -33.67 9.75 -5.55
N PHE F 215 -34.74 9.80 -6.32
CA PHE F 215 -35.26 8.56 -6.89
C PHE F 215 -34.16 7.68 -7.48
N PHE F 216 -33.02 8.29 -7.82
CA PHE F 216 -31.91 7.55 -8.43
C PHE F 216 -30.74 7.11 -7.52
N THR F 217 -30.21 7.99 -6.66
CA THR F 217 -29.13 7.56 -5.78
C THR F 217 -29.73 6.79 -4.60
N SER F 218 -30.92 6.23 -4.84
CA SER F 218 -31.63 5.44 -3.84
C SER F 218 -31.17 4.00 -3.96
N HIS F 219 -31.01 3.33 -2.82
CA HIS F 219 -30.55 1.96 -2.83
C HIS F 219 -31.62 0.91 -2.57
N ASN F 220 -32.46 1.14 -1.58
CA ASN F 220 -33.52 0.19 -1.26
C ASN F 220 -34.06 -0.46 -2.54
N GLY F 221 -34.06 -1.79 -2.54
CA GLY F 221 -34.57 -2.53 -3.69
C GLY F 221 -33.52 -2.86 -4.73
N MET F 222 -32.36 -2.21 -4.61
CA MET F 222 -31.27 -2.40 -5.57
C MET F 222 -30.51 -3.71 -5.52
N GLN F 223 -30.47 -4.39 -6.66
CA GLN F 223 -29.74 -5.63 -6.73
C GLN F 223 -28.31 -5.22 -6.43
N PHE F 224 -27.39 -6.17 -6.48
CA PHE F 224 -25.98 -5.90 -6.21
C PHE F 224 -25.20 -6.03 -7.52
N SER F 225 -24.23 -5.14 -7.74
CA SER F 225 -23.43 -5.17 -8.95
C SER F 225 -21.92 -4.99 -8.68
N THR F 226 -21.10 -5.57 -9.56
CA THR F 226 -19.64 -5.52 -9.49
C THR F 226 -19.26 -5.28 -10.94
N TRP F 227 -18.13 -4.63 -11.20
CA TRP F 227 -17.76 -4.34 -12.59
C TRP F 227 -18.12 -5.44 -13.57
N ASP F 228 -18.04 -6.69 -13.13
CA ASP F 228 -18.35 -7.80 -14.04
C ASP F 228 -19.72 -8.41 -13.86
N ASN F 229 -20.54 -7.78 -13.05
CA ASN F 229 -21.91 -8.25 -12.81
C ASN F 229 -22.75 -6.97 -12.76
N ASP F 230 -23.07 -6.47 -13.94
CA ASP F 230 -23.83 -5.24 -14.06
C ASP F 230 -25.31 -5.40 -13.72
N ASN F 231 -25.74 -4.81 -12.61
CA ASN F 231 -27.14 -4.91 -12.20
C ASN F 231 -27.80 -3.60 -11.81
N ASP F 232 -27.12 -2.48 -12.00
CA ASP F 232 -27.67 -1.16 -11.66
C ASP F 232 -28.72 -0.80 -12.70
N LYS F 233 -29.26 0.42 -12.62
CA LYS F 233 -30.27 0.88 -13.58
C LYS F 233 -29.72 1.85 -14.64
N PHE F 234 -28.47 2.27 -14.53
CA PHE F 234 -27.87 3.18 -15.52
C PHE F 234 -27.16 2.37 -16.59
N GLU F 235 -27.47 2.63 -17.87
CA GLU F 235 -26.89 1.89 -19.00
C GLU F 235 -25.36 1.82 -19.05
N GLY F 236 -24.71 2.48 -18.10
CA GLY F 236 -23.27 2.43 -18.07
C GLY F 236 -22.92 1.20 -17.27
N ASN F 237 -22.34 1.41 -16.10
CA ASN F 237 -21.96 0.32 -15.21
C ASN F 237 -21.34 0.94 -13.99
N CYS F 238 -22.18 1.57 -13.19
CA CYS F 238 -21.77 2.22 -11.96
C CYS F 238 -20.61 1.46 -11.32
N ALA F 239 -20.85 0.18 -11.04
CA ALA F 239 -19.88 -0.72 -10.41
C ALA F 239 -18.46 -0.60 -10.93
N GLU F 240 -18.30 -0.57 -12.26
CA GLU F 240 -16.98 -0.47 -12.87
C GLU F 240 -16.45 0.97 -12.89
N GLN F 241 -17.29 1.92 -13.32
CA GLN F 241 -16.88 3.30 -13.35
C GLN F 241 -16.88 3.83 -11.90
N ASP F 242 -16.49 2.97 -10.97
CA ASP F 242 -16.44 3.32 -9.55
C ASP F 242 -15.45 2.43 -8.83
N GLY F 243 -14.97 1.43 -9.53
CA GLY F 243 -14.01 0.52 -8.94
C GLY F 243 -14.58 -0.22 -7.74
N SER F 244 -15.64 -0.98 -7.95
CA SER F 244 -16.22 -1.71 -6.84
C SER F 244 -17.28 -2.78 -7.15
N GLY F 245 -18.00 -3.09 -6.07
CA GLY F 245 -19.08 -4.04 -6.08
C GLY F 245 -20.00 -3.40 -5.06
N TRP F 246 -21.29 -3.35 -5.38
CA TRP F 246 -22.25 -2.74 -4.48
C TRP F 246 -23.59 -2.78 -5.17
N TRP F 247 -24.66 -2.54 -4.41
CA TRP F 247 -26.03 -2.52 -4.94
C TRP F 247 -26.20 -1.15 -5.57
N MET F 248 -26.17 -1.11 -6.89
CA MET F 248 -26.25 0.17 -7.58
C MET F 248 -27.50 0.46 -8.40
N ASN F 249 -27.78 1.76 -8.48
CA ASN F 249 -28.90 2.32 -9.21
C ASN F 249 -28.27 3.12 -10.35
N LYS F 250 -28.41 4.43 -10.29
CA LYS F 250 -27.87 5.33 -11.30
C LYS F 250 -27.21 6.56 -10.64
N CYS F 251 -26.24 6.44 -9.73
CA CYS F 251 -25.60 5.24 -9.23
C CYS F 251 -25.70 5.11 -7.71
N HIS F 252 -25.37 6.15 -6.96
CA HIS F 252 -25.44 6.01 -5.51
C HIS F 252 -25.21 7.27 -4.71
N ALA F 253 -25.75 7.25 -3.50
CA ALA F 253 -25.59 8.36 -2.57
C ALA F 253 -24.94 7.70 -1.34
N GLY F 254 -24.61 6.42 -1.50
CA GLY F 254 -24.00 5.63 -0.45
C GLY F 254 -23.07 4.59 -1.07
N HIS F 255 -21.77 4.75 -0.84
CA HIS F 255 -20.76 3.89 -1.44
C HIS F 255 -19.74 3.37 -0.43
N LEU F 256 -20.05 2.28 0.25
CA LEU F 256 -19.10 1.77 1.24
C LEU F 256 -18.11 0.69 0.78
N ASN F 257 -17.79 0.72 -0.49
CA ASN F 257 -16.84 -0.20 -1.11
C ASN F 257 -16.08 0.66 -2.09
N GLY F 258 -16.24 1.96 -1.90
CA GLY F 258 -15.57 2.92 -2.76
C GLY F 258 -14.10 2.93 -2.43
N VAL F 259 -13.30 3.35 -3.40
CA VAL F 259 -11.87 3.45 -3.19
C VAL F 259 -11.61 4.23 -1.92
N TYR F 260 -10.66 3.74 -1.14
CA TYR F 260 -10.32 4.42 0.09
C TYR F 260 -9.55 5.69 -0.25
N TYR F 261 -9.93 6.80 0.39
CA TYR F 261 -9.24 8.07 0.15
C TYR F 261 -8.65 8.56 1.45
N GLN F 262 -7.36 8.85 1.44
CA GLN F 262 -6.66 9.34 2.62
C GLN F 262 -7.16 10.76 2.89
N GLY F 263 -7.20 11.15 4.16
CA GLY F 263 -7.69 12.48 4.49
C GLY F 263 -9.20 12.62 4.24
N GLY F 264 -9.75 11.71 3.46
CA GLY F 264 -11.17 11.72 3.14
C GLY F 264 -11.59 12.65 2.03
N THR F 265 -11.30 13.94 2.21
CA THR F 265 -11.65 14.96 1.23
C THR F 265 -10.95 14.82 -0.12
N TYR F 266 -11.54 14.05 -1.03
CA TYR F 266 -10.97 13.88 -2.36
C TYR F 266 -11.71 14.78 -3.36
N SER F 267 -11.12 15.04 -4.52
CA SER F 267 -11.77 15.88 -5.52
C SER F 267 -12.02 15.10 -6.79
N LYS F 268 -12.89 15.63 -7.65
CA LYS F 268 -13.19 14.98 -8.92
C LYS F 268 -11.88 14.77 -9.66
N ALA F 269 -10.82 15.40 -9.14
CA ALA F 269 -9.49 15.30 -9.72
C ALA F 269 -9.04 13.85 -9.77
N SER F 270 -8.72 13.32 -8.60
CA SER F 270 -8.26 11.95 -8.48
C SER F 270 -9.17 10.96 -9.20
N THR F 271 -10.47 11.22 -9.19
CA THR F 271 -11.42 10.32 -9.84
C THR F 271 -10.98 9.91 -11.24
N PRO F 272 -10.90 8.61 -11.48
CA PRO F 272 -10.51 7.98 -12.74
C PRO F 272 -11.42 8.39 -13.90
N ASN F 273 -12.72 8.19 -13.73
CA ASN F 273 -13.69 8.52 -14.77
C ASN F 273 -14.42 9.83 -14.53
N GLY F 274 -14.01 10.54 -13.48
CA GLY F 274 -14.64 11.82 -13.15
C GLY F 274 -15.90 11.70 -12.33
N TYR F 275 -16.15 10.51 -11.80
CA TYR F 275 -17.34 10.30 -10.99
C TYR F 275 -16.91 9.89 -9.59
N ASP F 276 -17.51 10.52 -8.60
CA ASP F 276 -17.24 10.22 -7.21
C ASP F 276 -17.31 8.71 -6.97
N ASN F 277 -16.19 8.09 -6.62
CA ASN F 277 -16.21 6.66 -6.37
C ASN F 277 -15.62 6.34 -5.00
N GLY F 278 -15.60 7.34 -4.11
CA GLY F 278 -15.06 7.13 -2.79
C GLY F 278 -15.98 6.38 -1.86
N ILE F 279 -15.54 6.19 -0.63
CA ILE F 279 -16.33 5.49 0.35
C ILE F 279 -17.33 6.48 0.92
N ILE F 280 -18.36 6.82 0.13
CA ILE F 280 -19.35 7.80 0.57
C ILE F 280 -20.61 7.29 1.20
N TRP F 281 -21.28 8.23 1.87
CA TRP F 281 -22.54 8.06 2.54
C TRP F 281 -23.05 9.50 2.49
N ALA F 282 -23.70 9.83 1.38
CA ALA F 282 -24.22 11.17 1.10
C ALA F 282 -24.93 11.97 2.20
N THR F 283 -25.94 11.37 2.83
CA THR F 283 -26.73 12.03 3.87
C THR F 283 -26.04 12.60 5.11
N TRP F 284 -24.70 12.71 5.08
CA TRP F 284 -23.97 13.25 6.22
C TRP F 284 -22.78 14.15 5.82
N LYS F 285 -22.12 13.79 4.73
CA LYS F 285 -20.99 14.58 4.23
C LYS F 285 -21.06 14.66 2.71
N THR F 286 -20.22 15.53 2.13
CA THR F 286 -20.19 15.73 0.67
C THR F 286 -20.13 14.44 -0.13
N ARG F 287 -20.11 14.59 -1.46
CA ARG F 287 -20.02 13.45 -2.37
C ARG F 287 -18.54 13.28 -2.71
N TRP F 288 -17.74 14.22 -2.22
CA TRP F 288 -16.30 14.20 -2.42
C TRP F 288 -15.67 14.17 -1.04
N TYR F 289 -16.00 13.10 -0.33
CA TYR F 289 -15.50 12.86 1.01
C TYR F 289 -15.70 11.40 1.37
N SER F 290 -14.66 10.60 1.19
CA SER F 290 -14.73 9.19 1.55
C SER F 290 -14.58 9.17 3.07
N MET F 291 -14.88 8.04 3.70
CA MET F 291 -14.78 7.96 5.14
C MET F 291 -13.52 7.23 5.63
N LYS F 292 -13.10 7.54 6.86
CA LYS F 292 -11.93 6.92 7.45
C LYS F 292 -12.30 5.53 7.99
N LYS F 293 -13.55 5.36 8.45
CA LYS F 293 -14.00 4.07 8.97
C LYS F 293 -15.47 3.80 8.78
N THR F 294 -15.77 2.68 8.15
CA THR F 294 -17.13 2.27 7.90
C THR F 294 -17.28 0.86 8.43
N THR F 295 -18.27 0.65 9.31
CA THR F 295 -18.50 -0.66 9.86
C THR F 295 -19.99 -0.95 9.82
N MET F 296 -20.40 -1.78 8.87
CA MET F 296 -21.80 -2.14 8.74
C MET F 296 -21.98 -3.41 9.57
N LYS F 297 -22.68 -3.28 10.69
CA LYS F 297 -22.89 -4.42 11.59
C LYS F 297 -24.38 -4.64 11.86
N ILE F 298 -24.92 -5.78 11.43
CA ILE F 298 -26.33 -6.09 11.66
C ILE F 298 -26.55 -6.65 13.06
N ILE F 299 -27.78 -7.06 13.32
CA ILE F 299 -28.14 -7.61 14.62
C ILE F 299 -29.63 -7.94 14.62
N PRO F 300 -30.03 -8.98 15.34
CA PRO F 300 -31.45 -9.31 15.36
C PRO F 300 -32.10 -8.16 16.11
N PHE F 301 -32.94 -7.40 15.40
CA PHE F 301 -33.63 -6.24 15.95
C PHE F 301 -33.90 -6.33 17.45
N ASN F 302 -35.16 -6.54 17.83
CA ASN F 302 -35.56 -6.59 19.23
C ASN F 302 -34.47 -6.27 20.23
N ARG F 303 -33.86 -5.10 20.08
CA ARG F 303 -32.79 -4.65 20.97
C ARG F 303 -32.26 -3.28 20.54
N ILE G 9 120.29 -60.05 65.11
CA ILE G 9 121.25 -61.12 64.76
C ILE G 9 121.14 -61.53 63.27
N GLU G 10 120.06 -61.14 62.61
CA GLU G 10 119.89 -61.52 61.20
C GLU G 10 118.97 -60.64 60.34
N VAL G 11 117.69 -61.01 60.29
CA VAL G 11 116.64 -60.36 59.51
C VAL G 11 116.77 -58.88 59.10
N LEU G 12 116.97 -58.65 57.81
CA LEU G 12 117.11 -57.32 57.22
C LEU G 12 116.88 -57.41 55.72
N LYS G 13 117.64 -58.28 55.04
CA LYS G 13 117.51 -58.47 53.59
C LYS G 13 116.02 -58.64 53.29
N ARG G 14 115.29 -59.21 54.25
CA ARG G 14 113.86 -59.41 54.12
C ARG G 14 113.22 -58.09 53.73
N LYS G 15 112.70 -57.35 54.70
CA LYS G 15 112.07 -56.06 54.41
C LYS G 15 113.02 -55.10 53.68
N VAL G 16 113.28 -55.39 52.42
CA VAL G 16 114.13 -54.56 51.58
C VAL G 16 113.74 -54.86 50.16
N ILE G 17 114.26 -55.95 49.61
CA ILE G 17 113.89 -56.32 48.26
C ILE G 17 112.37 -56.39 48.29
N GLU G 18 111.83 -56.49 49.51
CA GLU G 18 110.40 -56.54 49.78
C GLU G 18 109.89 -55.11 49.72
N LYS G 19 110.42 -54.27 50.61
CA LYS G 19 110.06 -52.85 50.67
C LYS G 19 110.78 -52.15 49.52
N VAL G 20 110.53 -52.69 48.34
CA VAL G 20 111.09 -52.20 47.08
C VAL G 20 110.33 -53.01 46.06
N GLN G 21 110.05 -54.24 46.42
CA GLN G 21 109.28 -55.15 45.58
C GLN G 21 107.95 -54.43 45.42
N HIS G 22 107.42 -53.96 46.56
CA HIS G 22 106.15 -53.26 46.59
C HIS G 22 106.35 -51.74 46.53
N ILE G 23 107.22 -51.36 45.60
CA ILE G 23 107.58 -49.97 45.29
C ILE G 23 107.69 -49.87 43.78
N GLN G 24 108.07 -50.97 43.13
CA GLN G 24 108.16 -51.00 41.67
C GLN G 24 106.69 -51.03 41.27
N LEU G 25 105.85 -51.14 42.31
CA LEU G 25 104.40 -51.18 42.21
C LEU G 25 103.90 -49.79 41.91
N LEU G 26 103.96 -48.91 42.91
CA LEU G 26 103.51 -47.54 42.76
C LEU G 26 104.08 -46.94 41.47
N GLN G 27 105.26 -47.40 41.05
CA GLN G 27 105.87 -46.87 39.83
C GLN G 27 105.26 -47.43 38.54
N LYS G 28 104.52 -48.54 38.66
CA LYS G 28 103.85 -49.12 37.50
C LYS G 28 102.48 -48.46 37.51
N ASN G 29 102.13 -47.95 38.69
CA ASN G 29 100.86 -47.28 38.93
C ASN G 29 100.89 -45.85 38.41
N VAL G 30 101.85 -45.08 38.89
CA VAL G 30 101.94 -43.69 38.46
C VAL G 30 102.06 -43.63 36.95
N ARG G 31 102.90 -44.49 36.37
CA ARG G 31 103.07 -44.47 34.93
C ARG G 31 101.71 -44.50 34.24
N ALA G 32 100.70 -44.99 34.97
CA ALA G 32 99.33 -45.08 34.47
C ALA G 32 98.56 -43.83 34.88
N GLN G 33 99.27 -42.87 35.44
CA GLN G 33 98.67 -41.62 35.89
C GLN G 33 99.28 -40.55 35.01
N LEU G 34 100.59 -40.66 34.80
CA LEU G 34 101.32 -39.75 33.94
C LEU G 34 100.77 -39.97 32.53
N VAL G 35 99.81 -40.88 32.45
CA VAL G 35 99.15 -41.23 31.19
C VAL G 35 97.65 -40.91 31.29
N ASP G 36 97.11 -41.01 32.50
CA ASP G 36 95.70 -40.71 32.73
C ASP G 36 95.52 -39.21 32.59
N MET G 37 96.56 -38.45 32.97
CA MET G 37 96.51 -37.00 32.88
C MET G 37 97.16 -36.53 31.59
N LYS G 38 97.39 -37.44 30.66
CA LYS G 38 97.95 -37.09 29.37
C LYS G 38 96.77 -37.23 28.43
N ARG G 39 95.66 -37.68 28.99
CA ARG G 39 94.42 -37.85 28.25
C ARG G 39 93.36 -37.01 28.93
N LEU G 40 93.47 -36.87 30.25
CA LEU G 40 92.52 -36.04 30.98
C LEU G 40 92.83 -34.64 30.51
N GLU G 41 94.12 -34.43 30.27
CA GLU G 41 94.59 -33.15 29.77
C GLU G 41 93.82 -32.90 28.48
N VAL G 42 94.29 -33.59 27.43
CA VAL G 42 93.73 -33.49 26.08
C VAL G 42 92.23 -33.62 25.97
N ASP G 43 91.58 -34.24 26.95
CA ASP G 43 90.12 -34.38 26.90
C ASP G 43 89.51 -33.04 27.23
N ILE G 44 90.03 -32.42 28.29
CA ILE G 44 89.56 -31.11 28.74
C ILE G 44 89.88 -30.05 27.70
N ASP G 45 91.15 -30.02 27.30
CA ASP G 45 91.64 -29.07 26.32
C ASP G 45 90.79 -29.05 25.05
N ILE G 46 90.27 -30.21 24.69
CA ILE G 46 89.45 -30.37 23.48
C ILE G 46 87.98 -30.05 23.78
N LYS G 47 87.51 -30.45 24.96
CA LYS G 47 86.13 -30.19 25.36
C LYS G 47 85.94 -28.72 25.72
N ILE G 48 87.02 -28.05 26.08
CA ILE G 48 86.90 -26.65 26.43
C ILE G 48 86.53 -25.83 25.21
N ARG G 49 87.13 -26.15 24.07
CA ARG G 49 86.78 -25.46 22.84
C ARG G 49 85.33 -25.87 22.54
N SER G 50 84.93 -27.05 23.02
CA SER G 50 83.58 -27.56 22.83
C SER G 50 82.54 -26.67 23.51
N CYS G 51 82.88 -25.38 23.71
CA CYS G 51 81.97 -24.44 24.35
C CYS G 51 81.80 -23.11 23.64
N ARG G 52 82.79 -22.75 22.83
CA ARG G 52 82.76 -21.51 22.07
C ARG G 52 81.57 -21.42 21.11
N GLY G 53 80.46 -22.04 21.46
CA GLY G 53 79.28 -22.03 20.60
C GLY G 53 78.03 -22.27 21.43
N SER G 54 78.04 -21.70 22.63
CA SER G 54 76.94 -21.79 23.59
C SER G 54 77.43 -21.14 24.88
N CYS G 55 78.72 -20.74 24.84
CA CYS G 55 79.37 -20.08 25.95
C CYS G 55 79.93 -18.76 25.43
N SER G 56 79.79 -17.71 26.24
CA SER G 56 80.27 -16.37 25.88
C SER G 56 81.74 -16.45 25.44
N ARG G 57 82.62 -15.92 26.27
CA ARG G 57 84.05 -15.93 25.95
C ARG G 57 84.70 -17.30 26.19
N ALA G 58 85.92 -17.45 25.66
CA ALA G 58 86.68 -18.68 25.79
C ALA G 58 88.11 -18.37 26.22
N LEU G 59 88.75 -19.33 26.86
CA LEU G 59 90.12 -19.12 27.31
C LEU G 59 91.07 -19.52 26.21
N ALA G 60 92.29 -19.00 26.25
CA ALA G 60 93.30 -19.34 25.26
C ALA G 60 94.34 -20.19 25.94
N ARG G 61 93.93 -21.39 26.33
CA ARG G 61 94.82 -22.32 27.01
C ARG G 61 95.88 -22.88 26.08
N GLU G 62 96.76 -23.68 26.67
CA GLU G 62 97.84 -24.31 25.95
C GLU G 62 98.16 -25.52 26.81
N VAL G 63 98.74 -26.55 26.23
CA VAL G 63 99.07 -27.75 27.00
C VAL G 63 100.42 -28.28 26.58
N ASP G 64 101.31 -28.47 27.55
CA ASP G 64 102.65 -28.95 27.23
C ASP G 64 102.67 -30.46 27.03
N LEU G 65 102.95 -30.87 25.80
CA LEU G 65 103.03 -32.26 25.44
C LEU G 65 104.50 -32.68 25.44
N LYS G 66 105.39 -31.69 25.36
CA LYS G 66 106.83 -31.94 25.37
C LYS G 66 107.25 -32.04 26.83
N ASP G 67 106.35 -31.62 27.70
CA ASP G 67 106.60 -31.68 29.12
C ASP G 67 106.05 -33.02 29.56
N TYR G 68 104.78 -33.24 29.23
CA TYR G 68 104.11 -34.49 29.56
C TYR G 68 104.89 -35.67 28.97
N GLU G 69 105.27 -35.54 27.69
CA GLU G 69 106.03 -36.58 27.01
C GLU G 69 107.50 -36.29 27.21
N ASP G 70 107.86 -36.12 28.49
CA ASP G 70 109.24 -35.84 28.87
C ASP G 70 109.49 -36.57 30.17
N GLN G 71 108.57 -36.37 31.12
CA GLN G 71 108.65 -37.03 32.40
C GLN G 71 108.59 -38.51 32.02
N GLN G 72 107.84 -38.78 30.96
CA GLN G 72 107.69 -40.13 30.43
C GLN G 72 109.09 -40.67 30.18
N LYS G 73 109.87 -39.88 29.44
CA LYS G 73 111.25 -40.23 29.08
C LYS G 73 112.10 -40.63 30.29
N GLN G 74 111.86 -40.02 31.44
CA GLN G 74 112.64 -40.35 32.62
C GLN G 74 112.05 -41.55 33.34
N LEU G 75 110.74 -41.50 33.59
CA LEU G 75 110.08 -42.61 34.27
C LEU G 75 110.33 -43.90 33.51
N GLU G 76 110.85 -43.76 32.28
CA GLU G 76 111.16 -44.91 31.46
C GLU G 76 112.66 -45.09 31.35
N GLN G 77 113.32 -44.80 32.47
CA GLN G 77 114.75 -44.93 32.65
C GLN G 77 114.82 -45.48 34.05
N VAL G 78 114.00 -44.88 34.92
CA VAL G 78 113.89 -45.26 36.32
C VAL G 78 113.08 -46.56 36.42
N ILE G 79 112.29 -46.84 35.38
CA ILE G 79 111.48 -48.05 35.35
C ILE G 79 112.35 -49.16 34.77
N ALA G 80 113.64 -49.13 35.10
CA ALA G 80 114.59 -50.12 34.63
C ALA G 80 115.77 -50.26 35.59
N LYS G 81 115.67 -51.14 36.59
CA LYS G 81 116.77 -51.30 37.54
C LYS G 81 116.75 -52.43 38.61
N ASP G 82 115.58 -52.95 38.99
CA ASP G 82 115.52 -53.96 40.04
C ASP G 82 115.95 -53.23 41.31
N LEU H 18 125.47 -59.85 47.57
CA LEU H 18 125.96 -59.54 48.95
C LEU H 18 125.80 -58.03 49.12
N TYR H 19 126.64 -57.30 48.40
CA TYR H 19 126.71 -55.83 48.35
C TYR H 19 125.40 -55.14 47.91
N ILE H 20 124.37 -55.91 47.56
CA ILE H 20 123.10 -55.32 47.11
C ILE H 20 122.58 -54.29 48.12
N ASP H 21 123.23 -54.22 49.26
CA ASP H 21 122.80 -53.27 50.26
C ASP H 21 123.45 -51.90 50.04
N GLU H 22 123.19 -51.39 48.85
CA GLU H 22 123.65 -50.08 48.39
C GLU H 22 122.46 -49.48 47.65
N THR H 23 121.47 -50.32 47.30
CA THR H 23 120.27 -49.83 46.64
C THR H 23 119.62 -49.04 47.75
N VAL H 24 120.11 -49.30 48.96
CA VAL H 24 119.62 -48.64 50.15
C VAL H 24 120.04 -47.18 50.18
N ASN H 25 120.91 -46.78 49.26
CA ASN H 25 121.33 -45.39 49.19
C ASN H 25 122.00 -45.04 47.85
N SER H 26 121.50 -45.66 46.78
CA SER H 26 122.01 -45.41 45.43
C SER H 26 120.89 -45.61 44.39
N ASN H 27 120.29 -46.79 44.41
CA ASN H 27 119.21 -47.13 43.50
C ASN H 27 117.93 -46.45 43.99
N ILE H 28 117.71 -46.48 45.30
CA ILE H 28 116.54 -45.85 45.90
C ILE H 28 116.54 -44.32 45.71
N PRO H 29 117.72 -43.67 45.80
CA PRO H 29 117.73 -42.22 45.61
C PRO H 29 117.12 -41.83 44.27
N THR H 30 117.86 -42.05 43.19
CA THR H 30 117.38 -41.73 41.86
C THR H 30 116.05 -42.43 41.57
N ASN H 31 115.47 -43.00 42.62
CA ASN H 31 114.19 -43.68 42.49
C ASN H 31 113.16 -42.93 43.32
N LEU H 32 113.54 -42.53 44.53
CA LEU H 32 112.61 -41.79 45.38
C LEU H 32 112.48 -40.36 44.92
N ARG H 33 113.50 -39.87 44.25
CA ARG H 33 113.48 -38.51 43.74
C ARG H 33 112.90 -38.56 42.34
N VAL H 34 111.70 -39.13 42.27
CA VAL H 34 110.98 -39.27 41.03
C VAL H 34 109.54 -39.64 41.37
N LEU H 35 109.37 -40.71 42.14
CA LEU H 35 108.03 -41.13 42.55
C LEU H 35 107.32 -39.93 43.17
N ARG H 36 108.10 -39.08 43.84
CA ARG H 36 107.56 -37.88 44.48
C ARG H 36 107.55 -36.73 43.47
N SER H 37 108.71 -36.44 42.91
CA SER H 37 108.88 -35.36 41.94
C SER H 37 107.73 -35.23 40.94
N ILE H 38 107.79 -36.04 39.88
CA ILE H 38 106.78 -36.02 38.83
C ILE H 38 105.35 -36.27 39.31
N LEU H 39 105.20 -36.86 40.49
CA LEU H 39 103.85 -37.08 40.99
C LEU H 39 103.35 -35.73 41.51
N GLU H 40 104.28 -34.77 41.59
CA GLU H 40 103.95 -33.41 42.02
C GLU H 40 103.78 -32.58 40.76
N ASN H 41 104.83 -32.63 39.93
CA ASN H 41 104.88 -31.93 38.65
C ASN H 41 103.73 -32.35 37.75
N LEU H 42 102.73 -32.99 38.34
CA LEU H 42 101.58 -33.45 37.57
C LEU H 42 100.31 -33.28 38.40
N ARG H 43 100.40 -33.47 39.72
CA ARG H 43 99.21 -33.31 40.54
C ARG H 43 98.85 -31.84 40.59
N SER H 44 99.89 -31.00 40.47
CA SER H 44 99.67 -29.56 40.46
C SER H 44 98.70 -29.39 39.31
N LYS H 45 99.10 -29.96 38.17
CA LYS H 45 98.33 -29.95 36.93
C LYS H 45 96.93 -30.43 37.23
N ILE H 46 96.81 -31.32 38.19
CA ILE H 46 95.51 -31.85 38.56
C ILE H 46 94.69 -30.79 39.28
N GLN H 47 95.07 -29.54 39.05
CA GLN H 47 94.37 -28.39 39.63
C GLN H 47 94.20 -27.29 38.60
N LYS H 48 95.30 -26.64 38.23
CA LYS H 48 95.22 -25.60 37.21
C LYS H 48 95.05 -26.33 35.89
N LEU H 49 94.03 -27.18 35.87
CA LEU H 49 93.61 -28.01 34.75
C LEU H 49 92.37 -28.69 35.36
N GLU H 50 91.86 -28.01 36.38
CA GLU H 50 90.66 -28.42 37.11
C GLU H 50 89.94 -27.10 37.36
N SER H 51 90.71 -26.03 37.41
CA SER H 51 90.16 -24.68 37.61
C SER H 51 89.59 -24.25 36.26
N ASP H 52 90.38 -24.42 35.21
CA ASP H 52 89.94 -24.06 33.87
C ASP H 52 88.58 -24.66 33.63
N VAL H 53 88.37 -25.87 34.13
CA VAL H 53 87.08 -26.55 33.97
C VAL H 53 86.04 -25.85 34.84
N SER H 54 86.45 -24.72 35.41
CA SER H 54 85.55 -23.91 36.23
C SER H 54 85.75 -22.49 35.71
N ALA H 55 86.82 -22.33 34.93
CA ALA H 55 87.12 -21.04 34.32
C ALA H 55 86.19 -20.97 33.12
N GLN H 56 86.58 -21.65 32.04
CA GLN H 56 85.75 -21.65 30.84
C GLN H 56 84.38 -22.23 31.15
N MET H 57 84.22 -22.79 32.35
CA MET H 57 82.95 -23.36 32.77
C MET H 57 82.11 -22.23 33.28
N GLU H 58 82.78 -21.32 34.00
CA GLU H 58 82.19 -20.12 34.60
C GLU H 58 81.83 -19.16 33.50
N TYR H 59 82.81 -18.84 32.66
CA TYR H 59 82.58 -17.95 31.54
C TYR H 59 81.68 -18.62 30.50
N CYS H 60 80.84 -19.53 30.97
CA CYS H 60 79.88 -20.25 30.15
C CYS H 60 78.52 -19.88 30.70
N ARG H 61 78.52 -19.44 31.96
CA ARG H 61 77.31 -19.02 32.66
C ARG H 61 76.45 -18.20 31.69
N THR H 62 77.13 -17.40 30.87
CA THR H 62 76.48 -16.55 29.88
C THR H 62 76.76 -17.05 28.46
N PRO H 63 75.71 -17.45 27.74
CA PRO H 63 75.82 -17.95 26.36
C PRO H 63 76.37 -16.94 25.38
N CYS H 64 76.41 -17.32 24.12
CA CYS H 64 76.87 -16.42 23.06
C CYS H 64 75.62 -16.12 22.25
N THR H 65 75.46 -14.87 21.84
CA THR H 65 74.30 -14.48 21.06
C THR H 65 74.77 -14.12 19.67
N VAL H 66 73.81 -13.81 18.79
CA VAL H 66 74.10 -13.42 17.42
C VAL H 66 72.89 -12.73 16.80
N SER H 67 72.96 -12.52 15.49
CA SER H 67 71.86 -11.87 14.79
C SER H 67 72.03 -12.10 13.29
N CYS H 68 71.54 -13.23 12.80
CA CYS H 68 71.66 -13.50 11.36
C CYS H 68 70.51 -12.88 10.57
N ASN H 69 70.71 -11.65 10.13
CA ASN H 69 69.68 -10.96 9.37
C ASN H 69 69.41 -11.70 8.07
N ILE H 70 68.41 -12.58 8.14
CA ILE H 70 67.98 -13.39 7.01
C ILE H 70 67.81 -12.58 5.73
N PRO H 71 68.78 -12.67 4.80
CA PRO H 71 68.66 -11.92 3.56
C PRO H 71 67.34 -12.11 2.83
N VAL H 72 67.06 -11.16 1.94
CA VAL H 72 65.84 -11.16 1.15
C VAL H 72 65.65 -12.43 0.32
N VAL H 73 66.69 -12.77 -0.45
CA VAL H 73 66.66 -13.93 -1.33
C VAL H 73 66.75 -15.30 -0.69
N SER H 74 65.72 -16.08 -0.93
CA SER H 74 65.63 -17.43 -0.42
C SER H 74 65.54 -18.26 -1.68
N GLY H 75 65.28 -19.56 -1.50
CA GLY H 75 65.18 -20.47 -2.61
C GLY H 75 64.78 -21.83 -2.09
N LYS H 76 64.90 -22.87 -2.90
CA LYS H 76 64.53 -24.20 -2.46
C LYS H 76 65.77 -24.73 -1.76
N GLU H 77 66.91 -24.17 -2.18
CA GLU H 77 68.21 -24.55 -1.65
C GLU H 77 69.27 -23.73 -2.38
N CYS H 78 70.45 -23.63 -1.77
CA CYS H 78 71.56 -22.85 -2.30
C CYS H 78 71.80 -22.85 -3.81
N GLU H 79 71.28 -23.86 -4.51
CA GLU H 79 71.46 -23.94 -5.96
C GLU H 79 70.51 -22.98 -6.63
N GLU H 80 69.23 -23.10 -6.30
CA GLU H 80 68.24 -22.20 -6.89
C GLU H 80 68.55 -20.75 -6.54
N ILE H 81 69.14 -20.53 -5.36
CA ILE H 81 69.48 -19.19 -4.91
C ILE H 81 70.62 -18.54 -5.69
N ILE H 82 71.68 -19.29 -6.00
CA ILE H 82 72.78 -18.72 -6.77
C ILE H 82 72.20 -18.41 -8.16
N ARG H 83 71.01 -18.96 -8.40
CA ARG H 83 70.29 -18.74 -9.66
C ARG H 83 69.29 -17.60 -9.48
N LYS H 84 69.27 -17.01 -8.29
CA LYS H 84 68.38 -15.89 -8.03
C LYS H 84 69.19 -14.70 -7.55
N GLY H 85 70.39 -14.55 -8.07
CA GLY H 85 71.23 -13.44 -7.70
C GLY H 85 72.00 -13.64 -6.41
N GLY H 86 71.86 -14.81 -5.80
CA GLY H 86 72.58 -15.11 -4.57
C GLY H 86 74.02 -15.38 -4.91
N GLU H 87 74.87 -14.36 -4.79
CA GLU H 87 76.28 -14.51 -5.15
C GLU H 87 77.27 -14.45 -4.00
N THR H 88 76.97 -13.68 -2.96
CA THR H 88 77.86 -13.61 -1.79
C THR H 88 77.56 -14.82 -0.92
N SER H 89 78.58 -15.59 -0.59
CA SER H 89 78.42 -16.78 0.22
C SER H 89 78.15 -16.41 1.68
N GLU H 90 77.06 -16.95 2.23
CA GLU H 90 76.71 -16.67 3.62
C GLU H 90 75.43 -17.36 4.09
N MET H 91 74.93 -16.93 5.25
CA MET H 91 73.73 -17.46 5.88
C MET H 91 72.47 -17.22 5.03
N TYR H 92 71.91 -18.31 4.50
CA TYR H 92 70.69 -18.24 3.68
C TYR H 92 69.53 -18.98 4.33
N LEU H 93 68.38 -19.00 3.66
CA LEU H 93 67.19 -19.63 4.24
C LEU H 93 66.55 -20.79 3.49
N ILE H 94 67.19 -21.24 2.41
CA ILE H 94 66.70 -22.35 1.60
C ILE H 94 65.48 -23.12 2.15
N GLN H 95 64.53 -23.43 1.29
CA GLN H 95 63.33 -24.12 1.71
C GLN H 95 62.99 -25.31 0.81
N PRO H 96 63.64 -26.47 1.03
CA PRO H 96 63.34 -27.62 0.19
C PRO H 96 61.86 -27.95 0.37
N ASP H 97 61.31 -28.74 -0.55
CA ASP H 97 59.90 -29.12 -0.55
C ASP H 97 59.09 -28.38 0.51
N SER H 98 58.27 -27.42 0.09
CA SER H 98 57.46 -26.63 1.01
C SER H 98 56.49 -27.46 1.84
N SER H 99 56.90 -28.69 2.16
CA SER H 99 56.12 -29.60 2.97
C SER H 99 56.93 -29.88 4.24
N VAL H 100 57.80 -28.93 4.57
CA VAL H 100 58.67 -28.98 5.74
C VAL H 100 59.14 -27.56 6.12
N LYS H 101 59.10 -27.26 7.42
CA LYS H 101 59.49 -25.95 7.93
C LYS H 101 60.85 -25.45 7.45
N PRO H 102 60.91 -24.21 6.93
CA PRO H 102 62.16 -23.62 6.45
C PRO H 102 63.27 -23.72 7.51
N TYR H 103 64.46 -23.28 7.16
CA TYR H 103 65.58 -23.33 8.10
C TYR H 103 66.84 -22.69 7.55
N ARG H 104 67.60 -22.04 8.42
CA ARG H 104 68.84 -21.40 7.99
C ARG H 104 69.86 -22.43 7.55
N VAL H 105 70.90 -21.94 6.86
CA VAL H 105 71.98 -22.75 6.31
C VAL H 105 73.05 -21.81 5.75
N TYR H 106 74.21 -22.37 5.42
CA TYR H 106 75.31 -21.59 4.84
C TYR H 106 75.55 -22.10 3.45
N CYS H 107 75.59 -21.18 2.48
CA CYS H 107 75.81 -21.53 1.09
C CYS H 107 77.22 -21.20 0.69
N ASP H 108 77.72 -21.95 -0.28
CA ASP H 108 79.05 -21.72 -0.81
C ASP H 108 78.72 -21.24 -2.22
N MET H 109 79.06 -20.00 -2.53
CA MET H 109 78.74 -19.47 -3.85
C MET H 109 79.96 -18.80 -4.47
N ASN H 110 81.08 -19.51 -4.49
CA ASN H 110 82.32 -19.01 -5.07
C ASN H 110 83.18 -20.20 -5.48
N THR H 111 83.38 -21.09 -4.52
CA THR H 111 84.17 -22.28 -4.73
C THR H 111 83.39 -23.32 -5.54
N GLU H 112 83.80 -23.47 -6.79
CA GLU H 112 83.21 -24.44 -7.71
C GLU H 112 81.74 -24.23 -8.06
N ASN H 113 81.50 -23.32 -9.00
CA ASN H 113 80.15 -23.01 -9.49
C ASN H 113 79.22 -22.44 -8.41
N GLY H 114 79.71 -22.39 -7.17
CA GLY H 114 78.90 -21.87 -6.09
C GLY H 114 77.57 -22.59 -5.93
N GLY H 115 76.86 -22.28 -4.86
CA GLY H 115 75.57 -22.91 -4.64
C GLY H 115 75.67 -24.20 -3.85
N TRP H 116 76.74 -24.32 -3.06
CA TRP H 116 76.88 -25.53 -2.29
C TRP H 116 76.27 -25.29 -0.93
N THR H 117 75.31 -26.13 -0.56
CA THR H 117 74.66 -26.01 0.73
C THR H 117 75.50 -26.76 1.76
N VAL H 118 76.20 -26.02 2.61
CA VAL H 118 77.01 -26.64 3.63
C VAL H 118 76.16 -27.64 4.42
N ILE H 119 76.74 -28.76 4.80
CA ILE H 119 76.01 -29.77 5.54
C ILE H 119 76.69 -30.06 6.88
N GLN H 120 77.98 -29.76 6.95
CA GLN H 120 78.80 -29.99 8.14
C GLN H 120 80.02 -29.13 7.96
N ASN H 121 80.60 -28.63 9.05
CA ASN H 121 81.76 -27.79 8.89
C ASN H 121 82.68 -27.85 10.10
N ARG H 122 83.99 -27.80 9.83
CA ARG H 122 85.00 -27.85 10.89
C ARG H 122 86.03 -26.73 10.70
N GLN H 123 86.43 -26.10 11.80
CA GLN H 123 87.41 -25.01 11.75
C GLN H 123 87.83 -24.58 13.15
N ASP H 124 87.37 -25.33 14.15
CA ASP H 124 87.65 -25.04 15.56
C ASP H 124 86.91 -26.04 16.47
N GLY H 125 87.01 -25.85 17.78
CA GLY H 125 86.30 -26.72 18.69
C GLY H 125 84.85 -26.28 18.64
N SER H 126 84.51 -25.33 19.51
CA SER H 126 83.18 -24.74 19.59
C SER H 126 81.98 -25.65 19.70
N VAL H 127 81.86 -26.59 18.77
CA VAL H 127 80.73 -27.53 18.73
C VAL H 127 81.19 -28.99 18.90
N ASP H 128 80.84 -29.62 20.02
CA ASP H 128 81.22 -31.01 20.19
C ASP H 128 80.26 -31.83 19.35
N PHE H 129 80.78 -32.83 18.66
CA PHE H 129 79.94 -33.68 17.81
C PHE H 129 79.53 -34.95 18.54
N GLY H 130 80.19 -35.21 19.66
CA GLY H 130 79.88 -36.39 20.41
C GLY H 130 78.53 -36.28 21.09
N ARG H 131 77.47 -36.43 20.31
CA ARG H 131 76.12 -36.35 20.86
C ARG H 131 75.35 -37.63 20.62
N LYS H 132 74.06 -37.60 20.93
CA LYS H 132 73.22 -38.77 20.75
C LYS H 132 72.48 -38.75 19.43
N TRP H 133 71.42 -39.55 19.38
CA TRP H 133 70.58 -39.69 18.21
C TRP H 133 70.17 -38.30 17.72
N ASP H 134 69.04 -37.84 18.24
CA ASP H 134 68.45 -36.55 17.93
C ASP H 134 69.40 -35.44 17.49
N PRO H 135 70.23 -34.90 18.41
CA PRO H 135 71.14 -33.82 18.01
C PRO H 135 71.68 -34.00 16.60
N TYR H 136 71.95 -35.25 16.24
CA TYR H 136 72.45 -35.58 14.91
C TYR H 136 71.31 -35.51 13.88
N LYS H 137 70.17 -36.10 14.23
CA LYS H 137 68.98 -36.09 13.38
C LYS H 137 68.43 -34.65 13.18
N GLN H 138 68.18 -33.94 14.28
CA GLN H 138 67.66 -32.56 14.24
C GLN H 138 68.68 -31.60 13.68
N GLY H 139 69.79 -31.47 14.38
CA GLY H 139 70.85 -30.58 13.94
C GLY H 139 71.41 -29.84 15.14
N PHE H 140 72.71 -29.60 15.12
CA PHE H 140 73.34 -28.89 16.21
C PHE H 140 74.43 -27.99 15.67
N GLY H 141 74.87 -27.04 16.48
CA GLY H 141 75.93 -26.16 16.05
C GLY H 141 75.50 -24.75 15.71
N ASN H 142 76.42 -24.00 15.14
CA ASN H 142 76.14 -22.63 14.77
C ASN H 142 76.29 -22.58 13.28
N VAL H 143 75.18 -22.34 12.60
CA VAL H 143 75.15 -22.28 11.15
C VAL H 143 75.67 -20.94 10.65
N ALA H 144 76.84 -20.56 11.17
CA ALA H 144 77.52 -19.29 10.85
C ALA H 144 77.19 -18.20 11.86
N THR H 145 78.00 -17.14 11.85
CA THR H 145 77.82 -16.01 12.77
C THR H 145 78.20 -14.65 12.19
N ASN H 146 77.41 -13.64 12.59
CA ASN H 146 77.58 -12.25 12.18
C ASN H 146 79.06 -11.92 11.96
N THR H 147 79.33 -11.32 10.82
CA THR H 147 80.69 -10.98 10.44
C THR H 147 81.23 -9.66 10.99
N ASP H 148 81.30 -9.54 12.31
CA ASP H 148 81.83 -8.35 12.97
C ASP H 148 81.85 -7.07 12.12
N GLY H 149 80.67 -6.51 11.87
CA GLY H 149 80.57 -5.31 11.07
C GLY H 149 79.33 -5.33 10.20
N LYS H 150 79.29 -6.29 9.29
CA LYS H 150 78.13 -6.44 8.41
C LYS H 150 77.04 -7.15 9.19
N ASN H 151 75.86 -6.55 9.20
CA ASN H 151 74.72 -7.07 9.94
C ASN H 151 74.28 -8.48 9.59
N TYR H 152 75.02 -9.16 8.71
CA TYR H 152 74.65 -10.52 8.36
C TYR H 152 75.71 -11.59 8.63
N CYS H 153 75.28 -12.84 8.68
CA CYS H 153 76.17 -13.98 8.95
C CYS H 153 76.86 -14.54 7.69
N GLY H 154 77.89 -13.84 7.23
CA GLY H 154 78.62 -14.24 6.04
C GLY H 154 79.76 -15.21 6.22
N LEU H 155 80.04 -15.60 7.46
CA LEU H 155 81.12 -16.56 7.72
C LEU H 155 80.56 -17.78 8.42
N PRO H 156 80.90 -18.98 7.91
CA PRO H 156 80.45 -20.27 8.45
C PRO H 156 81.00 -20.59 9.84
N GLY H 157 80.20 -21.33 10.60
CA GLY H 157 80.61 -21.74 11.92
C GLY H 157 80.32 -23.22 12.02
N GLU H 158 81.21 -23.96 12.67
CA GLU H 158 81.01 -25.38 12.81
C GLU H 158 79.60 -25.80 13.19
N TYR H 159 79.10 -26.81 12.50
CA TYR H 159 77.79 -27.33 12.77
C TYR H 159 77.52 -28.55 11.93
N TRP H 160 76.39 -29.17 12.19
CA TRP H 160 75.98 -30.33 11.46
C TRP H 160 74.50 -30.10 11.22
N LEU H 161 74.20 -29.50 10.08
CA LEU H 161 72.84 -29.23 9.67
C LEU H 161 72.11 -30.57 9.80
N GLY H 162 71.14 -30.65 10.70
CA GLY H 162 70.41 -31.89 10.91
C GLY H 162 70.51 -33.00 9.86
N ASN H 163 70.31 -34.24 10.28
CA ASN H 163 70.36 -35.39 9.38
C ASN H 163 69.17 -35.39 8.45
N ASP H 164 67.97 -35.40 9.02
CA ASP H 164 66.72 -35.38 8.26
C ASP H 164 66.84 -34.39 7.12
N LYS H 165 67.19 -33.16 7.48
CA LYS H 165 67.33 -32.13 6.49
C LYS H 165 68.23 -32.59 5.34
N ILE H 166 69.23 -33.40 5.67
CA ILE H 166 70.17 -33.93 4.66
C ILE H 166 69.52 -35.07 3.90
N SER H 167 69.14 -36.09 4.65
CA SER H 167 68.50 -37.26 4.08
C SER H 167 67.38 -36.81 3.16
N GLN H 168 67.00 -35.53 3.29
CA GLN H 168 65.94 -34.94 2.49
C GLN H 168 66.47 -34.09 1.33
N LEU H 169 67.41 -33.20 1.59
CA LEU H 169 67.95 -32.39 0.49
C LEU H 169 68.61 -33.30 -0.55
N THR H 170 69.06 -34.48 -0.14
CA THR H 170 69.70 -35.40 -1.07
C THR H 170 68.63 -36.12 -1.88
N ARG H 171 67.41 -36.10 -1.35
CA ARG H 171 66.27 -36.73 -1.99
C ARG H 171 65.75 -35.96 -3.20
N MET H 172 66.24 -34.74 -3.39
CA MET H 172 65.82 -33.93 -4.52
C MET H 172 66.49 -34.47 -5.79
N GLY H 173 66.31 -35.77 -6.02
CA GLY H 173 66.90 -36.44 -7.17
C GLY H 173 68.36 -36.72 -6.91
N PRO H 174 69.17 -36.95 -7.95
CA PRO H 174 70.61 -37.23 -7.76
C PRO H 174 71.30 -35.99 -7.17
N THR H 175 71.95 -36.17 -6.03
CA THR H 175 72.60 -35.05 -5.36
C THR H 175 74.10 -35.20 -5.24
N GLU H 176 74.83 -34.19 -5.69
CA GLU H 176 76.28 -34.16 -5.62
C GLU H 176 76.68 -33.94 -4.15
N LEU H 177 77.98 -34.02 -3.88
CA LEU H 177 78.49 -33.85 -2.52
C LEU H 177 79.97 -33.53 -2.56
N LEU H 178 80.35 -32.38 -2.03
CA LEU H 178 81.75 -31.98 -2.03
C LEU H 178 82.40 -31.89 -0.67
N ILE H 179 83.09 -32.96 -0.29
CA ILE H 179 83.81 -33.02 0.98
C ILE H 179 85.21 -32.51 0.70
N GLU H 180 85.50 -31.31 1.19
CA GLU H 180 86.80 -30.71 0.97
C GLU H 180 87.53 -30.58 2.30
N MET H 181 88.77 -30.13 2.25
CA MET H 181 89.56 -29.98 3.46
C MET H 181 90.95 -29.46 3.18
N GLU H 182 91.53 -28.83 4.20
CA GLU H 182 92.89 -28.31 4.11
C GLU H 182 93.53 -28.65 5.46
N ASP H 183 94.80 -29.02 5.40
CA ASP H 183 95.53 -29.38 6.62
C ASP H 183 96.42 -28.21 7.07
N TRP H 184 96.65 -28.17 8.38
CA TRP H 184 97.45 -27.15 9.04
C TRP H 184 98.67 -26.59 8.31
N LYS H 185 99.34 -27.41 7.50
CA LYS H 185 100.50 -26.90 6.78
C LYS H 185 100.06 -26.29 5.44
N GLY H 186 98.81 -25.86 5.38
CA GLY H 186 98.29 -25.22 4.18
C GLY H 186 97.63 -26.10 3.12
N ASP H 187 98.35 -27.11 2.66
CA ASP H 187 97.86 -28.04 1.63
C ASP H 187 96.36 -28.31 1.75
N LYS H 188 95.75 -28.71 0.64
CA LYS H 188 94.33 -29.00 0.65
C LYS H 188 93.87 -29.85 -0.53
N VAL H 189 92.86 -30.68 -0.30
CA VAL H 189 92.28 -31.54 -1.33
C VAL H 189 90.80 -31.75 -1.00
N LYS H 190 90.08 -32.36 -1.94
CA LYS H 190 88.66 -32.62 -1.76
C LYS H 190 88.30 -34.00 -2.30
N ALA H 191 87.03 -34.36 -2.19
CA ALA H 191 86.57 -35.66 -2.66
C ALA H 191 85.11 -35.57 -3.07
N HIS H 192 84.85 -35.35 -4.35
CA HIS H 192 83.47 -35.25 -4.83
C HIS H 192 82.83 -36.60 -5.12
N TYR H 193 81.56 -36.73 -4.73
CA TYR H 193 80.77 -37.94 -4.93
C TYR H 193 79.51 -37.57 -5.69
N GLY H 194 79.63 -37.42 -7.01
CA GLY H 194 78.50 -37.07 -7.85
C GLY H 194 77.26 -37.89 -7.57
N GLY H 195 77.44 -38.92 -6.75
CA GLY H 195 76.32 -39.78 -6.37
C GLY H 195 76.31 -39.91 -4.86
N PHE H 196 75.46 -39.14 -4.20
CA PHE H 196 75.39 -39.17 -2.74
C PHE H 196 73.95 -39.08 -2.28
N THR H 197 73.59 -39.97 -1.36
CA THR H 197 72.24 -40.00 -0.85
C THR H 197 72.18 -40.53 0.57
N VAL H 198 71.59 -39.75 1.46
CA VAL H 198 71.43 -40.14 2.85
C VAL H 198 69.99 -40.58 3.00
N GLN H 199 69.79 -41.88 3.11
CA GLN H 199 68.45 -42.43 3.24
C GLN H 199 67.64 -41.86 4.40
N ASN H 200 66.35 -42.16 4.38
CA ASN H 200 65.44 -41.67 5.41
C ASN H 200 65.81 -42.26 6.75
N GLU H 201 65.44 -41.53 7.80
CA GLU H 201 65.72 -41.92 9.17
C GLU H 201 65.09 -43.27 9.46
N ALA H 202 64.51 -43.87 8.43
CA ALA H 202 63.90 -45.18 8.59
C ALA H 202 64.97 -46.25 8.33
N ASN H 203 65.75 -46.07 7.27
CA ASN H 203 66.83 -47.01 6.96
C ASN H 203 68.05 -46.59 7.76
N LYS H 204 67.83 -46.14 8.99
CA LYS H 204 68.92 -45.69 9.81
C LYS H 204 69.83 -44.89 8.90
N TYR H 205 69.31 -43.76 8.42
CA TYR H 205 70.03 -42.83 7.55
C TYR H 205 71.04 -43.38 6.53
N GLN H 206 70.95 -44.67 6.20
CA GLN H 206 71.89 -45.30 5.25
C GLN H 206 72.59 -44.34 4.27
N ILE H 207 73.87 -44.58 4.03
CA ILE H 207 74.62 -43.71 3.13
C ILE H 207 75.08 -44.38 1.86
N SER H 208 74.59 -43.88 0.74
CA SER H 208 74.95 -44.40 -0.56
C SER H 208 75.75 -43.31 -1.25
N VAL H 209 76.92 -43.65 -1.77
CA VAL H 209 77.72 -42.66 -2.45
C VAL H 209 78.40 -43.29 -3.66
N ASN H 210 78.54 -42.52 -4.73
CA ASN H 210 79.17 -42.99 -5.97
C ASN H 210 79.69 -41.84 -6.81
N LYS H 211 80.35 -42.19 -7.91
CA LYS H 211 80.94 -41.23 -8.83
C LYS H 211 82.01 -40.37 -8.17
N TYR H 212 82.77 -40.99 -7.27
CA TYR H 212 83.83 -40.29 -6.57
C TYR H 212 84.92 -39.81 -7.51
N ARG H 213 85.08 -38.50 -7.56
CA ARG H 213 86.15 -37.90 -8.34
C ARG H 213 86.98 -37.42 -7.15
N GLY H 214 87.95 -36.55 -7.35
CA GLY H 214 88.70 -36.08 -6.19
C GLY H 214 90.15 -36.45 -5.99
N THR H 215 90.81 -35.62 -5.18
CA THR H 215 92.22 -35.79 -4.89
C THR H 215 92.49 -36.17 -3.45
N ALA H 216 91.47 -36.13 -2.61
CA ALA H 216 91.66 -36.47 -1.20
C ALA H 216 91.77 -37.97 -0.97
N GLY H 217 91.39 -38.75 -1.98
CA GLY H 217 91.43 -40.19 -1.86
C GLY H 217 90.08 -40.71 -1.40
N ASN H 218 89.42 -41.45 -2.28
CA ASN H 218 88.10 -42.02 -2.02
C ASN H 218 88.08 -42.88 -0.77
N ALA H 219 88.07 -42.21 0.38
CA ALA H 219 88.07 -42.89 1.66
C ALA H 219 86.69 -43.35 2.10
N LEU H 220 85.65 -42.90 1.41
CA LEU H 220 84.30 -43.31 1.77
C LEU H 220 83.89 -44.56 1.01
N MET H 221 84.22 -44.59 -0.29
CA MET H 221 83.93 -45.74 -1.14
C MET H 221 85.06 -46.76 -1.12
N ASP H 222 86.13 -46.41 -1.83
CA ASP H 222 87.33 -47.22 -1.98
C ASP H 222 87.90 -47.73 -0.64
N GLY H 223 87.33 -47.31 0.48
CA GLY H 223 87.82 -47.74 1.78
C GLY H 223 89.21 -47.19 2.04
N ALA H 224 89.77 -47.41 3.23
CA ALA H 224 91.12 -46.87 3.51
C ALA H 224 92.19 -47.60 2.68
N SER H 225 92.99 -46.82 1.95
CA SER H 225 94.02 -47.35 1.05
C SER H 225 95.26 -48.08 1.59
N GLN H 226 96.06 -47.39 2.40
CA GLN H 226 97.28 -47.99 2.93
C GLN H 226 96.99 -49.16 3.88
N LEU H 227 96.02 -49.98 3.52
CA LEU H 227 95.68 -51.14 4.32
C LEU H 227 95.48 -52.39 3.44
N MET H 228 94.64 -53.32 3.89
CA MET H 228 94.38 -54.54 3.13
C MET H 228 93.14 -55.34 3.51
N GLY H 229 92.51 -55.92 2.49
CA GLY H 229 91.32 -56.72 2.67
C GLY H 229 90.53 -56.52 3.96
N GLU H 230 90.28 -57.62 4.67
CA GLU H 230 89.52 -57.58 5.91
C GLU H 230 89.82 -56.31 6.68
N ASN H 231 91.08 -55.86 6.61
CA ASN H 231 91.43 -54.64 7.31
C ASN H 231 90.90 -53.41 6.55
N ARG H 232 91.12 -53.33 5.24
CA ARG H 232 90.60 -52.18 4.50
C ARG H 232 89.08 -52.20 4.61
N THR H 233 88.43 -52.95 3.71
CA THR H 233 86.97 -53.06 3.64
C THR H 233 86.17 -52.79 4.91
N MET H 234 86.72 -53.03 6.09
CA MET H 234 85.95 -52.72 7.27
C MET H 234 86.16 -51.25 7.63
N THR H 235 86.54 -50.47 6.61
CA THR H 235 86.75 -49.03 6.72
C THR H 235 85.99 -48.44 5.54
N ILE H 236 84.94 -49.15 5.16
CA ILE H 236 84.09 -48.75 4.06
C ILE H 236 82.93 -47.96 4.65
N HIS H 237 82.79 -46.71 4.22
CA HIS H 237 81.70 -45.87 4.72
C HIS H 237 80.45 -46.00 3.89
N ASN H 238 80.61 -46.36 2.62
CA ASN H 238 79.47 -46.55 1.73
C ASN H 238 78.64 -47.67 2.35
N GLY H 239 77.39 -47.81 1.88
CA GLY H 239 76.54 -48.86 2.42
C GLY H 239 76.37 -48.83 3.93
N MET H 240 76.99 -47.85 4.57
CA MET H 240 76.91 -47.75 6.01
C MET H 240 75.75 -47.00 6.63
N PHE H 241 75.38 -47.47 7.82
CA PHE H 241 74.32 -46.87 8.60
C PHE H 241 74.94 -45.71 9.36
N PHE H 242 74.11 -44.80 9.86
CA PHE H 242 74.65 -43.70 10.64
C PHE H 242 74.61 -44.27 12.04
N SER H 243 75.60 -43.92 12.86
CA SER H 243 75.66 -44.45 14.22
C SER H 243 76.06 -43.37 15.22
N THR H 244 75.60 -43.50 16.46
CA THR H 244 75.93 -42.55 17.50
C THR H 244 76.32 -43.34 18.74
N TYR H 245 76.50 -42.67 19.86
CA TYR H 245 76.87 -43.40 21.05
C TYR H 245 75.67 -43.88 21.85
N ASP H 246 74.54 -43.95 21.18
CA ASP H 246 73.28 -44.41 21.76
C ASP H 246 72.45 -45.02 20.62
N ARG H 247 73.03 -45.00 19.44
CA ARG H 247 72.43 -45.54 18.23
C ARG H 247 73.51 -46.41 17.56
N ASP H 248 73.58 -47.67 17.99
CA ASP H 248 74.57 -48.63 17.49
C ASP H 248 74.19 -49.31 16.16
N ASN H 249 74.84 -48.92 15.09
CA ASN H 249 74.60 -49.50 13.78
C ASN H 249 75.95 -49.70 13.11
N ASP H 250 76.99 -49.69 13.91
CA ASP H 250 78.36 -49.86 13.43
C ASP H 250 78.56 -51.17 12.65
N GLY H 251 79.59 -51.18 11.83
CA GLY H 251 79.92 -52.37 11.06
C GLY H 251 80.63 -53.35 11.99
N TRP H 252 81.06 -52.83 13.13
CA TRP H 252 81.75 -53.63 14.16
C TRP H 252 80.60 -54.27 14.92
N LEU H 253 80.68 -55.58 15.11
CA LEU H 253 79.62 -56.31 15.79
C LEU H 253 80.12 -57.02 17.04
N THR H 254 80.37 -56.26 18.08
CA THR H 254 80.85 -56.85 19.32
C THR H 254 79.72 -56.91 20.34
N SER H 255 79.53 -58.10 20.89
CA SER H 255 78.48 -58.32 21.87
C SER H 255 78.78 -57.57 23.16
N ASP H 256 79.64 -56.56 23.07
CA ASP H 256 80.01 -55.76 24.24
C ASP H 256 79.67 -54.29 24.07
N PRO H 257 78.93 -53.71 25.03
CA PRO H 257 78.51 -52.32 25.03
C PRO H 257 79.58 -51.24 25.23
N ARG H 258 80.75 -51.60 25.77
CA ARG H 258 81.81 -50.61 25.96
C ARG H 258 82.59 -50.43 24.66
N LYS H 259 82.38 -51.34 23.71
CA LYS H 259 83.06 -51.29 22.42
C LYS H 259 82.09 -50.96 21.31
N GLN H 260 82.19 -49.74 20.78
CA GLN H 260 81.34 -49.27 19.69
C GLN H 260 81.99 -48.14 18.90
N CYS H 261 82.03 -48.27 17.57
CA CYS H 261 82.67 -47.27 16.73
C CYS H 261 82.25 -45.83 16.89
N SER H 262 81.37 -45.54 17.84
CA SER H 262 80.96 -44.15 18.05
C SER H 262 81.26 -43.75 19.47
N LYS H 263 81.13 -44.68 20.41
CA LYS H 263 81.43 -44.39 21.80
C LYS H 263 82.90 -44.02 21.78
N GLU H 264 83.62 -44.66 20.86
CA GLU H 264 85.05 -44.42 20.62
C GLU H 264 84.97 -43.61 19.31
N ASP H 265 86.08 -43.09 18.78
CA ASP H 265 85.96 -42.28 17.57
C ASP H 265 84.86 -41.24 17.83
N GLY H 266 85.13 -40.34 18.78
CA GLY H 266 84.19 -39.31 19.22
C GLY H 266 83.28 -38.53 18.28
N GLY H 267 82.04 -38.96 18.16
CA GLY H 267 81.10 -38.27 17.30
C GLY H 267 80.45 -39.14 16.24
N GLY H 268 79.13 -39.04 16.13
CA GLY H 268 78.37 -39.82 15.17
C GLY H 268 78.87 -39.71 13.76
N TRP H 269 78.64 -40.77 12.98
CA TRP H 269 79.09 -40.84 11.60
C TRP H 269 78.76 -42.24 11.11
N TRP H 270 78.84 -42.45 9.79
CA TRP H 270 78.55 -43.74 9.17
C TRP H 270 79.68 -44.74 9.43
N TYR H 271 79.56 -45.46 10.54
CA TYR H 271 80.57 -46.40 10.96
C TYR H 271 80.44 -47.86 10.55
N ASN H 272 81.47 -48.34 9.88
CA ASN H 272 81.57 -49.72 9.40
C ASN H 272 82.82 -50.34 10.03
N ARG H 273 82.65 -50.95 11.20
CA ARG H 273 83.76 -51.56 11.95
C ARG H 273 84.86 -50.53 11.86
N CYS H 274 84.35 -49.36 12.22
CA CYS H 274 84.92 -48.05 12.33
C CYS H 274 85.20 -47.29 11.08
N HIS H 275 86.27 -46.50 11.04
CA HIS H 275 86.44 -45.65 9.87
C HIS H 275 87.70 -45.61 9.06
N ALA H 276 87.57 -44.87 7.96
CA ALA H 276 88.64 -44.60 7.03
C ALA H 276 88.63 -43.07 6.97
N ALA H 277 87.47 -42.50 7.33
CA ALA H 277 87.27 -41.05 7.33
C ALA H 277 86.46 -40.75 8.56
N ASN H 278 86.90 -39.79 9.36
CA ASN H 278 86.17 -39.49 10.56
C ASN H 278 85.79 -38.06 10.73
N PRO H 279 84.82 -37.60 9.93
CA PRO H 279 84.36 -36.22 10.03
C PRO H 279 83.69 -36.20 11.40
N ASN H 280 83.24 -35.05 11.84
CA ASN H 280 82.58 -35.03 13.14
C ASN H 280 83.36 -35.75 14.23
N GLY H 281 84.68 -35.81 14.10
CA GLY H 281 85.46 -36.46 15.14
C GLY H 281 85.83 -35.46 16.21
N ARG H 282 86.67 -35.86 17.14
CA ARG H 282 87.12 -34.96 18.19
C ARG H 282 87.94 -33.93 17.43
N TYR H 283 88.11 -32.73 18.00
CA TYR H 283 88.88 -31.71 17.30
C TYR H 283 90.33 -31.58 17.78
N TYR H 284 91.26 -32.18 17.03
CA TYR H 284 92.69 -32.16 17.41
C TYR H 284 93.55 -31.01 16.85
N TRP H 285 94.13 -30.23 17.75
CA TRP H 285 94.94 -29.08 17.36
C TRP H 285 96.36 -29.30 16.87
N GLY H 286 96.59 -28.97 15.61
CA GLY H 286 97.90 -29.12 15.01
C GLY H 286 97.90 -30.18 13.91
N GLY H 287 96.89 -31.05 13.96
CA GLY H 287 96.80 -32.12 12.97
C GLY H 287 97.19 -33.43 13.63
N GLN H 288 98.49 -33.67 13.78
CA GLN H 288 98.99 -34.89 14.39
C GLN H 288 98.60 -35.03 15.87
N TYR H 289 98.29 -36.26 16.27
CA TYR H 289 97.91 -36.61 17.63
C TYR H 289 98.21 -38.10 17.77
N THR H 290 98.18 -38.62 18.98
CA THR H 290 98.48 -40.03 19.17
C THR H 290 97.68 -40.72 20.29
N TRP H 291 97.37 -42.00 20.05
CA TRP H 291 96.62 -42.84 20.97
C TRP H 291 96.79 -42.51 22.47
N ASP H 292 97.98 -42.09 22.85
CA ASP H 292 98.25 -41.76 24.24
C ASP H 292 97.76 -40.34 24.47
N MET H 293 96.53 -40.09 24.04
CA MET H 293 95.90 -38.79 24.17
C MET H 293 94.37 -38.95 24.26
N ALA H 294 93.86 -39.76 23.34
CA ALA H 294 92.44 -40.04 23.18
C ALA H 294 91.69 -40.71 24.32
N LYS H 295 90.44 -40.30 24.49
CA LYS H 295 89.59 -40.83 25.53
C LYS H 295 89.71 -42.35 25.53
N HIS H 296 89.83 -42.95 24.34
CA HIS H 296 89.93 -44.41 24.22
C HIS H 296 91.09 -44.96 23.38
N GLY H 297 92.09 -44.13 23.07
CA GLY H 297 93.25 -44.58 22.31
C GLY H 297 93.03 -44.89 20.84
N THR H 298 91.78 -44.86 20.40
CA THR H 298 91.47 -45.11 18.99
C THR H 298 91.76 -43.81 18.26
N ASP H 299 91.84 -43.88 16.94
CA ASP H 299 92.13 -42.68 16.17
C ASP H 299 90.83 -41.91 15.95
N ASP H 300 90.32 -41.33 17.02
CA ASP H 300 89.08 -40.54 16.99
C ASP H 300 89.37 -39.06 16.79
N GLY H 301 89.09 -38.57 15.59
CA GLY H 301 89.34 -37.18 15.28
C GLY H 301 89.06 -36.85 13.82
N VAL H 302 88.99 -35.56 13.51
CA VAL H 302 88.75 -35.08 12.16
C VAL H 302 89.78 -35.72 11.24
N VAL H 303 89.58 -37.01 10.97
CA VAL H 303 90.54 -37.75 10.16
C VAL H 303 90.07 -38.25 8.81
N TRP H 304 90.98 -38.18 7.86
CA TRP H 304 90.74 -38.64 6.52
C TRP H 304 91.92 -39.54 6.25
N MET H 305 91.85 -40.77 6.76
CA MET H 305 92.95 -41.73 6.59
C MET H 305 93.54 -41.80 5.20
N ASN H 306 92.72 -42.10 4.21
CA ASN H 306 93.22 -42.24 2.85
C ASN H 306 94.09 -41.10 2.32
N TRP H 307 94.20 -40.01 3.07
CA TRP H 307 95.04 -38.91 2.61
C TRP H 307 96.22 -38.57 3.52
N LYS H 308 95.91 -38.17 4.74
CA LYS H 308 96.96 -37.79 5.68
C LYS H 308 97.29 -38.84 6.72
N GLY H 309 96.42 -39.83 6.85
CA GLY H 309 96.70 -40.88 7.81
C GLY H 309 95.95 -40.83 9.12
N SER H 310 95.59 -42.01 9.59
CA SER H 310 94.87 -42.22 10.83
C SER H 310 95.37 -41.40 12.02
N TRP H 311 96.41 -40.60 11.83
CA TRP H 311 96.92 -39.83 12.95
C TRP H 311 97.13 -38.35 12.70
N TYR H 312 96.44 -37.87 11.67
CA TYR H 312 96.49 -36.46 11.28
C TYR H 312 95.03 -35.97 11.30
N SER H 313 94.72 -35.09 12.24
CA SER H 313 93.37 -34.57 12.36
C SER H 313 93.30 -33.13 11.87
N MET H 314 93.22 -32.98 10.55
CA MET H 314 93.17 -31.68 9.90
C MET H 314 92.43 -30.55 10.60
N ARG H 315 92.65 -29.36 10.04
CA ARG H 315 92.07 -28.14 10.56
C ARG H 315 90.59 -27.99 10.24
N LYS H 316 90.27 -27.85 8.95
CA LYS H 316 88.89 -27.69 8.54
C LYS H 316 88.43 -28.76 7.57
N MET H 317 87.22 -29.26 7.77
CA MET H 317 86.68 -30.28 6.89
C MET H 317 85.17 -30.15 6.82
N SER H 318 84.70 -29.61 5.70
CA SER H 318 83.29 -29.39 5.47
C SER H 318 82.71 -30.31 4.40
N MET H 319 81.42 -30.60 4.53
CA MET H 319 80.71 -31.42 3.58
C MET H 319 79.58 -30.57 2.99
N LYS H 320 79.80 -29.98 1.83
CA LYS H 320 78.79 -29.16 1.16
C LYS H 320 78.29 -29.83 -0.12
N ILE H 321 76.98 -30.00 -0.23
CA ILE H 321 76.41 -30.65 -1.40
C ILE H 321 75.62 -29.75 -2.35
N ARG H 322 75.10 -30.37 -3.42
CA ARG H 322 74.35 -29.67 -4.46
C ARG H 322 73.52 -30.66 -5.29
N PRO H 323 72.42 -30.19 -5.89
CA PRO H 323 71.56 -31.08 -6.70
C PRO H 323 72.15 -31.50 -8.05
N PHE H 324 71.27 -32.03 -8.90
CA PHE H 324 71.61 -32.48 -10.26
C PHE H 324 72.19 -33.88 -10.32
N GLU I 4 127.92 -56.36 61.04
CA GLU I 4 127.21 -56.60 62.32
C GLU I 4 127.07 -55.27 63.09
N ILE I 5 128.19 -54.57 63.23
CA ILE I 5 128.22 -53.29 63.92
C ILE I 5 127.59 -52.24 63.00
N MET I 6 127.72 -52.50 61.70
CA MET I 6 127.17 -51.63 60.66
C MET I 6 125.73 -52.04 60.35
N LYS I 7 125.22 -53.03 61.08
CA LYS I 7 123.85 -53.51 60.88
C LYS I 7 122.81 -52.70 61.63
N TYR I 8 123.14 -51.43 61.86
CA TYR I 8 122.23 -50.50 62.51
C TYR I 8 121.18 -50.26 61.44
N GLU I 9 121.56 -50.60 60.21
CA GLU I 9 120.76 -50.45 58.99
C GLU I 9 119.27 -50.30 59.22
N ALA I 10 118.72 -51.04 60.19
CA ALA I 10 117.29 -50.97 60.52
C ALA I 10 116.91 -49.55 60.92
N SER I 11 117.63 -48.59 60.35
CA SER I 11 117.39 -47.17 60.58
C SER I 11 116.88 -46.53 59.29
N ILE I 12 117.36 -47.02 58.14
CA ILE I 12 116.94 -46.49 56.86
C ILE I 12 115.46 -46.72 56.52
N LEU I 13 114.60 -46.62 57.53
CA LEU I 13 113.17 -46.77 57.29
C LEU I 13 112.71 -45.43 56.72
N THR I 14 113.70 -44.58 56.41
CA THR I 14 113.47 -43.26 55.83
C THR I 14 112.57 -43.44 54.62
N HIS I 15 112.62 -44.65 54.08
CA HIS I 15 111.83 -45.03 52.91
C HIS I 15 110.45 -45.53 53.35
N ASP I 16 110.37 -46.14 54.53
CA ASP I 16 109.11 -46.62 55.06
C ASP I 16 108.21 -45.42 55.31
N SER I 17 108.69 -44.25 54.89
CA SER I 17 107.98 -42.98 55.02
C SER I 17 108.09 -42.26 53.69
N SER I 18 109.26 -42.37 53.06
CA SER I 18 109.55 -41.75 51.78
C SER I 18 108.68 -42.31 50.65
N ILE I 19 108.00 -43.42 50.94
CA ILE I 19 107.06 -44.04 50.00
C ILE I 19 105.72 -43.97 50.69
N ARG I 20 105.64 -44.59 51.87
CA ARG I 20 104.44 -44.60 52.70
C ARG I 20 103.59 -43.38 52.37
N TYR I 21 104.22 -42.22 52.35
CA TYR I 21 103.57 -40.95 52.06
C TYR I 21 103.11 -40.93 50.59
N LEU I 22 104.06 -40.93 49.67
CA LEU I 22 103.74 -40.90 48.25
C LEU I 22 102.56 -41.83 47.93
N GLN I 23 102.67 -43.08 48.40
CA GLN I 23 101.62 -44.08 48.21
C GLN I 23 100.32 -43.57 48.84
N GLU I 24 100.26 -42.27 49.07
CA GLU I 24 99.10 -41.60 49.66
C GLU I 24 98.68 -40.46 48.71
N ILE I 25 99.62 -39.58 48.40
CA ILE I 25 99.36 -38.47 47.51
C ILE I 25 98.88 -39.06 46.19
N TYR I 26 99.32 -40.29 45.92
CA TYR I 26 98.93 -40.98 44.71
C TYR I 26 97.44 -41.26 44.85
N ASN I 27 97.10 -42.01 45.90
CA ASN I 27 95.71 -42.40 46.18
C ASN I 27 94.73 -41.22 46.32
N SER I 28 95.22 -40.00 46.13
CA SER I 28 94.35 -38.83 46.24
C SER I 28 93.92 -38.37 44.85
N ASN I 29 94.89 -38.12 43.99
CA ASN I 29 94.61 -37.69 42.61
C ASN I 29 93.58 -38.65 42.04
N ASN I 30 94.02 -39.89 41.81
CA ASN I 30 93.16 -40.95 41.28
C ASN I 30 91.81 -40.96 42.02
N GLN I 31 91.68 -40.15 43.07
CA GLN I 31 90.43 -40.06 43.82
C GLN I 31 89.71 -38.77 43.40
N LYS I 32 90.43 -37.65 43.43
CA LYS I 32 89.85 -36.37 43.04
C LYS I 32 89.40 -36.46 41.59
N ILE I 33 90.12 -37.28 40.82
CA ILE I 33 89.82 -37.47 39.42
C ILE I 33 88.40 -38.00 39.29
N VAL I 34 88.02 -38.92 40.17
CA VAL I 34 86.67 -39.48 40.13
C VAL I 34 85.67 -38.35 40.19
N ASN I 35 86.11 -37.22 40.73
CA ASN I 35 85.27 -36.03 40.86
C ASN I 35 85.21 -35.26 39.53
N LEU I 36 86.35 -35.17 38.86
CA LEU I 36 86.43 -34.47 37.58
C LEU I 36 85.73 -35.27 36.52
N LYS I 37 85.60 -36.57 36.77
CA LYS I 37 84.92 -37.41 35.81
C LYS I 37 83.43 -37.24 36.04
N GLU I 38 83.09 -36.00 36.37
CA GLU I 38 81.72 -35.55 36.61
C GLU I 38 81.69 -34.04 36.78
N LYS I 39 82.85 -33.46 37.05
CA LYS I 39 82.95 -32.01 37.19
C LYS I 39 83.57 -31.49 35.90
N VAL I 40 83.23 -32.18 34.83
CA VAL I 40 83.66 -31.87 33.47
C VAL I 40 82.49 -32.44 32.67
N ALA I 41 82.08 -33.64 33.06
CA ALA I 41 80.98 -34.30 32.43
C ALA I 41 79.91 -33.24 32.29
N GLN I 42 79.59 -32.61 33.42
CA GLN I 42 78.58 -31.57 33.51
C GLN I 42 78.88 -30.31 32.69
N LEU I 43 80.15 -29.97 32.52
CA LEU I 43 80.47 -28.79 31.74
C LEU I 43 80.10 -28.99 30.28
N GLU I 44 80.51 -30.13 29.71
CA GLU I 44 80.22 -30.41 28.32
C GLU I 44 78.73 -30.23 28.02
N ALA I 45 77.89 -30.61 28.97
CA ALA I 45 76.46 -30.48 28.81
C ALA I 45 76.08 -29.00 28.78
N GLN I 46 76.78 -28.20 29.59
CA GLN I 46 76.53 -26.77 29.63
C GLN I 46 76.82 -26.18 28.26
N CYS I 47 77.57 -26.92 27.46
CA CYS I 47 77.94 -26.47 26.12
C CYS I 47 77.24 -27.31 25.07
N GLN I 48 76.03 -27.77 25.37
CA GLN I 48 75.28 -28.60 24.43
C GLN I 48 74.29 -27.83 23.58
N GLU I 49 74.47 -26.51 23.49
CA GLU I 49 73.55 -25.68 22.71
C GLU I 49 74.33 -24.73 21.80
N PRO I 50 73.61 -23.95 20.97
CA PRO I 50 74.28 -23.01 20.05
C PRO I 50 74.25 -21.57 20.56
N CYS I 51 74.80 -20.65 19.79
CA CYS I 51 74.75 -19.26 20.21
C CYS I 51 73.29 -18.90 20.10
N LYS I 52 72.85 -17.93 20.90
CA LYS I 52 71.46 -17.50 20.86
C LYS I 52 71.36 -16.46 19.75
N ASP I 53 70.31 -16.59 18.93
CA ASP I 53 70.07 -15.71 17.81
C ASP I 53 68.87 -14.79 18.04
N THR I 54 69.06 -13.51 17.73
CA THR I 54 68.01 -12.49 17.90
C THR I 54 66.82 -12.66 16.94
N VAL I 55 67.11 -12.68 15.65
CA VAL I 55 66.09 -12.84 14.61
C VAL I 55 65.22 -14.09 14.80
N GLN I 56 63.92 -13.97 14.55
CA GLN I 56 63.03 -15.11 14.71
C GLN I 56 61.72 -14.98 13.93
N ILE I 57 61.28 -16.11 13.38
CA ILE I 57 60.06 -16.20 12.60
C ILE I 57 58.86 -16.55 13.48
N HIS I 58 57.78 -15.79 13.34
CA HIS I 58 56.57 -16.02 14.13
C HIS I 58 55.71 -17.13 13.55
N ASP I 59 54.82 -17.67 14.38
CA ASP I 59 53.96 -18.79 14.01
C ASP I 59 52.82 -18.56 13.01
N ILE I 60 52.00 -17.54 13.24
CA ILE I 60 50.86 -17.23 12.36
C ILE I 60 51.26 -16.70 10.99
N THR I 61 50.48 -17.08 9.98
CA THR I 61 50.70 -16.64 8.59
C THR I 61 49.38 -16.64 7.81
N GLY I 62 49.28 -15.76 6.81
CA GLY I 62 48.06 -15.68 6.02
C GLY I 62 48.25 -14.95 4.70
N LYS I 63 47.21 -14.23 4.27
CA LYS I 63 47.25 -13.48 3.02
C LYS I 63 48.50 -12.61 2.95
N ASP I 64 48.46 -11.47 3.60
CA ASP I 64 49.60 -10.55 3.61
C ASP I 64 49.83 -10.12 5.05
N CYS I 65 50.83 -9.27 5.28
CA CYS I 65 51.12 -8.82 6.62
C CYS I 65 49.86 -8.33 7.31
N GLN I 66 48.95 -7.75 6.53
CA GLN I 66 47.70 -7.23 7.06
C GLN I 66 46.75 -8.34 7.47
N ASP I 67 46.82 -9.49 6.80
CA ASP I 67 45.93 -10.58 7.14
C ASP I 67 46.34 -11.11 8.50
N ILE I 68 47.61 -11.50 8.58
CA ILE I 68 48.16 -12.04 9.82
C ILE I 68 48.05 -11.00 10.94
N ALA I 69 48.38 -9.75 10.62
CA ALA I 69 48.31 -8.67 11.60
C ALA I 69 46.88 -8.49 12.12
N ASN I 70 45.99 -9.39 11.73
CA ASN I 70 44.59 -9.35 12.17
C ASN I 70 44.11 -10.78 12.48
N LYS I 71 45.04 -11.66 12.84
CA LYS I 71 44.72 -13.05 13.20
C LYS I 71 45.27 -13.19 14.62
N GLY I 72 46.06 -12.18 14.98
CA GLY I 72 46.69 -12.08 16.27
C GLY I 72 47.69 -10.96 16.08
N ALA I 73 48.97 -11.31 16.07
CA ALA I 73 50.03 -10.34 15.84
C ALA I 73 50.01 -9.05 16.64
N LYS I 74 51.08 -8.28 16.48
CA LYS I 74 51.26 -7.01 17.14
C LYS I 74 52.73 -6.66 17.16
N GLN I 75 53.56 -7.58 16.69
CA GLN I 75 55.00 -7.36 16.67
C GLN I 75 55.60 -7.19 15.29
N SER I 76 55.83 -5.93 14.89
CA SER I 76 56.42 -5.63 13.59
C SER I 76 57.62 -6.53 13.35
N GLY I 77 57.37 -7.73 12.84
CA GLY I 77 58.45 -8.69 12.59
C GLY I 77 58.38 -9.40 11.25
N LEU I 78 59.03 -10.56 11.17
CA LEU I 78 59.06 -11.33 9.93
C LEU I 78 58.18 -12.57 9.98
N TYR I 79 57.30 -12.72 8.99
CA TYR I 79 56.40 -13.87 8.96
C TYR I 79 56.32 -14.44 7.55
N PHE I 80 56.23 -15.75 7.44
CA PHE I 80 56.12 -16.39 6.13
C PHE I 80 54.71 -16.07 5.63
N ILE I 81 54.62 -15.38 4.49
CA ILE I 81 53.32 -15.05 3.91
C ILE I 81 53.24 -15.72 2.54
N LYS I 82 52.06 -16.20 2.19
CA LYS I 82 51.87 -16.87 0.91
C LYS I 82 50.62 -16.30 0.23
N PRO I 83 50.75 -15.10 -0.39
CA PRO I 83 49.70 -14.35 -1.09
C PRO I 83 48.65 -15.21 -1.78
N LEU I 84 47.42 -14.72 -1.77
CA LEU I 84 46.29 -15.42 -2.37
C LEU I 84 46.70 -16.28 -3.56
N LYS I 85 47.06 -15.61 -4.64
CA LYS I 85 47.51 -16.31 -5.84
C LYS I 85 49.02 -16.29 -5.80
N ALA I 86 49.59 -16.80 -4.71
CA ALA I 86 51.04 -16.82 -4.55
C ALA I 86 51.70 -18.19 -4.50
N ASN I 87 52.99 -18.18 -4.22
CA ASN I 87 53.78 -19.39 -4.16
C ASN I 87 54.59 -19.51 -2.86
N GLN I 88 55.84 -19.96 -2.97
CA GLN I 88 56.71 -20.11 -1.82
C GLN I 88 56.42 -18.99 -0.82
N GLN I 89 56.12 -19.35 0.43
CA GLN I 89 55.82 -18.34 1.45
C GLN I 89 57.07 -17.57 1.82
N PHE I 90 57.62 -16.80 0.90
CA PHE I 90 58.83 -16.05 1.20
C PHE I 90 58.68 -15.23 2.47
N LEU I 91 59.77 -14.61 2.91
CA LEU I 91 59.74 -13.85 4.14
C LEU I 91 59.63 -12.34 3.96
N VAL I 92 58.66 -11.77 4.67
CA VAL I 92 58.36 -10.34 4.63
C VAL I 92 58.65 -9.66 5.96
N TYR I 93 59.05 -8.39 5.91
CA TYR I 93 59.33 -7.61 7.11
C TYR I 93 58.14 -6.70 7.43
N CYS I 94 57.14 -7.24 8.12
CA CYS I 94 55.94 -6.50 8.49
C CYS I 94 56.19 -5.28 9.36
N GLU I 95 55.10 -4.60 9.68
CA GLU I 95 55.11 -3.43 10.53
C GLU I 95 53.69 -3.17 10.98
N ILE I 96 53.35 -3.68 12.17
CA ILE I 96 52.01 -3.48 12.70
C ILE I 96 51.98 -2.27 13.64
N ASP I 97 50.81 -1.66 13.72
CA ASP I 97 50.57 -0.48 14.56
C ASP I 97 49.82 -0.90 15.81
N GLY I 98 49.05 0.04 16.36
CA GLY I 98 48.26 -0.26 17.54
C GLY I 98 46.82 -0.38 17.10
N SER I 99 46.53 0.16 15.92
CA SER I 99 45.19 0.14 15.37
C SER I 99 44.73 -1.27 15.01
N GLY I 100 45.39 -1.89 14.04
CA GLY I 100 45.03 -3.23 13.62
C GLY I 100 45.30 -3.41 12.14
N ASN I 101 46.27 -2.64 11.65
CA ASN I 101 46.65 -2.67 10.24
C ASN I 101 48.09 -3.12 10.03
N GLY I 102 48.28 -4.18 9.25
CA GLY I 102 49.61 -4.69 8.99
C GLY I 102 50.24 -4.28 7.66
N TRP I 103 51.26 -3.41 7.74
CA TRP I 103 51.98 -2.94 6.56
C TRP I 103 52.98 -3.99 6.10
N THR I 104 53.89 -3.54 5.24
CA THR I 104 54.96 -4.35 4.69
C THR I 104 55.79 -3.46 3.79
N VAL I 105 57.06 -3.32 4.10
CA VAL I 105 57.95 -2.51 3.27
C VAL I 105 58.09 -3.28 1.95
N PHE I 106 59.01 -2.83 1.11
CA PHE I 106 59.33 -3.49 -0.14
C PHE I 106 60.65 -2.90 -0.59
N GLN I 107 61.11 -1.94 0.20
CA GLN I 107 62.37 -1.27 -0.07
C GLN I 107 62.68 -0.32 1.07
N LYS I 108 63.91 -0.33 1.57
CA LYS I 108 64.28 0.57 2.65
C LYS I 108 65.74 0.98 2.53
N ARG I 109 66.10 2.13 3.08
CA ARG I 109 67.47 2.59 3.00
C ARG I 109 67.80 3.32 4.28
N LEU I 110 69.00 3.11 4.80
CA LEU I 110 69.38 3.75 6.04
C LEU I 110 70.86 4.08 6.24
N ASP I 111 71.74 3.40 5.52
CA ASP I 111 73.18 3.62 5.71
C ASP I 111 74.13 3.52 4.51
N GLY I 112 73.77 2.69 3.54
CA GLY I 112 74.61 2.49 2.38
C GLY I 112 75.31 1.15 2.57
N SER I 113 74.53 0.18 3.06
CA SER I 113 75.04 -1.17 3.33
C SER I 113 74.54 -2.25 2.38
N VAL I 114 73.93 -1.86 1.26
CA VAL I 114 73.43 -2.87 0.34
C VAL I 114 73.54 -2.42 -1.12
N ASP I 115 74.61 -1.70 -1.45
CA ASP I 115 74.84 -1.20 -2.81
C ASP I 115 73.73 -1.52 -3.82
N PHE I 116 72.59 -0.84 -3.71
CA PHE I 116 71.47 -1.05 -4.63
C PHE I 116 71.95 -0.66 -6.03
N LYS I 117 72.32 -1.67 -6.81
CA LYS I 117 72.81 -1.47 -8.16
C LYS I 117 72.90 -2.87 -8.69
N LYS I 118 71.90 -3.67 -8.33
CA LYS I 118 71.88 -5.06 -8.74
C LYS I 118 71.22 -5.26 -10.09
N ASN I 119 71.65 -6.31 -10.80
CA ASN I 119 71.10 -6.60 -12.11
C ASN I 119 69.67 -7.13 -12.02
N TRP I 120 68.97 -6.99 -13.14
CA TRP I 120 67.59 -7.41 -13.27
C TRP I 120 67.18 -8.55 -12.34
N ILE I 121 67.61 -9.76 -12.68
CA ILE I 121 67.26 -10.94 -11.91
C ILE I 121 67.47 -10.81 -10.41
N GLN I 122 68.06 -9.71 -9.98
CA GLN I 122 68.29 -9.46 -8.56
C GLN I 122 67.21 -8.50 -8.01
N TYR I 123 66.77 -7.57 -8.85
CA TYR I 123 65.74 -6.62 -8.45
C TYR I 123 64.39 -7.32 -8.50
N LYS I 124 64.34 -8.45 -9.20
CA LYS I 124 63.11 -9.21 -9.31
C LYS I 124 62.93 -10.06 -8.06
N GLU I 125 63.91 -10.93 -7.82
CA GLU I 125 63.91 -11.83 -6.68
C GLU I 125 64.30 -11.05 -5.43
N GLY I 126 64.64 -9.78 -5.62
CA GLY I 126 65.02 -8.96 -4.49
C GLY I 126 66.42 -9.32 -4.06
N PHE I 127 67.07 -8.41 -3.35
CA PHE I 127 68.42 -8.64 -2.88
C PHE I 127 68.61 -7.99 -1.52
N GLY I 128 69.84 -8.04 -1.00
CA GLY I 128 70.12 -7.43 0.29
C GLY I 128 69.83 -8.38 1.43
N HIS I 129 69.04 -7.92 2.39
CA HIS I 129 68.69 -8.73 3.54
C HIS I 129 67.63 -8.08 4.43
N LEU I 130 66.68 -8.88 4.86
CA LEU I 130 65.63 -8.40 5.74
C LEU I 130 66.30 -8.13 7.08
N SER I 131 65.71 -8.67 8.16
CA SER I 131 66.22 -8.52 9.52
C SER I 131 65.01 -8.53 10.44
N PRO I 132 65.23 -8.60 11.77
CA PRO I 132 64.11 -8.62 12.73
C PRO I 132 63.46 -7.26 12.94
N THR I 133 64.19 -6.34 13.58
CA THR I 133 63.71 -5.00 13.87
C THR I 133 63.29 -4.28 12.60
N GLY I 134 64.22 -3.57 11.99
CA GLY I 134 63.94 -2.83 10.77
C GLY I 134 65.16 -2.28 10.05
N THR I 135 66.01 -1.55 10.76
CA THR I 135 67.20 -0.96 10.13
C THR I 135 67.99 -1.99 9.33
N THR I 136 67.84 -1.91 8.01
CA THR I 136 68.50 -2.83 7.10
C THR I 136 68.02 -2.63 5.66
N GLU I 137 68.75 -1.81 4.92
CA GLU I 137 68.42 -1.55 3.52
C GLU I 137 68.06 -2.87 2.83
N PHE I 138 66.91 -2.93 2.18
CA PHE I 138 66.54 -4.14 1.48
C PHE I 138 65.55 -3.89 0.37
N TRP I 139 65.62 -4.72 -0.66
CA TRP I 139 64.72 -4.60 -1.81
C TRP I 139 64.01 -5.94 -1.90
N LEU I 140 62.83 -6.06 -1.29
CA LEU I 140 62.14 -7.34 -1.35
C LEU I 140 62.11 -7.89 -2.78
N GLY I 141 62.25 -7.00 -3.75
CA GLY I 141 62.27 -7.42 -5.14
C GLY I 141 60.95 -7.49 -5.87
N ASN I 142 60.86 -6.70 -6.93
CA ASN I 142 59.68 -6.61 -7.79
C ASN I 142 58.89 -7.92 -7.94
N GLU I 143 59.59 -9.03 -8.08
CA GLU I 143 58.89 -10.29 -8.21
C GLU I 143 57.90 -10.40 -7.08
N LYS I 144 58.44 -10.54 -5.88
CA LYS I 144 57.62 -10.67 -4.67
C LYS I 144 56.68 -9.47 -4.53
N ILE I 145 57.14 -8.30 -4.93
CA ILE I 145 56.31 -7.11 -4.83
C ILE I 145 55.06 -7.24 -5.72
N HIS I 146 55.09 -8.12 -6.72
CA HIS I 146 53.93 -8.31 -7.59
C HIS I 146 52.84 -9.10 -6.89
N LEU I 147 53.07 -10.40 -6.71
CA LEU I 147 52.07 -11.26 -6.08
C LEU I 147 51.54 -10.71 -4.78
N ILE I 148 52.24 -9.73 -4.21
CA ILE I 148 51.78 -9.14 -2.96
C ILE I 148 51.28 -7.73 -3.25
N SER I 149 50.73 -7.55 -4.44
CA SER I 149 50.20 -6.27 -4.86
C SER I 149 49.01 -6.55 -5.80
N THR I 150 48.73 -7.82 -6.03
CA THR I 150 47.64 -8.20 -6.92
C THR I 150 46.91 -9.48 -6.52
N GLN I 151 46.91 -9.80 -5.23
CA GLN I 151 46.23 -11.00 -4.78
C GLN I 151 44.71 -10.74 -4.87
N SER I 152 44.07 -11.35 -5.86
CA SER I 152 42.64 -11.18 -6.09
C SER I 152 42.27 -9.72 -6.39
N ALA I 153 43.29 -8.86 -6.39
CA ALA I 153 43.14 -7.44 -6.68
C ALA I 153 42.22 -6.62 -5.76
N ILE I 154 42.76 -6.26 -4.59
CA ILE I 154 42.05 -5.42 -3.63
C ILE I 154 43.06 -4.31 -3.42
N PRO I 155 42.61 -3.06 -3.54
CA PRO I 155 43.39 -1.82 -3.40
C PRO I 155 44.55 -1.76 -2.41
N TYR I 156 45.78 -1.72 -2.94
CA TYR I 156 46.95 -1.61 -2.07
C TYR I 156 47.41 -0.17 -2.14
N ALA I 157 48.59 0.13 -1.60
CA ALA I 157 49.05 1.50 -1.63
C ALA I 157 50.45 1.63 -1.10
N LEU I 158 51.20 2.54 -1.68
CA LEU I 158 52.58 2.77 -1.24
C LEU I 158 52.61 4.01 -0.37
N ARG I 159 53.46 3.99 0.64
CA ARG I 159 53.59 5.14 1.49
C ARG I 159 55.06 5.52 1.56
N VAL I 160 55.55 6.15 0.50
CA VAL I 160 56.96 6.56 0.46
C VAL I 160 57.29 7.37 1.70
N GLU I 161 57.65 6.67 2.77
CA GLU I 161 58.01 7.30 4.03
C GLU I 161 59.43 7.79 3.77
N LEU I 162 59.84 8.85 4.46
CA LEU I 162 61.19 9.36 4.23
C LEU I 162 61.76 10.07 5.44
N GLU I 163 62.77 10.90 5.20
CA GLU I 163 63.44 11.71 6.21
C GLU I 163 64.64 12.39 5.60
N ASP I 164 64.85 13.66 5.93
CA ASP I 164 65.98 14.39 5.38
C ASP I 164 67.21 14.20 6.26
N TRP I 165 68.35 14.71 5.79
CA TRP I 165 69.57 14.62 6.55
C TRP I 165 69.52 15.69 7.62
N ASN I 166 68.34 15.89 8.20
CA ASN I 166 68.15 16.90 9.23
C ASN I 166 66.87 16.73 10.08
N GLY I 167 66.39 15.50 10.22
CA GLY I 167 65.22 15.24 11.03
C GLY I 167 63.87 15.05 10.37
N ARG I 168 63.26 16.14 9.91
CA ARG I 168 61.93 16.06 9.30
C ARG I 168 61.72 15.02 8.22
N THR I 169 60.80 14.11 8.50
CA THR I 169 60.43 13.03 7.60
C THR I 169 59.14 13.41 6.90
N SER I 170 58.90 12.81 5.73
CA SER I 170 57.69 13.09 4.96
C SER I 170 56.76 11.87 4.92
N THR I 171 56.40 11.49 3.70
CA THR I 171 55.52 10.36 3.40
C THR I 171 54.75 10.76 2.16
N ALA I 172 54.32 9.77 1.40
CA ALA I 172 53.57 10.03 0.19
C ALA I 172 52.83 8.74 -0.15
N ASP I 173 51.54 8.87 -0.41
CA ASP I 173 50.70 7.72 -0.70
C ASP I 173 50.32 7.58 -2.17
N TYR I 174 49.57 6.54 -2.50
CA TYR I 174 49.13 6.29 -3.86
C TYR I 174 47.95 5.30 -3.91
N ALA I 175 47.24 5.26 -5.03
CA ALA I 175 46.07 4.39 -5.15
C ALA I 175 46.26 3.03 -5.78
N MET I 176 45.57 2.06 -5.19
CA MET I 176 45.58 0.66 -5.64
C MET I 176 46.95 0.26 -6.13
N PHE I 177 47.99 0.83 -5.50
CA PHE I 177 49.37 0.56 -5.84
C PHE I 177 49.43 -0.84 -6.41
N LYS I 178 50.27 -1.02 -7.42
CA LYS I 178 50.38 -2.32 -8.04
C LYS I 178 51.57 -2.33 -8.99
N VAL I 179 52.43 -3.32 -8.84
CA VAL I 179 53.56 -3.44 -9.74
C VAL I 179 53.18 -4.53 -10.72
N GLY I 180 53.21 -4.20 -12.01
CA GLY I 180 52.84 -5.15 -13.05
C GLY I 180 53.74 -6.38 -13.15
N PRO I 181 53.18 -7.53 -13.57
CA PRO I 181 53.96 -8.77 -13.71
C PRO I 181 55.15 -8.61 -14.65
N GLU I 182 56.26 -9.26 -14.33
CA GLU I 182 57.48 -9.18 -15.12
C GLU I 182 57.12 -9.15 -16.61
N ALA I 183 56.03 -9.81 -16.98
CA ALA I 183 55.56 -9.82 -18.35
C ALA I 183 55.62 -8.39 -18.84
N ASP I 184 54.56 -7.63 -18.58
CA ASP I 184 54.50 -6.23 -18.98
C ASP I 184 55.80 -5.53 -18.55
N LYS I 185 56.47 -6.13 -17.57
CA LYS I 185 57.72 -5.67 -16.94
C LYS I 185 57.39 -5.42 -15.48
N TYR I 186 57.85 -4.30 -14.94
CA TYR I 186 57.53 -3.99 -13.55
C TYR I 186 56.90 -2.63 -13.40
N ARG I 187 56.41 -2.14 -14.55
CA ARG I 187 55.72 -0.87 -14.65
C ARG I 187 54.76 -0.75 -13.46
N LEU I 188 54.97 0.29 -12.66
CA LEU I 188 54.12 0.53 -11.48
C LEU I 188 52.86 1.28 -11.86
N THR I 189 51.71 0.83 -11.35
CA THR I 189 50.45 1.46 -11.70
C THR I 189 49.63 1.98 -10.53
N TYR I 190 49.81 3.26 -10.20
CA TYR I 190 49.03 3.88 -9.14
C TYR I 190 47.98 4.77 -9.82
N ALA I 191 46.81 4.89 -9.22
CA ALA I 191 45.75 5.71 -9.80
C ALA I 191 46.02 7.19 -9.58
N TYR I 192 45.99 7.61 -8.32
CA TYR I 192 46.22 9.02 -8.01
C TYR I 192 47.12 9.22 -6.81
N PHE I 193 47.53 10.46 -6.62
CA PHE I 193 48.38 10.84 -5.49
C PHE I 193 47.43 11.04 -4.32
N ALA I 194 47.89 10.75 -3.11
CA ALA I 194 47.01 10.89 -1.96
C ALA I 194 47.62 11.54 -0.74
N GLY I 195 48.10 12.77 -0.89
CA GLY I 195 48.66 13.49 0.25
C GLY I 195 50.16 13.45 0.44
N GLY I 196 50.57 13.50 1.70
CA GLY I 196 51.99 13.49 2.01
C GLY I 196 52.69 14.73 1.48
N ASP I 197 53.35 15.48 2.37
CA ASP I 197 54.07 16.67 1.96
C ASP I 197 55.42 16.28 1.36
N ALA I 198 55.57 14.98 1.11
CA ALA I 198 56.81 14.45 0.52
C ALA I 198 57.03 15.04 -0.86
N GLY I 199 55.93 15.41 -1.53
CA GLY I 199 55.98 15.98 -2.86
C GLY I 199 55.78 14.91 -3.91
N ASP I 200 54.84 15.09 -4.82
CA ASP I 200 54.60 14.07 -5.83
C ASP I 200 55.58 14.14 -7.00
N ALA I 201 56.67 13.36 -6.89
CA ALA I 201 57.70 13.33 -7.92
C ALA I 201 57.47 12.17 -8.92
N PHE I 202 56.34 11.49 -8.78
CA PHE I 202 56.00 10.42 -9.68
C PHE I 202 55.13 11.04 -10.78
N ASP I 203 54.73 12.28 -10.54
CA ASP I 203 53.89 13.06 -11.44
C ASP I 203 54.76 14.00 -12.23
N GLY I 204 56.03 13.62 -12.42
CA GLY I 204 56.96 14.45 -13.16
C GLY I 204 57.34 15.73 -12.43
N PHE I 205 58.33 16.46 -12.96
CA PHE I 205 58.79 17.73 -12.37
C PHE I 205 59.62 18.52 -13.37
N ASP I 206 59.25 19.77 -13.66
CA ASP I 206 60.01 20.54 -14.64
C ASP I 206 61.31 21.13 -14.10
N PHE I 207 62.43 20.64 -14.63
CA PHE I 207 63.76 21.08 -14.23
C PHE I 207 64.32 22.26 -15.02
N GLY I 208 63.49 22.87 -15.86
CA GLY I 208 63.95 24.02 -16.63
C GLY I 208 64.66 23.66 -17.92
N ASP I 209 65.70 22.82 -17.82
CA ASP I 209 66.49 22.37 -18.98
C ASP I 209 65.67 22.39 -20.28
N ASP I 210 64.44 21.91 -20.20
CA ASP I 210 63.51 21.86 -21.33
C ASP I 210 62.11 21.61 -20.76
N PRO I 211 61.10 22.27 -21.33
CA PRO I 211 59.71 22.12 -20.88
C PRO I 211 59.32 20.67 -20.64
N SER I 212 60.07 19.76 -21.23
CA SER I 212 59.80 18.33 -21.11
C SER I 212 60.60 17.65 -20.01
N ASP I 213 61.24 18.45 -19.18
CA ASP I 213 61.98 17.92 -18.06
C ASP I 213 60.94 17.25 -17.18
N LYS I 214 59.74 17.79 -17.20
CA LYS I 214 58.64 17.27 -16.39
C LYS I 214 57.97 16.03 -16.99
N PHE I 215 57.85 15.96 -18.31
CA PHE I 215 57.20 14.80 -18.91
C PHE I 215 58.14 13.61 -19.00
N PHE I 216 59.44 13.92 -19.08
CA PHE I 216 60.48 12.90 -19.18
C PHE I 216 60.94 12.38 -17.85
N THR I 217 60.65 13.12 -16.77
CA THR I 217 61.04 12.67 -15.45
C THR I 217 59.80 12.33 -14.61
N SER I 218 58.79 11.77 -15.27
CA SER I 218 57.56 11.36 -14.60
C SER I 218 57.71 9.86 -14.46
N HIS I 219 57.40 9.32 -13.28
CA HIS I 219 57.57 7.89 -13.05
C HIS I 219 56.32 7.04 -13.08
N ASN I 220 55.16 7.63 -12.79
CA ASN I 220 53.91 6.87 -12.81
C ASN I 220 53.85 6.10 -14.13
N GLY I 221 53.50 4.82 -14.05
CA GLY I 221 53.41 4.02 -15.26
C GLY I 221 54.67 4.08 -16.12
N MET I 222 55.78 3.66 -15.54
CA MET I 222 57.06 3.62 -16.21
C MET I 222 57.71 2.30 -15.86
N GLN I 223 57.81 1.43 -16.86
CA GLN I 223 58.40 0.11 -16.68
C GLN I 223 59.72 0.21 -15.92
N PHE I 224 60.05 -0.88 -15.21
CA PHE I 224 61.26 -0.94 -14.41
C PHE I 224 62.51 -1.22 -15.22
N SER I 225 63.48 -0.32 -15.11
CA SER I 225 64.76 -0.46 -15.81
C SER I 225 65.90 -0.84 -14.86
N THR I 226 66.77 -1.73 -15.35
CA THR I 226 67.92 -2.17 -14.59
C THR I 226 69.08 -1.61 -15.39
N TRP I 227 70.30 -1.73 -14.88
CA TRP I 227 71.46 -1.22 -15.61
C TRP I 227 71.60 -1.96 -16.95
N ASP I 228 71.02 -3.16 -17.02
CA ASP I 228 71.07 -3.98 -18.23
C ASP I 228 69.79 -4.74 -18.60
N ASN I 229 68.69 -3.99 -18.69
CA ASN I 229 67.35 -4.49 -19.06
C ASN I 229 66.36 -3.37 -18.78
N ASP I 230 66.44 -2.32 -19.60
CA ASP I 230 65.60 -1.14 -19.44
C ASP I 230 64.48 -0.97 -20.46
N ASN I 231 63.25 -0.93 -19.98
CA ASN I 231 62.09 -0.74 -20.84
C ASN I 231 61.53 0.66 -20.69
N ASP I 232 62.40 1.59 -20.32
CA ASP I 232 62.03 2.98 -20.14
C ASP I 232 61.78 3.66 -21.48
N LYS I 233 61.45 4.95 -21.41
CA LYS I 233 61.20 5.75 -22.60
C LYS I 233 62.42 6.66 -22.75
N PHE I 234 63.53 6.05 -23.13
CA PHE I 234 64.77 6.78 -23.33
C PHE I 234 65.51 6.14 -24.51
N GLU I 235 66.62 6.74 -24.90
CA GLU I 235 67.42 6.23 -26.00
C GLU I 235 68.62 5.54 -25.35
N GLY I 236 68.33 4.76 -24.31
CA GLY I 236 69.37 4.06 -23.60
C GLY I 236 68.87 3.66 -22.22
N ASN I 237 69.81 3.37 -21.32
CA ASN I 237 69.43 2.98 -19.97
C ASN I 237 69.77 4.05 -18.93
N CYS I 238 68.76 4.76 -18.46
CA CYS I 238 69.02 5.78 -17.45
C CYS I 238 69.62 5.03 -16.27
N ALA I 239 69.02 3.90 -15.94
CA ALA I 239 69.51 3.10 -14.83
C ALA I 239 71.04 3.08 -14.85
N GLU I 240 71.61 2.52 -15.91
CA GLU I 240 73.05 2.43 -16.04
C GLU I 240 73.69 3.81 -16.09
N GLN I 241 73.16 4.67 -16.95
CA GLN I 241 73.67 6.03 -17.12
C GLN I 241 73.94 6.68 -15.75
N ASP I 242 73.17 6.25 -14.76
CA ASP I 242 73.28 6.74 -13.39
C ASP I 242 73.69 5.59 -12.47
N GLY I 243 73.72 4.40 -13.03
CA GLY I 243 74.07 3.22 -12.26
C GLY I 243 73.02 3.00 -11.20
N SER I 244 72.06 2.11 -11.48
CA SER I 244 70.99 1.80 -10.53
C SER I 244 69.92 0.94 -11.17
N GLY I 245 68.78 0.83 -10.49
CA GLY I 245 67.67 0.05 -10.98
C GLY I 245 66.37 0.61 -10.43
N TRP I 246 65.96 1.78 -10.94
CA TRP I 246 64.73 2.45 -10.51
C TRP I 246 63.69 2.23 -11.60
N TRP I 247 62.64 3.05 -11.63
CA TRP I 247 61.60 2.96 -12.65
C TRP I 247 61.86 4.11 -13.63
N MET I 248 62.95 4.02 -14.37
CA MET I 248 63.37 5.06 -15.30
C MET I 248 62.42 5.47 -16.43
N ASN I 249 62.65 6.68 -16.92
CA ASN I 249 61.89 7.33 -17.99
C ASN I 249 63.03 7.97 -18.77
N LYS I 250 62.87 9.19 -19.28
CA LYS I 250 63.99 9.83 -19.97
C LYS I 250 64.69 10.53 -18.81
N CYS I 251 64.90 9.60 -17.89
CA CYS I 251 65.54 9.58 -16.59
C CYS I 251 64.70 9.75 -15.35
N HIS I 252 64.98 10.72 -14.49
CA HIS I 252 64.20 10.75 -13.26
C HIS I 252 64.13 12.01 -12.43
N ALA I 253 63.53 11.81 -11.26
CA ALA I 253 63.32 12.80 -10.23
C ALA I 253 62.62 11.98 -9.15
N GLY I 254 63.39 11.50 -8.17
CA GLY I 254 62.83 10.70 -7.10
C GLY I 254 63.54 9.36 -7.15
N HIS I 255 64.87 9.43 -7.13
CA HIS I 255 65.75 8.26 -7.19
C HIS I 255 66.05 7.65 -5.82
N LEU I 256 65.34 6.57 -5.47
CA LEU I 256 65.53 5.91 -4.19
C LEU I 256 66.50 4.72 -4.24
N ASN I 257 66.26 3.81 -5.19
CA ASN I 257 67.14 2.67 -5.35
C ASN I 257 68.51 3.18 -5.76
N GLY I 258 68.66 4.51 -5.82
CA GLY I 258 69.90 5.14 -6.25
C GLY I 258 71.15 5.17 -5.38
N VAL I 259 72.10 5.99 -5.79
CA VAL I 259 73.39 6.15 -5.10
C VAL I 259 73.22 6.68 -3.69
N TYR I 260 73.44 5.82 -2.71
CA TYR I 260 73.31 6.24 -1.31
C TYR I 260 74.52 7.13 -1.00
N TYR I 261 74.26 8.34 -0.52
CA TYR I 261 75.31 9.31 -0.20
C TYR I 261 75.50 9.63 1.27
N GLN I 262 76.77 9.63 1.70
CA GLN I 262 77.13 9.96 3.07
C GLN I 262 77.01 11.47 3.23
N GLY I 263 75.91 11.92 3.83
CA GLY I 263 75.71 13.34 4.03
C GLY I 263 74.54 13.82 3.19
N GLY I 264 74.45 13.29 1.96
CA GLY I 264 73.37 13.66 1.07
C GLY I 264 73.77 14.52 -0.12
N THR I 265 73.73 15.84 0.09
CA THR I 265 74.07 16.79 -0.97
C THR I 265 75.38 16.44 -1.67
N TYR I 266 75.29 16.05 -2.93
CA TYR I 266 76.47 15.71 -3.70
C TYR I 266 76.68 16.67 -4.86
N SER I 267 77.69 16.39 -5.68
CA SER I 267 78.01 17.26 -6.82
C SER I 267 78.16 16.55 -8.17
N LYS I 268 78.30 17.37 -9.21
CA LYS I 268 78.47 16.93 -10.59
C LYS I 268 79.90 16.41 -10.78
N ALA I 269 80.55 16.08 -9.66
CA ALA I 269 81.92 15.56 -9.68
C ALA I 269 81.91 14.05 -9.42
N SER I 270 81.11 13.64 -8.43
CA SER I 270 81.01 12.21 -8.11
C SER I 270 80.13 11.56 -9.17
N THR I 271 79.26 12.36 -9.78
CA THR I 271 78.37 11.88 -10.83
C THR I 271 79.20 11.10 -11.83
N PRO I 272 79.14 9.77 -11.78
CA PRO I 272 79.87 8.89 -12.68
C PRO I 272 79.96 9.48 -14.07
N ASN I 273 78.83 9.46 -14.75
CA ASN I 273 78.77 9.96 -16.10
C ASN I 273 78.46 11.45 -16.16
N GLY I 274 78.06 12.04 -15.04
CA GLY I 274 77.79 13.47 -15.02
C GLY I 274 76.45 13.95 -14.47
N TYR I 275 75.37 13.34 -14.93
CA TYR I 275 74.02 13.71 -14.51
C TYR I 275 73.74 13.31 -13.06
N ASP I 276 72.50 13.49 -12.63
CA ASP I 276 72.08 13.16 -11.26
C ASP I 276 71.75 11.67 -11.14
N ASN I 277 72.12 11.06 -10.01
CA ASN I 277 71.87 9.64 -9.79
C ASN I 277 71.70 9.30 -8.32
N GLY I 278 71.84 10.29 -7.46
CA GLY I 278 71.69 10.06 -6.03
C GLY I 278 70.28 9.76 -5.57
N ILE I 279 70.04 10.02 -4.27
CA ILE I 279 68.73 9.79 -3.65
C ILE I 279 67.92 11.08 -3.66
N ILE I 280 67.30 11.35 -4.81
CA ILE I 280 66.51 12.56 -5.05
C ILE I 280 65.00 12.39 -4.98
N TRP I 281 64.33 13.54 -5.03
CA TRP I 281 62.88 13.63 -5.02
C TRP I 281 62.54 15.10 -5.19
N ALA I 282 62.72 15.57 -6.43
CA ALA I 282 62.48 16.96 -6.84
C ALA I 282 61.31 17.67 -6.17
N THR I 283 60.33 16.90 -5.71
CA THR I 283 59.17 17.45 -5.04
C THR I 283 59.36 17.45 -3.53
N TRP I 284 60.56 17.84 -3.09
CA TRP I 284 60.90 17.91 -1.66
C TRP I 284 62.30 18.48 -1.57
N LYS I 285 63.23 17.82 -2.29
CA LYS I 285 64.63 18.23 -2.35
C LYS I 285 64.99 18.23 -3.83
N THR I 286 66.16 18.77 -4.18
CA THR I 286 66.56 18.81 -5.57
C THR I 286 67.21 17.51 -6.02
N ARG I 287 67.80 17.55 -7.22
CA ARG I 287 68.44 16.39 -7.82
C ARG I 287 69.83 16.12 -7.25
N TRP I 288 70.39 17.11 -6.56
CA TRP I 288 71.73 16.97 -5.98
C TRP I 288 71.72 16.45 -4.55
N TYR I 289 70.70 16.81 -3.78
CA TYR I 289 70.58 16.38 -2.40
C TYR I 289 70.02 14.96 -2.31
N SER I 290 70.81 14.04 -1.75
CA SER I 290 70.40 12.66 -1.59
C SER I 290 69.87 12.49 -0.19
N MET I 291 69.05 11.48 0.06
CA MET I 291 68.50 11.26 1.40
C MET I 291 69.32 10.30 2.26
N LYS I 292 68.86 10.09 3.50
CA LYS I 292 69.48 9.15 4.44
C LYS I 292 68.50 8.01 4.65
N LYS I 293 67.43 8.31 5.38
CA LYS I 293 66.38 7.33 5.63
C LYS I 293 65.58 7.34 4.35
N THR I 294 65.01 6.21 3.98
CA THR I 294 64.24 6.16 2.74
C THR I 294 63.49 4.85 2.53
N THR I 295 62.44 4.64 3.30
CA THR I 295 61.67 3.42 3.12
C THR I 295 60.66 3.60 1.99
N MET I 296 59.75 2.64 1.90
CA MET I 296 58.69 2.59 0.89
C MET I 296 57.93 1.36 1.33
N LYS I 297 56.63 1.48 1.57
CA LYS I 297 55.89 0.31 2.02
C LYS I 297 54.44 0.22 1.58
N ILE I 298 53.99 -0.98 1.22
CA ILE I 298 52.62 -1.16 0.78
C ILE I 298 51.75 -1.40 1.99
N ILE I 299 50.46 -1.66 1.73
CA ILE I 299 49.46 -1.92 2.76
C ILE I 299 48.09 -1.81 2.11
N PRO I 300 47.07 -2.49 2.66
CA PRO I 300 45.75 -2.39 2.04
C PRO I 300 45.28 -0.94 2.17
N PHE I 301 44.54 -0.48 1.17
CA PHE I 301 44.03 0.90 1.12
C PHE I 301 42.84 1.16 2.04
N ASN I 302 41.89 0.22 2.07
CA ASN I 302 40.70 0.34 2.89
C ASN I 302 41.07 0.40 4.37
N ARG I 303 42.22 1.01 4.66
CA ARG I 303 42.66 1.12 6.03
C ARG I 303 43.46 2.41 6.20
N LEU I 304 43.38 3.27 5.18
CA LEU I 304 44.04 4.58 5.18
C LEU I 304 42.98 5.59 5.65
N THR I 305 43.11 6.06 6.89
CA THR I 305 42.18 7.00 7.54
C THR I 305 40.98 6.18 8.05
N ILE I 306 41.28 4.94 8.44
CA ILE I 306 40.29 3.99 8.95
C ILE I 306 39.55 4.45 10.19
N GLY I 307 40.29 4.92 11.20
CA GLY I 307 39.67 5.37 12.44
C GLY I 307 39.23 4.17 13.26
N GLU I 308 38.83 3.10 12.57
CA GLU I 308 38.39 1.86 13.20
C GLU I 308 39.46 0.77 13.12
N ASP J 4 -75.96 53.62 -31.50
CA ASP J 4 -75.10 52.58 -30.88
C ASP J 4 -73.80 52.46 -31.67
N LEU J 5 -73.79 53.03 -32.87
CA LEU J 5 -72.61 53.01 -33.74
C LEU J 5 -71.60 54.00 -33.20
N ARG J 6 -72.08 55.18 -32.82
CA ARG J 6 -71.23 56.24 -32.27
C ARG J 6 -70.80 55.84 -30.86
N SER J 7 -70.93 54.54 -30.58
CA SER J 7 -70.58 53.98 -29.29
C SER J 7 -69.88 52.63 -29.51
N ARG J 8 -70.37 51.89 -30.50
CA ARG J 8 -69.81 50.58 -30.85
C ARG J 8 -68.35 50.80 -31.24
N ILE J 9 -68.15 51.51 -32.35
CA ILE J 9 -66.82 51.82 -32.84
C ILE J 9 -66.03 52.57 -31.77
N GLU J 10 -66.69 53.50 -31.08
CA GLU J 10 -66.03 54.27 -30.05
C GLU J 10 -65.35 53.33 -29.05
N VAL J 11 -65.95 52.17 -28.81
CA VAL J 11 -65.39 51.18 -27.89
C VAL J 11 -64.25 50.39 -28.57
N LEU J 12 -64.21 50.38 -29.90
CA LEU J 12 -63.14 49.68 -30.59
C LEU J 12 -61.84 50.43 -30.34
N LYS J 13 -61.77 51.68 -30.78
CA LYS J 13 -60.57 52.46 -30.57
C LYS J 13 -60.09 52.32 -29.13
N ARG J 14 -60.96 52.60 -28.17
CA ARG J 14 -60.61 52.49 -26.76
C ARG J 14 -59.98 51.14 -26.41
N LYS J 15 -60.35 50.09 -27.13
CA LYS J 15 -59.79 48.76 -26.84
C LYS J 15 -58.61 48.39 -27.73
N VAL J 16 -58.71 48.69 -29.02
CA VAL J 16 -57.60 48.38 -29.92
C VAL J 16 -56.40 49.11 -29.38
N ILE J 17 -56.59 50.41 -29.16
CA ILE J 17 -55.54 51.25 -28.65
C ILE J 17 -54.77 50.40 -27.64
N GLU J 18 -55.48 49.81 -26.68
CA GLU J 18 -54.84 48.98 -25.69
C GLU J 18 -53.96 47.96 -26.40
N LYS J 19 -54.59 47.07 -27.18
CA LYS J 19 -53.83 46.07 -27.91
C LYS J 19 -52.52 46.67 -28.41
N VAL J 20 -52.60 47.86 -28.97
CA VAL J 20 -51.45 48.57 -29.51
C VAL J 20 -50.26 48.75 -28.57
N GLN J 21 -50.51 49.20 -27.34
CA GLN J 21 -49.40 49.42 -26.43
C GLN J 21 -48.77 48.13 -25.90
N HIS J 22 -49.60 47.13 -25.61
CA HIS J 22 -49.14 45.83 -25.15
C HIS J 22 -48.29 45.26 -26.28
N ILE J 23 -48.79 45.43 -27.51
CA ILE J 23 -48.08 44.98 -28.69
C ILE J 23 -47.11 46.08 -29.09
N GLN J 24 -46.56 46.74 -28.06
CA GLN J 24 -45.58 47.80 -28.22
C GLN J 24 -44.90 47.96 -26.88
N LEU J 25 -44.95 46.87 -26.13
CA LEU J 25 -44.32 46.76 -24.82
C LEU J 25 -43.49 45.49 -25.06
N LEU J 26 -43.92 44.74 -26.06
CA LEU J 26 -43.24 43.52 -26.46
C LEU J 26 -42.00 43.98 -27.19
N GLN J 27 -42.21 44.88 -28.13
CA GLN J 27 -41.12 45.43 -28.92
C GLN J 27 -40.08 46.04 -28.00
N LYS J 28 -40.51 46.46 -26.82
CA LYS J 28 -39.61 47.07 -25.86
C LYS J 28 -38.94 45.95 -25.06
N ASN J 29 -39.72 44.92 -24.73
CA ASN J 29 -39.24 43.77 -23.97
C ASN J 29 -38.46 42.74 -24.79
N VAL J 30 -38.66 42.76 -26.11
CA VAL J 30 -37.98 41.86 -27.03
C VAL J 30 -36.57 42.34 -27.26
N ARG J 31 -36.41 43.65 -27.40
CA ARG J 31 -35.10 44.26 -27.62
C ARG J 31 -34.20 43.86 -26.48
N ALA J 32 -34.68 44.04 -25.26
CA ALA J 32 -33.91 43.62 -24.11
C ALA J 32 -33.36 42.24 -24.47
N GLN J 33 -34.26 41.28 -24.55
CA GLN J 33 -33.92 39.90 -24.85
C GLN J 33 -32.93 39.64 -25.98
N LEU J 34 -32.95 40.47 -27.03
CA LEU J 34 -31.98 40.28 -28.12
C LEU J 34 -30.61 40.67 -27.56
N VAL J 35 -30.56 41.84 -26.95
CA VAL J 35 -29.35 42.38 -26.34
C VAL J 35 -28.89 41.42 -25.26
N ASP J 36 -29.84 40.95 -24.46
CA ASP J 36 -29.55 40.01 -23.42
C ASP J 36 -29.00 38.69 -24.04
N MET J 37 -29.64 38.24 -25.11
CA MET J 37 -29.22 37.04 -25.81
C MET J 37 -27.81 37.18 -26.37
N LYS J 38 -27.59 38.26 -27.11
CA LYS J 38 -26.29 38.54 -27.70
C LYS J 38 -25.17 38.40 -26.66
N ARG J 39 -25.33 39.02 -25.50
CA ARG J 39 -24.30 38.91 -24.48
C ARG J 39 -24.20 37.46 -24.07
N LEU J 40 -25.32 36.88 -23.65
CA LEU J 40 -25.33 35.48 -23.25
C LEU J 40 -24.62 34.62 -24.29
N GLU J 41 -24.79 34.95 -25.56
CA GLU J 41 -24.11 34.25 -26.62
C GLU J 41 -22.64 34.34 -26.34
N VAL J 42 -22.05 35.42 -26.82
CA VAL J 42 -20.63 35.70 -26.65
C VAL J 42 -20.10 35.16 -25.34
N ASP J 43 -20.74 35.53 -24.24
CA ASP J 43 -20.33 35.06 -22.93
C ASP J 43 -20.03 33.57 -22.96
N ILE J 44 -21.04 32.75 -23.25
CA ILE J 44 -20.86 31.28 -23.32
C ILE J 44 -19.74 30.84 -24.28
N ASP J 45 -19.61 31.51 -25.42
CA ASP J 45 -18.57 31.14 -26.35
C ASP J 45 -17.29 31.23 -25.55
N ILE J 46 -17.13 32.37 -24.87
CA ILE J 46 -15.97 32.64 -24.03
C ILE J 46 -15.75 31.57 -22.97
N LYS J 47 -16.80 31.26 -22.20
CA LYS J 47 -16.71 30.28 -21.12
C LYS J 47 -16.39 28.86 -21.61
N ILE J 48 -17.04 28.44 -22.68
CA ILE J 48 -16.79 27.10 -23.23
C ILE J 48 -15.33 26.97 -23.63
N ARG J 49 -14.82 27.98 -24.31
CA ARG J 49 -13.45 27.95 -24.77
C ARG J 49 -12.43 27.90 -23.64
N SER J 50 -12.82 28.29 -22.43
CA SER J 50 -11.87 28.30 -21.31
C SER J 50 -11.77 26.94 -20.67
N CYS J 51 -12.30 25.95 -21.38
CA CYS J 51 -12.21 24.61 -20.89
C CYS J 51 -11.35 23.82 -21.86
N ARG J 52 -11.03 24.45 -22.98
CA ARG J 52 -10.18 23.85 -24.00
C ARG J 52 -8.81 23.67 -23.38
N GLY J 53 -8.79 23.58 -22.06
CA GLY J 53 -7.54 23.41 -21.36
C GLY J 53 -7.72 22.85 -19.96
N SER J 54 -8.95 22.47 -19.65
CA SER J 54 -9.30 21.91 -18.36
C SER J 54 -10.01 20.63 -18.70
N CYS J 55 -11.16 20.79 -19.36
CA CYS J 55 -11.99 19.70 -19.84
C CYS J 55 -11.07 18.94 -20.83
N SER J 56 -11.39 17.69 -21.14
CA SER J 56 -10.58 16.88 -22.06
C SER J 56 -11.01 17.04 -23.50
N ARG J 57 -12.32 17.06 -23.69
CA ARG J 57 -12.96 17.20 -25.00
C ARG J 57 -13.35 18.66 -25.21
N ALA J 58 -13.04 19.19 -26.39
CA ALA J 58 -13.35 20.58 -26.73
C ALA J 58 -14.48 20.68 -27.73
N LEU J 59 -15.40 21.60 -27.51
CA LEU J 59 -16.53 21.76 -28.42
C LEU J 59 -16.35 22.97 -29.34
N ALA J 60 -15.91 22.74 -30.57
CA ALA J 60 -15.73 23.82 -31.52
C ALA J 60 -17.09 24.45 -31.70
N ARG J 61 -17.12 25.72 -32.06
CA ARG J 61 -18.40 26.41 -32.28
C ARG J 61 -18.21 27.57 -33.23
N GLU J 62 -19.32 28.19 -33.55
CA GLU J 62 -19.31 29.36 -34.40
C GLU J 62 -20.35 30.26 -33.76
N VAL J 63 -20.34 31.54 -34.04
CA VAL J 63 -21.37 32.38 -33.47
C VAL J 63 -21.80 33.37 -34.54
N ASP J 64 -23.02 33.20 -35.02
CA ASP J 64 -23.56 34.05 -36.08
C ASP J 64 -24.00 35.36 -35.47
N LEU J 65 -23.03 36.00 -34.84
CA LEU J 65 -23.19 37.29 -34.19
C LEU J 65 -24.01 38.23 -35.07
N LYS J 66 -23.71 38.23 -36.36
CA LYS J 66 -24.39 39.09 -37.30
C LYS J 66 -25.89 38.92 -37.22
N ASP J 67 -26.34 37.69 -37.43
CA ASP J 67 -27.76 37.37 -37.38
C ASP J 67 -28.52 38.07 -36.25
N TYR J 68 -27.83 38.30 -35.13
CA TYR J 68 -28.43 39.00 -34.00
C TYR J 68 -28.70 40.45 -34.40
N GLU J 69 -27.71 41.07 -35.04
CA GLU J 69 -27.86 42.45 -35.48
C GLU J 69 -29.04 42.53 -36.42
N ASP J 70 -28.92 41.85 -37.56
CA ASP J 70 -29.98 41.85 -38.56
C ASP J 70 -31.36 41.90 -37.92
N GLN J 71 -31.57 41.08 -36.90
CA GLN J 71 -32.84 41.06 -36.22
C GLN J 71 -33.14 42.38 -35.52
N GLN J 72 -32.18 42.91 -34.75
CA GLN J 72 -32.40 44.18 -34.08
C GLN J 72 -32.61 45.29 -35.12
N LYS J 73 -31.95 45.16 -36.26
CA LYS J 73 -32.14 46.12 -37.33
C LYS J 73 -33.62 46.05 -37.67
N GLN J 74 -34.15 44.82 -37.72
CA GLN J 74 -35.56 44.60 -38.04
C GLN J 74 -36.46 45.11 -36.94
N LEU J 75 -36.30 44.60 -35.72
CA LEU J 75 -37.13 45.02 -34.62
C LEU J 75 -37.18 46.54 -34.50
N GLU J 76 -36.16 47.23 -34.98
CA GLU J 76 -36.12 48.69 -34.90
C GLU J 76 -36.92 49.40 -35.99
N GLN J 77 -37.39 48.67 -36.99
CA GLN J 77 -38.18 49.31 -38.05
C GLN J 77 -39.62 49.47 -37.61
N VAL J 78 -40.11 48.57 -36.77
CA VAL J 78 -41.50 48.65 -36.35
C VAL J 78 -41.71 49.46 -35.06
N ILE J 79 -40.64 49.66 -34.30
CA ILE J 79 -40.74 50.42 -33.07
C ILE J 79 -41.05 51.87 -33.42
N ALA J 80 -40.80 52.23 -34.67
CA ALA J 80 -41.07 53.59 -35.14
C ALA J 80 -42.31 53.55 -36.05
N LYS J 81 -43.50 53.41 -35.47
CA LYS J 81 -44.68 53.31 -36.31
C LYS J 81 -46.05 53.86 -35.87
N ASP J 82 -46.44 53.65 -34.62
CA ASP J 82 -47.76 54.13 -34.19
C ASP J 82 -47.92 54.31 -32.68
N ILE K 20 -56.49 56.73 -36.59
CA ILE K 20 -56.01 55.35 -36.31
C ILE K 20 -57.14 54.35 -36.56
N ASP K 21 -57.65 54.34 -37.79
CA ASP K 21 -58.72 53.43 -38.21
C ASP K 21 -58.13 52.06 -38.57
N GLU K 22 -57.70 51.97 -39.82
CA GLU K 22 -57.10 50.78 -40.43
C GLU K 22 -56.30 49.86 -39.50
N THR K 23 -55.15 50.36 -39.02
CA THR K 23 -54.24 49.64 -38.12
C THR K 23 -54.37 48.12 -38.08
N VAL K 24 -55.42 47.61 -37.43
CA VAL K 24 -55.66 46.18 -37.31
C VAL K 24 -55.46 45.39 -38.60
N ASN K 25 -55.22 46.05 -39.72
CA ASN K 25 -55.03 45.32 -40.97
C ASN K 25 -53.80 45.65 -41.84
N SER K 26 -53.04 46.67 -41.46
CA SER K 26 -51.85 47.02 -42.22
C SER K 26 -50.70 47.29 -41.28
N ASN K 27 -50.97 47.28 -39.99
CA ASN K 27 -49.92 47.52 -39.04
C ASN K 27 -49.77 46.32 -38.13
N ILE K 28 -50.38 46.38 -36.96
CA ILE K 28 -50.28 45.31 -35.98
C ILE K 28 -49.90 44.02 -36.66
N PRO K 29 -50.74 43.50 -37.56
CA PRO K 29 -50.37 42.23 -38.22
C PRO K 29 -48.94 42.29 -38.74
N THR K 30 -48.71 43.13 -39.74
CA THR K 30 -47.38 43.29 -40.31
C THR K 30 -46.52 44.05 -39.31
N ASN K 31 -46.30 43.40 -38.18
CA ASN K 31 -45.50 43.92 -37.09
C ASN K 31 -45.42 42.78 -36.09
N LEU K 32 -46.58 42.40 -35.56
CA LEU K 32 -46.63 41.32 -34.60
C LEU K 32 -46.29 40.01 -35.29
N ARG K 33 -45.77 40.12 -36.50
CA ARG K 33 -45.33 38.93 -37.21
C ARG K 33 -43.83 39.02 -37.05
N VAL K 34 -43.32 40.24 -37.10
CA VAL K 34 -41.90 40.42 -36.93
C VAL K 34 -41.64 39.94 -35.51
N LEU K 35 -42.54 40.27 -34.60
CA LEU K 35 -42.38 39.84 -33.22
C LEU K 35 -42.29 38.34 -33.18
N ARG K 36 -43.17 37.67 -33.92
CA ARG K 36 -43.18 36.20 -33.95
C ARG K 36 -41.81 35.64 -34.34
N SER K 37 -41.28 36.09 -35.47
CA SER K 37 -39.99 35.62 -35.95
C SER K 37 -38.93 35.74 -34.87
N ILE K 38 -38.51 36.97 -34.60
CA ILE K 38 -37.49 37.24 -33.60
C ILE K 38 -37.64 36.36 -32.37
N LEU K 39 -38.85 36.27 -31.83
CA LEU K 39 -39.11 35.48 -30.63
C LEU K 39 -39.07 34.00 -30.82
N GLU K 40 -39.25 33.56 -32.06
CA GLU K 40 -39.21 32.12 -32.32
C GLU K 40 -37.76 31.80 -32.65
N ASN K 41 -37.02 32.83 -33.06
CA ASN K 41 -35.61 32.65 -33.38
C ASN K 41 -34.79 32.59 -32.10
N LEU K 42 -35.04 33.54 -31.21
CA LEU K 42 -34.34 33.58 -29.95
C LEU K 42 -34.50 32.29 -29.17
N ARG K 43 -35.63 31.61 -29.32
CA ARG K 43 -35.85 30.35 -28.63
C ARG K 43 -34.97 29.30 -29.31
N SER K 44 -35.00 29.31 -30.64
CA SER K 44 -34.22 28.37 -31.44
C SER K 44 -32.74 28.74 -31.42
N LYS K 45 -32.36 29.56 -30.46
CA LYS K 45 -30.98 29.98 -30.29
C LYS K 45 -30.62 29.59 -28.90
N ILE K 46 -31.62 29.68 -28.02
CA ILE K 46 -31.47 29.34 -26.62
C ILE K 46 -31.32 27.85 -26.44
N GLN K 47 -32.09 27.09 -27.21
CA GLN K 47 -32.04 25.64 -27.16
C GLN K 47 -30.63 25.22 -27.55
N LYS K 48 -30.08 25.86 -28.57
CA LYS K 48 -28.74 25.52 -29.00
C LYS K 48 -27.76 25.85 -27.89
N LEU K 49 -27.90 27.02 -27.29
CA LEU K 49 -26.99 27.36 -26.21
C LEU K 49 -27.18 26.38 -25.06
N GLU K 50 -28.42 26.02 -24.74
CA GLU K 50 -28.66 25.07 -23.65
C GLU K 50 -27.94 23.76 -23.99
N SER K 51 -27.85 23.49 -25.28
CA SER K 51 -27.21 22.29 -25.80
C SER K 51 -25.68 22.29 -25.70
N ASP K 52 -25.04 23.22 -26.42
CA ASP K 52 -23.59 23.33 -26.42
C ASP K 52 -23.05 23.39 -25.01
N VAL K 53 -23.85 23.89 -24.09
CA VAL K 53 -23.36 23.96 -22.74
C VAL K 53 -23.55 22.59 -22.15
N SER K 54 -24.70 21.99 -22.44
CA SER K 54 -24.97 20.66 -21.94
C SER K 54 -23.84 19.75 -22.43
N ALA K 55 -23.39 20.04 -23.65
CA ALA K 55 -22.32 19.29 -24.30
C ALA K 55 -20.99 19.46 -23.60
N GLN K 56 -20.54 20.71 -23.49
CA GLN K 56 -19.27 21.00 -22.87
C GLN K 56 -19.17 20.38 -21.50
N MET K 57 -20.31 20.18 -20.84
CA MET K 57 -20.28 19.58 -19.51
C MET K 57 -19.76 18.14 -19.51
N GLU K 58 -20.35 17.27 -20.34
CA GLU K 58 -19.89 15.90 -20.36
C GLU K 58 -18.44 15.82 -20.86
N TYR K 59 -18.01 16.86 -21.55
CA TYR K 59 -16.64 16.86 -22.04
C TYR K 59 -15.67 17.17 -20.90
N CYS K 60 -16.19 17.42 -19.70
CA CYS K 60 -15.30 17.77 -18.59
C CYS K 60 -15.21 16.75 -17.47
N ARG K 61 -15.71 15.55 -17.74
CA ARG K 61 -15.64 14.46 -16.76
C ARG K 61 -14.16 14.23 -16.60
N THR K 62 -13.56 13.67 -17.64
CA THR K 62 -12.13 13.44 -17.61
C THR K 62 -11.47 14.76 -17.96
N PRO K 63 -10.30 15.03 -17.42
CA PRO K 63 -9.72 16.31 -17.80
C PRO K 63 -8.69 16.08 -18.89
N CYS K 64 -8.01 17.14 -19.30
CA CYS K 64 -6.99 17.04 -20.32
C CYS K 64 -5.72 16.68 -19.58
N THR K 65 -4.72 16.16 -20.29
CA THR K 65 -3.51 15.77 -19.60
C THR K 65 -2.26 16.30 -20.24
N VAL K 66 -1.13 15.95 -19.64
CA VAL K 66 0.17 16.36 -20.14
C VAL K 66 1.25 15.48 -19.55
N SER K 67 2.33 15.32 -20.30
CA SER K 67 3.46 14.52 -19.87
C SER K 67 4.66 15.41 -20.01
N CYS K 68 4.87 16.25 -19.00
CA CYS K 68 5.97 17.18 -19.02
C CYS K 68 7.13 16.71 -18.18
N ASN K 69 7.94 15.82 -18.76
CA ASN K 69 9.13 15.27 -18.13
C ASN K 69 10.01 16.41 -17.65
N ILE K 70 10.49 16.34 -16.41
CA ILE K 70 11.28 17.42 -15.87
C ILE K 70 12.72 17.53 -16.34
N PRO K 71 13.05 18.66 -16.96
CA PRO K 71 14.38 18.94 -17.46
C PRO K 71 15.32 19.05 -16.27
N VAL K 72 16.22 18.08 -16.11
CA VAL K 72 17.19 18.09 -15.02
C VAL K 72 17.56 19.49 -14.59
N VAL K 73 18.70 19.98 -15.07
CA VAL K 73 19.20 21.32 -14.76
C VAL K 73 18.15 22.27 -14.18
N SER K 74 18.30 22.62 -12.91
CA SER K 74 17.36 23.50 -12.26
C SER K 74 18.11 24.70 -11.72
N GLY K 75 17.41 25.63 -11.06
CA GLY K 75 18.09 26.79 -10.53
C GLY K 75 17.13 27.80 -9.91
N LYS K 76 17.67 28.93 -9.45
CA LYS K 76 16.83 29.93 -8.83
C LYS K 76 15.75 30.41 -9.77
N GLU K 77 16.12 31.04 -10.88
CA GLU K 77 15.13 31.49 -11.84
C GLU K 77 15.59 31.11 -13.22
N CYS K 78 14.69 31.23 -14.19
CA CYS K 78 15.03 30.89 -15.55
C CYS K 78 16.35 31.49 -15.95
N GLU K 79 16.67 32.67 -15.42
CA GLU K 79 17.96 33.30 -15.74
C GLU K 79 19.10 32.43 -15.24
N GLU K 80 19.16 32.23 -13.93
CA GLU K 80 20.22 31.40 -13.36
C GLU K 80 20.27 30.08 -14.11
N ILE K 81 19.14 29.61 -14.60
CA ILE K 81 19.16 28.35 -15.32
C ILE K 81 19.79 28.58 -16.68
N ILE K 82 19.44 29.67 -17.36
CA ILE K 82 20.02 29.94 -18.68
C ILE K 82 21.56 29.95 -18.59
N ARG K 83 22.10 30.60 -17.57
CA ARG K 83 23.54 30.67 -17.38
C ARG K 83 24.13 29.34 -16.88
N LYS K 84 23.29 28.36 -16.59
CA LYS K 84 23.78 27.09 -16.11
C LYS K 84 23.66 26.08 -17.23
N GLY K 85 23.56 26.56 -18.45
CA GLY K 85 23.46 25.69 -19.59
C GLY K 85 22.05 25.53 -20.11
N GLY K 86 21.14 26.30 -19.53
CA GLY K 86 19.73 26.28 -19.90
C GLY K 86 19.56 27.18 -21.09
N GLU K 87 19.79 26.63 -22.27
CA GLU K 87 19.71 27.39 -23.52
C GLU K 87 18.41 27.23 -24.27
N THR K 88 17.65 26.18 -23.94
CA THR K 88 16.38 25.93 -24.61
C THR K 88 15.12 26.34 -23.84
N SER K 89 14.11 26.81 -24.57
CA SER K 89 12.83 27.24 -23.98
C SER K 89 11.84 26.09 -23.84
N GLU K 90 11.28 25.95 -22.65
CA GLU K 90 10.30 24.92 -22.34
C GLU K 90 10.10 25.00 -20.84
N MET K 91 9.41 24.01 -20.28
CA MET K 91 9.13 23.99 -18.86
C MET K 91 10.23 23.37 -18.03
N TYR K 92 10.89 24.21 -17.24
CA TYR K 92 11.95 23.76 -16.35
C TYR K 92 11.32 23.49 -14.98
N LEU K 93 12.12 23.72 -13.96
CA LEU K 93 11.71 23.53 -12.58
C LEU K 93 12.68 24.40 -11.80
N ILE K 94 12.20 25.52 -11.26
CA ILE K 94 13.08 26.40 -10.48
C ILE K 94 12.86 26.27 -8.98
N GLN K 95 13.60 27.05 -8.21
CA GLN K 95 13.51 27.01 -6.76
C GLN K 95 14.33 28.13 -6.14
N PRO K 96 13.75 29.35 -6.05
CA PRO K 96 14.49 30.45 -5.46
C PRO K 96 14.80 30.14 -3.99
N ASP K 97 14.19 30.89 -3.07
CA ASP K 97 14.38 30.66 -1.64
C ASP K 97 14.17 29.15 -1.41
N SER K 98 15.19 28.45 -0.89
CA SER K 98 15.12 27.01 -0.65
C SER K 98 14.17 26.67 0.52
N SER K 99 13.59 27.70 1.10
CA SER K 99 12.67 27.53 2.19
C SER K 99 11.30 27.38 1.53
N VAL K 100 11.19 26.42 0.62
CA VAL K 100 9.96 26.14 -0.12
C VAL K 100 10.18 25.23 -1.34
N LYS K 101 9.61 24.03 -1.28
CA LYS K 101 9.70 23.03 -2.35
C LYS K 101 9.48 23.61 -3.76
N PRO K 102 10.30 23.18 -4.74
CA PRO K 102 10.23 23.61 -6.14
C PRO K 102 8.85 23.74 -6.79
N TYR K 103 8.86 24.22 -8.03
CA TYR K 103 7.64 24.38 -8.80
C TYR K 103 7.94 24.59 -10.28
N ARG K 104 7.06 24.04 -11.10
CA ARG K 104 7.20 24.15 -12.54
C ARG K 104 6.85 25.55 -13.08
N VAL K 105 7.53 25.95 -14.14
CA VAL K 105 7.30 27.25 -14.72
C VAL K 105 7.80 27.23 -16.16
N TYR K 106 7.46 28.25 -16.94
CA TYR K 106 7.92 28.34 -18.32
C TYR K 106 9.09 29.28 -18.50
N CYS K 107 10.13 28.80 -19.14
CA CYS K 107 11.32 29.63 -19.37
C CYS K 107 11.43 30.00 -20.84
N ASP K 108 11.74 31.27 -21.10
CA ASP K 108 11.92 31.73 -22.47
C ASP K 108 13.38 32.11 -22.65
N MET K 109 14.13 31.17 -23.20
CA MET K 109 15.55 31.35 -23.39
C MET K 109 15.92 31.91 -24.75
N ASN K 110 15.01 32.67 -25.38
CA ASN K 110 15.29 33.26 -26.68
C ASN K 110 15.04 34.76 -26.67
N THR K 111 13.78 35.12 -26.59
CA THR K 111 13.40 36.52 -26.56
C THR K 111 14.44 37.32 -25.81
N GLU K 112 14.86 38.43 -26.42
CA GLU K 112 15.86 39.33 -25.87
C GLU K 112 16.87 38.68 -24.93
N ASN K 113 17.63 37.72 -25.46
CA ASN K 113 18.65 36.98 -24.73
C ASN K 113 18.20 35.92 -23.74
N GLY K 114 16.98 35.43 -23.93
CA GLY K 114 16.46 34.40 -23.07
C GLY K 114 16.69 34.54 -21.57
N GLY K 115 16.40 33.46 -20.86
CA GLY K 115 16.54 33.48 -19.42
C GLY K 115 15.41 34.27 -18.78
N TRP K 116 14.22 34.19 -19.37
CA TRP K 116 13.03 34.86 -18.84
C TRP K 116 12.08 33.82 -18.25
N THR K 117 11.57 34.08 -17.05
CA THR K 117 10.63 33.17 -16.38
C THR K 117 9.24 33.67 -16.73
N VAL K 118 8.44 32.85 -17.39
CA VAL K 118 7.12 33.36 -17.74
C VAL K 118 6.11 33.36 -16.62
N ILE K 119 5.55 34.55 -16.40
CA ILE K 119 4.60 34.80 -15.33
C ILE K 119 3.15 34.57 -15.75
N GLN K 120 2.73 35.23 -16.83
CA GLN K 120 1.37 35.12 -17.34
C GLN K 120 1.46 34.84 -18.84
N ASN K 121 0.47 34.13 -19.39
CA ASN K 121 0.46 33.81 -20.81
C ASN K 121 -0.93 33.55 -21.35
N ARG K 122 -1.26 34.23 -22.45
CA ARG K 122 -2.53 34.11 -23.16
C ARG K 122 -2.24 33.84 -24.65
N GLN K 123 -3.03 32.99 -25.29
CA GLN K 123 -2.87 32.67 -26.71
C GLN K 123 -4.06 31.95 -27.34
N ASP K 124 -5.00 31.59 -26.51
CA ASP K 124 -6.23 30.93 -26.88
C ASP K 124 -7.10 31.15 -25.66
N GLY K 125 -8.40 30.97 -25.76
CA GLY K 125 -9.17 31.18 -24.55
C GLY K 125 -9.16 29.98 -23.64
N SER K 126 -8.15 29.13 -23.78
CA SER K 126 -7.99 27.89 -23.03
C SER K 126 -8.26 27.97 -21.54
N VAL K 127 -7.87 29.06 -20.91
CA VAL K 127 -8.07 29.16 -19.47
C VAL K 127 -8.92 30.35 -19.01
N ASP K 128 -9.78 30.10 -18.03
CA ASP K 128 -10.62 31.14 -17.44
C ASP K 128 -9.69 31.94 -16.54
N PHE K 129 -9.65 33.24 -16.75
CA PHE K 129 -8.81 34.11 -15.94
C PHE K 129 -9.66 34.91 -14.98
N GLY K 130 -10.96 34.68 -15.04
CA GLY K 130 -11.88 35.35 -14.17
C GLY K 130 -12.06 34.57 -12.88
N ARG K 131 -10.97 34.23 -12.20
CA ARG K 131 -11.02 33.48 -10.95
C ARG K 131 -10.92 34.37 -9.73
N LYS K 132 -11.23 33.78 -8.58
CA LYS K 132 -11.20 34.46 -7.30
C LYS K 132 -9.77 34.61 -6.80
N TRP K 133 -9.65 35.35 -5.72
CA TRP K 133 -8.40 35.64 -5.07
C TRP K 133 -7.53 34.44 -4.76
N ASP K 134 -8.09 33.39 -4.18
CA ASP K 134 -7.27 32.24 -3.84
C ASP K 134 -6.53 31.71 -5.06
N PRO K 135 -7.22 31.49 -6.19
CA PRO K 135 -6.56 30.98 -7.39
C PRO K 135 -5.48 31.91 -7.93
N TYR K 136 -5.80 33.18 -8.04
CA TYR K 136 -4.81 34.16 -8.53
C TYR K 136 -3.63 34.27 -7.61
N LYS K 137 -3.83 33.93 -6.35
CA LYS K 137 -2.74 33.99 -5.39
C LYS K 137 -1.87 32.79 -5.49
N GLN K 138 -2.38 31.70 -6.06
CA GLN K 138 -1.60 30.48 -6.12
C GLN K 138 -1.30 29.89 -7.46
N GLY K 139 -1.75 30.56 -8.51
CA GLY K 139 -1.48 30.05 -9.85
C GLY K 139 -2.52 29.08 -10.37
N PHE K 140 -2.88 29.28 -11.63
CA PHE K 140 -3.86 28.42 -12.23
C PHE K 140 -3.56 28.27 -13.73
N GLY K 141 -4.16 27.26 -14.34
CA GLY K 141 -3.90 27.05 -15.75
C GLY K 141 -2.76 26.08 -16.04
N ASN K 142 -2.18 26.18 -17.23
CA ASN K 142 -1.13 25.27 -17.64
C ASN K 142 0.21 25.91 -17.94
N VAL K 143 1.22 25.51 -17.21
CA VAL K 143 2.55 26.06 -17.37
C VAL K 143 3.08 25.72 -18.74
N ALA K 144 2.68 24.55 -19.26
CA ALA K 144 3.12 24.11 -20.57
C ALA K 144 2.40 22.90 -21.11
N THR K 145 2.37 22.81 -22.44
CA THR K 145 1.76 21.70 -23.15
C THR K 145 2.88 21.06 -23.96
N ASN K 146 2.79 19.75 -24.15
CA ASN K 146 3.80 19.05 -24.90
C ASN K 146 3.63 19.20 -26.38
N THR K 147 4.67 19.73 -27.02
CA THR K 147 4.64 19.89 -28.47
C THR K 147 4.70 18.48 -29.00
N ASP K 148 3.54 17.90 -29.30
CA ASP K 148 3.48 16.54 -29.81
C ASP K 148 4.70 16.26 -30.69
N GLY K 149 5.26 15.07 -30.54
CA GLY K 149 6.43 14.70 -31.29
C GLY K 149 7.68 14.82 -30.43
N LYS K 150 7.45 15.20 -29.17
CA LYS K 150 8.53 15.37 -28.20
C LYS K 150 8.20 14.66 -26.90
N ASN K 151 9.20 14.49 -26.05
CA ASN K 151 8.98 13.84 -24.77
C ASN K 151 8.88 14.92 -23.68
N TYR K 152 9.00 16.19 -24.08
CA TYR K 152 8.92 17.29 -23.11
C TYR K 152 7.96 18.40 -23.54
N CYS K 153 7.80 19.41 -22.68
CA CYS K 153 6.91 20.51 -22.97
C CYS K 153 7.61 21.83 -23.25
N GLY K 154 7.71 22.16 -24.53
CA GLY K 154 8.36 23.39 -24.98
C GLY K 154 7.33 24.40 -25.39
N LEU K 155 6.08 24.09 -25.12
CA LEU K 155 4.99 24.97 -25.46
C LEU K 155 4.40 25.56 -24.20
N PRO K 156 4.49 26.87 -24.01
CA PRO K 156 3.88 27.37 -22.80
C PRO K 156 2.38 27.22 -22.98
N GLY K 157 1.64 27.33 -21.89
CA GLY K 157 0.21 27.20 -22.00
C GLY K 157 -0.31 28.55 -21.58
N GLU K 158 -1.50 28.60 -21.03
CA GLU K 158 -2.04 29.84 -20.54
C GLU K 158 -2.07 29.72 -19.04
N TYR K 159 -1.39 30.61 -18.35
CA TYR K 159 -1.43 30.52 -16.92
C TYR K 159 -1.05 31.80 -16.24
N TRP K 160 -1.15 31.75 -14.93
CA TRP K 160 -0.77 32.86 -14.07
C TRP K 160 -0.03 32.19 -12.97
N LEU K 161 1.30 32.36 -12.93
CA LEU K 161 2.12 31.79 -11.88
C LEU K 161 1.57 32.42 -10.61
N GLY K 162 1.43 31.67 -9.53
CA GLY K 162 0.86 32.28 -8.33
C GLY K 162 1.35 33.67 -7.94
N ASN K 163 0.45 34.52 -7.46
CA ASN K 163 0.86 35.86 -6.99
C ASN K 163 2.00 35.71 -5.97
N ASP K 164 1.82 34.80 -5.02
CA ASP K 164 2.86 34.57 -4.05
C ASP K 164 4.08 34.21 -4.87
N LYS K 165 3.97 33.11 -5.61
CA LYS K 165 5.06 32.62 -6.45
C LYS K 165 5.69 33.74 -7.23
N ILE K 166 4.87 34.69 -7.68
CA ILE K 166 5.38 35.84 -8.43
C ILE K 166 6.09 36.79 -7.50
N SER K 167 5.32 37.48 -6.67
CA SER K 167 5.88 38.44 -5.70
C SER K 167 7.23 38.02 -5.13
N GLN K 168 7.36 36.78 -4.69
CA GLN K 168 8.62 36.33 -4.15
C GLN K 168 9.71 36.70 -5.17
N LEU K 169 9.83 35.92 -6.25
CA LEU K 169 10.80 36.16 -7.30
C LEU K 169 11.18 37.64 -7.48
N THR K 170 10.16 38.48 -7.63
CA THR K 170 10.40 39.89 -7.84
C THR K 170 11.17 40.54 -6.70
N ARG K 171 10.76 40.26 -5.48
CA ARG K 171 11.41 40.86 -4.32
C ARG K 171 12.79 40.29 -4.07
N MET K 172 13.09 39.15 -4.69
CA MET K 172 14.38 38.48 -4.55
C MET K 172 15.57 39.37 -4.95
N GLY K 173 15.28 40.59 -5.33
CA GLY K 173 16.29 41.54 -5.77
C GLY K 173 15.73 42.23 -7.00
N PRO K 174 16.42 43.21 -7.61
CA PRO K 174 15.90 43.90 -8.81
C PRO K 174 15.64 42.99 -10.02
N THR K 175 14.52 43.24 -10.71
CA THR K 175 14.13 42.46 -11.89
C THR K 175 13.42 43.30 -12.96
N GLU K 176 13.47 42.84 -14.21
CA GLU K 176 12.82 43.53 -15.33
C GLU K 176 11.62 42.74 -15.87
N LEU K 177 10.62 43.47 -16.34
CA LEU K 177 9.41 42.86 -16.88
C LEU K 177 9.29 43.08 -18.36
N LEU K 178 8.91 42.02 -19.06
CA LEU K 178 8.73 42.10 -20.49
C LEU K 178 7.35 41.60 -20.82
N ILE K 179 6.44 42.53 -21.09
CA ILE K 179 5.08 42.17 -21.50
C ILE K 179 5.02 42.34 -23.01
N GLU K 180 4.88 41.21 -23.71
CA GLU K 180 4.79 41.24 -25.16
C GLU K 180 3.38 40.92 -25.56
N MET K 181 2.94 41.43 -26.69
CA MET K 181 1.59 41.14 -27.17
C MET K 181 1.57 41.10 -28.69
N GLU K 182 0.46 40.61 -29.24
CA GLU K 182 0.33 40.47 -30.68
C GLU K 182 -1.12 40.53 -31.16
N ASP K 183 -1.33 41.25 -32.25
CA ASP K 183 -2.67 41.40 -32.82
C ASP K 183 -3.09 40.24 -33.73
N TRP K 184 -4.34 40.21 -34.16
CA TRP K 184 -4.80 39.15 -35.03
C TRP K 184 -4.39 39.37 -36.49
N LYS K 185 -3.37 40.18 -36.69
CA LYS K 185 -2.87 40.48 -38.03
C LYS K 185 -1.39 40.19 -38.05
N GLY K 186 -0.92 39.56 -36.97
CA GLY K 186 0.47 39.17 -36.89
C GLY K 186 1.50 40.15 -36.37
N ASP K 187 1.14 41.43 -36.29
CA ASP K 187 2.04 42.47 -35.80
C ASP K 187 2.26 42.30 -34.31
N LYS K 188 3.48 42.61 -33.87
CA LYS K 188 3.86 42.47 -32.47
C LYS K 188 4.53 43.71 -31.90
N VAL K 189 4.31 43.95 -30.61
CA VAL K 189 4.92 45.08 -29.93
C VAL K 189 5.12 44.62 -28.53
N LYS K 190 6.13 45.19 -27.89
CA LYS K 190 6.47 44.86 -26.53
C LYS K 190 6.54 46.12 -25.65
N ALA K 191 6.29 45.91 -24.36
CA ALA K 191 6.36 46.96 -23.36
C ALA K 191 7.30 46.41 -22.31
N HIS K 192 8.53 46.92 -22.32
CA HIS K 192 9.54 46.49 -21.40
C HIS K 192 9.60 47.37 -20.16
N TYR K 193 9.82 46.73 -19.01
CA TYR K 193 9.89 47.47 -17.76
C TYR K 193 11.19 47.29 -17.02
N GLY K 194 11.89 48.43 -16.86
CA GLY K 194 13.17 48.46 -16.19
C GLY K 194 13.15 47.93 -14.78
N GLY K 195 12.13 48.31 -14.01
CA GLY K 195 12.04 47.85 -12.64
C GLY K 195 10.66 47.27 -12.43
N PHE K 196 10.58 46.20 -11.65
CA PHE K 196 9.31 45.54 -11.40
C PHE K 196 9.19 44.85 -10.03
N THR K 197 8.16 45.24 -9.27
CA THR K 197 7.95 44.64 -7.96
C THR K 197 6.49 44.42 -7.64
N VAL K 198 6.23 43.33 -6.94
CA VAL K 198 4.90 42.98 -6.49
C VAL K 198 5.10 42.65 -5.03
N GLN K 199 4.33 43.30 -4.16
CA GLN K 199 4.47 43.08 -2.72
C GLN K 199 3.92 41.76 -2.20
N ASN K 200 4.06 41.57 -0.89
CA ASN K 200 3.61 40.37 -0.20
C ASN K 200 2.08 40.31 -0.18
N GLU K 201 1.55 39.10 -0.05
CA GLU K 201 0.10 38.94 -0.03
C GLU K 201 -0.58 39.87 0.94
N ALA K 202 0.10 40.14 2.06
CA ALA K 202 -0.42 41.01 3.10
C ALA K 202 -0.44 42.46 2.62
N ASN K 203 0.55 42.79 1.80
CA ASN K 203 0.63 44.13 1.25
C ASN K 203 -0.28 44.23 0.02
N LYS K 204 -1.14 43.22 -0.10
CA LYS K 204 -2.12 43.11 -1.18
C LYS K 204 -1.44 43.01 -2.53
N TYR K 205 -0.18 42.59 -2.50
CA TYR K 205 0.59 42.41 -3.73
C TYR K 205 0.78 43.70 -4.52
N GLN K 206 0.71 44.85 -3.84
CA GLN K 206 0.89 46.16 -4.47
C GLN K 206 1.97 46.05 -5.54
N ILE K 207 1.67 46.57 -6.74
CA ILE K 207 2.61 46.47 -7.85
C ILE K 207 3.32 47.80 -8.21
N SER K 208 4.58 47.69 -8.63
CA SER K 208 5.37 48.86 -9.04
C SER K 208 6.20 48.58 -10.30
N VAL K 209 6.22 49.54 -11.21
CA VAL K 209 6.98 49.39 -12.45
C VAL K 209 7.59 50.72 -12.87
N ASN K 210 8.89 50.69 -13.14
CA ASN K 210 9.64 51.87 -13.55
C ASN K 210 10.44 51.53 -14.81
N LYS K 211 10.92 52.58 -15.48
CA LYS K 211 11.73 52.43 -16.68
C LYS K 211 11.03 51.66 -17.80
N TYR K 212 10.06 52.33 -18.42
CA TYR K 212 9.34 51.74 -19.53
C TYR K 212 10.20 51.85 -20.77
N ARG K 213 10.03 50.89 -21.65
CA ARG K 213 10.78 50.82 -22.89
C ARG K 213 9.94 49.94 -23.80
N GLY K 214 9.71 50.36 -25.04
CA GLY K 214 8.91 49.50 -25.89
C GLY K 214 8.16 50.12 -27.04
N THR K 215 7.14 49.39 -27.47
CA THR K 215 6.33 49.85 -28.58
C THR K 215 4.83 49.76 -28.35
N ALA K 216 4.42 48.92 -27.39
CA ALA K 216 3.00 48.78 -27.10
C ALA K 216 2.38 50.06 -26.55
N GLY K 217 3.20 50.83 -25.83
CA GLY K 217 2.76 52.07 -25.21
C GLY K 217 2.89 51.79 -23.72
N ASN K 218 3.30 52.79 -22.95
CA ASN K 218 3.43 52.60 -21.51
C ASN K 218 2.06 52.66 -20.85
N ALA K 219 1.34 51.55 -20.89
CA ALA K 219 0.00 51.51 -20.30
C ALA K 219 0.04 51.48 -18.80
N LEU K 220 0.94 50.68 -18.24
CA LEU K 220 1.04 50.55 -16.80
C LEU K 220 1.33 51.85 -16.05
N MET K 221 2.35 52.55 -16.50
CA MET K 221 2.77 53.77 -15.84
C MET K 221 2.07 55.07 -16.17
N ASP K 222 1.41 55.17 -17.32
CA ASP K 222 0.79 56.44 -17.62
C ASP K 222 -0.61 56.49 -18.21
N GLY K 223 -1.31 55.37 -18.04
CA GLY K 223 -2.68 55.28 -18.50
C GLY K 223 -2.87 55.19 -19.99
N ALA K 224 -4.09 55.49 -20.42
CA ALA K 224 -4.46 55.43 -21.80
C ALA K 224 -4.09 56.70 -22.52
N SER K 225 -3.09 56.59 -23.39
CA SER K 225 -2.60 57.72 -24.19
C SER K 225 -3.72 58.40 -24.97
N GLN K 226 -4.93 57.86 -24.94
CA GLN K 226 -6.06 58.47 -25.65
C GLN K 226 -7.03 59.12 -24.67
N LEU K 227 -6.67 59.14 -23.41
CA LEU K 227 -7.54 59.77 -22.44
C LEU K 227 -6.97 61.06 -21.89
N MET K 228 -7.88 62.02 -21.67
CA MET K 228 -7.55 63.35 -21.16
C MET K 228 -7.63 63.51 -19.66
N GLY K 229 -6.51 63.90 -19.07
CA GLY K 229 -6.47 64.14 -17.65
C GLY K 229 -7.05 63.13 -16.68
N GLU K 230 -8.15 63.50 -16.04
CA GLU K 230 -8.80 62.66 -15.05
C GLU K 230 -9.02 61.25 -15.55
N ASN K 231 -9.53 61.17 -16.76
CA ASN K 231 -9.79 59.91 -17.42
C ASN K 231 -8.53 59.05 -17.59
N ARG K 232 -7.46 59.61 -18.14
CA ARG K 232 -6.25 58.81 -18.30
C ARG K 232 -5.66 58.34 -17.01
N THR K 233 -5.57 59.21 -16.00
CA THR K 233 -4.93 58.80 -14.76
C THR K 233 -5.61 57.72 -13.94
N MET K 234 -6.91 57.57 -14.04
CA MET K 234 -7.52 56.51 -13.24
C MET K 234 -7.14 55.15 -13.83
N THR K 235 -6.93 55.11 -15.13
CA THR K 235 -6.55 53.89 -15.82
C THR K 235 -5.08 53.56 -15.59
N ILE K 236 -4.39 54.35 -14.75
CA ILE K 236 -2.99 54.06 -14.47
C ILE K 236 -2.89 52.83 -13.56
N HIS K 237 -1.85 52.03 -13.78
CA HIS K 237 -1.71 50.82 -13.01
C HIS K 237 -0.69 50.81 -11.91
N ASN K 238 0.37 51.60 -12.06
CA ASN K 238 1.42 51.63 -11.07
C ASN K 238 0.94 52.03 -9.66
N GLY K 239 1.33 51.24 -8.67
CA GLY K 239 0.92 51.51 -7.31
C GLY K 239 -0.45 50.98 -6.93
N MET K 240 -0.99 50.08 -7.75
CA MET K 240 -2.28 49.51 -7.47
C MET K 240 -2.20 48.16 -6.78
N PHE K 241 -3.29 47.79 -6.11
CA PHE K 241 -3.32 46.50 -5.43
C PHE K 241 -3.86 45.48 -6.41
N PHE K 242 -3.73 44.21 -6.05
CA PHE K 242 -4.25 43.17 -6.90
C PHE K 242 -5.61 42.89 -6.33
N SER K 243 -6.60 42.72 -7.19
CA SER K 243 -7.97 42.43 -6.78
C SER K 243 -8.59 41.35 -7.68
N THR K 244 -9.59 40.64 -7.17
CA THR K 244 -10.30 39.60 -7.91
C THR K 244 -11.78 39.89 -7.70
N TYR K 245 -12.69 39.11 -8.24
CA TYR K 245 -14.08 39.47 -8.02
C TYR K 245 -14.57 39.18 -6.62
N ASP K 246 -13.75 38.51 -5.84
CA ASP K 246 -14.11 38.16 -4.47
C ASP K 246 -13.17 38.85 -3.49
N ARG K 247 -12.46 39.87 -3.97
CA ARG K 247 -11.50 40.60 -3.13
C ARG K 247 -11.22 41.98 -3.65
N ASP K 248 -12.23 42.86 -3.59
CA ASP K 248 -12.11 44.25 -4.08
C ASP K 248 -11.01 45.06 -3.42
N ASN K 249 -10.06 45.49 -4.23
CA ASN K 249 -8.95 46.31 -3.77
C ASN K 249 -8.65 47.29 -4.88
N ASP K 250 -9.49 47.29 -5.90
CA ASP K 250 -9.27 48.20 -7.01
C ASP K 250 -9.31 49.64 -6.50
N GLY K 251 -9.19 50.59 -7.41
CA GLY K 251 -9.21 52.00 -7.00
C GLY K 251 -10.50 52.67 -7.38
N TRP K 252 -11.57 51.90 -7.30
CA TRP K 252 -12.89 52.40 -7.62
C TRP K 252 -13.73 52.29 -6.38
N LEU K 253 -13.22 52.86 -5.28
CA LEU K 253 -13.91 52.82 -3.99
C LEU K 253 -15.34 53.28 -4.14
N THR K 254 -16.27 52.42 -3.75
CA THR K 254 -17.70 52.74 -3.80
C THR K 254 -18.48 51.94 -2.79
N SER K 255 -19.79 52.12 -2.84
CA SER K 255 -20.73 51.46 -1.95
C SER K 255 -21.22 50.15 -2.55
N ASP K 256 -21.67 50.23 -3.80
CA ASP K 256 -22.18 49.06 -4.50
C ASP K 256 -21.11 48.02 -4.83
N PRO K 257 -21.27 46.79 -4.30
CA PRO K 257 -20.32 45.71 -4.54
C PRO K 257 -20.49 45.20 -5.98
N ARG K 258 -21.59 45.63 -6.60
CA ARG K 258 -21.87 45.28 -7.99
C ARG K 258 -20.74 45.93 -8.79
N LYS K 259 -20.54 47.22 -8.56
CA LYS K 259 -19.50 47.99 -9.25
C LYS K 259 -18.09 47.73 -8.73
N GLN K 260 -17.36 46.88 -9.45
CA GLN K 260 -16.00 46.52 -9.11
C GLN K 260 -15.25 46.38 -10.42
N CYS K 261 -13.99 46.79 -10.47
CA CYS K 261 -13.29 46.64 -11.73
C CYS K 261 -13.11 45.19 -12.04
N SER K 262 -12.90 44.32 -11.04
CA SER K 262 -12.74 42.89 -11.35
C SER K 262 -13.99 42.22 -11.88
N LYS K 263 -15.15 42.53 -11.31
CA LYS K 263 -16.42 41.96 -11.79
C LYS K 263 -16.52 42.25 -13.29
N GLU K 264 -16.53 43.54 -13.61
CA GLU K 264 -16.59 44.00 -15.00
C GLU K 264 -15.15 43.87 -15.47
N ASP K 265 -14.85 44.26 -16.70
CA ASP K 265 -13.47 44.16 -17.18
C ASP K 265 -12.81 42.78 -16.87
N GLY K 266 -13.62 41.85 -16.38
CA GLY K 266 -13.21 40.49 -16.03
C GLY K 266 -11.79 40.14 -15.65
N GLY K 267 -11.64 39.21 -14.72
CA GLY K 267 -10.30 38.79 -14.31
C GLY K 267 -9.57 39.63 -13.28
N GLY K 268 -8.62 39.01 -12.59
CA GLY K 268 -7.83 39.67 -11.56
C GLY K 268 -6.63 40.44 -12.07
N TRP K 269 -6.44 41.63 -11.54
CA TRP K 269 -5.34 42.45 -12.01
C TRP K 269 -5.18 43.64 -11.08
N TRP K 270 -4.19 44.48 -11.37
CA TRP K 270 -3.93 45.68 -10.56
C TRP K 270 -4.78 46.80 -11.14
N TYR K 271 -6.08 46.65 -10.91
CA TYR K 271 -7.06 47.58 -11.38
C TYR K 271 -6.92 48.90 -10.65
N ASN K 272 -7.69 49.87 -11.13
CA ASN K 272 -7.65 51.23 -10.61
C ASN K 272 -8.67 51.96 -11.48
N ARG K 273 -9.87 52.22 -10.97
CA ARG K 273 -10.90 52.89 -11.76
C ARG K 273 -10.77 52.40 -13.18
N CYS K 274 -10.45 51.12 -13.07
CA CYS K 274 -10.23 50.04 -13.96
C CYS K 274 -8.94 49.80 -14.65
N HIS K 275 -8.75 50.17 -15.89
CA HIS K 275 -7.48 49.80 -16.47
C HIS K 275 -7.19 50.47 -17.78
N ALA K 276 -5.96 50.35 -18.22
CA ALA K 276 -5.50 50.90 -19.47
C ALA K 276 -4.97 49.66 -20.17
N ALA K 277 -4.67 48.67 -19.36
CA ALA K 277 -4.15 47.41 -19.81
C ALA K 277 -4.89 46.32 -19.06
N ASN K 278 -5.54 45.44 -19.81
CA ASN K 278 -6.27 44.36 -19.19
C ASN K 278 -5.73 43.01 -19.55
N PRO K 279 -4.46 42.73 -19.24
CA PRO K 279 -4.03 41.37 -19.61
C PRO K 279 -4.87 40.61 -18.58
N ASN K 280 -5.19 39.34 -18.79
CA ASN K 280 -6.03 38.65 -17.80
C ASN K 280 -7.51 38.96 -18.04
N GLY K 281 -7.78 39.81 -19.02
CA GLY K 281 -9.15 40.13 -19.33
C GLY K 281 -9.84 38.91 -19.90
N ARG K 282 -10.80 39.15 -20.78
CA ARG K 282 -11.53 38.06 -21.40
C ARG K 282 -11.10 37.89 -22.84
N TYR K 283 -10.71 36.67 -23.15
CA TYR K 283 -10.23 36.35 -24.48
C TYR K 283 -11.32 36.38 -25.59
N TYR K 284 -11.39 37.47 -26.33
CA TYR K 284 -12.35 37.59 -27.41
C TYR K 284 -11.70 37.10 -28.69
N TRP K 285 -12.34 36.16 -29.38
CA TRP K 285 -11.79 35.65 -30.61
C TRP K 285 -11.85 36.66 -31.73
N GLY K 286 -10.77 36.81 -32.46
CA GLY K 286 -10.79 37.74 -33.58
C GLY K 286 -10.34 39.16 -33.35
N GLY K 287 -10.03 39.50 -32.10
CA GLY K 287 -9.59 40.85 -31.80
C GLY K 287 -10.71 41.84 -31.52
N GLN K 288 -11.36 42.35 -32.56
CA GLN K 288 -12.41 43.31 -32.34
C GLN K 288 -13.63 42.74 -31.65
N TYR K 289 -14.14 43.49 -30.69
CA TYR K 289 -15.38 43.15 -30.01
C TYR K 289 -16.13 44.46 -29.81
N THR K 290 -17.22 44.43 -29.06
CA THR K 290 -18.00 45.64 -28.87
C THR K 290 -18.73 45.77 -27.53
N TRP K 291 -19.25 46.96 -27.27
CA TRP K 291 -19.93 47.21 -26.00
C TRP K 291 -21.09 46.27 -25.71
N ASP K 292 -21.86 45.91 -26.73
CA ASP K 292 -22.99 45.01 -26.53
C ASP K 292 -22.61 43.53 -26.46
N MET K 293 -21.33 43.24 -26.68
CA MET K 293 -20.83 41.87 -26.60
C MET K 293 -20.37 41.55 -25.18
N ALA K 294 -19.88 42.56 -24.48
CA ALA K 294 -19.36 42.40 -23.11
C ALA K 294 -20.45 42.21 -22.11
N LYS K 295 -20.22 41.26 -21.21
CA LYS K 295 -21.17 40.90 -20.18
C LYS K 295 -21.63 42.09 -19.36
N HIS K 296 -20.72 42.97 -18.98
CA HIS K 296 -21.07 44.16 -18.18
C HIS K 296 -20.94 45.44 -18.98
N GLY K 297 -21.14 45.35 -20.29
CA GLY K 297 -21.05 46.51 -21.14
C GLY K 297 -19.74 47.27 -21.08
N THR K 298 -18.78 46.77 -20.31
CA THR K 298 -17.48 47.43 -20.22
C THR K 298 -16.49 46.61 -21.02
N ASP K 299 -15.37 47.21 -21.36
CA ASP K 299 -14.33 46.57 -22.15
C ASP K 299 -13.39 45.57 -21.50
N ASP K 300 -13.92 44.41 -21.11
CA ASP K 300 -13.08 43.35 -20.57
C ASP K 300 -12.36 42.86 -21.82
N GLY K 301 -11.30 42.08 -21.66
CA GLY K 301 -10.62 41.63 -22.85
C GLY K 301 -9.15 41.91 -22.79
N VAL K 302 -8.38 41.01 -23.36
CA VAL K 302 -6.95 41.16 -23.39
C VAL K 302 -6.69 42.45 -24.13
N VAL K 303 -6.61 43.54 -23.39
CA VAL K 303 -6.41 44.84 -24.01
C VAL K 303 -5.23 45.66 -23.49
N TRP K 304 -4.74 46.50 -24.38
CA TRP K 304 -3.64 47.38 -24.10
C TRP K 304 -4.02 48.65 -24.86
N MET K 305 -4.94 49.40 -24.27
CA MET K 305 -5.48 50.62 -24.86
C MET K 305 -4.51 51.44 -25.66
N ASN K 306 -3.28 51.50 -25.19
CA ASN K 306 -2.25 52.29 -25.85
C ASN K 306 -1.93 51.87 -27.26
N TRP K 307 -2.03 50.59 -27.55
CA TRP K 307 -1.73 50.10 -28.88
C TRP K 307 -2.97 49.99 -29.76
N LYS K 308 -3.95 49.19 -29.34
CA LYS K 308 -5.14 48.97 -30.16
C LYS K 308 -6.47 49.42 -29.56
N GLY K 309 -6.42 50.25 -28.53
CA GLY K 309 -7.65 50.73 -27.91
C GLY K 309 -8.38 49.70 -27.07
N SER K 310 -9.55 50.11 -26.57
CA SER K 310 -10.40 49.29 -25.73
C SER K 310 -11.06 48.07 -26.35
N TRP K 311 -11.74 48.28 -27.47
CA TRP K 311 -12.49 47.21 -28.15
C TRP K 311 -11.67 46.27 -28.98
N TYR K 312 -10.49 45.93 -28.48
CA TYR K 312 -9.61 45.03 -29.18
C TYR K 312 -8.90 44.14 -28.20
N SER K 313 -9.15 42.84 -28.30
CA SER K 313 -8.54 41.85 -27.43
C SER K 313 -7.36 41.21 -28.17
N MET K 314 -6.18 41.18 -27.55
CA MET K 314 -5.06 40.57 -28.23
C MET K 314 -5.25 39.06 -28.39
N ARG K 315 -4.45 38.48 -29.28
CA ARG K 315 -4.51 37.05 -29.53
C ARG K 315 -3.44 36.45 -28.69
N LYS K 316 -2.46 37.26 -28.32
CA LYS K 316 -1.36 36.83 -27.47
C LYS K 316 -0.89 38.00 -26.58
N MET K 317 -0.81 37.71 -25.29
CA MET K 317 -0.33 38.68 -24.32
C MET K 317 0.34 37.75 -23.34
N SER K 318 1.57 38.09 -22.96
CA SER K 318 2.31 37.28 -22.00
C SER K 318 3.23 38.15 -21.20
N MET K 319 3.50 37.73 -19.97
CA MET K 319 4.39 38.47 -19.10
C MET K 319 5.55 37.58 -18.65
N LYS K 320 6.77 37.96 -19.06
CA LYS K 320 7.97 37.21 -18.69
C LYS K 320 8.82 38.11 -17.80
N ILE K 321 9.57 37.48 -16.90
CA ILE K 321 10.43 38.22 -16.00
C ILE K 321 11.88 37.70 -15.95
N ARG K 322 12.78 38.64 -15.72
CA ARG K 322 14.21 38.36 -15.63
C ARG K 322 14.83 39.38 -14.66
N PRO K 323 15.79 38.94 -13.85
CA PRO K 323 16.42 39.88 -12.91
C PRO K 323 17.52 40.71 -13.60
N PHE K 324 17.52 42.02 -13.36
CA PHE K 324 18.51 42.94 -13.94
C PHE K 324 18.92 42.44 -15.34
N GLU L 4 -70.40 48.33 -42.17
CA GLU L 4 -71.49 48.49 -41.17
C GLU L 4 -71.64 47.19 -40.38
N ILE L 5 -72.78 46.52 -40.56
CA ILE L 5 -73.04 45.24 -39.90
C ILE L 5 -71.75 44.42 -40.02
N MET L 6 -71.19 44.46 -41.23
CA MET L 6 -69.95 43.77 -41.57
C MET L 6 -68.82 44.45 -40.80
N LYS L 7 -68.80 44.21 -39.49
CA LYS L 7 -67.77 44.77 -38.62
C LYS L 7 -66.87 43.65 -38.12
N TYR L 8 -66.23 42.95 -39.06
CA TYR L 8 -65.34 41.86 -38.69
C TYR L 8 -64.18 42.46 -37.89
N GLU L 9 -64.03 43.79 -37.95
CA GLU L 9 -62.96 44.44 -37.23
C GLU L 9 -63.02 44.24 -35.73
N ALA L 10 -64.12 44.63 -35.10
CA ALA L 10 -64.23 44.44 -33.66
C ALA L 10 -63.88 42.98 -33.39
N SER L 11 -64.21 42.15 -34.38
CA SER L 11 -63.97 40.72 -34.32
C SER L 11 -62.49 40.43 -34.49
N ILE L 12 -61.78 41.37 -35.11
CA ILE L 12 -60.35 41.21 -35.34
C ILE L 12 -59.60 41.36 -34.03
N LEU L 13 -60.06 40.67 -32.99
CA LEU L 13 -59.39 40.71 -31.72
C LEU L 13 -58.75 39.34 -31.52
N THR L 14 -58.39 38.75 -32.64
CA THR L 14 -57.70 37.47 -32.69
C THR L 14 -56.37 37.95 -32.14
N HIS L 15 -56.04 39.18 -32.53
CA HIS L 15 -54.83 39.83 -32.10
C HIS L 15 -54.74 39.82 -30.59
N ASP L 16 -55.86 40.07 -29.92
CA ASP L 16 -55.87 40.04 -28.46
C ASP L 16 -55.11 38.80 -27.99
N SER L 17 -55.23 37.72 -28.76
CA SER L 17 -54.57 36.47 -28.44
C SER L 17 -53.18 36.40 -29.03
N SER L 18 -53.08 36.58 -30.36
CA SER L 18 -51.77 36.55 -31.01
C SER L 18 -50.80 37.33 -30.16
N ILE L 19 -51.25 38.48 -29.68
CA ILE L 19 -50.42 39.32 -28.86
C ILE L 19 -50.04 38.55 -27.59
N ARG L 20 -50.99 37.85 -26.99
CA ARG L 20 -50.66 37.11 -25.77
C ARG L 20 -49.99 35.75 -26.00
N TYR L 21 -49.90 35.35 -27.26
CA TYR L 21 -49.24 34.09 -27.57
C TYR L 21 -47.75 34.36 -27.45
N LEU L 22 -47.40 35.61 -27.74
CA LEU L 22 -46.03 36.07 -27.66
C LEU L 22 -45.69 36.38 -26.21
N GLN L 23 -46.59 37.05 -25.51
CA GLN L 23 -46.34 37.38 -24.11
C GLN L 23 -45.95 36.11 -23.39
N GLU L 24 -46.38 34.97 -23.92
CA GLU L 24 -46.02 33.69 -23.34
C GLU L 24 -44.56 33.38 -23.67
N ILE L 25 -44.25 33.32 -24.96
CA ILE L 25 -42.90 33.03 -25.44
C ILE L 25 -41.87 33.93 -24.78
N TYR L 26 -42.02 35.24 -24.98
CA TYR L 26 -41.09 36.19 -24.38
C TYR L 26 -40.67 35.70 -23.01
N ASN L 27 -41.66 35.49 -22.13
CA ASN L 27 -41.38 35.01 -20.79
C ASN L 27 -40.63 33.69 -20.89
N SER L 28 -41.20 32.74 -21.63
CA SER L 28 -40.58 31.44 -21.82
C SER L 28 -39.08 31.62 -22.06
N ASN L 29 -38.75 32.40 -23.08
CA ASN L 29 -37.35 32.66 -23.37
C ASN L 29 -36.65 33.23 -22.14
N ASN L 30 -37.31 34.15 -21.44
CA ASN L 30 -36.69 34.71 -20.25
C ASN L 30 -36.41 33.63 -19.21
N GLN L 31 -37.39 32.80 -18.91
CA GLN L 31 -37.18 31.76 -17.91
C GLN L 31 -36.07 30.82 -18.35
N LYS L 32 -36.12 30.40 -19.61
CA LYS L 32 -35.11 29.51 -20.15
C LYS L 32 -33.72 30.14 -20.09
N ILE L 33 -33.66 31.45 -20.29
CA ILE L 33 -32.38 32.15 -20.26
C ILE L 33 -31.86 32.25 -18.82
N VAL L 34 -32.79 32.27 -17.88
CA VAL L 34 -32.44 32.35 -16.47
C VAL L 34 -31.66 31.13 -16.10
N ASN L 35 -32.17 29.96 -16.49
CA ASN L 35 -31.54 28.69 -16.16
C ASN L 35 -30.24 28.41 -16.90
N LEU L 36 -30.13 28.89 -18.13
CA LEU L 36 -28.91 28.69 -18.90
C LEU L 36 -27.81 29.31 -18.09
N LYS L 37 -28.04 30.55 -17.68
CA LYS L 37 -27.08 31.30 -16.88
C LYS L 37 -26.77 30.55 -15.59
N GLU L 38 -27.80 30.00 -14.99
CA GLU L 38 -27.70 29.24 -13.74
C GLU L 38 -26.92 27.96 -14.01
N LYS L 39 -26.95 27.53 -15.26
CA LYS L 39 -26.28 26.33 -15.69
C LYS L 39 -24.86 26.70 -16.09
N VAL L 40 -24.72 27.69 -16.96
CA VAL L 40 -23.41 28.15 -17.40
C VAL L 40 -22.55 28.52 -16.19
N ALA L 41 -23.18 28.82 -15.05
CA ALA L 41 -22.41 29.15 -13.86
C ALA L 41 -21.90 27.85 -13.27
N GLN L 42 -22.54 26.75 -13.68
CA GLN L 42 -22.16 25.42 -13.23
C GLN L 42 -20.94 24.94 -14.01
N LEU L 43 -20.97 25.08 -15.34
CA LEU L 43 -19.83 24.67 -16.16
C LEU L 43 -18.57 25.26 -15.53
N GLU L 44 -18.46 26.59 -15.58
CA GLU L 44 -17.33 27.33 -15.01
C GLU L 44 -16.66 26.63 -13.83
N ALA L 45 -17.46 26.14 -12.88
CA ALA L 45 -16.92 25.49 -11.68
C ALA L 45 -16.13 24.26 -12.03
N GLN L 46 -16.47 23.70 -13.19
CA GLN L 46 -15.86 22.50 -13.71
C GLN L 46 -14.79 22.73 -14.75
N CYS L 47 -14.35 23.98 -14.90
CA CYS L 47 -13.31 24.31 -15.86
C CYS L 47 -12.17 25.03 -15.15
N GLN L 48 -12.15 24.90 -13.83
CA GLN L 48 -11.16 25.52 -12.98
C GLN L 48 -9.88 24.72 -12.85
N GLU L 49 -9.99 23.41 -12.96
CA GLU L 49 -8.83 22.55 -12.86
C GLU L 49 -7.97 22.68 -14.09
N PRO L 50 -6.68 22.33 -13.98
CA PRO L 50 -5.79 22.42 -15.14
C PRO L 50 -5.73 21.03 -15.75
N CYS L 51 -4.87 20.80 -16.73
CA CYS L 51 -4.76 19.47 -17.30
C CYS L 51 -3.94 18.65 -16.31
N LYS L 52 -4.25 17.37 -16.18
CA LYS L 52 -3.53 16.49 -15.24
C LYS L 52 -2.16 16.02 -15.74
N ASP L 53 -1.10 16.57 -15.17
CA ASP L 53 0.26 16.19 -15.55
C ASP L 53 0.43 14.71 -15.21
N THR L 54 1.04 13.95 -16.10
CA THR L 54 1.22 12.53 -15.83
C THR L 54 2.52 12.29 -15.07
N VAL L 55 3.38 13.30 -15.06
CA VAL L 55 4.65 13.18 -14.36
C VAL L 55 4.55 13.70 -12.93
N GLN L 56 4.21 12.79 -12.02
CA GLN L 56 4.08 13.15 -10.63
C GLN L 56 5.42 12.94 -9.95
N ILE L 57 5.78 13.87 -9.08
CA ILE L 57 7.02 13.77 -8.31
C ILE L 57 6.58 13.35 -6.90
N HIS L 58 6.94 12.13 -6.48
CA HIS L 58 6.54 11.64 -5.16
C HIS L 58 6.94 12.53 -4.01
N ASP L 59 6.08 12.57 -2.99
CA ASP L 59 6.28 13.39 -1.79
C ASP L 59 7.46 13.01 -0.89
N ILE L 60 7.79 11.72 -0.84
CA ILE L 60 8.88 11.22 0.01
C ILE L 60 10.26 11.63 -0.47
N THR L 61 11.14 11.95 0.49
CA THR L 61 12.51 12.37 0.19
C THR L 61 13.61 11.40 0.68
N GLY L 62 14.73 11.96 1.14
CA GLY L 62 15.82 11.14 1.63
C GLY L 62 17.22 11.68 1.40
N LYS L 63 18.22 10.85 1.69
CA LYS L 63 19.63 11.22 1.51
C LYS L 63 19.98 10.85 0.07
N ASP L 64 19.33 9.80 -0.40
CA ASP L 64 19.55 9.29 -1.75
C ASP L 64 18.44 8.30 -1.99
N CYS L 65 18.38 7.72 -3.17
CA CYS L 65 17.32 6.76 -3.44
C CYS L 65 17.14 5.63 -2.44
N GLN L 66 18.22 5.02 -1.95
CA GLN L 66 18.10 3.93 -0.98
C GLN L 66 17.54 4.41 0.36
N ASP L 67 17.93 5.63 0.76
CA ASP L 67 17.43 6.22 2.00
C ASP L 67 15.94 6.52 1.81
N ILE L 68 15.36 5.95 0.76
CA ILE L 68 13.96 6.17 0.45
C ILE L 68 13.21 4.87 0.50
N ALA L 69 13.73 3.86 -0.19
CA ALA L 69 13.09 2.56 -0.18
C ALA L 69 13.04 2.12 1.29
N ASN L 70 14.03 2.57 2.04
CA ASN L 70 14.18 2.29 3.46
C ASN L 70 13.67 3.50 4.23
N LYS L 71 12.45 3.89 3.95
CA LYS L 71 11.86 5.06 4.59
C LYS L 71 10.46 5.09 4.00
N GLY L 72 10.05 3.91 3.50
CA GLY L 72 8.76 3.77 2.86
C GLY L 72 9.07 3.77 1.39
N ALA L 73 8.13 4.18 0.54
CA ALA L 73 8.36 4.24 -0.91
C ALA L 73 8.68 2.91 -1.56
N LYS L 74 7.86 2.51 -2.52
CA LYS L 74 8.07 1.25 -3.20
C LYS L 74 7.90 1.40 -4.72
N GLN L 75 7.42 2.57 -5.15
CA GLN L 75 7.23 2.82 -6.58
C GLN L 75 8.43 3.51 -7.24
N SER L 76 8.86 2.95 -8.37
CA SER L 76 9.98 3.49 -9.12
C SER L 76 9.54 4.83 -9.66
N GLY L 77 10.47 5.77 -9.82
CA GLY L 77 10.09 7.08 -10.33
C GLY L 77 11.02 8.23 -10.02
N LEU L 78 10.48 9.44 -10.07
CA LEU L 78 11.27 10.63 -9.82
C LEU L 78 11.06 11.08 -8.39
N TYR L 79 12.14 11.45 -7.71
CA TYR L 79 12.07 11.92 -6.32
C TYR L 79 13.04 13.06 -6.11
N PHE L 80 12.84 13.78 -5.02
CA PHE L 80 13.73 14.85 -4.64
C PHE L 80 14.62 14.23 -3.58
N ILE L 81 15.81 14.79 -3.38
CA ILE L 81 16.70 14.30 -2.35
C ILE L 81 17.61 15.45 -2.00
N LYS L 82 18.19 15.39 -0.80
CA LYS L 82 19.08 16.43 -0.34
C LYS L 82 20.23 15.78 0.41
N PRO L 83 21.23 15.27 -0.34
CA PRO L 83 22.41 14.61 0.20
C PRO L 83 22.82 15.20 1.54
N LEU L 84 23.35 14.34 2.42
CA LEU L 84 23.77 14.76 3.74
C LEU L 84 24.43 16.14 3.80
N LYS L 85 25.14 16.56 2.76
CA LYS L 85 25.78 17.86 2.82
C LYS L 85 25.51 18.85 1.69
N ALA L 86 24.40 18.66 0.98
CA ALA L 86 24.04 19.53 -0.13
C ALA L 86 23.29 20.79 0.33
N ASN L 87 23.09 21.72 -0.59
CA ASN L 87 22.36 22.94 -0.24
C ASN L 87 20.88 22.60 -0.44
N GLN L 88 20.28 23.11 -1.51
CA GLN L 88 18.87 22.81 -1.76
C GLN L 88 18.81 21.42 -2.36
N GLN L 89 17.63 20.81 -2.36
CA GLN L 89 17.46 19.48 -2.90
C GLN L 89 17.40 19.45 -4.42
N PHE L 90 17.21 18.26 -4.98
CA PHE L 90 17.12 18.12 -6.42
C PHE L 90 16.49 16.81 -6.86
N LEU L 91 15.74 16.89 -7.94
CA LEU L 91 15.04 15.74 -8.49
C LEU L 91 15.94 14.73 -9.17
N VAL L 92 15.71 13.45 -8.89
CA VAL L 92 16.46 12.35 -9.50
C VAL L 92 15.56 11.13 -9.66
N TYR L 93 15.93 10.22 -10.55
CA TYR L 93 15.13 9.02 -10.81
C TYR L 93 15.51 7.93 -9.85
N CYS L 94 14.53 7.38 -9.15
CA CYS L 94 14.83 6.31 -8.22
C CYS L 94 14.27 5.00 -8.74
N GLU L 95 15.18 4.06 -8.97
CA GLU L 95 14.80 2.75 -9.44
C GLU L 95 14.59 1.97 -8.15
N ILE L 96 13.34 1.58 -7.90
CA ILE L 96 13.02 0.83 -6.68
C ILE L 96 12.36 -0.50 -7.05
N ASP L 97 12.85 -1.57 -6.42
CA ASP L 97 12.33 -2.91 -6.68
C ASP L 97 11.57 -3.49 -5.48
N GLY L 98 11.09 -4.73 -5.65
CA GLY L 98 10.37 -5.39 -4.59
C GLY L 98 11.32 -6.09 -3.64
N SER L 99 12.39 -5.38 -3.27
CA SER L 99 13.40 -5.93 -2.36
C SER L 99 14.03 -4.82 -1.50
N GLY L 100 13.64 -3.58 -1.76
CA GLY L 100 14.15 -2.48 -0.96
C GLY L 100 15.49 -1.93 -1.37
N ASN L 101 15.70 -1.80 -2.67
CA ASN L 101 16.94 -1.27 -3.16
C ASN L 101 16.59 0.03 -3.86
N GLY L 102 17.00 1.14 -3.26
CA GLY L 102 16.70 2.43 -3.83
C GLY L 102 17.80 2.90 -4.77
N TRP L 103 17.79 2.36 -5.97
CA TRP L 103 18.80 2.73 -6.94
C TRP L 103 18.66 4.18 -7.37
N THR L 104 19.74 4.94 -7.22
CA THR L 104 19.72 6.34 -7.61
C THR L 104 20.43 6.49 -8.96
N VAL L 105 19.67 6.87 -9.98
CA VAL L 105 20.21 7.03 -11.33
C VAL L 105 20.68 8.43 -11.70
N PHE L 106 21.94 8.53 -12.13
CA PHE L 106 22.48 9.84 -12.53
C PHE L 106 22.83 9.94 -14.02
N GLN L 107 22.73 8.81 -14.72
CA GLN L 107 23.02 8.82 -16.14
C GLN L 107 22.31 7.67 -16.86
N LYS L 108 21.64 7.99 -17.97
CA LYS L 108 20.97 6.97 -18.75
C LYS L 108 20.92 7.36 -20.23
N ARG L 109 20.82 6.34 -21.09
CA ARG L 109 20.78 6.51 -22.54
C ARG L 109 19.89 5.41 -23.12
N LEU L 110 19.15 5.73 -24.17
CA LEU L 110 18.29 4.73 -24.81
C LEU L 110 17.83 5.07 -26.23
N ASP L 111 17.92 6.34 -26.62
CA ASP L 111 17.51 6.70 -27.98
C ASP L 111 18.41 7.73 -28.66
N GLY L 112 19.26 8.39 -27.88
CA GLY L 112 20.18 9.39 -28.42
C GLY L 112 19.58 10.76 -28.73
N SER L 113 18.49 11.10 -28.03
CA SER L 113 17.82 12.36 -28.28
C SER L 113 18.53 13.56 -27.69
N VAL L 114 19.61 13.35 -26.95
CA VAL L 114 20.31 14.47 -26.35
C VAL L 114 21.78 14.47 -26.67
N ASP L 115 22.37 15.66 -26.68
CA ASP L 115 23.77 15.79 -27.00
C ASP L 115 24.66 15.92 -25.78
N PHE L 116 25.65 15.03 -25.71
CA PHE L 116 26.57 15.06 -24.59
C PHE L 116 27.77 15.94 -24.91
N LYS L 117 27.79 16.48 -26.13
CA LYS L 117 28.86 17.36 -26.52
C LYS L 117 28.60 18.65 -25.76
N LYS L 118 28.00 18.52 -24.58
CA LYS L 118 27.72 19.67 -23.74
C LYS L 118 29.06 20.01 -23.10
N ASN L 119 29.20 21.22 -22.59
CA ASN L 119 30.48 21.58 -22.00
C ASN L 119 30.63 21.28 -20.49
N TRP L 120 31.52 22.04 -19.88
CA TRP L 120 31.83 21.90 -18.46
C TRP L 120 30.75 22.42 -17.55
N ILE L 121 30.20 23.57 -17.86
CA ILE L 121 29.17 24.14 -17.02
C ILE L 121 27.92 23.27 -17.09
N GLN L 122 27.66 22.76 -18.28
CA GLN L 122 26.49 21.93 -18.51
C GLN L 122 26.73 20.55 -17.90
N TYR L 123 28.00 20.19 -17.73
CA TYR L 123 28.26 18.89 -17.14
C TYR L 123 28.16 18.94 -15.61
N LYS L 124 28.41 20.11 -15.03
CA LYS L 124 28.33 20.34 -13.58
C LYS L 124 26.87 20.46 -13.11
N GLU L 125 26.16 21.43 -13.66
CA GLU L 125 24.76 21.67 -13.31
C GLU L 125 23.84 20.55 -13.79
N GLY L 126 24.35 19.71 -14.69
CA GLY L 126 23.59 18.60 -15.22
C GLY L 126 22.74 18.97 -16.41
N PHE L 127 22.21 17.97 -17.10
CA PHE L 127 21.37 18.24 -18.26
C PHE L 127 20.62 16.97 -18.66
N GLY L 128 19.71 17.09 -19.60
CA GLY L 128 18.93 15.94 -20.00
C GLY L 128 17.59 16.14 -19.33
N HIS L 129 16.79 15.08 -19.24
CA HIS L 129 15.48 15.16 -18.61
C HIS L 129 15.24 13.97 -17.69
N LEU L 130 14.20 14.05 -16.88
CA LEU L 130 13.86 12.98 -15.97
C LEU L 130 12.39 12.66 -16.14
N SER L 131 12.07 11.37 -16.13
CA SER L 131 10.70 10.91 -16.31
C SER L 131 10.32 9.86 -15.27
N PRO L 132 9.00 9.59 -15.11
CA PRO L 132 8.56 8.60 -14.13
C PRO L 132 8.72 7.17 -14.62
N THR L 133 9.23 7.01 -15.84
CA THR L 133 9.40 5.67 -16.39
C THR L 133 10.85 5.42 -16.78
N GLY L 134 11.68 6.44 -16.57
CA GLY L 134 13.09 6.33 -16.89
C GLY L 134 13.37 6.40 -18.38
N THR L 135 12.54 7.12 -19.13
CA THR L 135 12.74 7.24 -20.57
C THR L 135 13.25 8.64 -20.83
N THR L 136 14.56 8.82 -20.75
CA THR L 136 15.09 10.16 -20.92
C THR L 136 16.59 10.19 -20.68
N GLU L 137 17.39 10.29 -21.74
CA GLU L 137 18.83 10.37 -21.54
C GLU L 137 19.09 11.64 -20.73
N PHE L 138 20.03 11.56 -19.80
CA PHE L 138 20.36 12.71 -19.00
C PHE L 138 21.69 12.51 -18.33
N TRP L 139 22.15 13.56 -17.68
CA TRP L 139 23.40 13.53 -16.96
C TRP L 139 22.99 14.30 -15.74
N LEU L 140 22.60 13.56 -14.71
CA LEU L 140 22.16 14.15 -13.48
C LEU L 140 23.09 15.26 -13.04
N GLY L 141 24.35 15.20 -13.46
CA GLY L 141 25.25 16.27 -13.10
C GLY L 141 26.35 15.90 -12.14
N ASN L 142 27.55 16.36 -12.44
CA ASN L 142 28.71 16.06 -11.62
C ASN L 142 28.65 16.74 -10.27
N GLU L 143 28.59 18.07 -10.26
CA GLU L 143 28.53 18.79 -8.99
C GLU L 143 27.53 18.13 -8.06
N LYS L 144 26.57 17.42 -8.66
CA LYS L 144 25.54 16.71 -7.92
C LYS L 144 26.10 15.36 -7.47
N ILE L 145 26.39 14.49 -8.43
CA ILE L 145 26.94 13.16 -8.15
C ILE L 145 28.00 13.22 -7.04
N HIS L 146 28.72 14.32 -6.97
CA HIS L 146 29.74 14.50 -5.94
C HIS L 146 28.98 14.21 -4.66
N LEU L 147 28.19 15.20 -4.23
CA LEU L 147 27.37 15.15 -3.03
C LEU L 147 26.74 13.79 -2.72
N ILE L 148 26.21 13.12 -3.74
CA ILE L 148 25.60 11.81 -3.51
C ILE L 148 26.65 10.73 -3.21
N SER L 149 27.85 10.85 -3.79
CA SER L 149 28.91 9.86 -3.57
C SER L 149 29.68 10.08 -2.27
N THR L 150 29.91 11.33 -1.92
CA THR L 150 30.67 11.65 -0.72
C THR L 150 29.88 12.37 0.38
N GLN L 151 28.89 11.67 0.95
CA GLN L 151 28.07 12.22 2.03
C GLN L 151 28.35 11.41 3.29
N SER L 152 28.87 12.09 4.31
CA SER L 152 29.23 11.48 5.60
C SER L 152 29.51 9.97 5.52
N ALA L 153 30.81 9.65 5.43
CA ALA L 153 31.31 8.28 5.35
C ALA L 153 30.27 7.19 5.11
N ILE L 154 30.19 6.72 3.87
CA ILE L 154 29.25 5.67 3.47
C ILE L 154 29.82 4.84 2.32
N PRO L 155 29.51 3.56 2.30
CA PRO L 155 30.03 2.74 1.21
C PRO L 155 29.17 2.89 -0.03
N TYR L 156 29.56 3.75 -0.97
CA TYR L 156 28.76 3.90 -2.17
C TYR L 156 29.34 3.11 -3.30
N ALA L 157 28.54 2.21 -3.84
CA ALA L 157 28.96 1.36 -4.95
C ALA L 157 28.41 1.87 -6.28
N LEU L 158 29.29 2.07 -7.26
CA LEU L 158 28.86 2.52 -8.57
C LEU L 158 28.28 1.30 -9.30
N ARG L 159 27.91 1.46 -10.56
CA ARG L 159 27.37 0.36 -11.33
C ARG L 159 27.03 0.84 -12.72
N VAL L 160 27.04 -0.08 -13.67
CA VAL L 160 26.77 0.28 -15.05
C VAL L 160 26.04 -0.86 -15.73
N GLU L 161 25.06 -0.49 -16.55
CA GLU L 161 24.30 -1.46 -17.31
C GLU L 161 24.32 -1.06 -18.77
N LEU L 162 25.10 -1.77 -19.58
CA LEU L 162 25.17 -1.48 -21.00
C LEU L 162 24.12 -2.32 -21.68
N GLU L 163 23.52 -1.78 -22.75
CA GLU L 163 22.49 -2.48 -23.49
C GLU L 163 22.81 -2.51 -24.98
N ASP L 164 23.02 -3.73 -25.48
CA ASP L 164 23.35 -3.98 -26.87
C ASP L 164 22.10 -4.13 -27.74
N TRP L 165 22.26 -3.85 -29.03
CA TRP L 165 21.17 -3.99 -29.99
C TRP L 165 21.02 -5.46 -30.34
N ASN L 166 21.26 -6.31 -29.34
CA ASN L 166 21.16 -7.76 -29.51
C ASN L 166 19.97 -8.29 -28.72
N GLY L 167 19.88 -7.88 -27.46
CA GLY L 167 18.80 -8.31 -26.60
C GLY L 167 19.17 -8.34 -25.13
N ARG L 168 19.92 -9.37 -24.72
CA ARG L 168 20.38 -9.48 -23.34
C ARG L 168 21.32 -8.33 -23.03
N THR L 169 21.84 -8.26 -21.80
CA THR L 169 22.74 -7.17 -21.43
C THR L 169 23.89 -7.55 -20.48
N SER L 170 24.65 -6.54 -20.09
CA SER L 170 25.78 -6.74 -19.19
C SER L 170 25.71 -5.81 -17.99
N THR L 171 26.82 -5.75 -17.26
CA THR L 171 26.91 -4.88 -16.09
C THR L 171 28.32 -4.84 -15.57
N ALA L 172 28.58 -3.97 -14.60
CA ALA L 172 29.91 -3.85 -14.02
C ALA L 172 29.79 -2.91 -12.83
N ASP L 173 30.20 -3.37 -11.65
CA ASP L 173 30.08 -2.56 -10.45
C ASP L 173 31.37 -1.94 -10.01
N TYR L 174 31.39 -1.53 -8.75
CA TYR L 174 32.58 -0.94 -8.16
C TYR L 174 32.37 -0.81 -6.65
N ALA L 175 33.25 -0.11 -5.97
CA ALA L 175 33.12 0.06 -4.52
C ALA L 175 33.81 1.34 -4.13
N MET L 176 33.32 1.97 -3.08
CA MET L 176 33.87 3.23 -2.63
C MET L 176 33.94 4.21 -3.81
N PHE L 177 32.89 4.19 -4.64
CA PHE L 177 32.80 5.08 -5.78
C PHE L 177 32.54 6.47 -5.24
N LYS L 178 33.40 7.42 -5.58
CA LYS L 178 33.28 8.77 -5.10
C LYS L 178 33.80 9.74 -6.15
N VAL L 179 32.91 10.61 -6.65
CA VAL L 179 33.32 11.60 -7.63
C VAL L 179 33.83 12.79 -6.83
N GLY L 180 35.02 13.26 -7.15
CA GLY L 180 35.61 14.38 -6.44
C GLY L 180 34.94 15.74 -6.67
N PRO L 181 35.29 16.78 -5.89
CA PRO L 181 34.72 18.13 -6.02
C PRO L 181 35.35 19.01 -7.13
N GLU L 182 34.56 19.88 -7.72
CA GLU L 182 35.02 20.76 -8.81
C GLU L 182 36.45 21.30 -8.75
N ALA L 183 36.93 21.58 -7.54
CA ALA L 183 38.28 22.11 -7.37
C ALA L 183 39.31 21.12 -7.92
N ASP L 184 39.10 19.85 -7.60
CA ASP L 184 39.97 18.77 -8.07
C ASP L 184 39.12 18.11 -9.17
N LYS L 185 38.38 18.96 -9.86
CA LYS L 185 37.49 18.56 -10.93
C LYS L 185 36.38 17.68 -10.41
N TYR L 186 36.21 16.52 -11.01
CA TYR L 186 35.20 15.62 -10.54
C TYR L 186 35.86 14.29 -10.70
N ARG L 187 37.14 14.32 -10.30
CA ARG L 187 38.02 13.17 -10.36
C ARG L 187 37.29 11.95 -9.87
N LEU L 188 37.02 11.05 -10.81
CA LEU L 188 36.37 9.82 -10.46
C LEU L 188 37.46 9.07 -9.70
N THR L 189 37.03 8.17 -8.81
CA THR L 189 37.92 7.32 -8.00
C THR L 189 37.03 6.21 -7.50
N TYR L 190 37.60 5.08 -7.11
CA TYR L 190 36.80 3.97 -6.57
C TYR L 190 37.71 2.98 -5.86
N ALA L 191 37.60 1.68 -6.14
CA ALA L 191 38.46 0.71 -5.49
C ALA L 191 38.61 -0.65 -6.16
N TYR L 192 37.53 -1.22 -6.68
CA TYR L 192 37.67 -2.53 -7.31
C TYR L 192 36.49 -3.15 -8.04
N PHE L 193 36.74 -3.61 -9.26
CA PHE L 193 35.70 -4.24 -10.05
C PHE L 193 35.03 -5.12 -9.01
N ALA L 194 33.71 -5.12 -8.97
CA ALA L 194 33.01 -5.92 -7.99
C ALA L 194 32.18 -6.98 -8.68
N GLY L 195 32.63 -7.39 -9.86
CA GLY L 195 31.89 -8.40 -10.59
C GLY L 195 30.87 -7.80 -11.54
N GLY L 196 30.54 -8.54 -12.58
CA GLY L 196 29.58 -8.07 -13.57
C GLY L 196 29.94 -8.71 -14.90
N ASP L 197 28.97 -9.43 -15.46
CA ASP L 197 29.16 -10.15 -16.72
C ASP L 197 29.53 -9.29 -17.95
N ALA L 198 30.26 -8.20 -17.70
CA ALA L 198 30.70 -7.30 -18.76
C ALA L 198 32.22 -7.18 -18.70
N GLY L 199 32.72 -6.42 -17.74
CA GLY L 199 34.15 -6.29 -17.61
C GLY L 199 34.68 -4.99 -17.04
N ASP L 200 35.67 -5.11 -16.15
CA ASP L 200 36.31 -3.94 -15.51
C ASP L 200 37.09 -3.13 -16.55
N ALA L 201 36.48 -2.09 -17.10
CA ALA L 201 37.15 -1.30 -18.12
C ALA L 201 37.75 -0.02 -17.61
N PHE L 202 37.27 0.47 -16.48
CA PHE L 202 37.77 1.72 -15.92
C PHE L 202 39.24 1.69 -15.50
N ASP L 203 39.92 0.57 -15.71
CA ASP L 203 41.34 0.52 -15.35
C ASP L 203 42.23 0.35 -16.58
N GLY L 204 41.72 0.79 -17.73
CA GLY L 204 42.47 0.68 -18.97
C GLY L 204 42.16 -0.61 -19.71
N PHE L 205 42.58 -0.66 -20.97
CA PHE L 205 42.37 -1.83 -21.79
C PHE L 205 43.48 -1.95 -22.82
N ASP L 206 43.81 -3.19 -23.18
CA ASP L 206 44.86 -3.47 -24.15
C ASP L 206 44.28 -3.88 -25.50
N PHE L 207 43.92 -2.90 -26.31
CA PHE L 207 43.37 -3.15 -27.63
C PHE L 207 44.36 -3.98 -28.43
N GLY L 208 45.64 -3.89 -28.03
CA GLY L 208 46.70 -4.60 -28.71
C GLY L 208 47.54 -3.60 -29.47
N ASP L 209 47.02 -2.38 -29.56
CA ASP L 209 47.68 -1.29 -30.27
C ASP L 209 48.64 -0.57 -29.34
N ASP L 210 49.75 -1.24 -29.01
CA ASP L 210 50.81 -0.73 -28.13
C ASP L 210 50.64 -1.13 -26.66
N PRO L 211 51.68 -1.75 -26.08
CA PRO L 211 51.64 -2.19 -24.68
C PRO L 211 51.17 -1.06 -23.75
N SER L 212 51.68 0.14 -23.99
CA SER L 212 51.32 1.32 -23.21
C SER L 212 49.87 1.66 -23.48
N ASP L 213 48.97 0.70 -23.31
CA ASP L 213 47.55 0.93 -23.56
C ASP L 213 46.63 0.78 -22.36
N LYS L 214 46.81 -0.26 -21.56
CA LYS L 214 45.96 -0.37 -20.39
C LYS L 214 46.29 0.80 -19.47
N PHE L 215 47.55 0.93 -19.09
CA PHE L 215 47.93 2.04 -18.20
C PHE L 215 47.33 3.38 -18.64
N PHE L 216 46.98 3.48 -19.92
CA PHE L 216 46.43 4.72 -20.46
C PHE L 216 44.91 4.83 -20.62
N THR L 217 44.25 3.81 -21.16
CA THR L 217 42.79 3.87 -21.29
C THR L 217 42.16 3.56 -19.92
N SER L 218 42.96 3.75 -18.88
CA SER L 218 42.53 3.52 -17.51
C SER L 218 41.86 4.79 -16.99
N HIS L 219 40.79 4.64 -16.24
CA HIS L 219 40.09 5.80 -15.72
C HIS L 219 40.34 6.10 -14.25
N ASN L 220 40.26 5.08 -13.41
CA ASN L 220 40.49 5.29 -11.98
C ASN L 220 41.52 6.38 -11.75
N GLY L 221 41.16 7.37 -10.93
CA GLY L 221 42.06 8.47 -10.62
C GLY L 221 41.98 9.65 -11.57
N MET L 222 41.31 9.45 -12.70
CA MET L 222 41.16 10.48 -13.72
C MET L 222 40.23 11.65 -13.41
N GLN L 223 40.77 12.85 -13.50
CA GLN L 223 39.96 14.03 -13.25
C GLN L 223 38.90 13.96 -14.33
N PHE L 224 38.03 14.96 -14.40
CA PHE L 224 36.98 15.00 -15.40
C PHE L 224 37.31 16.12 -16.40
N SER L 225 37.05 15.88 -17.69
CA SER L 225 37.34 16.89 -18.71
C SER L 225 36.20 17.04 -19.73
N THR L 226 36.10 18.24 -20.31
CA THR L 226 35.09 18.58 -21.32
C THR L 226 35.86 19.43 -22.30
N TRP L 227 35.51 19.39 -23.59
CA TRP L 227 36.27 20.15 -24.59
C TRP L 227 36.84 21.47 -24.07
N ASP L 228 36.14 22.12 -23.17
CA ASP L 228 36.62 23.40 -22.65
C ASP L 228 37.24 23.36 -21.26
N ASN L 229 37.45 22.15 -20.75
CA ASN L 229 38.06 21.97 -19.44
C ASN L 229 38.97 20.76 -19.59
N ASP L 230 40.13 21.00 -20.19
CA ASP L 230 41.08 19.95 -20.48
C ASP L 230 41.81 19.40 -19.25
N ASN L 231 41.49 18.17 -18.86
CA ASN L 231 42.14 17.57 -17.69
C ASN L 231 42.71 16.17 -17.88
N ASP L 232 42.68 15.66 -19.10
CA ASP L 232 43.24 14.33 -19.38
C ASP L 232 44.75 14.39 -19.32
N LYS L 233 45.43 13.30 -19.68
CA LYS L 233 46.88 13.27 -19.67
C LYS L 233 47.53 13.38 -21.06
N PHE L 234 46.73 13.31 -22.12
CA PHE L 234 47.26 13.43 -23.48
C PHE L 234 47.27 14.89 -23.92
N GLU L 235 48.42 15.41 -24.35
CA GLU L 235 48.57 16.82 -24.77
C GLU L 235 47.57 17.33 -25.79
N GLY L 236 46.69 16.46 -26.26
CA GLY L 236 45.68 16.89 -27.21
C GLY L 236 44.55 17.40 -26.35
N ASN L 237 43.43 16.69 -26.37
CA ASN L 237 42.24 17.04 -25.60
C ASN L 237 41.18 16.02 -25.91
N CYS L 238 41.38 14.81 -25.40
CA CYS L 238 40.46 13.71 -25.61
C CYS L 238 39.02 14.24 -25.65
N ALA L 239 38.63 14.95 -24.59
CA ALA L 239 37.29 15.53 -24.45
C ALA L 239 36.71 16.16 -25.72
N GLU L 240 37.51 16.99 -26.38
CA GLU L 240 37.09 17.68 -27.61
C GLU L 240 37.17 16.78 -28.85
N GLN L 241 38.30 16.12 -29.04
CA GLN L 241 38.44 15.24 -30.18
C GLN L 241 37.62 13.96 -29.92
N ASP L 242 36.48 14.14 -29.25
CA ASP L 242 35.59 13.03 -28.92
C ASP L 242 34.17 13.54 -28.75
N GLY L 243 34.03 14.86 -28.73
CA GLY L 243 32.72 15.45 -28.58
C GLY L 243 32.07 15.07 -27.26
N SER L 244 32.66 15.51 -26.15
CA SER L 244 32.08 15.17 -24.86
C SER L 244 32.67 15.84 -23.61
N GLY L 245 32.36 15.19 -22.51
CA GLY L 245 32.81 15.59 -21.20
C GLY L 245 32.93 14.23 -20.54
N TRP L 246 34.04 14.00 -19.84
CA TRP L 246 34.24 12.72 -19.19
C TRP L 246 35.60 12.79 -18.51
N TRP L 247 35.87 11.81 -17.66
CA TRP L 247 37.14 11.71 -16.94
C TRP L 247 38.08 11.05 -17.92
N MET L 248 39.00 11.84 -18.48
CA MET L 248 39.91 11.30 -19.49
C MET L 248 41.39 11.21 -19.17
N ASN L 249 42.04 10.24 -19.82
CA ASN L 249 43.47 9.94 -19.71
C ASN L 249 44.10 10.23 -21.07
N LYS L 250 44.79 9.24 -21.63
CA LYS L 250 45.39 9.37 -22.96
C LYS L 250 44.31 8.67 -23.76
N CYS L 251 43.16 9.17 -23.34
CA CYS L 251 41.79 8.96 -23.70
C CYS L 251 40.93 7.92 -23.00
N HIS L 252 40.59 6.78 -23.59
CA HIS L 252 39.69 5.93 -22.83
C HIS L 252 39.34 4.59 -23.39
N ALA L 253 38.88 3.71 -22.50
CA ALA L 253 38.45 2.38 -22.89
C ALA L 253 37.00 2.31 -22.42
N GLY L 254 36.50 3.45 -21.95
CA GLY L 254 35.14 3.57 -21.45
C GLY L 254 34.64 4.98 -21.70
N HIS L 255 33.66 5.09 -22.59
CA HIS L 255 33.12 6.39 -22.98
C HIS L 255 31.59 6.44 -22.93
N LEU L 256 31.02 6.79 -21.79
CA LEU L 256 29.55 6.83 -21.72
C LEU L 256 28.89 8.20 -21.94
N ASN L 257 29.57 9.07 -22.67
CA ASN L 257 29.08 10.40 -23.02
C ASN L 257 29.49 10.59 -24.46
N GLY L 258 29.86 9.47 -25.08
CA GLY L 258 30.27 9.50 -26.46
C GLY L 258 29.07 9.71 -27.34
N VAL L 259 29.31 10.21 -28.54
CA VAL L 259 28.24 10.42 -29.49
C VAL L 259 27.40 9.15 -29.61
N TYR L 260 26.09 9.32 -29.67
CA TYR L 260 25.23 8.18 -29.81
C TYR L 260 25.30 7.66 -31.24
N TYR L 261 25.47 6.36 -31.40
CA TYR L 261 25.55 5.77 -32.72
C TYR L 261 24.42 4.78 -32.89
N GLN L 262 23.62 4.97 -33.94
CA GLN L 262 22.50 4.08 -34.22
C GLN L 262 23.06 2.72 -34.62
N GLY L 263 22.34 1.64 -34.33
CA GLY L 263 22.83 0.32 -34.66
C GLY L 263 24.05 -0.07 -33.83
N GLY L 264 24.70 0.92 -33.23
CA GLY L 264 25.88 0.70 -32.40
C GLY L 264 27.20 0.56 -33.14
N THR L 265 27.25 -0.41 -34.04
CA THR L 265 28.46 -0.68 -34.82
C THR L 265 28.87 0.45 -35.77
N TYR L 266 29.63 1.42 -35.27
CA TYR L 266 30.10 2.52 -36.10
C TYR L 266 31.54 2.28 -36.53
N SER L 267 32.00 2.94 -37.59
CA SER L 267 33.36 2.75 -38.06
C SER L 267 34.17 4.03 -37.95
N LYS L 268 35.50 3.89 -38.00
CA LYS L 268 36.40 5.04 -37.94
C LYS L 268 35.94 6.03 -39.01
N ALA L 269 35.08 5.56 -39.90
CA ALA L 269 34.56 6.38 -40.98
C ALA L 269 33.86 7.60 -40.42
N SER L 270 32.69 7.37 -39.84
CA SER L 270 31.90 8.44 -39.27
C SER L 270 32.72 9.34 -38.35
N THR L 271 33.67 8.76 -37.63
CA THR L 271 34.48 9.55 -36.70
C THR L 271 35.01 10.83 -37.33
N PRO L 272 34.74 11.97 -36.67
CA PRO L 272 35.13 13.31 -37.07
C PRO L 272 36.65 13.48 -37.15
N ASN L 273 37.34 13.07 -36.09
CA ASN L 273 38.79 13.18 -36.04
C ASN L 273 39.49 11.85 -36.24
N GLY L 274 38.71 10.81 -36.56
CA GLY L 274 39.28 9.50 -36.78
C GLY L 274 39.54 8.73 -35.51
N TYR L 275 38.99 9.21 -34.40
CA TYR L 275 39.19 8.53 -33.14
C TYR L 275 37.83 8.11 -32.62
N ASP L 276 37.75 6.87 -32.18
CA ASP L 276 36.53 6.30 -31.61
C ASP L 276 35.99 7.26 -30.55
N ASN L 277 34.80 7.82 -30.76
CA ASN L 277 34.23 8.71 -29.77
C ASN L 277 32.81 8.32 -29.45
N GLY L 278 32.48 7.05 -29.68
CA GLY L 278 31.14 6.55 -29.39
C GLY L 278 30.92 6.27 -27.92
N ILE L 279 29.73 5.79 -27.60
CA ILE L 279 29.38 5.47 -26.23
C ILE L 279 29.96 4.09 -25.94
N ILE L 280 31.28 4.02 -25.75
CA ILE L 280 31.93 2.73 -25.51
C ILE L 280 32.19 2.34 -24.08
N TRP L 281 32.47 1.06 -23.94
CA TRP L 281 32.82 0.40 -22.70
C TRP L 281 33.63 -0.77 -23.25
N ALA L 282 34.92 -0.53 -23.46
CA ALA L 282 35.87 -1.49 -24.02
C ALA L 282 35.83 -2.96 -23.58
N THR L 283 35.92 -3.21 -22.28
CA THR L 283 35.94 -4.57 -21.74
C THR L 283 34.79 -5.53 -22.06
N TRP L 284 33.93 -5.18 -23.03
CA TRP L 284 32.81 -6.06 -23.38
C TRP L 284 32.55 -6.14 -24.89
N LYS L 285 32.76 -5.04 -25.58
CA LYS L 285 32.57 -5.00 -27.03
C LYS L 285 33.67 -4.15 -27.66
N THR L 286 33.77 -4.18 -28.99
CA THR L 286 34.78 -3.43 -29.73
C THR L 286 34.91 -1.96 -29.31
N ARG L 287 35.86 -1.25 -29.94
CA ARG L 287 36.08 0.17 -29.68
C ARG L 287 35.27 0.92 -30.73
N TRP L 288 34.67 0.16 -31.64
CA TRP L 288 33.83 0.73 -32.68
C TRP L 288 32.46 0.10 -32.53
N TYR L 289 31.87 0.37 -31.37
CA TYR L 289 30.55 -0.13 -31.03
C TYR L 289 30.01 0.67 -29.86
N SER L 290 29.18 1.67 -30.16
CA SER L 290 28.58 2.46 -29.10
C SER L 290 27.45 1.58 -28.57
N MET L 291 26.89 1.96 -27.43
CA MET L 291 25.81 1.17 -26.84
C MET L 291 24.44 1.78 -27.07
N LYS L 292 23.41 0.93 -27.03
CA LYS L 292 22.03 1.38 -27.20
C LYS L 292 21.51 1.97 -25.89
N LYS L 293 21.96 1.45 -24.75
CA LYS L 293 21.53 1.96 -23.45
C LYS L 293 22.58 1.84 -22.38
N THR L 294 22.89 2.96 -21.74
CA THR L 294 23.86 2.99 -20.66
C THR L 294 23.18 3.65 -19.48
N THR L 295 23.20 2.98 -18.33
CA THR L 295 22.59 3.55 -17.15
C THR L 295 23.54 3.35 -15.99
N MET L 296 24.19 4.43 -15.58
CA MET L 296 25.12 4.37 -14.45
C MET L 296 24.30 4.74 -13.22
N LYS L 297 24.04 3.76 -12.35
CA LYS L 297 23.25 4.00 -11.15
C LYS L 297 23.99 3.56 -9.90
N ILE L 298 24.31 4.50 -9.01
CA ILE L 298 25.02 4.15 -7.78
C ILE L 298 24.06 3.63 -6.71
N ILE L 299 24.57 3.45 -5.50
CA ILE L 299 23.77 2.93 -4.40
C ILE L 299 24.66 2.75 -3.18
N PRO L 300 24.12 2.95 -1.99
CA PRO L 300 24.98 2.76 -0.82
C PRO L 300 25.24 1.27 -0.78
N PHE L 301 26.52 0.90 -0.93
CA PHE L 301 26.96 -0.48 -0.94
C PHE L 301 26.09 -1.41 -0.10
N ASN L 302 26.61 -1.88 1.03
CA ASN L 302 25.91 -2.80 1.91
C ASN L 302 24.58 -3.32 1.38
N ARG L 303 24.62 -3.91 0.18
CA ARG L 303 23.44 -4.46 -0.46
C ARG L 303 23.78 -5.04 -1.83
N GLY M 1 -98.49 37.68 5.92
CA GLY M 1 -98.74 39.13 6.02
C GLY M 1 -98.73 39.60 7.46
N PRO M 2 -99.06 40.87 7.71
CA PRO M 2 -99.09 41.45 9.04
C PRO M 2 -100.35 41.08 9.76
N ARG M 3 -100.53 41.67 10.93
CA ARG M 3 -101.71 41.42 11.73
C ARG M 3 -102.45 42.73 12.03
N PRO M 4 -103.70 42.63 12.53
CA PRO M 4 -104.52 43.80 12.86
C PRO M 4 -103.84 44.70 13.90
N NH2 M 5 -104.46 45.72 14.29
N GLY N 1 19.65 -43.57 3.65
CA GLY N 1 19.94 -44.44 2.49
C GLY N 1 19.45 -45.86 2.67
N PRO N 2 20.28 -46.85 2.34
CA PRO N 2 19.90 -48.26 2.50
C PRO N 2 20.53 -48.92 3.71
N ARG N 3 20.52 -50.25 3.71
CA ARG N 3 21.11 -51.03 4.78
C ARG N 3 21.87 -52.19 4.15
N PRO N 4 22.44 -53.10 4.97
CA PRO N 4 23.21 -54.23 4.42
C PRO N 4 22.65 -54.85 3.14
N NH2 N 5 21.54 -55.42 3.20
N GLY O 1 -48.12 4.42 -25.22
CA GLY O 1 -47.15 3.30 -25.09
C GLY O 1 -45.85 3.62 -25.80
N PRO O 2 -45.59 2.97 -26.93
CA PRO O 2 -44.35 3.24 -27.66
C PRO O 2 -44.57 4.28 -28.77
N ARG O 3 -43.71 5.28 -28.79
CA ARG O 3 -43.78 6.34 -29.78
C ARG O 3 -42.37 6.40 -30.38
N PRO O 4 -42.18 7.23 -31.42
CA PRO O 4 -40.86 7.35 -32.05
C PRO O 4 -39.89 8.10 -31.13
N NH2 O 5 -40.37 9.05 -30.45
N GLY P 1 -22.84 9.40 -6.48
CA GLY P 1 -23.84 10.31 -7.06
C GLY P 1 -24.65 9.69 -8.20
N PRO P 2 -25.06 10.51 -9.18
CA PRO P 2 -25.85 10.06 -10.33
C PRO P 2 -25.10 9.90 -11.65
N ARG P 3 -25.86 10.00 -12.74
CA ARG P 3 -25.37 9.88 -14.11
C ARG P 3 -26.27 10.67 -15.08
N PRO P 4 -25.70 11.17 -16.19
CA PRO P 4 -26.50 11.93 -17.16
C PRO P 4 -27.58 11.03 -17.75
N NH2 P 5 -27.22 9.96 -18.31
N GLY Q 1 90.42 -45.68 11.29
CA GLY Q 1 91.02 -46.98 11.67
C GLY Q 1 90.00 -48.06 11.96
N PRO Q 2 90.33 -49.33 11.63
CA PRO Q 2 89.49 -50.50 11.83
C PRO Q 2 89.75 -51.08 13.20
N ARG Q 3 89.45 -52.36 13.35
CA ARG Q 3 89.68 -53.03 14.61
C ARG Q 3 90.39 -54.37 14.39
N PRO Q 4 90.86 -55.01 15.47
CA PRO Q 4 91.56 -56.30 15.35
C PRO Q 4 90.65 -57.39 14.78
N NH2 Q 5 91.10 -58.54 14.68
N GLY R 1 -11.51 50.33 -19.54
CA GLY R 1 -11.18 51.77 -19.71
C GLY R 1 -11.44 52.57 -18.44
N PRO R 2 -11.95 53.79 -18.56
CA PRO R 2 -12.24 54.65 -17.41
C PRO R 2 -13.63 54.50 -16.82
N ARG R 3 -14.08 55.55 -16.15
CA ARG R 3 -15.40 55.63 -15.51
C ARG R 3 -15.92 57.08 -15.61
N PRO R 4 -16.99 57.42 -14.87
CA PRO R 4 -17.54 58.78 -14.91
C PRO R 4 -16.54 59.92 -14.66
N NH2 R 5 -15.93 59.92 -13.56
N GLY S 1 67.78 12.40 -14.48
CA GLY S 1 66.67 13.40 -14.46
C GLY S 1 66.41 14.00 -15.83
N PRO S 2 66.73 15.29 -16.02
CA PRO S 2 66.53 15.96 -17.31
C PRO S 2 67.72 15.69 -18.23
N ARG S 3 67.44 15.50 -19.52
CA ARG S 3 68.47 15.23 -20.50
C ARG S 3 68.18 15.95 -21.81
N PRO S 4 68.59 17.22 -21.91
CA PRO S 4 68.38 18.01 -23.13
C PRO S 4 68.81 17.26 -24.39
N NH2 S 5 69.66 16.36 -24.27
N GLY T 1 39.65 5.09 -27.10
CA GLY T 1 40.87 4.24 -27.09
C GLY T 1 42.11 4.99 -26.61
N PRO T 2 43.26 4.75 -27.26
CA PRO T 2 44.54 5.40 -26.93
C PRO T 2 44.87 6.67 -27.72
N ARG T 3 46.14 7.04 -27.71
CA ARG T 3 46.65 8.22 -28.41
C ARG T 3 48.12 8.08 -28.83
N PRO T 4 48.43 8.36 -30.10
CA PRO T 4 49.80 8.28 -30.64
C PRO T 4 50.69 9.36 -30.01
N NH2 T 5 51.88 9.43 -30.41
C1 NAG U . -103.14 48.75 7.61
C2 NAG U . -103.51 50.10 6.94
C3 NAG U . -104.99 50.48 7.21
C4 NAG U . -105.86 49.22 7.15
C5 NAG U . -105.43 48.21 8.22
C6 NAG U . -105.49 46.77 7.74
C7 NAG U . -101.61 51.55 6.66
C8 NAG U . -101.38 53.04 6.49
N2 NAG U . -102.64 51.15 7.40
O3 NAG U . -105.45 51.41 6.25
O4 NAG U . -107.23 49.56 7.34
O5 NAG U . -104.07 48.45 8.67
O6 NAG U . -106.83 46.36 7.52
O7 NAG U . -100.85 50.75 6.10
CA CA V . -96.09 36.43 21.06
CA CA W . -43.18 16.44 -21.65
C1 NAG X . 24.70 -52.08 -3.08
C2 NAG X . 25.67 -53.20 -3.53
C3 NAG X . 26.04 -54.12 -2.36
C4 NAG X . 26.55 -53.29 -1.20
C5 NAG X . 25.42 -52.35 -0.80
C6 NAG X . 25.67 -51.52 0.44
C7 NAG X . 25.76 -54.20 -5.72
C8 NAG X . 26.73 -55.38 -5.73
N2 NAG X . 25.08 -53.98 -4.59
O3 NAG X . 27.06 -55.01 -2.77
O4 NAG X . 26.90 -54.14 -0.12
O5 NAG X . 25.19 -51.43 -1.89
O6 NAG X . 24.44 -51.16 1.06
O7 NAG X . 25.63 -53.51 -6.73
CA CA Y . 11.48 -52.56 11.79
CA CA Z . 12.31 -35.77 19.76
CA CA AA . -26.16 -1.06 -16.35
C1 NAG BA . 95.40 -56.45 8.21
C2 NAG BA . 96.35 -55.55 9.02
C3 NAG BA . 96.87 -56.22 10.31
C4 NAG BA . 97.36 -57.65 10.04
C5 NAG BA . 96.33 -58.46 9.25
C6 NAG BA . 95.07 -58.81 10.03
C7 NAG BA . 97.19 -54.69 6.95
C8 NAG BA . 97.39 -53.19 6.70
N2 NAG BA . 97.44 -55.14 8.18
O3 NAG BA . 95.88 -56.22 11.32
O4 NAG BA . 98.60 -57.64 9.34
O5 NAG BA . 95.94 -57.78 8.02
O6 NAG BA . 95.36 -59.12 11.38
O7 NAG BA . 96.79 -55.42 6.03
CA CA CA . 77.98 -53.49 17.42
CA CA DA . 65.49 2.78 -23.55
C1 NAG EA . -13.64 62.05 -19.33
C2 NAG EA . -13.95 63.36 -20.01
C3 NAG EA . -15.43 63.65 -19.79
C4 NAG EA . -16.33 62.47 -20.16
C5 NAG EA . -15.77 61.11 -19.71
C6 NAG EA . -16.44 59.94 -20.43
C7 NAG EA . -12.14 64.94 -20.14
C8 NAG EA . -10.76 64.88 -19.49
N2 NAG EA . -13.15 64.42 -19.44
O3 NAG EA . -15.80 64.76 -20.59
O4 NAG EA . -17.60 62.67 -19.57
O5 NAG EA . -14.37 61.02 -19.97
O6 NAG EA . -17.24 60.38 -21.52
O7 NAG EA . -12.27 65.44 -21.25
CA CA FA . -14.01 49.50 -4.98
CA CA GA . -15.43 32.54 -12.42
CA CA HA . 45.43 17.60 -22.55
#